data_5HY4
#
_entry.id   5HY4
#
_cell.length_a   92.762
_cell.length_b   105.799
_cell.length_c   299.127
_cell.angle_alpha   90.00
_cell.angle_beta   90.00
_cell.angle_gamma   90.00
#
_symmetry.space_group_name_H-M   'P 21 21 21'
#
loop_
_entity.id
_entity.type
_entity.pdbx_description
1 polymer 'Ring-opening amidohydrolase'
2 water water
#
_entity_poly.entity_id   1
_entity_poly.type   'polypeptide(L)'
_entity_poly.pdbx_seq_one_letter_code
;MGSSHHHHHHSSGLVPRGSHMPNPEASLSPRSARYPKASMHVVPMLAPNDTAAFRALFASGAVDPASVVALIAKSEGSGL
HNDHARVFADVSLRTALAEARGCPVEDLADSVTVAVSGGSPGVISPHVTVVTQEWVADLPAGLPGVGLVVGRGHTEPILP
EDIGRTAQVDKVADAVAAAMLDAGVTDPDDVHLVMVKGPALSSRAVADALSRGKTVVTGDYGIGPMGSMCWSNDASALGV
AVALGEVKRDLVADDRIRSDWDLFSAVAATSSGGEKRGGEVLLLANSAQSASELRIGHGITRDMADTEGIKTAIRTAGVD
FDCCLSPAQQAQVVQVFGKFVLPGSDVLRGQHITALDDHEAHHVAKAVGGALVVSITGQPMSFISGGERNSHMGPPGGNP
VAAVVRRLPA
;
_entity_poly.pdbx_strand_id   A,B,C,D,E,F,G,H
#
# COMPACT_ATOMS: atom_id res chain seq x y z
N ARG A 34 57.57 -3.10 43.13
CA ARG A 34 57.39 -1.66 42.70
C ARG A 34 55.92 -1.30 42.63
N TYR A 35 55.58 -0.08 43.06
CA TYR A 35 54.21 0.42 43.03
C TYR A 35 54.09 1.57 42.00
N PRO A 36 53.07 1.52 41.13
CA PRO A 36 52.88 2.58 40.16
C PRO A 36 52.16 3.77 40.71
N LYS A 37 52.64 4.96 40.34
CA LYS A 37 51.98 6.21 40.70
C LYS A 37 51.73 7.03 39.44
N ALA A 38 50.47 7.03 39.02
CA ALA A 38 50.03 7.79 37.84
C ALA A 38 49.38 9.12 38.25
N SER A 39 49.65 10.16 37.48
CA SER A 39 48.92 11.44 37.63
C SER A 39 48.44 11.99 36.26
N MET A 40 47.50 12.92 36.32
CA MET A 40 46.96 13.60 35.16
C MET A 40 46.90 15.07 35.40
N HIS A 41 47.40 15.82 34.45
CA HIS A 41 47.38 17.29 34.50
C HIS A 41 46.72 17.79 33.24
N VAL A 42 45.61 18.47 33.40
CA VAL A 42 44.85 18.96 32.26
C VAL A 42 45.19 20.44 32.08
N VAL A 43 45.79 20.78 30.93
CA VAL A 43 46.20 22.15 30.65
C VAL A 43 45.60 22.66 29.33
N PRO A 44 45.20 23.94 29.30
CA PRO A 44 44.56 24.47 28.10
C PRO A 44 45.52 24.79 26.96
N MET A 45 44.95 24.79 25.76
CA MET A 45 45.64 25.20 24.53
C MET A 45 44.74 26.16 23.75
N LEU A 46 45.23 27.37 23.47
CA LEU A 46 44.46 28.37 22.70
C LEU A 46 44.54 28.18 21.20
N ALA A 47 45.40 27.28 20.79
CA ALA A 47 45.56 26.89 19.42
C ALA A 47 46.32 25.56 19.37
N PRO A 48 46.31 24.87 18.24
CA PRO A 48 47.07 23.62 18.15
C PRO A 48 48.56 23.71 18.53
N ASN A 49 49.16 24.86 18.28
CA ASN A 49 50.57 25.10 18.58
C ASN A 49 50.81 25.97 19.81
N ASP A 50 49.78 26.19 20.61
CA ASP A 50 49.95 26.88 21.89
C ASP A 50 50.37 25.87 22.96
N THR A 51 51.68 25.77 23.15
CA THR A 51 52.28 24.97 24.20
C THR A 51 52.75 25.73 25.44
N ALA A 52 52.23 26.94 25.63
CA ALA A 52 52.59 27.79 26.80
C ALA A 52 52.31 27.13 28.15
N ALA A 53 51.03 26.86 28.42
CA ALA A 53 50.66 26.23 29.69
C ALA A 53 51.31 24.83 29.85
N PHE A 54 51.41 24.11 28.74
CA PHE A 54 52.05 22.82 28.71
C PHE A 54 53.52 22.89 29.17
N ARG A 55 54.27 23.82 28.60
N ARG A 55 54.27 23.82 28.60
CA ARG A 55 55.68 24.04 28.95
CA ARG A 55 55.67 24.02 28.96
C ARG A 55 55.82 24.50 30.41
C ARG A 55 55.82 24.50 30.42
N ALA A 56 54.93 25.41 30.81
CA ALA A 56 54.89 25.94 32.20
C ALA A 56 54.70 24.84 33.23
N LEU A 57 53.98 23.78 32.84
CA LEU A 57 53.81 22.60 33.68
C LEU A 57 55.16 22.03 34.17
N PHE A 58 56.13 22.01 33.28
CA PHE A 58 57.46 21.46 33.58
C PHE A 58 58.41 22.52 34.14
N ALA A 59 58.46 23.66 33.47
CA ALA A 59 59.28 24.83 33.92
C ALA A 59 59.02 25.21 35.38
N SER A 60 57.80 25.05 35.82
CA SER A 60 57.44 25.32 37.22
C SER A 60 57.90 24.22 38.20
N GLY A 61 58.47 23.12 37.71
CA GLY A 61 58.81 21.97 38.57
C GLY A 61 57.63 21.08 39.00
N ALA A 62 56.41 21.45 38.61
CA ALA A 62 55.18 20.74 39.03
C ALA A 62 55.12 19.31 38.52
N VAL A 63 55.67 19.08 37.34
CA VAL A 63 55.64 17.78 36.69
C VAL A 63 57.02 17.48 36.14
N ASP A 64 57.44 16.23 36.26
CA ASP A 64 58.72 15.81 35.68
C ASP A 64 58.47 15.35 34.21
N PRO A 65 59.02 16.08 33.23
CA PRO A 65 58.81 15.68 31.84
C PRO A 65 59.24 14.27 31.49
N ALA A 66 60.25 13.76 32.18
CA ALA A 66 60.76 12.39 31.94
C ALA A 66 59.79 11.31 32.39
N SER A 67 58.84 11.66 33.25
CA SER A 67 57.82 10.70 33.70
C SER A 67 56.53 10.72 32.83
N VAL A 68 56.46 11.62 31.83
CA VAL A 68 55.28 11.71 30.97
C VAL A 68 55.20 10.46 30.12
N VAL A 69 54.08 9.76 30.19
CA VAL A 69 53.84 8.55 29.38
C VAL A 69 52.71 8.69 28.33
N ALA A 70 51.86 9.69 28.49
CA ALA A 70 50.85 9.96 27.49
C ALA A 70 50.47 11.42 27.41
N LEU A 71 50.22 11.87 26.19
CA LEU A 71 49.54 13.15 25.94
C LEU A 71 48.22 12.86 25.20
N ILE A 72 47.12 13.29 25.78
CA ILE A 72 45.81 13.04 25.24
C ILE A 72 45.12 14.41 25.07
N ALA A 73 45.00 14.85 23.81
CA ALA A 73 44.60 16.23 23.50
C ALA A 73 43.38 16.37 22.58
N LYS A 74 42.70 17.50 22.74
CA LYS A 74 41.64 17.93 21.84
C LYS A 74 42.12 19.19 21.15
N SER A 75 42.05 19.20 19.83
CA SER A 75 42.43 20.34 19.02
C SER A 75 41.26 20.92 18.25
N GLU A 76 41.38 22.21 17.93
CA GLU A 76 40.41 22.92 17.12
C GLU A 76 40.62 22.51 15.68
N GLY A 77 39.52 22.38 14.94
CA GLY A 77 39.57 21.87 13.58
C GLY A 77 38.39 21.02 13.20
N SER A 78 38.51 20.33 12.09
CA SER A 78 37.39 19.64 11.51
C SER A 78 37.12 18.29 12.17
N GLY A 79 38.15 17.66 12.71
CA GLY A 79 38.04 16.26 13.15
C GLY A 79 38.04 15.22 12.06
N LEU A 80 38.14 15.64 10.79
CA LEU A 80 38.07 14.70 9.66
C LEU A 80 39.42 14.09 9.40
N HIS A 81 39.46 13.15 8.46
CA HIS A 81 40.65 12.38 8.16
C HIS A 81 41.81 13.26 7.70
N ASN A 82 41.49 14.36 7.04
CA ASN A 82 42.51 15.33 6.53
C ASN A 82 42.65 16.61 7.41
N ASP A 83 42.38 16.49 8.70
CA ASP A 83 42.56 17.60 9.65
C ASP A 83 44.06 17.85 9.93
N HIS A 84 44.66 18.82 9.26
CA HIS A 84 46.07 19.13 9.49
C HIS A 84 46.35 19.90 10.79
N ALA A 85 45.35 20.57 11.33
CA ALA A 85 45.47 21.17 12.63
C ALA A 85 45.79 20.16 13.71
N ARG A 86 45.14 19.01 13.61
CA ARG A 86 45.33 17.86 14.52
C ARG A 86 46.81 17.49 14.53
N VAL A 87 47.34 17.35 13.32
CA VAL A 87 48.76 16.96 13.14
C VAL A 87 49.64 18.07 13.72
N PHE A 88 49.25 19.30 13.52
CA PHE A 88 49.95 20.47 14.02
C PHE A 88 50.08 20.39 15.55
N ALA A 89 48.98 20.03 16.21
CA ALA A 89 48.98 19.87 17.65
C ALA A 89 49.92 18.72 18.08
N ASP A 90 49.84 17.62 17.39
CA ASP A 90 50.70 16.48 17.62
C ASP A 90 52.21 16.88 17.57
N VAL A 91 52.58 17.50 16.48
CA VAL A 91 53.96 17.95 16.23
C VAL A 91 54.40 18.95 17.33
N SER A 92 53.53 19.89 17.62
CA SER A 92 53.84 20.96 18.58
C SER A 92 54.08 20.38 19.95
N LEU A 93 53.20 19.47 20.36
CA LEU A 93 53.26 18.85 21.68
C LEU A 93 54.56 18.05 21.80
N ARG A 94 54.85 17.22 20.82
CA ARG A 94 56.06 16.44 20.83
C ARG A 94 57.32 17.32 20.92
N THR A 95 57.33 18.39 20.14
CA THR A 95 58.50 19.28 20.15
C THR A 95 58.68 19.91 21.53
N ALA A 96 57.56 20.29 22.15
CA ALA A 96 57.61 20.94 23.45
C ALA A 96 58.14 19.94 24.49
N LEU A 97 57.58 18.74 24.47
CA LEU A 97 57.93 17.73 25.47
C LEU A 97 59.40 17.37 25.36
N ALA A 98 59.84 17.15 24.14
CA ALA A 98 61.25 16.81 23.90
C ALA A 98 62.17 17.92 24.37
N GLU A 99 61.79 19.16 24.14
CA GLU A 99 62.57 20.33 24.58
C GLU A 99 62.67 20.34 26.12
N ALA A 100 61.57 20.04 26.78
CA ALA A 100 61.53 19.97 28.23
C ALA A 100 62.35 18.82 28.84
N ARG A 101 62.43 17.75 28.07
CA ARG A 101 63.28 16.60 28.40
C ARG A 101 64.75 16.80 28.09
N GLY A 102 65.04 17.77 27.24
CA GLY A 102 66.40 17.99 26.75
C GLY A 102 66.85 17.02 25.67
N CYS A 103 65.98 16.10 25.23
CA CYS A 103 66.27 15.20 24.11
C CYS A 103 65.76 15.72 22.77
N PRO A 104 66.23 15.12 21.68
CA PRO A 104 65.68 15.42 20.35
C PRO A 104 64.38 14.65 20.10
N VAL A 105 63.56 15.20 19.22
CA VAL A 105 62.12 14.87 19.17
C VAL A 105 61.93 13.42 18.77
N GLU A 106 62.90 12.88 18.05
CA GLU A 106 62.83 11.50 17.52
C GLU A 106 62.80 10.48 18.65
N ASP A 107 63.38 10.84 19.78
CA ASP A 107 63.55 9.91 20.92
C ASP A 107 62.23 9.54 21.55
N LEU A 108 61.29 10.48 21.54
CA LEU A 108 59.98 10.25 22.10
C LEU A 108 59.22 9.12 21.39
N ALA A 109 59.91 8.47 20.45
CA ALA A 109 59.24 7.66 19.45
C ALA A 109 58.26 6.67 20.07
N ASP A 110 58.76 5.83 20.98
CA ASP A 110 57.94 4.74 21.57
C ASP A 110 57.85 4.83 23.08
N SER A 111 58.21 5.98 23.63
CA SER A 111 58.17 6.22 25.09
C SER A 111 56.90 6.94 25.54
N VAL A 112 56.32 7.74 24.64
CA VAL A 112 55.10 8.52 24.91
C VAL A 112 54.02 8.26 23.89
N THR A 113 52.81 8.13 24.38
CA THR A 113 51.66 7.97 23.52
C THR A 113 51.11 9.37 23.35
N VAL A 114 51.15 9.85 22.12
CA VAL A 114 50.50 11.12 21.75
C VAL A 114 49.22 10.86 20.95
N ALA A 115 48.08 11.14 21.56
CA ALA A 115 46.80 10.94 20.94
C ALA A 115 46.06 12.28 20.91
N VAL A 116 45.94 12.84 19.71
CA VAL A 116 45.23 14.08 19.48
C VAL A 116 43.97 13.75 18.69
N SER A 117 42.83 14.09 19.25
CA SER A 117 41.56 13.96 18.58
C SER A 117 41.09 15.35 18.10
N GLY A 118 40.85 15.48 16.81
CA GLY A 118 40.51 16.78 16.24
C GLY A 118 39.07 17.09 16.41
N GLY A 119 38.74 18.36 16.36
CA GLY A 119 37.36 18.80 16.36
C GLY A 119 36.86 19.04 17.80
N SER A 120 36.69 20.29 18.13
CA SER A 120 36.30 20.70 19.45
C SER A 120 35.11 21.66 19.38
N PRO A 121 33.98 21.16 18.90
CA PRO A 121 32.81 22.01 18.84
C PRO A 121 32.17 22.39 20.18
N GLY A 122 31.52 23.54 20.18
CA GLY A 122 30.60 23.95 21.24
C GLY A 122 31.32 24.26 22.53
N VAL A 123 31.03 23.44 23.56
CA VAL A 123 31.53 23.68 24.93
C VAL A 123 32.86 23.04 25.20
N ILE A 124 33.43 22.36 24.22
CA ILE A 124 34.70 21.66 24.40
C ILE A 124 35.86 22.64 24.27
N SER A 125 36.68 22.75 25.30
CA SER A 125 37.82 23.65 25.30
C SER A 125 39.03 22.87 24.90
N PRO A 126 39.67 23.21 23.77
CA PRO A 126 40.91 22.54 23.46
C PRO A 126 41.97 22.52 24.58
N HIS A 127 42.67 21.40 24.70
CA HIS A 127 43.53 21.11 25.87
C HIS A 127 44.34 19.85 25.61
N VAL A 128 45.26 19.59 26.54
CA VAL A 128 46.03 18.36 26.55
C VAL A 128 46.06 17.87 27.98
N THR A 129 45.73 16.59 28.13
CA THR A 129 45.82 15.88 29.41
C THR A 129 47.16 15.20 29.43
N VAL A 130 48.01 15.60 30.37
CA VAL A 130 49.39 15.06 30.52
C VAL A 130 49.36 13.92 31.55
N VAL A 131 49.70 12.72 31.12
CA VAL A 131 49.64 11.52 31.95
C VAL A 131 51.08 11.13 32.32
N THR A 132 51.35 11.14 33.61
CA THR A 132 52.66 10.70 34.15
C THR A 132 52.51 9.41 34.92
N GLN A 133 53.56 8.62 34.90
CA GLN A 133 53.64 7.47 35.76
C GLN A 133 55.06 7.18 36.18
N GLU A 134 55.26 7.12 37.49
CA GLU A 134 56.51 6.68 38.08
C GLU A 134 56.24 5.45 38.95
N TRP A 135 57.26 4.64 39.11
CA TRP A 135 57.17 3.49 40.02
C TRP A 135 57.99 3.73 41.30
N VAL A 136 57.42 3.33 42.43
CA VAL A 136 57.97 3.64 43.75
C VAL A 136 58.12 2.34 44.55
N ALA A 137 59.11 2.29 45.44
CA ALA A 137 59.44 1.07 46.21
C ALA A 137 58.38 0.76 47.26
N ASP A 138 57.76 1.80 47.80
CA ASP A 138 56.91 1.71 48.97
C ASP A 138 55.51 2.33 48.68
N LEU A 139 54.49 1.56 49.00
CA LEU A 139 53.11 1.98 48.89
C LEU A 139 52.67 2.97 49.98
N PRO A 140 52.27 4.21 49.62
CA PRO A 140 51.69 5.05 50.67
C PRO A 140 50.50 4.38 51.32
N ALA A 141 50.34 4.63 52.61
CA ALA A 141 49.25 4.05 53.39
C ALA A 141 48.11 5.04 53.39
N GLY A 142 46.91 4.51 53.66
CA GLY A 142 45.69 5.32 53.73
C GLY A 142 44.87 5.39 52.45
N LEU A 143 45.39 4.82 51.36
CA LEU A 143 44.73 4.88 50.04
C LEU A 143 43.62 3.86 49.97
N PRO A 144 42.37 4.34 49.88
CA PRO A 144 41.25 3.40 49.87
C PRO A 144 41.07 2.63 48.55
N GLY A 145 40.72 1.37 48.69
CA GLY A 145 40.42 0.49 47.54
C GLY A 145 41.51 0.44 46.48
N VAL A 146 41.08 0.35 45.23
CA VAL A 146 41.97 0.32 44.07
C VAL A 146 42.29 1.71 43.50
N GLY A 147 43.36 1.78 42.73
CA GLY A 147 43.86 3.03 42.19
C GLY A 147 44.30 2.94 40.73
N LEU A 148 44.38 4.11 40.09
CA LEU A 148 44.70 4.22 38.67
C LEU A 148 46.09 3.71 38.37
N VAL A 149 46.16 2.94 37.30
CA VAL A 149 47.42 2.50 36.73
C VAL A 149 47.36 2.57 35.20
N VAL A 150 48.49 2.88 34.59
CA VAL A 150 48.62 3.05 33.16
C VAL A 150 49.51 1.99 32.56
N GLY A 151 49.06 1.40 31.47
CA GLY A 151 49.86 0.43 30.70
C GLY A 151 49.92 0.83 29.24
N ARG A 152 51.02 0.50 28.60
CA ARG A 152 51.24 0.78 27.19
C ARG A 152 51.73 -0.46 26.46
N GLY A 153 51.39 -0.53 25.20
CA GLY A 153 51.68 -1.69 24.35
C GLY A 153 51.86 -1.37 22.88
N HIS A 154 52.55 -2.23 22.17
CA HIS A 154 52.88 -2.01 20.75
C HIS A 154 52.56 -3.26 19.95
N THR A 155 51.94 -3.08 18.80
CA THR A 155 51.64 -4.19 17.89
C THR A 155 52.85 -4.54 17.02
N GLU A 156 52.88 -5.79 16.56
CA GLU A 156 53.71 -6.15 15.41
C GLU A 156 53.26 -5.26 14.25
N PRO A 157 54.14 -5.00 13.26
CA PRO A 157 53.65 -4.25 12.09
C PRO A 157 52.34 -4.83 11.53
N ILE A 158 51.38 -3.94 11.30
CA ILE A 158 50.10 -4.30 10.70
C ILE A 158 50.18 -4.01 9.20
N LEU A 159 50.20 -5.07 8.40
CA LEU A 159 50.33 -4.94 6.95
C LEU A 159 48.98 -4.56 6.34
N PRO A 160 48.98 -3.87 5.18
CA PRO A 160 47.71 -3.45 4.59
C PRO A 160 46.74 -4.59 4.36
N GLU A 161 47.26 -5.71 3.88
CA GLU A 161 46.49 -6.99 3.84
C GLU A 161 45.86 -7.42 5.16
N ASP A 162 46.30 -6.87 6.29
CA ASP A 162 45.75 -7.20 7.63
C ASP A 162 44.61 -6.28 8.05
N ILE A 163 44.59 -5.07 7.52
CA ILE A 163 43.63 -4.06 7.95
C ILE A 163 42.21 -4.57 7.79
N GLY A 164 41.45 -4.38 8.85
CA GLY A 164 40.05 -4.84 8.90
C GLY A 164 39.85 -6.33 8.96
N ARG A 165 40.94 -7.07 9.08
CA ARG A 165 40.89 -8.53 9.05
C ARG A 165 41.44 -9.12 10.34
N THR A 166 41.32 -10.43 10.48
CA THR A 166 41.64 -11.15 11.71
C THR A 166 43.09 -10.97 12.14
N ALA A 167 44.01 -10.78 11.22
CA ALA A 167 45.40 -10.53 11.54
C ALA A 167 45.56 -9.28 12.44
N GLN A 168 44.85 -8.22 12.06
CA GLN A 168 44.80 -6.99 12.84
C GLN A 168 44.19 -7.23 14.23
N VAL A 169 43.07 -7.95 14.25
CA VAL A 169 42.39 -8.34 15.48
C VAL A 169 43.38 -9.03 16.46
N ASP A 170 44.22 -9.89 15.90
CA ASP A 170 45.15 -10.66 16.69
C ASP A 170 46.32 -9.80 17.21
N LYS A 171 46.88 -9.02 16.30
CA LYS A 171 48.06 -8.22 16.64
C LYS A 171 47.69 -7.19 17.73
N VAL A 172 46.49 -6.62 17.61
CA VAL A 172 45.99 -5.68 18.59
C VAL A 172 45.78 -6.38 19.91
N ALA A 173 45.12 -7.55 19.88
CA ALA A 173 44.93 -8.35 21.09
C ALA A 173 46.24 -8.62 21.87
N ASP A 174 47.28 -8.96 21.12
CA ASP A 174 48.59 -9.17 21.71
C ASP A 174 49.11 -7.90 22.41
N ALA A 175 48.96 -6.78 21.74
CA ALA A 175 49.40 -5.49 22.23
C ALA A 175 48.63 -5.09 23.49
N VAL A 176 47.35 -5.44 23.56
CA VAL A 176 46.52 -5.12 24.72
C VAL A 176 46.90 -5.97 25.91
N ALA A 177 47.11 -7.25 25.68
CA ALA A 177 47.63 -8.16 26.73
C ALA A 177 48.98 -7.64 27.28
N ALA A 178 49.84 -7.22 26.36
CA ALA A 178 51.13 -6.64 26.73
C ALA A 178 50.96 -5.42 27.59
N ALA A 179 50.00 -4.58 27.25
CA ALA A 179 49.68 -3.37 28.01
C ALA A 179 49.12 -3.70 29.40
N MET A 180 48.27 -4.71 29.49
CA MET A 180 47.76 -5.18 30.76
C MET A 180 48.92 -5.62 31.69
N LEU A 181 49.89 -6.29 31.07
CA LEU A 181 51.05 -6.76 31.80
C LEU A 181 51.91 -5.60 32.23
N ASP A 182 52.15 -4.65 31.35
CA ASP A 182 52.90 -3.44 31.66
C ASP A 182 52.28 -2.68 32.83
N ALA A 183 50.97 -2.71 32.95
CA ALA A 183 50.30 -2.04 34.07
C ALA A 183 50.21 -2.86 35.34
N GLY A 184 50.55 -4.15 35.25
CA GLY A 184 50.49 -5.06 36.41
C GLY A 184 49.06 -5.44 36.75
N VAL A 185 48.24 -5.60 35.72
CA VAL A 185 46.81 -5.90 35.85
C VAL A 185 46.54 -7.23 35.14
N THR A 186 45.75 -8.06 35.82
CA THR A 186 45.37 -9.36 35.27
C THR A 186 43.89 -9.54 35.18
N ASP A 187 43.13 -8.80 35.98
CA ASP A 187 41.67 -8.88 35.95
C ASP A 187 41.13 -7.86 34.93
N PRO A 188 40.51 -8.34 33.82
CA PRO A 188 40.02 -7.40 32.80
C PRO A 188 38.86 -6.53 33.26
N ASP A 189 38.16 -6.92 34.30
CA ASP A 189 37.13 -6.06 34.88
C ASP A 189 37.68 -4.79 35.56
N ASP A 190 38.97 -4.71 35.72
CA ASP A 190 39.65 -3.52 36.25
C ASP A 190 40.21 -2.61 35.15
N VAL A 191 40.11 -3.06 33.90
CA VAL A 191 40.48 -2.24 32.75
C VAL A 191 39.26 -1.39 32.37
N HIS A 192 39.44 -0.08 32.34
CA HIS A 192 38.33 0.87 32.12
C HIS A 192 38.41 1.72 30.84
N LEU A 193 39.57 1.75 30.20
CA LEU A 193 39.74 2.46 28.96
C LEU A 193 40.92 1.90 28.20
N VAL A 194 40.70 1.63 26.92
CA VAL A 194 41.75 1.11 26.04
C VAL A 194 41.72 1.90 24.75
N MET A 195 42.73 2.74 24.56
CA MET A 195 42.89 3.53 23.36
C MET A 195 43.81 2.80 22.41
N VAL A 196 43.33 2.53 21.21
CA VAL A 196 44.16 1.93 20.18
C VAL A 196 44.35 2.92 19.04
N LYS A 197 45.60 3.15 18.66
CA LYS A 197 45.93 3.90 17.45
C LYS A 197 46.45 2.92 16.40
N GLY A 198 45.69 2.73 15.32
CA GLY A 198 46.05 1.81 14.20
C GLY A 198 46.44 2.56 12.94
N PRO A 199 46.88 1.84 11.91
CA PRO A 199 47.02 2.48 10.62
C PRO A 199 45.72 2.40 9.80
N ALA A 200 45.63 3.26 8.80
CA ALA A 200 44.54 3.24 7.82
C ALA A 200 45.12 2.94 6.44
N LEU A 201 44.23 2.61 5.51
CA LEU A 201 44.66 2.31 4.13
C LEU A 201 44.96 3.58 3.35
N SER A 202 46.22 3.77 3.03
CA SER A 202 46.66 4.88 2.19
C SER A 202 46.72 4.32 0.78
N SER A 203 46.81 5.21 -0.19
CA SER A 203 46.89 4.83 -1.60
C SER A 203 48.18 4.09 -1.88
N ARG A 204 49.27 4.47 -1.23
CA ARG A 204 50.59 3.79 -1.33
C ARG A 204 50.64 2.41 -0.64
N ALA A 205 49.84 2.29 0.40
CA ALA A 205 49.61 1.00 1.10
C ALA A 205 49.03 -0.07 0.17
N VAL A 206 47.94 0.28 -0.48
CA VAL A 206 47.26 -0.60 -1.44
C VAL A 206 48.22 -1.04 -2.55
N ALA A 207 48.97 -0.08 -3.08
CA ALA A 207 50.00 -0.33 -4.08
C ALA A 207 51.02 -1.36 -3.60
N ASP A 208 51.45 -1.22 -2.37
CA ASP A 208 52.33 -2.18 -1.70
C ASP A 208 51.73 -3.59 -1.63
N ALA A 209 50.46 -3.65 -1.21
CA ALA A 209 49.72 -4.92 -1.12
C ALA A 209 49.66 -5.63 -2.47
N LEU A 210 49.29 -4.87 -3.51
CA LEU A 210 49.25 -5.39 -4.86
C LEU A 210 50.62 -5.89 -5.31
N SER A 211 51.64 -5.09 -5.05
CA SER A 211 53.04 -5.42 -5.35
C SER A 211 53.54 -6.74 -4.75
N ARG A 212 52.88 -7.20 -3.71
CA ARG A 212 53.15 -8.48 -3.09
C ARG A 212 52.03 -9.50 -3.28
N GLY A 213 51.09 -9.19 -4.18
CA GLY A 213 50.08 -10.15 -4.61
C GLY A 213 48.96 -10.36 -3.61
N LYS A 214 48.85 -9.47 -2.65
CA LYS A 214 47.82 -9.54 -1.62
C LYS A 214 46.65 -8.64 -1.99
N THR A 215 45.52 -8.93 -1.36
CA THR A 215 44.31 -8.12 -1.49
C THR A 215 44.11 -7.29 -0.20
N VAL A 216 43.15 -6.36 -0.27
CA VAL A 216 42.83 -5.39 0.79
C VAL A 216 41.34 -5.27 1.27
N VAL A 217 40.46 -4.70 0.47
CA VAL A 217 39.05 -4.54 0.94
C VAL A 217 38.20 -3.71 -0.01
N SER A 228 37.89 2.29 4.80
CA SER A 228 39.26 1.90 5.22
C SER A 228 39.45 2.09 6.74
N MET A 229 39.32 3.35 7.12
CA MET A 229 39.48 3.76 8.53
C MET A 229 38.46 3.06 9.40
N CYS A 230 37.24 2.89 8.91
CA CYS A 230 36.16 2.22 9.62
C CYS A 230 36.48 0.76 9.91
N TRP A 231 37.17 0.12 8.95
CA TRP A 231 37.59 -1.27 9.10
C TRP A 231 38.63 -1.47 10.18
N SER A 232 39.71 -0.68 10.08
CA SER A 232 40.81 -0.70 11.05
C SER A 232 40.28 -0.51 12.49
N ASN A 233 39.37 0.45 12.63
CA ASN A 233 38.77 0.77 13.91
C ASN A 233 37.98 -0.41 14.45
N ASP A 234 37.20 -1.06 13.61
CA ASP A 234 36.37 -2.19 14.03
C ASP A 234 37.23 -3.39 14.46
N ALA A 235 38.22 -3.70 13.64
CA ALA A 235 39.14 -4.79 13.92
C ALA A 235 39.90 -4.54 15.23
N SER A 236 40.37 -3.31 15.40
CA SER A 236 41.07 -2.89 16.60
C SER A 236 40.18 -3.06 17.81
N ALA A 237 38.95 -2.63 17.69
CA ALA A 237 37.96 -2.77 18.80
C ALA A 237 37.75 -4.25 19.18
N LEU A 238 37.69 -5.10 18.17
CA LEU A 238 37.52 -6.51 18.37
C LEU A 238 38.71 -7.11 19.09
N GLY A 239 39.91 -6.65 18.73
CA GLY A 239 41.18 -7.05 19.37
C GLY A 239 41.11 -6.82 20.87
N VAL A 240 40.63 -5.64 21.24
CA VAL A 240 40.46 -5.28 22.65
C VAL A 240 39.47 -6.25 23.31
N ALA A 241 38.39 -6.51 22.62
CA ALA A 241 37.35 -7.41 23.15
C ALA A 241 37.92 -8.81 23.41
N VAL A 242 38.75 -9.28 22.50
CA VAL A 242 39.35 -10.59 22.61
C VAL A 242 40.29 -10.63 23.83
N ALA A 243 41.22 -9.66 23.86
CA ALA A 243 42.26 -9.66 24.92
C ALA A 243 41.67 -9.51 26.34
N LEU A 244 40.54 -8.84 26.46
CA LEU A 244 39.83 -8.68 27.73
C LEU A 244 38.80 -9.79 28.04
N GLY A 245 38.81 -10.85 27.24
CA GLY A 245 37.83 -11.94 27.36
C GLY A 245 36.35 -11.60 27.14
N GLU A 246 36.07 -10.39 26.65
CA GLU A 246 34.69 -9.96 26.35
C GLU A 246 34.08 -10.72 25.17
N VAL A 247 34.94 -11.19 24.29
CA VAL A 247 34.56 -12.02 23.16
C VAL A 247 35.55 -13.19 23.01
N LYS A 248 35.00 -14.37 22.82
CA LYS A 248 35.80 -15.57 22.59
C LYS A 248 36.46 -15.50 21.20
N ARG A 249 37.73 -15.82 21.14
CA ARG A 249 38.44 -15.78 19.88
C ARG A 249 37.75 -16.63 18.78
N ASP A 250 37.32 -17.83 19.14
CA ASP A 250 36.70 -18.73 18.15
C ASP A 250 35.65 -17.98 17.31
N LEU A 251 35.06 -16.90 17.86
CA LEU A 251 33.89 -16.28 17.27
C LEU A 251 34.30 -15.20 16.30
N VAL A 252 35.58 -15.09 16.03
CA VAL A 252 36.05 -14.04 15.13
C VAL A 252 36.33 -14.60 13.72
N ALA A 253 35.92 -13.84 12.71
CA ALA A 253 36.17 -14.18 11.33
C ALA A 253 36.04 -12.90 10.49
N ASP A 254 36.75 -12.84 9.36
CA ASP A 254 36.73 -11.65 8.49
C ASP A 254 35.32 -11.27 8.04
N ASP A 255 34.48 -12.28 7.85
CA ASP A 255 33.06 -12.11 7.48
C ASP A 255 32.15 -11.60 8.62
N ARG A 256 32.62 -11.58 9.86
CA ARG A 256 31.80 -11.04 10.97
C ARG A 256 32.37 -9.83 11.70
N ILE A 257 33.61 -9.45 11.38
CA ILE A 257 34.27 -8.26 11.96
C ILE A 257 33.40 -7.00 11.93
N ARG A 258 32.99 -6.60 10.73
CA ARG A 258 32.01 -5.53 10.58
C ARG A 258 30.55 -6.01 10.74
N SER A 259 30.28 -7.25 10.32
CA SER A 259 28.91 -7.75 10.28
C SER A 259 28.38 -7.92 11.71
N ASP A 260 28.87 -8.94 12.42
CA ASP A 260 28.27 -9.31 13.70
C ASP A 260 28.50 -8.22 14.77
N TRP A 261 27.65 -7.19 14.73
CA TRP A 261 27.68 -6.08 15.68
C TRP A 261 27.49 -6.51 17.16
N ASP A 262 26.89 -7.69 17.41
CA ASP A 262 26.87 -8.33 18.76
C ASP A 262 28.23 -8.31 19.48
N LEU A 263 29.29 -8.53 18.72
CA LEU A 263 30.64 -8.66 19.28
C LEU A 263 31.28 -7.30 19.40
N PHE A 264 31.55 -6.88 20.64
CA PHE A 264 32.08 -5.53 20.91
C PHE A 264 32.83 -5.48 22.23
N SER A 265 33.48 -4.35 22.44
CA SER A 265 34.11 -4.04 23.72
C SER A 265 33.47 -2.80 24.34
N ALA A 266 33.14 -2.89 25.62
CA ALA A 266 32.52 -1.77 26.34
C ALA A 266 33.50 -0.61 26.66
N VAL A 267 34.80 -0.82 26.46
CA VAL A 267 35.84 0.11 26.91
C VAL A 267 36.87 0.50 25.84
N ALA A 268 36.66 0.04 24.61
CA ALA A 268 37.59 0.33 23.50
C ALA A 268 37.34 1.74 22.94
N ALA A 269 38.42 2.42 22.59
CA ALA A 269 38.38 3.78 21.96
C ALA A 269 39.43 3.73 20.87
N THR A 270 38.99 3.42 19.68
CA THR A 270 39.89 3.11 18.59
C THR A 270 39.93 4.25 17.61
N SER A 271 41.07 4.45 17.00
CA SER A 271 41.23 5.43 15.94
C SER A 271 42.33 4.95 15.00
N SER A 272 42.30 5.47 13.79
CA SER A 272 43.26 5.05 12.77
C SER A 272 43.56 6.18 11.81
N GLY A 273 44.73 6.07 11.18
CA GLY A 273 45.24 7.12 10.30
C GLY A 273 46.73 6.97 10.04
N GLY A 274 47.21 7.70 9.05
CA GLY A 274 48.62 7.65 8.65
C GLY A 274 49.03 6.33 8.02
N GLU A 275 50.32 6.24 7.76
CA GLU A 275 50.93 5.07 7.13
C GLU A 275 51.65 4.14 8.13
N LYS A 276 51.87 4.62 9.35
CA LYS A 276 52.63 3.90 10.38
C LYS A 276 52.06 2.50 10.65
N ARG A 277 52.80 1.46 10.24
CA ARG A 277 52.33 0.06 10.34
C ARG A 277 52.24 -0.42 11.81
N GLY A 278 53.00 0.24 12.70
CA GLY A 278 52.97 -0.08 14.14
C GLY A 278 51.78 0.52 14.87
N GLY A 279 50.88 -0.34 15.31
CA GLY A 279 49.77 0.06 16.17
C GLY A 279 50.25 0.33 17.59
N GLU A 280 49.44 1.06 18.35
CA GLU A 280 49.79 1.44 19.72
C GLU A 280 48.60 1.32 20.65
N VAL A 281 48.83 0.76 21.84
CA VAL A 281 47.80 0.69 22.88
C VAL A 281 48.17 1.52 24.09
N LEU A 282 47.18 2.26 24.60
CA LEU A 282 47.25 2.98 25.86
C LEU A 282 46.10 2.54 26.70
N LEU A 283 46.41 1.99 27.85
CA LEU A 283 45.42 1.31 28.69
C LEU A 283 45.38 1.95 30.07
N LEU A 284 44.16 2.18 30.56
CA LEU A 284 43.94 2.80 31.86
C LEU A 284 43.07 1.88 32.66
N ALA A 285 43.62 1.46 33.79
CA ALA A 285 42.98 0.47 34.66
C ALA A 285 43.16 0.88 36.11
N ASN A 286 42.65 0.01 36.97
CA ASN A 286 42.92 0.09 38.38
C ASN A 286 43.65 -1.15 38.91
N SER A 287 44.33 -0.97 40.03
CA SER A 287 44.89 -2.13 40.76
C SER A 287 45.06 -1.80 42.22
N ALA A 288 45.03 -2.85 43.03
CA ALA A 288 45.20 -2.73 44.50
C ALA A 288 46.61 -2.25 44.85
N GLN A 289 47.57 -2.53 43.98
CA GLN A 289 48.99 -2.12 44.15
C GLN A 289 49.30 -0.67 43.71
N SER A 290 48.27 0.15 43.51
CA SER A 290 48.47 1.46 42.92
C SER A 290 48.72 2.49 44.02
N ALA A 291 49.79 3.25 43.85
CA ALA A 291 50.07 4.43 44.69
C ALA A 291 49.44 5.75 44.18
N SER A 292 48.65 5.67 43.13
CA SER A 292 47.98 6.83 42.58
C SER A 292 46.92 7.42 43.45
N GLU A 293 46.81 8.75 43.38
CA GLU A 293 45.72 9.50 44.02
C GLU A 293 44.52 9.70 43.10
N LEU A 294 44.39 8.82 42.13
CA LEU A 294 43.25 8.78 41.23
C LEU A 294 42.67 7.38 41.10
N ARG A 295 41.41 7.34 40.72
CA ARG A 295 40.76 6.10 40.31
C ARG A 295 39.91 6.30 39.04
N ILE A 296 39.89 5.28 38.19
CA ILE A 296 39.12 5.32 36.93
C ILE A 296 37.89 4.44 36.98
N GLY A 297 36.83 4.89 36.34
CA GLY A 297 35.61 4.10 36.12
C GLY A 297 35.08 4.27 34.70
N HIS A 298 34.06 3.51 34.34
CA HIS A 298 33.51 3.58 33.00
C HIS A 298 32.00 3.35 33.02
N GLY A 299 31.38 3.76 31.93
CA GLY A 299 29.96 3.59 31.70
C GLY A 299 29.65 3.49 30.23
N ILE A 300 28.39 3.23 29.93
CA ILE A 300 27.93 3.15 28.58
C ILE A 300 26.81 4.13 28.36
N THR A 301 26.95 4.96 27.33
CA THR A 301 25.91 5.92 26.94
C THR A 301 24.89 5.15 26.11
N ARG A 302 23.65 5.15 26.55
CA ARG A 302 22.63 4.25 26.02
C ARG A 302 22.10 4.72 24.69
N ASP A 303 21.80 6.00 24.59
CA ASP A 303 21.48 6.66 23.32
C ASP A 303 22.08 8.06 23.25
N MET A 304 21.85 8.76 22.15
CA MET A 304 22.45 10.08 21.92
C MET A 304 22.11 11.16 22.94
N ALA A 305 21.02 10.97 23.66
CA ALA A 305 20.55 11.95 24.63
C ALA A 305 20.78 11.53 26.09
N ASP A 306 21.47 10.43 26.29
CA ASP A 306 21.64 9.83 27.62
C ASP A 306 22.84 10.37 28.40
N THR A 307 22.58 10.79 29.63
CA THR A 307 23.63 11.16 30.59
C THR A 307 24.03 10.04 31.56
N GLU A 308 23.25 8.97 31.65
CA GLU A 308 23.48 7.91 32.65
C GLU A 308 24.84 7.21 32.51
N GLY A 309 25.31 7.02 31.31
CA GLY A 309 26.61 6.41 31.10
C GLY A 309 27.74 7.25 31.69
N ILE A 310 27.64 8.56 31.48
CA ILE A 310 28.63 9.49 32.03
C ILE A 310 28.60 9.42 33.56
N LYS A 311 27.39 9.45 34.09
CA LYS A 311 27.18 9.38 35.54
C LYS A 311 27.74 8.09 36.12
N THR A 312 27.50 7.00 35.46
CA THR A 312 28.00 5.69 35.91
C THR A 312 29.51 5.68 35.92
N ALA A 313 30.13 6.27 34.88
CA ALA A 313 31.58 6.39 34.85
C ALA A 313 32.10 7.12 36.12
N ILE A 314 31.45 8.25 36.40
CA ILE A 314 31.86 9.10 37.48
C ILE A 314 31.70 8.34 38.82
N ARG A 315 30.57 7.70 38.96
CA ARG A 315 30.16 7.06 40.20
C ARG A 315 31.07 5.88 40.48
N THR A 316 31.21 5.00 39.50
CA THR A 316 32.06 3.81 39.65
C THR A 316 33.50 4.16 39.80
N ALA A 317 33.89 5.38 39.40
CA ALA A 317 35.26 5.87 39.68
C ALA A 317 35.47 6.25 41.15
N GLY A 318 34.40 6.47 41.88
CA GLY A 318 34.47 6.75 43.32
C GLY A 318 33.67 7.92 43.88
N VAL A 319 32.88 8.60 43.06
CA VAL A 319 32.07 9.72 43.52
C VAL A 319 30.69 9.19 43.83
N ASP A 320 30.22 9.48 45.04
CA ASP A 320 28.94 8.98 45.51
C ASP A 320 27.91 10.11 45.40
N PHE A 321 26.96 9.93 44.48
CA PHE A 321 25.86 10.89 44.26
C PHE A 321 24.68 10.17 43.62
N ASP A 322 23.48 10.78 43.67
CA ASP A 322 22.24 10.18 43.04
C ASP A 322 22.11 10.74 41.64
N CYS A 323 21.71 12.00 41.53
CA CYS A 323 21.44 12.58 40.23
C CYS A 323 22.43 13.67 39.79
N CYS A 324 22.61 14.69 40.62
CA CYS A 324 23.54 15.77 40.29
C CYS A 324 24.78 15.68 41.14
N LEU A 325 25.84 16.29 40.64
CA LEU A 325 27.04 16.51 41.42
C LEU A 325 26.99 17.89 42.04
N SER A 326 27.55 18.00 43.23
CA SER A 326 27.81 19.30 43.84
C SER A 326 29.06 19.90 43.23
N PRO A 327 29.24 21.21 43.37
CA PRO A 327 30.49 21.84 42.94
C PRO A 327 31.76 21.09 43.36
N ALA A 328 31.77 20.62 44.59
CA ALA A 328 32.94 19.93 45.16
C ALA A 328 33.16 18.59 44.45
N GLN A 329 32.07 17.87 44.29
CA GLN A 329 32.06 16.59 43.57
C GLN A 329 32.53 16.78 42.15
N GLN A 330 32.00 17.82 41.49
CA GLN A 330 32.41 18.18 40.13
C GLN A 330 33.93 18.36 40.06
N ALA A 331 34.45 19.11 41.01
CA ALA A 331 35.90 19.35 41.09
C ALA A 331 36.73 18.10 41.38
N GLN A 332 36.09 17.05 41.91
CA GLN A 332 36.77 15.78 42.07
C GLN A 332 37.01 15.05 40.74
N VAL A 333 36.19 15.35 39.74
CA VAL A 333 36.36 14.77 38.39
C VAL A 333 37.51 15.46 37.65
N VAL A 334 38.57 14.71 37.38
CA VAL A 334 39.80 15.26 36.80
C VAL A 334 39.77 15.26 35.26
N GLN A 335 39.27 14.18 34.68
CA GLN A 335 39.07 14.10 33.26
C GLN A 335 38.01 13.08 32.87
N VAL A 336 37.32 13.37 31.78
CA VAL A 336 36.39 12.41 31.18
C VAL A 336 36.83 12.10 29.75
N PHE A 337 36.88 10.81 29.41
CA PHE A 337 37.24 10.34 28.06
C PHE A 337 35.99 9.66 27.48
N GLY A 338 35.26 10.40 26.65
CA GLY A 338 34.02 9.90 26.04
C GLY A 338 34.14 9.80 24.53
N LYS A 339 33.75 8.67 23.96
CA LYS A 339 33.79 8.49 22.50
C LYS A 339 32.37 8.55 21.94
N PHE A 340 32.06 9.61 21.22
CA PHE A 340 30.69 9.83 20.75
C PHE A 340 30.58 9.61 19.27
N VAL A 341 30.67 8.34 18.91
CA VAL A 341 30.43 7.93 17.55
C VAL A 341 28.94 8.07 17.20
N LEU A 342 28.64 8.14 15.92
CA LEU A 342 27.27 8.36 15.50
C LEU A 342 26.42 7.21 15.94
N PRO A 343 25.13 7.46 16.18
CA PRO A 343 24.25 6.37 16.64
C PRO A 343 24.05 5.30 15.61
N GLY A 344 23.53 4.16 16.09
CA GLY A 344 23.27 3.00 15.21
C GLY A 344 22.07 3.21 14.31
N SER A 345 21.14 4.03 14.77
CA SER A 345 19.95 4.31 14.00
C SER A 345 19.56 5.78 14.10
N ASP A 346 18.60 6.14 13.27
CA ASP A 346 18.06 7.49 13.28
C ASP A 346 16.77 7.61 14.09
N VAL A 347 16.53 6.65 14.98
CA VAL A 347 15.39 6.71 15.91
C VAL A 347 15.91 6.96 17.31
N LEU A 348 15.36 7.97 17.97
CA LEU A 348 15.74 8.37 19.32
C LEU A 348 14.49 8.62 20.14
N ARG A 349 14.38 7.92 21.27
CA ARG A 349 13.16 7.95 22.10
C ARG A 349 11.89 7.91 21.24
N GLY A 350 11.85 6.97 20.32
CA GLY A 350 10.69 6.80 19.43
C GLY A 350 10.50 7.83 18.32
N GLN A 351 11.45 8.73 18.13
CA GLN A 351 11.30 9.75 17.08
C GLN A 351 12.44 9.75 16.11
N HIS A 352 12.16 10.29 14.93
CA HIS A 352 13.18 10.52 13.90
C HIS A 352 14.14 11.65 14.22
N ILE A 353 15.44 11.37 14.08
CA ILE A 353 16.47 12.40 14.17
C ILE A 353 17.30 12.47 12.89
N THR A 354 17.98 13.60 12.71
CA THR A 354 18.72 13.91 11.50
C THR A 354 20.20 13.55 11.60
N ALA A 355 20.59 12.96 12.72
CA ALA A 355 22.01 12.79 13.09
C ALA A 355 22.80 11.97 12.12
N LEU A 356 22.16 11.06 11.42
CA LEU A 356 22.85 10.24 10.39
C LEU A 356 22.85 10.88 9.02
N ASP A 357 21.83 11.67 8.71
CA ASP A 357 21.72 12.31 7.42
C ASP A 357 22.60 13.55 7.28
N ASP A 358 22.94 14.15 8.41
CA ASP A 358 23.55 15.46 8.46
C ASP A 358 24.97 15.39 7.87
N HIS A 359 25.26 16.33 6.98
CA HIS A 359 26.57 16.44 6.37
C HIS A 359 27.64 16.76 7.43
N GLU A 360 27.22 17.40 8.51
CA GLU A 360 28.07 17.73 9.64
C GLU A 360 27.92 16.75 10.84
N ALA A 361 27.52 15.51 10.57
CA ALA A 361 27.27 14.49 11.61
C ALA A 361 28.41 14.33 12.60
N HIS A 362 29.62 14.20 12.07
CA HIS A 362 30.84 14.00 12.86
C HIS A 362 30.98 15.14 13.88
N HIS A 363 30.78 16.36 13.43
CA HIS A 363 30.95 17.53 14.26
C HIS A 363 29.82 17.57 15.32
N VAL A 364 28.60 17.34 14.84
CA VAL A 364 27.41 17.44 15.66
C VAL A 364 27.47 16.42 16.81
N ALA A 365 27.94 15.22 16.53
CA ALA A 365 27.98 14.16 17.52
C ALA A 365 28.84 14.55 18.72
N LYS A 366 29.98 15.10 18.42
CA LYS A 366 30.88 15.63 19.44
C LYS A 366 30.31 16.85 20.10
N ALA A 367 29.56 17.65 19.38
CA ALA A 367 28.95 18.82 20.03
C ALA A 367 27.94 18.38 21.10
N VAL A 368 27.16 17.38 20.76
CA VAL A 368 26.15 16.83 21.66
C VAL A 368 26.84 16.16 22.88
N GLY A 369 27.82 15.31 22.60
CA GLY A 369 28.53 14.64 23.67
C GLY A 369 29.18 15.62 24.66
N GLY A 370 29.80 16.63 24.09
CA GLY A 370 30.47 17.68 24.88
C GLY A 370 29.47 18.38 25.73
N ALA A 371 28.31 18.68 25.18
CA ALA A 371 27.24 19.35 25.93
C ALA A 371 26.86 18.48 27.13
N LEU A 372 26.73 17.19 26.91
CA LEU A 372 26.29 16.28 27.96
C LEU A 372 27.33 16.20 29.06
N VAL A 373 28.57 15.90 28.68
CA VAL A 373 29.64 15.71 29.63
C VAL A 373 29.82 17.00 30.48
N VAL A 374 29.98 18.09 29.79
CA VAL A 374 30.26 19.37 30.41
C VAL A 374 29.08 19.82 31.27
N SER A 375 27.85 19.50 30.88
CA SER A 375 26.70 19.83 31.71
C SER A 375 26.75 19.15 33.06
N ILE A 376 27.38 17.98 33.13
CA ILE A 376 27.47 17.23 34.37
C ILE A 376 28.69 17.65 35.20
N THR A 377 29.85 17.80 34.56
CA THR A 377 31.07 18.08 35.29
C THR A 377 31.41 19.56 35.42
N GLY A 378 30.79 20.40 34.61
CA GLY A 378 31.14 21.83 34.52
C GLY A 378 32.56 22.13 34.02
N GLN A 379 33.21 21.17 33.40
CA GLN A 379 34.61 21.34 32.92
C GLN A 379 34.77 21.25 31.39
N PRO A 380 34.87 22.40 30.71
CA PRO A 380 35.02 22.41 29.25
C PRO A 380 36.21 21.63 28.69
N MET A 381 37.30 21.53 29.45
CA MET A 381 38.45 20.75 29.01
C MET A 381 38.23 19.22 29.18
N SER A 382 37.23 18.70 28.46
CA SER A 382 36.91 17.27 28.46
C SER A 382 37.25 16.61 27.14
N PHE A 383 37.71 15.38 27.21
CA PHE A 383 38.18 14.66 26.00
C PHE A 383 36.99 13.98 25.34
N ILE A 384 36.40 14.69 24.38
CA ILE A 384 35.25 14.25 23.60
C ILE A 384 35.73 13.89 22.21
N SER A 385 35.82 12.60 21.93
CA SER A 385 36.18 12.14 20.60
C SER A 385 34.99 11.53 19.90
N GLY A 386 35.24 11.06 18.70
CA GLY A 386 34.26 10.29 17.97
C GLY A 386 33.90 10.98 16.69
N GLY A 387 32.61 10.95 16.39
CA GLY A 387 32.12 11.33 15.07
C GLY A 387 32.11 10.27 13.98
N GLU A 388 32.93 9.24 14.06
CA GLU A 388 32.88 8.20 13.01
C GLU A 388 31.55 7.40 13.10
N ARG A 389 31.44 6.34 12.33
CA ARG A 389 30.14 5.70 12.18
C ARG A 389 30.02 4.39 12.92
N ASN A 390 28.77 4.04 13.17
CA ASN A 390 28.29 2.77 13.72
C ASN A 390 27.78 1.76 12.69
N GLY A 397 23.52 0.83 19.88
CA GLY A 397 23.80 2.27 19.79
C GLY A 397 24.31 2.86 21.12
N GLY A 398 25.34 2.19 21.64
CA GLY A 398 25.95 2.47 22.97
C GLY A 398 27.40 2.95 22.90
N ASN A 399 27.72 4.06 23.56
CA ASN A 399 29.07 4.65 23.48
C ASN A 399 29.84 4.56 24.79
N PRO A 400 31.12 4.22 24.71
CA PRO A 400 31.92 4.19 25.93
C PRO A 400 32.28 5.58 26.50
N VAL A 401 32.32 5.65 27.81
CA VAL A 401 32.81 6.83 28.49
C VAL A 401 33.52 6.42 29.78
N ALA A 402 34.69 6.99 30.01
CA ALA A 402 35.50 6.72 31.19
C ALA A 402 35.71 8.00 31.93
N ALA A 403 35.80 7.89 33.24
CA ALA A 403 36.04 9.06 34.10
C ALA A 403 37.18 8.76 35.06
N VAL A 404 38.03 9.75 35.24
CA VAL A 404 39.12 9.67 36.20
C VAL A 404 38.85 10.69 37.30
N VAL A 405 38.72 10.19 38.51
CA VAL A 405 38.45 11.04 39.69
C VAL A 405 39.53 10.88 40.78
N ARG A 406 39.49 11.79 41.73
CA ARG A 406 40.43 11.75 42.86
C ARG A 406 40.09 10.63 43.83
N ARG A 407 41.17 10.05 44.33
CA ARG A 407 41.15 9.01 45.32
C ARG A 407 42.10 9.47 46.46
N LEU A 408 41.53 10.09 47.49
CA LEU A 408 42.39 10.66 48.55
C LEU A 408 42.65 9.72 49.74
N PRO A 409 43.87 9.81 50.35
CA PRO A 409 44.14 9.01 51.56
C PRO A 409 43.22 9.40 52.73
N ALA A 410 42.91 8.42 53.57
CA ALA A 410 42.12 8.64 54.81
C ALA A 410 42.72 9.73 55.74
N ARG B 34 5.09 9.70 -39.11
CA ARG B 34 5.13 10.88 -38.19
C ARG B 34 6.57 11.32 -37.95
N TYR B 35 6.79 12.63 -37.86
CA TYR B 35 8.10 13.21 -37.59
C TYR B 35 8.10 13.92 -36.22
N PRO B 36 9.13 13.68 -35.40
CA PRO B 36 9.23 14.33 -34.11
C PRO B 36 9.86 15.72 -34.16
N LYS B 37 9.26 16.64 -33.41
CA LYS B 37 9.78 18.01 -33.30
C LYS B 37 9.95 18.39 -31.84
N ALA B 38 11.20 18.36 -31.41
CA ALA B 38 11.58 18.65 -30.02
C ALA B 38 12.09 20.07 -29.88
N SER B 39 11.74 20.73 -28.79
CA SER B 39 12.31 22.05 -28.46
C SER B 39 12.75 22.12 -27.00
N MET B 40 13.59 23.10 -26.71
CA MET B 40 14.07 23.36 -25.37
C MET B 40 13.94 24.84 -25.06
N HIS B 41 13.36 25.14 -23.91
CA HIS B 41 13.28 26.50 -23.41
C HIS B 41 13.91 26.58 -22.02
N VAL B 42 14.95 27.37 -21.89
CA VAL B 42 15.66 27.50 -20.63
C VAL B 42 15.18 28.76 -19.94
N VAL B 43 14.56 28.61 -18.76
CA VAL B 43 14.03 29.74 -17.99
C VAL B 43 14.62 29.78 -16.57
N PRO B 44 14.87 30.99 -16.03
CA PRO B 44 15.48 31.10 -14.72
C PRO B 44 14.52 30.87 -13.58
N MET B 45 15.10 30.48 -12.45
CA MET B 45 14.41 30.35 -11.18
C MET B 45 15.23 31.09 -10.14
N LEU B 46 14.64 32.05 -9.46
CA LEU B 46 15.31 32.74 -8.33
C LEU B 46 15.32 31.96 -7.00
N ALA B 47 14.55 30.88 -6.97
CA ALA B 47 14.39 30.02 -5.78
C ALA B 47 13.74 28.73 -6.24
N PRO B 48 13.81 27.67 -5.41
CA PRO B 48 13.23 26.40 -5.83
C PRO B 48 11.74 26.49 -6.16
N ASN B 49 11.04 27.41 -5.52
CA ASN B 49 9.61 27.60 -5.76
C ASN B 49 9.27 28.83 -6.59
N ASP B 50 10.26 29.44 -7.22
CA ASP B 50 10.01 30.55 -8.20
C ASP B 50 9.68 29.97 -9.57
N THR B 51 8.39 29.81 -9.81
CA THR B 51 7.86 29.35 -11.11
C THR B 51 7.33 30.49 -12.02
N ALA B 52 7.72 31.72 -11.74
CA ALA B 52 7.21 32.90 -12.48
C ALA B 52 7.52 32.82 -13.99
N ALA B 53 8.81 32.79 -14.31
CA ALA B 53 9.20 32.71 -15.70
C ALA B 53 8.69 31.43 -16.37
N PHE B 54 8.68 30.34 -15.61
CA PHE B 54 8.19 29.06 -16.09
C PHE B 54 6.71 29.17 -16.52
N ARG B 55 5.89 29.75 -15.64
N ARG B 55 5.89 29.75 -15.64
CA ARG B 55 4.45 29.93 -15.92
CA ARG B 55 4.46 29.93 -15.94
C ARG B 55 4.24 30.91 -17.11
C ARG B 55 4.25 30.90 -17.13
N ALA B 56 5.04 31.98 -17.14
CA ALA B 56 5.02 32.98 -18.24
C ALA B 56 5.30 32.35 -19.59
N LEU B 57 6.12 31.31 -19.60
CA LEU B 57 6.38 30.54 -20.82
C LEU B 57 5.07 30.06 -21.51
N PHE B 58 4.13 29.61 -20.72
CA PHE B 58 2.86 29.06 -21.21
C PHE B 58 1.79 30.15 -21.37
N ALA B 59 1.65 30.97 -20.32
CA ALA B 59 0.72 32.14 -20.32
C ALA B 59 0.90 33.05 -21.55
N SER B 60 2.15 33.19 -21.99
CA SER B 60 2.45 33.98 -23.17
C SER B 60 2.07 33.29 -24.50
N GLY B 61 1.63 32.04 -24.47
CA GLY B 61 1.38 31.25 -25.72
C GLY B 61 2.64 30.71 -26.42
N ALA B 62 3.83 31.05 -25.89
CA ALA B 62 5.12 30.66 -26.50
C ALA B 62 5.33 29.13 -26.55
N VAL B 63 4.82 28.43 -25.55
CA VAL B 63 5.00 27.00 -25.42
C VAL B 63 3.67 26.37 -25.03
N ASP B 64 3.38 25.21 -25.60
CA ASP B 64 2.15 24.49 -25.26
C ASP B 64 2.45 23.55 -24.07
N PRO B 65 1.85 23.81 -22.89
CA PRO B 65 2.12 22.95 -21.72
C PRO B 65 1.84 21.47 -21.93
N ALA B 66 0.88 21.15 -22.80
CA ALA B 66 0.51 19.75 -23.10
C ALA B 66 1.58 19.01 -23.89
N SER B 67 2.46 19.75 -24.53
CA SER B 67 3.58 19.13 -25.27
C SER B 67 4.86 18.97 -24.45
N VAL B 68 4.86 19.44 -23.20
CA VAL B 68 6.03 19.32 -22.32
C VAL B 68 6.24 17.84 -21.97
N VAL B 69 7.43 17.33 -22.26
CA VAL B 69 7.79 15.94 -21.95
C VAL B 69 8.92 15.81 -20.89
N ALA B 70 9.67 16.87 -20.66
CA ALA B 70 10.66 16.86 -19.63
C ALA B 70 10.92 18.22 -19.01
N LEU B 71 11.15 18.20 -17.71
CA LEU B 71 11.68 19.36 -16.99
C LEU B 71 13.02 18.92 -16.38
N ILE B 72 14.08 19.64 -16.73
CA ILE B 72 15.42 19.35 -16.28
C ILE B 72 15.98 20.60 -15.60
N ALA B 73 16.07 20.56 -14.27
CA ALA B 73 16.34 21.78 -13.47
C ALA B 73 17.55 21.68 -12.56
N LYS B 74 18.11 22.85 -12.28
CA LYS B 74 19.13 23.03 -11.24
C LYS B 74 18.53 23.88 -10.15
N SER B 75 18.60 23.39 -8.91
CA SER B 75 18.13 24.13 -7.73
C SER B 75 19.26 24.49 -6.78
N GLU B 76 19.04 25.58 -6.07
CA GLU B 76 19.94 26.03 -5.00
C GLU B 76 19.81 25.09 -3.83
N GLY B 77 20.91 24.80 -3.16
CA GLY B 77 20.91 23.84 -2.06
C GLY B 77 22.18 23.02 -2.02
N SER B 78 22.13 21.95 -1.25
CA SER B 78 23.34 21.19 -0.90
C SER B 78 23.74 20.22 -1.98
N GLY B 79 22.77 19.74 -2.74
CA GLY B 79 23.02 18.64 -3.66
C GLY B 79 23.16 17.28 -3.02
N LEU B 80 23.02 17.19 -1.70
CA LEU B 80 23.20 15.92 -1.01
C LEU B 80 21.90 15.11 -1.02
N HIS B 81 21.97 13.89 -0.50
CA HIS B 81 20.86 12.93 -0.54
C HIS B 81 19.63 13.46 0.21
N ASN B 82 19.85 14.29 1.24
CA ASN B 82 18.74 14.89 2.04
C ASN B 82 18.43 16.37 1.68
N ASP B 83 18.72 16.77 0.45
CA ASP B 83 18.42 18.16 -0.04
C ASP B 83 16.91 18.36 -0.27
N HIS B 84 16.22 18.94 0.71
CA HIS B 84 14.78 19.16 0.58
C HIS B 84 14.38 20.32 -0.34
N ALA B 85 15.33 21.23 -0.58
CA ALA B 85 15.14 22.28 -1.58
C ALA B 85 14.91 21.69 -2.96
N ARG B 86 15.67 20.65 -3.27
CA ARG B 86 15.58 19.91 -4.55
C ARG B 86 14.14 19.42 -4.74
N VAL B 87 13.64 18.81 -3.68
CA VAL B 87 12.26 18.25 -3.68
C VAL B 87 11.28 19.38 -3.82
N PHE B 88 11.56 20.50 -3.16
CA PHE B 88 10.73 21.70 -3.21
C PHE B 88 10.58 22.17 -4.68
N ALA B 89 11.70 22.16 -5.39
CA ALA B 89 11.70 22.56 -6.79
C ALA B 89 10.86 21.58 -7.63
N ASP B 90 11.05 20.32 -7.39
CA ASP B 90 10.30 19.28 -8.07
C ASP B 90 8.77 19.52 -7.88
N VAL B 91 8.35 19.65 -6.64
CA VAL B 91 6.94 19.80 -6.28
C VAL B 91 6.38 21.09 -6.92
N SER B 92 7.15 22.15 -6.84
CA SER B 92 6.72 23.45 -7.35
C SER B 92 6.52 23.38 -8.86
N LEU B 93 7.46 22.74 -9.53
CA LEU B 93 7.45 22.67 -11.00
C LEU B 93 6.28 21.85 -11.50
N ARG B 94 6.08 20.70 -10.89
CA ARG B 94 4.91 19.87 -11.18
C ARG B 94 3.59 20.64 -10.97
N THR B 95 3.51 21.34 -9.84
CA THR B 95 2.27 22.06 -9.54
C THR B 95 1.99 23.14 -10.59
N ALA B 96 3.06 23.84 -11.00
CA ALA B 96 2.95 24.89 -12.00
C ALA B 96 2.50 24.28 -13.34
N LEU B 97 3.16 23.21 -13.74
CA LEU B 97 2.89 22.62 -15.04
C LEU B 97 1.47 22.09 -15.11
N ALA B 98 1.06 21.40 -14.06
CA ALA B 98 -0.31 20.85 -13.99
C ALA B 98 -1.33 21.98 -14.05
N GLU B 99 -1.05 23.10 -13.39
CA GLU B 99 -1.95 24.26 -13.42
C GLU B 99 -2.10 24.79 -14.83
N ALA B 100 -0.98 24.89 -15.52
CA ALA B 100 -0.94 25.36 -16.90
C ALA B 100 -1.65 24.42 -17.90
N ARG B 101 -1.62 23.13 -17.56
CA ARG B 101 -2.35 22.10 -18.30
C ARG B 101 -3.82 22.02 -17.95
N GLY B 102 -4.19 22.58 -16.82
CA GLY B 102 -5.58 22.48 -16.33
C GLY B 102 -5.93 21.16 -15.70
N CYS B 103 -4.97 20.24 -15.60
CA CYS B 103 -5.14 18.97 -14.90
C CYS B 103 -4.66 19.02 -13.43
N PRO B 104 -5.12 18.04 -12.62
CA PRO B 104 -4.54 17.91 -11.29
C PRO B 104 -3.15 17.27 -11.35
N VAL B 105 -2.38 17.49 -10.29
CA VAL B 105 -0.95 17.22 -10.33
C VAL B 105 -0.59 15.74 -10.46
N GLU B 106 -1.47 14.89 -9.97
CA GLU B 106 -1.28 13.44 -10.00
C GLU B 106 -1.16 12.93 -11.43
N ASP B 107 -1.81 13.62 -12.36
CA ASP B 107 -1.90 13.15 -13.75
C ASP B 107 -0.54 13.16 -14.43
N LEU B 108 0.28 14.12 -14.06
CA LEU B 108 1.60 14.27 -14.67
C LEU B 108 2.48 13.03 -14.43
N ALA B 109 1.88 12.01 -13.82
CA ALA B 109 2.64 10.96 -13.17
C ALA B 109 3.69 10.38 -14.10
N ASP B 110 3.25 9.89 -15.25
CA ASP B 110 4.17 9.19 -16.17
C ASP B 110 4.23 9.83 -17.53
N SER B 111 3.77 11.07 -17.62
CA SER B 111 3.75 11.81 -18.89
C SER B 111 4.91 12.79 -19.03
N VAL B 112 5.42 13.26 -17.91
CA VAL B 112 6.56 14.15 -17.86
C VAL B 112 7.69 13.61 -16.99
N THR B 113 8.92 13.80 -17.44
CA THR B 113 10.09 13.49 -16.64
C THR B 113 10.52 14.76 -15.97
N VAL B 114 10.45 14.76 -14.65
CA VAL B 114 10.96 15.86 -13.84
C VAL B 114 12.27 15.40 -13.19
N ALA B 115 13.35 15.99 -13.63
CA ALA B 115 14.66 15.73 -13.07
C ALA B 115 15.26 17.03 -12.52
N VAL B 116 15.30 17.12 -11.21
CA VAL B 116 15.93 18.25 -10.52
C VAL B 116 17.24 17.76 -9.90
N SER B 117 18.35 18.38 -10.28
CA SER B 117 19.65 18.16 -9.66
C SER B 117 19.98 19.31 -8.69
N GLY B 118 20.19 18.98 -7.43
CA GLY B 118 20.43 20.01 -6.41
C GLY B 118 21.85 20.50 -6.40
N GLY B 119 22.04 21.70 -5.90
CA GLY B 119 23.37 22.24 -5.74
C GLY B 119 23.82 23.03 -6.95
N SER B 120 23.87 24.36 -6.80
CA SER B 120 24.19 25.27 -7.89
C SER B 120 25.27 26.23 -7.51
N PRO B 121 26.45 25.70 -7.24
CA PRO B 121 27.54 26.58 -6.77
C PRO B 121 28.10 27.48 -7.85
N GLY B 122 28.65 28.60 -7.41
CA GLY B 122 29.51 29.45 -8.23
C GLY B 122 28.71 30.16 -9.36
N VAL B 123 29.07 29.83 -10.60
CA VAL B 123 28.55 30.52 -11.79
C VAL B 123 27.26 29.91 -12.28
N ILE B 124 26.78 28.85 -11.61
CA ILE B 124 25.59 28.13 -12.09
C ILE B 124 24.34 28.85 -11.62
N SER B 125 23.50 29.25 -12.58
CA SER B 125 22.28 29.97 -12.27
C SER B 125 21.17 28.97 -12.22
N PRO B 126 20.46 28.87 -11.09
CA PRO B 126 19.33 27.96 -11.05
C PRO B 126 18.31 28.25 -12.12
N HIS B 127 17.73 27.19 -12.66
CA HIS B 127 16.86 27.26 -13.83
C HIS B 127 16.14 25.95 -14.05
N VAL B 128 15.25 25.96 -15.02
CA VAL B 128 14.62 24.74 -15.54
C VAL B 128 14.62 24.80 -17.07
N THR B 129 15.08 23.73 -17.67
CA THR B 129 15.05 23.54 -19.10
C THR B 129 13.76 22.79 -19.37
N VAL B 130 12.87 23.41 -20.15
CA VAL B 130 11.58 22.82 -20.53
C VAL B 130 11.72 22.15 -21.90
N VAL B 131 11.46 20.86 -21.95
CA VAL B 131 11.62 20.07 -23.16
C VAL B 131 10.24 19.70 -23.67
N THR B 132 9.95 20.16 -24.88
CA THR B 132 8.69 19.77 -25.57
C THR B 132 8.97 18.85 -26.75
N GLN B 133 8.03 18.01 -27.05
CA GLN B 133 8.04 17.25 -28.28
C GLN B 133 6.64 16.97 -28.84
N GLU B 134 6.44 17.33 -30.09
CA GLU B 134 5.19 17.00 -30.78
C GLU B 134 5.56 16.26 -32.06
N TRP B 135 4.62 15.51 -32.56
CA TRP B 135 4.85 14.75 -33.80
C TRP B 135 4.01 15.32 -34.94
N VAL B 136 4.62 15.43 -36.10
CA VAL B 136 4.02 16.13 -37.25
C VAL B 136 3.97 15.20 -38.45
N ALA B 137 2.97 15.37 -39.31
CA ALA B 137 2.76 14.51 -40.51
C ALA B 137 3.82 14.72 -41.61
N ASP B 138 4.32 15.94 -41.73
CA ASP B 138 5.21 16.37 -42.77
C ASP B 138 6.54 16.89 -42.20
N LEU B 139 7.62 16.41 -42.79
CA LEU B 139 8.94 16.90 -42.52
C LEU B 139 9.27 18.24 -43.17
N PRO B 140 9.56 19.29 -42.37
CA PRO B 140 10.06 20.51 -43.03
C PRO B 140 11.31 20.24 -43.84
N ALA B 141 11.44 20.93 -44.95
CA ALA B 141 12.57 20.77 -45.85
C ALA B 141 13.61 21.79 -45.45
N GLY B 142 14.85 21.53 -45.87
CA GLY B 142 15.98 22.43 -45.63
C GLY B 142 16.81 22.12 -44.39
N LEU B 143 16.37 21.14 -43.60
CA LEU B 143 17.01 20.81 -42.32
C LEU B 143 18.21 19.94 -42.55
N PRO B 144 19.41 20.47 -42.27
CA PRO B 144 20.63 19.72 -42.58
C PRO B 144 20.91 18.56 -41.63
N GLY B 145 21.38 17.45 -42.20
CA GLY B 145 21.76 16.26 -41.45
C GLY B 145 20.69 15.75 -40.51
N VAL B 146 21.15 15.27 -39.37
CA VAL B 146 20.27 14.73 -38.31
C VAL B 146 19.85 15.76 -37.27
N GLY B 147 18.81 15.42 -36.55
CA GLY B 147 18.15 16.38 -35.62
C GLY B 147 17.73 15.73 -34.31
N LEU B 148 17.52 16.59 -33.31
CA LEU B 148 17.21 16.14 -31.95
C LEU B 148 15.89 15.41 -31.90
N VAL B 149 15.90 14.30 -31.19
CA VAL B 149 14.69 13.57 -30.85
C VAL B 149 14.77 13.06 -29.38
N VAL B 150 13.61 13.04 -28.72
CA VAL B 150 13.50 12.70 -27.32
C VAL B 150 12.74 11.40 -27.18
N GLY B 151 13.26 10.50 -26.38
CA GLY B 151 12.55 9.27 -26.02
C GLY B 151 12.43 9.13 -24.53
N ARG B 152 11.36 8.50 -24.10
CA ARG B 152 11.13 8.23 -22.69
C ARG B 152 10.78 6.77 -22.46
N GLY B 153 11.11 6.29 -21.27
CA GLY B 153 10.90 4.90 -20.91
C GLY B 153 10.66 4.70 -19.43
N HIS B 154 10.04 3.59 -19.10
CA HIS B 154 9.72 3.26 -17.72
C HIS B 154 10.13 1.83 -17.41
N THR B 155 10.72 1.66 -16.25
CA THR B 155 11.18 0.40 -15.76
C THR B 155 9.96 -0.35 -15.14
N GLU B 156 10.00 -1.69 -15.19
CA GLU B 156 9.18 -2.49 -14.26
C GLU B 156 9.55 -2.03 -12.85
N PRO B 157 8.64 -2.18 -11.88
CA PRO B 157 9.04 -1.84 -10.51
C PRO B 157 10.39 -2.49 -10.13
N ILE B 158 11.29 -1.69 -9.58
CA ILE B 158 12.60 -2.15 -9.08
C ILE B 158 12.47 -2.39 -7.58
N LEU B 159 12.50 -3.65 -7.21
CA LEU B 159 12.32 -4.04 -5.81
C LEU B 159 13.63 -3.80 -5.05
N PRO B 160 13.56 -3.51 -3.74
CA PRO B 160 14.79 -3.34 -2.94
C PRO B 160 15.82 -4.45 -3.08
N GLU B 161 15.38 -5.71 -3.06
CA GLU B 161 16.22 -6.87 -3.47
C GLU B 161 16.92 -6.74 -4.81
N ASP B 162 16.49 -5.83 -5.68
CA ASP B 162 17.07 -5.63 -7.02
C ASP B 162 18.15 -4.59 -7.05
N ILE B 163 18.07 -3.65 -6.13
CA ILE B 163 18.97 -2.48 -6.14
C ILE B 163 20.42 -2.91 -6.11
N GLY B 164 21.19 -2.31 -7.01
CA GLY B 164 22.61 -2.63 -7.17
C GLY B 164 22.90 -4.00 -7.74
N ARG B 165 21.87 -4.72 -8.15
CA ARG B 165 22.03 -6.10 -8.63
C ARG B 165 21.55 -6.23 -10.08
N THR B 166 21.79 -7.39 -10.66
CA THR B 166 21.56 -7.61 -12.09
C THR B 166 20.10 -7.40 -12.51
N ALA B 167 19.16 -7.63 -11.63
CA ALA B 167 17.76 -7.36 -11.89
C ALA B 167 17.53 -5.88 -12.27
N GLN B 168 18.14 -5.00 -11.51
CA GLN B 168 18.09 -3.57 -11.82
C GLN B 168 18.72 -3.27 -13.17
N VAL B 169 19.90 -3.84 -13.39
CA VAL B 169 20.63 -3.71 -14.66
C VAL B 169 19.72 -4.06 -15.86
N ASP B 170 18.95 -5.14 -15.68
CA ASP B 170 18.10 -5.65 -16.73
C ASP B 170 16.87 -4.76 -16.97
N LYS B 171 16.22 -4.40 -15.87
CA LYS B 171 15.01 -3.60 -15.95
C LYS B 171 15.31 -2.24 -16.57
N VAL B 172 16.45 -1.67 -16.20
CA VAL B 172 16.88 -0.38 -16.76
C VAL B 172 17.15 -0.56 -18.23
N ALA B 173 17.88 -1.60 -18.61
CA ALA B 173 18.19 -1.87 -20.00
C ALA B 173 16.93 -1.95 -20.88
N ASP B 174 15.92 -2.64 -20.34
CA ASP B 174 14.64 -2.74 -21.02
C ASP B 174 14.01 -1.35 -21.23
N ALA B 175 14.08 -0.54 -20.20
CA ALA B 175 13.52 0.80 -20.24
C ALA B 175 14.27 1.67 -21.26
N VAL B 176 15.58 1.49 -21.37
CA VAL B 176 16.38 2.27 -22.29
C VAL B 176 16.07 1.87 -23.72
N ALA B 177 15.98 0.57 -23.97
CA ALA B 177 15.56 0.05 -25.28
C ALA B 177 14.17 0.62 -25.67
N ALA B 178 13.27 0.62 -24.72
CA ALA B 178 11.93 1.18 -24.87
C ALA B 178 11.99 2.63 -25.21
N ALA B 179 12.90 3.38 -24.60
CA ALA B 179 13.09 4.80 -24.87
C ALA B 179 13.66 5.04 -26.26
N MET B 180 14.60 4.19 -26.67
CA MET B 180 15.16 4.25 -28.02
C MET B 180 14.06 4.08 -29.07
N LEU B 181 13.15 3.15 -28.78
CA LEU B 181 12.03 2.85 -29.66
C LEU B 181 11.06 4.00 -29.68
N ASP B 182 10.73 4.56 -28.53
CA ASP B 182 9.87 5.73 -28.40
C ASP B 182 10.40 6.90 -29.20
N ALA B 183 11.71 7.06 -29.25
CA ALA B 183 12.32 8.14 -30.03
C ALA B 183 12.48 7.83 -31.52
N GLY B 184 12.28 6.57 -31.91
CA GLY B 184 12.42 6.13 -33.31
C GLY B 184 13.88 6.03 -33.71
N VAL B 185 14.70 5.60 -32.76
CA VAL B 185 16.14 5.50 -32.96
C VAL B 185 16.54 4.04 -32.79
N THR B 186 17.39 3.57 -33.70
CA THR B 186 17.92 2.17 -33.64
C THR B 186 19.43 2.11 -33.59
N ASP B 187 20.10 3.16 -34.05
CA ASP B 187 21.55 3.23 -33.97
C ASP B 187 22.00 3.87 -32.63
N PRO B 188 22.64 3.08 -31.74
CA PRO B 188 23.06 3.65 -30.44
C PRO B 188 24.14 4.73 -30.52
N ASP B 189 24.87 4.79 -31.62
CA ASP B 189 25.82 5.91 -31.83
C ASP B 189 25.14 7.27 -32.06
N ASP B 190 23.82 7.27 -32.23
CA ASP B 190 23.03 8.51 -32.31
C ASP B 190 22.37 8.90 -30.97
N VAL B 191 22.53 8.06 -29.95
CA VAL B 191 22.12 8.37 -28.59
C VAL B 191 23.25 9.12 -27.88
N HIS B 192 22.93 10.33 -27.38
CA HIS B 192 23.96 11.24 -26.84
C HIS B 192 23.82 11.57 -25.35
N LEU B 193 22.66 11.25 -24.77
CA LEU B 193 22.43 11.44 -23.35
C LEU B 193 21.33 10.54 -22.87
N VAL B 194 21.58 9.83 -21.77
CA VAL B 194 20.60 8.96 -21.17
C VAL B 194 20.56 9.23 -19.68
N MET B 195 19.47 9.84 -19.23
CA MET B 195 19.26 10.13 -17.83
C MET B 195 18.40 9.06 -17.23
N VAL B 196 18.90 8.44 -16.18
CA VAL B 196 18.11 7.45 -15.46
C VAL B 196 17.84 7.95 -14.06
N LYS B 197 16.59 7.91 -13.64
CA LYS B 197 16.20 8.11 -12.24
C LYS B 197 15.76 6.79 -11.65
N GLY B 198 16.49 6.32 -10.67
CA GLY B 198 16.19 5.06 -9.98
C GLY B 198 15.72 5.29 -8.55
N PRO B 199 15.29 4.23 -7.86
CA PRO B 199 15.14 4.33 -6.43
C PRO B 199 16.43 4.04 -5.65
N ALA B 200 16.44 4.47 -4.41
CA ALA B 200 17.53 4.17 -3.47
C ALA B 200 16.96 3.33 -2.34
N LEU B 201 17.87 2.76 -1.54
CA LEU B 201 17.46 1.99 -0.36
C LEU B 201 17.11 2.86 0.85
N SER B 202 15.85 2.76 1.27
CA SER B 202 15.37 3.34 2.51
C SER B 202 15.16 2.25 3.59
N SER B 203 15.08 2.67 4.84
CA SER B 203 14.82 1.76 5.94
C SER B 203 13.50 1.06 5.75
N ARG B 204 12.49 1.76 5.24
CA ARG B 204 11.18 1.16 4.92
C ARG B 204 11.32 0.13 3.81
N ALA B 205 12.18 0.41 2.85
CA ALA B 205 12.49 -0.51 1.75
C ALA B 205 13.11 -1.80 2.27
N VAL B 206 14.17 -1.67 3.06
CA VAL B 206 14.83 -2.84 3.64
C VAL B 206 13.85 -3.65 4.52
N ALA B 207 13.02 -2.96 5.30
CA ALA B 207 11.98 -3.60 6.08
C ALA B 207 11.04 -4.44 5.21
N ASP B 208 10.66 -3.88 4.08
CA ASP B 208 9.86 -4.57 3.06
C ASP B 208 10.55 -5.85 2.54
N ALA B 209 11.82 -5.70 2.18
CA ALA B 209 12.62 -6.82 1.69
C ALA B 209 12.64 -7.95 2.72
N LEU B 210 12.89 -7.59 3.96
CA LEU B 210 12.94 -8.56 5.05
C LEU B 210 11.59 -9.23 5.22
N SER B 211 10.55 -8.44 5.19
CA SER B 211 9.16 -8.89 5.35
C SER B 211 8.73 -9.87 4.25
N ARG B 212 9.49 -9.92 3.14
CA ARG B 212 9.32 -10.91 2.09
C ARG B 212 10.47 -11.92 1.98
N GLY B 213 11.33 -11.93 2.98
CA GLY B 213 12.37 -12.97 3.10
C GLY B 213 13.54 -12.77 2.13
N LYS B 214 13.67 -11.58 1.56
CA LYS B 214 14.75 -11.24 0.64
C LYS B 214 15.84 -10.47 1.35
N THR B 215 17.00 -10.42 0.72
CA THR B 215 18.12 -9.62 1.20
C THR B 215 18.28 -8.36 0.31
N VAL B 216 19.10 -7.42 0.79
CA VAL B 216 19.54 -6.23 0.02
C VAL B 216 21.08 -6.20 -0.05
N VAL B 217 21.62 -5.45 -1.01
CA VAL B 217 23.11 -5.29 -1.11
C VAL B 217 23.75 -4.64 0.15
N THR B 218 23.08 -3.66 0.77
CA THR B 218 23.60 -3.00 1.99
C THR B 218 23.28 -3.83 3.23
N SER B 228 24.24 2.58 -0.84
CA SER B 228 22.90 2.37 -1.36
C SER B 228 22.70 3.08 -2.69
N MET B 229 22.71 4.41 -2.60
CA MET B 229 22.54 5.26 -3.80
C MET B 229 23.62 4.97 -4.82
N CYS B 230 24.84 4.75 -4.33
CA CYS B 230 25.99 4.43 -5.17
C CYS B 230 25.78 3.16 -5.97
N TRP B 231 25.15 2.17 -5.33
CA TRP B 231 24.82 0.91 -6.00
C TRP B 231 23.80 1.09 -7.12
N SER B 232 22.66 1.70 -6.78
CA SER B 232 21.56 1.95 -7.72
C SER B 232 22.09 2.69 -8.97
N ASN B 233 22.93 3.67 -8.74
CA ASN B 233 23.53 4.45 -9.80
C ASN B 233 24.41 3.60 -10.71
N ASP B 234 25.23 2.75 -10.12
CA ASP B 234 26.15 1.91 -10.90
C ASP B 234 25.39 0.90 -11.74
N ALA B 235 24.41 0.24 -11.12
CA ALA B 235 23.57 -0.72 -11.81
C ALA B 235 22.82 -0.07 -12.98
N SER B 236 22.28 1.11 -12.72
CA SER B 236 21.56 1.89 -13.73
C SER B 236 22.48 2.22 -14.90
N ALA B 237 23.66 2.68 -14.59
CA ALA B 237 24.65 3.04 -15.64
C ALA B 237 24.99 1.82 -16.52
N LEU B 238 25.10 0.67 -15.86
CA LEU B 238 25.38 -0.58 -16.54
C LEU B 238 24.26 -0.99 -17.45
N GLY B 239 23.03 -0.81 -16.98
CA GLY B 239 21.81 -1.00 -17.78
C GLY B 239 21.86 -0.23 -19.09
N VAL B 240 22.26 1.03 -19.00
CA VAL B 240 22.40 1.88 -20.19
C VAL B 240 23.44 1.27 -21.12
N ALA B 241 24.57 0.87 -20.53
CA ALA B 241 25.68 0.32 -21.30
C ALA B 241 25.24 -0.92 -22.08
N VAL B 242 24.42 -1.75 -21.43
CA VAL B 242 23.95 -2.98 -22.02
C VAL B 242 23.03 -2.66 -23.20
N ALA B 243 22.03 -1.80 -22.93
CA ALA B 243 21.00 -1.50 -23.93
C ALA B 243 21.57 -0.80 -25.16
N LEU B 244 22.64 -0.03 -24.99
CA LEU B 244 23.35 0.62 -26.12
C LEU B 244 24.48 -0.22 -26.74
N GLY B 245 24.56 -1.49 -26.36
CA GLY B 245 25.63 -2.40 -26.85
C GLY B 245 27.07 -2.06 -26.45
N GLU B 246 27.26 -1.10 -25.56
CA GLU B 246 28.59 -0.69 -25.09
C GLU B 246 29.25 -1.79 -24.24
N VAL B 247 28.42 -2.60 -23.60
CA VAL B 247 28.86 -3.75 -22.81
C VAL B 247 27.98 -4.95 -23.10
N LYS B 248 28.63 -6.10 -23.32
CA LYS B 248 27.94 -7.37 -23.60
C LYS B 248 27.25 -7.86 -22.33
N ARG B 249 25.99 -8.29 -22.44
CA ARG B 249 25.20 -8.77 -21.28
C ARG B 249 25.86 -9.93 -20.52
N ASP B 250 26.53 -10.80 -21.25
CA ASP B 250 27.30 -11.91 -20.63
C ASP B 250 28.31 -11.48 -19.56
N LEU B 251 28.86 -10.28 -19.70
CA LEU B 251 29.90 -9.80 -18.81
C LEU B 251 29.35 -9.20 -17.51
N VAL B 252 28.04 -9.32 -17.28
CA VAL B 252 27.40 -8.69 -16.11
C VAL B 252 27.11 -9.72 -15.03
N ALA B 253 27.42 -9.37 -13.79
CA ALA B 253 27.15 -10.24 -12.65
C ALA B 253 27.16 -9.36 -11.39
N ASP B 254 26.41 -9.76 -10.37
CA ASP B 254 26.32 -8.98 -9.12
C ASP B 254 27.70 -8.71 -8.49
N ASP B 255 28.63 -9.66 -8.65
CA ASP B 255 30.02 -9.55 -8.17
C ASP B 255 30.93 -8.61 -8.98
N ARG B 256 30.51 -8.18 -10.17
CA ARG B 256 31.33 -7.31 -11.03
C ARG B 256 30.68 -5.91 -11.29
N ILE B 257 29.41 -5.72 -10.88
CA ILE B 257 28.69 -4.41 -11.00
C ILE B 257 29.46 -3.20 -10.45
N ARG B 258 29.74 -3.23 -9.16
CA ARG B 258 30.54 -2.21 -8.52
C ARG B 258 31.98 -2.71 -8.61
N ASP B 262 36.19 -1.08 -15.74
CA ASP B 262 36.18 -1.33 -17.20
C ASP B 262 34.83 -1.19 -17.91
N LEU B 263 33.77 -1.68 -17.30
CA LEU B 263 32.44 -1.68 -17.89
C LEU B 263 31.70 -0.36 -17.59
N PHE B 264 31.51 0.48 -18.62
CA PHE B 264 31.11 1.91 -18.51
C PHE B 264 30.12 2.22 -19.63
N SER B 265 29.34 3.31 -19.48
CA SER B 265 28.65 4.00 -20.58
C SER B 265 29.17 5.44 -20.71
N ALA B 266 29.50 5.86 -21.93
CA ALA B 266 30.02 7.24 -22.19
C ALA B 266 28.95 8.35 -22.09
N VAL B 267 27.67 7.95 -22.03
CA VAL B 267 26.55 8.88 -22.15
C VAL B 267 25.49 8.77 -21.03
N ALA B 268 25.73 7.90 -20.05
CA ALA B 268 24.79 7.69 -18.93
C ALA B 268 24.93 8.80 -17.89
N ALA B 269 23.79 9.23 -17.36
CA ALA B 269 23.71 10.24 -16.30
C ALA B 269 22.66 9.71 -15.33
N THR B 270 23.14 8.98 -14.33
CA THR B 270 22.28 8.25 -13.42
C THR B 270 22.14 8.93 -12.06
N SER B 271 20.98 8.81 -11.46
CA SER B 271 20.75 9.34 -10.13
C SER B 271 19.69 8.47 -9.47
N SER B 272 19.68 8.50 -8.15
CA SER B 272 18.73 7.70 -7.39
C SER B 272 18.32 8.40 -6.09
N GLY B 273 17.16 8.02 -5.58
CA GLY B 273 16.55 8.65 -4.42
C GLY B 273 15.08 8.32 -4.27
N GLY B 274 14.53 8.60 -3.10
CA GLY B 274 13.12 8.31 -2.79
C GLY B 274 12.80 6.83 -2.67
N GLU B 275 11.51 6.55 -2.50
CA GLU B 275 11.00 5.19 -2.36
C GLU B 275 10.35 4.67 -3.65
N LYS B 276 10.10 5.53 -4.63
CA LYS B 276 9.40 5.15 -5.90
C LYS B 276 10.08 4.01 -6.67
N ARG B 277 9.44 2.84 -6.72
CA ARG B 277 10.08 1.67 -7.33
C ARG B 277 10.19 1.74 -8.84
N GLY B 278 9.38 2.60 -9.44
CA GLY B 278 9.42 2.82 -10.89
C GLY B 278 10.58 3.70 -11.31
N GLY B 279 11.55 3.11 -11.97
CA GLY B 279 12.65 3.85 -12.57
C GLY B 279 12.19 4.53 -13.84
N GLU B 280 12.93 5.55 -14.24
CA GLU B 280 12.54 6.35 -15.40
C GLU B 280 13.73 6.67 -16.27
N VAL B 281 13.55 6.55 -17.59
CA VAL B 281 14.60 6.91 -18.54
C VAL B 281 14.14 8.09 -19.39
N LEU B 282 15.06 9.03 -19.56
CA LEU B 282 14.92 10.15 -20.48
C LEU B 282 16.12 10.11 -21.41
N LEU B 283 15.85 9.98 -22.69
CA LEU B 283 16.88 9.76 -23.70
C LEU B 283 16.85 10.88 -24.74
N LEU B 284 18.02 11.42 -25.04
CA LEU B 284 18.19 12.45 -26.04
C LEU B 284 19.14 11.95 -27.12
N ALA B 285 18.63 11.93 -28.33
CA ALA B 285 19.35 11.37 -29.48
C ALA B 285 19.12 12.24 -30.71
N ASN B 286 19.70 11.79 -31.82
CA ASN B 286 19.42 12.36 -33.13
C ASN B 286 18.83 11.31 -34.07
N SER B 287 18.12 11.82 -35.08
CA SER B 287 17.65 10.97 -36.18
C SER B 287 17.46 11.78 -37.43
N ALA B 288 17.57 11.10 -38.57
CA ALA B 288 17.35 11.71 -39.89
C ALA B 288 15.89 12.14 -40.09
N GLN B 289 14.97 11.45 -39.42
CA GLN B 289 13.53 11.77 -39.45
C GLN B 289 13.09 12.93 -38.52
N SER B 290 14.03 13.73 -38.02
CA SER B 290 13.70 14.73 -37.01
C SER B 290 13.35 16.06 -37.65
N ALA B 291 12.22 16.60 -37.24
CA ALA B 291 11.80 17.95 -37.63
C ALA B 291 12.31 19.08 -36.71
N SER B 292 13.12 18.70 -35.73
CA SER B 292 13.65 19.65 -34.76
C SER B 292 14.64 20.62 -35.33
N GLU B 293 14.61 21.84 -34.80
CA GLU B 293 15.61 22.86 -35.09
C GLU B 293 16.80 22.82 -34.14
N LEU B 294 17.04 21.66 -33.56
CA LEU B 294 18.17 21.42 -32.68
C LEU B 294 18.87 20.14 -33.02
N ARG B 295 20.13 20.09 -32.64
CA ARG B 295 20.90 18.84 -32.69
C ARG B 295 21.71 18.66 -31.39
N ILE B 296 21.85 17.41 -30.96
CA ILE B 296 22.66 17.08 -29.78
C ILE B 296 23.99 16.42 -30.14
N GLY B 297 25.01 16.72 -29.37
CA GLY B 297 26.30 16.00 -29.41
C GLY B 297 26.80 15.69 -28.00
N HIS B 298 27.89 14.93 -27.92
CA HIS B 298 28.47 14.57 -26.64
C HIS B 298 29.98 14.52 -26.71
N GLY B 299 30.56 14.57 -25.53
CA GLY B 299 32.02 14.51 -25.37
C GLY B 299 32.34 13.91 -24.01
N ILE B 300 33.62 13.70 -23.80
CA ILE B 300 34.11 13.15 -22.54
C ILE B 300 35.14 14.12 -21.97
N THR B 301 34.92 14.53 -20.75
CA THR B 301 35.89 15.41 -20.09
C THR B 301 36.99 14.47 -19.52
N ARG B 302 38.21 14.74 -19.93
CA ARG B 302 39.35 13.82 -19.72
C ARG B 302 39.88 13.82 -18.30
N ASP B 303 40.05 15.01 -17.75
CA ASP B 303 40.32 15.18 -16.32
C ASP B 303 39.58 16.42 -15.76
N MET B 304 39.77 16.70 -14.48
CA MET B 304 39.02 17.75 -13.77
C MET B 304 39.25 19.17 -14.30
N ALA B 305 40.35 19.38 -15.01
CA ALA B 305 40.67 20.69 -15.57
C ALA B 305 40.42 20.80 -17.08
N ASP B 306 39.86 19.77 -17.68
CA ASP B 306 39.73 19.67 -19.14
C ASP B 306 38.47 20.34 -19.69
N THR B 307 38.68 21.23 -20.65
CA THR B 307 37.59 21.78 -21.46
C THR B 307 37.27 21.05 -22.79
N GLU B 308 38.14 20.17 -23.26
CA GLU B 308 38.00 19.54 -24.58
C GLU B 308 36.75 18.70 -24.72
N GLY B 309 36.31 18.04 -23.67
CA GLY B 309 35.08 17.25 -23.73
C GLY B 309 33.87 18.13 -24.00
N ILE B 310 33.85 19.28 -23.33
CA ILE B 310 32.75 20.25 -23.51
C ILE B 310 32.75 20.74 -24.95
N LYS B 311 33.94 21.13 -25.40
CA LYS B 311 34.15 21.61 -26.77
C LYS B 311 33.71 20.55 -27.79
N THR B 312 34.07 19.32 -27.57
CA THR B 312 33.70 18.22 -28.45
C THR B 312 32.20 18.07 -28.51
N ALA B 313 31.54 18.18 -27.35
CA ALA B 313 30.08 18.11 -27.30
C ALA B 313 29.45 19.21 -28.21
N ILE B 314 29.99 20.41 -28.06
CA ILE B 314 29.49 21.56 -28.77
C ILE B 314 29.70 21.37 -30.29
N ARG B 315 30.91 20.99 -30.64
CA ARG B 315 31.36 20.86 -32.02
C ARG B 315 30.59 19.75 -32.75
N THR B 316 30.58 18.57 -32.17
CA THR B 316 29.84 17.44 -32.74
C THR B 316 28.36 17.68 -32.80
N ALA B 317 27.84 18.61 -31.99
CA ALA B 317 26.43 19.00 -32.08
C ALA B 317 26.13 19.87 -33.29
N GLY B 318 27.15 20.50 -33.84
CA GLY B 318 27.03 21.23 -35.11
C GLY B 318 27.69 22.60 -35.19
N VAL B 319 28.41 23.02 -34.16
CA VAL B 319 29.11 24.32 -34.19
C VAL B 319 30.56 24.11 -34.62
N ASP B 320 30.98 24.90 -35.61
CA ASP B 320 32.29 24.76 -36.24
C ASP B 320 33.19 25.83 -35.69
N PHE B 321 34.14 25.43 -34.86
CA PHE B 321 35.12 26.35 -34.27
C PHE B 321 36.37 25.59 -33.88
N ASP B 322 37.47 26.32 -33.67
CA ASP B 322 38.74 25.70 -33.30
C ASP B 322 38.81 25.71 -31.78
N CYS B 323 39.11 26.86 -31.21
CA CYS B 323 39.38 26.93 -29.80
C CYS B 323 38.30 27.64 -29.03
N CYS B 324 38.01 28.88 -29.42
CA CYS B 324 36.99 29.67 -28.75
C CYS B 324 35.75 29.80 -29.60
N LEU B 325 34.65 30.07 -28.94
CA LEU B 325 33.42 30.39 -29.61
C LEU B 325 33.29 31.90 -29.69
N SER B 326 32.71 32.38 -30.77
CA SER B 326 32.31 33.78 -30.88
C SER B 326 31.02 33.97 -30.13
N PRO B 327 30.68 35.21 -29.76
CA PRO B 327 29.38 35.49 -29.16
C PRO B 327 28.18 34.84 -29.86
N ALA B 328 28.20 34.87 -31.19
CA ALA B 328 27.12 34.29 -31.99
C ALA B 328 27.07 32.77 -31.80
N GLN B 329 28.24 32.18 -31.88
CA GLN B 329 28.37 30.72 -31.71
C GLN B 329 27.93 30.30 -30.34
N GLN B 330 28.36 31.06 -29.34
CA GLN B 330 27.93 30.86 -27.94
C GLN B 330 26.40 30.85 -27.85
N ALA B 331 25.78 31.83 -28.48
CA ALA B 331 24.33 31.92 -28.50
C ALA B 331 23.65 30.77 -29.24
N GLN B 332 24.39 30.06 -30.10
CA GLN B 332 23.84 28.88 -30.75
C GLN B 332 23.70 27.71 -29.78
N VAL B 333 24.50 27.71 -28.72
CA VAL B 333 24.41 26.67 -27.68
C VAL B 333 23.20 26.92 -26.80
N VAL B 334 22.25 26.00 -26.84
CA VAL B 334 20.99 26.17 -26.12
C VAL B 334 21.07 25.68 -24.68
N GLN B 335 21.68 24.52 -24.51
CA GLN B 335 21.87 23.92 -23.19
C GLN B 335 23.04 22.93 -23.18
N VAL B 336 23.71 22.86 -22.04
CA VAL B 336 24.76 21.85 -21.79
C VAL B 336 24.36 21.00 -20.59
N PHE B 337 24.48 19.69 -20.75
CA PHE B 337 24.18 18.74 -19.67
C PHE B 337 25.49 18.03 -19.37
N GLY B 338 26.16 18.48 -18.32
CA GLY B 338 27.44 17.89 -17.87
C GLY B 338 27.30 17.24 -16.49
N LYS B 339 27.75 16.00 -16.39
CA LYS B 339 27.81 15.32 -15.09
C LYS B 339 29.26 15.31 -14.54
N PHE B 340 29.48 16.08 -13.49
CA PHE B 340 30.80 16.24 -12.95
C PHE B 340 30.94 15.51 -11.64
N VAL B 341 31.03 14.21 -11.76
CA VAL B 341 31.36 13.37 -10.68
C VAL B 341 32.82 13.52 -10.29
N LEU B 342 33.15 13.15 -9.05
CA LEU B 342 34.52 13.33 -8.55
C LEU B 342 35.46 12.51 -9.40
N PRO B 343 36.68 12.99 -9.58
CA PRO B 343 37.66 12.21 -10.33
C PRO B 343 37.98 10.84 -9.76
N GLY B 344 38.60 10.04 -10.60
CA GLY B 344 39.00 8.67 -10.22
C GLY B 344 40.21 8.66 -9.30
N SER B 345 41.04 9.69 -9.41
CA SER B 345 42.21 9.80 -8.56
C SER B 345 42.46 11.23 -8.11
N ASP B 346 43.40 11.36 -7.19
CA ASP B 346 43.80 12.64 -6.66
C ASP B 346 45.06 13.18 -7.31
N VAL B 347 45.38 12.65 -8.49
CA VAL B 347 46.47 13.17 -9.31
C VAL B 347 45.87 13.88 -10.52
N LEU B 348 46.31 15.12 -10.72
CA LEU B 348 45.88 15.94 -11.86
C LEU B 348 47.09 16.61 -12.53
N ARG B 349 47.28 16.36 -13.84
CA ARG B 349 48.48 16.83 -14.58
C ARG B 349 49.75 16.62 -13.77
N GLY B 350 49.90 15.41 -13.24
CA GLY B 350 51.08 15.05 -12.45
C GLY B 350 51.19 15.61 -11.05
N GLN B 351 50.14 16.26 -10.54
CA GLN B 351 50.19 16.85 -9.19
C GLN B 351 49.06 16.42 -8.33
N HIS B 352 49.31 16.48 -7.02
CA HIS B 352 48.31 16.14 -5.99
C HIS B 352 47.23 17.22 -5.92
N ILE B 353 45.98 16.78 -5.92
CA ILE B 353 44.86 17.66 -5.62
C ILE B 353 44.06 17.17 -4.41
N THR B 354 43.26 18.08 -3.85
CA THR B 354 42.49 17.83 -2.62
C THR B 354 41.06 17.40 -2.87
N ALA B 355 40.72 17.23 -4.15
CA ALA B 355 39.33 17.05 -4.58
C ALA B 355 38.63 15.83 -4.03
N LEU B 356 39.39 14.80 -3.69
CA LEU B 356 38.81 13.61 -3.06
C LEU B 356 38.76 13.69 -1.55
N ASP B 357 39.69 14.41 -0.96
CA ASP B 357 39.75 14.55 0.51
C ASP B 357 38.75 15.55 1.09
N ASP B 358 38.34 16.50 0.27
CA ASP B 358 37.60 17.66 0.69
C ASP B 358 36.22 17.24 1.19
N HIS B 359 35.85 17.73 2.34
CA HIS B 359 34.56 17.46 2.90
C HIS B 359 33.44 18.01 1.99
N GLU B 360 33.77 19.05 1.22
CA GLU B 360 32.85 19.69 0.29
C GLU B 360 33.05 19.26 -1.15
N ALA B 361 33.60 18.08 -1.34
CA ALA B 361 33.94 17.56 -2.66
C ALA B 361 32.80 17.63 -3.69
N HIS B 362 31.64 17.17 -3.27
N HIS B 362 31.62 17.18 -3.28
CA HIS B 362 30.42 17.18 -4.08
CA HIS B 362 30.41 17.22 -4.13
C HIS B 362 30.12 18.60 -4.62
C HIS B 362 30.14 18.61 -4.64
N HIS B 363 30.22 19.60 -3.75
CA HIS B 363 29.92 20.98 -4.11
C HIS B 363 31.03 21.53 -5.03
N VAL B 364 32.26 21.26 -4.65
CA VAL B 364 33.43 21.76 -5.35
C VAL B 364 33.46 21.23 -6.79
N ALA B 365 33.11 20.00 -6.98
CA ALA B 365 33.18 19.39 -8.30
C ALA B 365 32.23 20.10 -9.31
N LYS B 366 31.05 20.36 -8.84
CA LYS B 366 30.05 21.11 -9.62
C LYS B 366 30.53 22.54 -9.79
N ALA B 367 31.18 23.11 -8.80
CA ALA B 367 31.67 24.46 -8.94
C ALA B 367 32.70 24.56 -10.09
N VAL B 368 33.59 23.60 -10.11
CA VAL B 368 34.63 23.54 -11.14
C VAL B 368 33.99 23.28 -12.54
N GLY B 369 33.12 22.30 -12.61
CA GLY B 369 32.46 21.97 -13.85
C GLY B 369 31.68 23.18 -14.42
N GLY B 370 30.97 23.85 -13.55
CA GLY B 370 30.19 25.03 -13.89
C GLY B 370 31.11 26.12 -14.42
N ALA B 371 32.24 26.30 -13.77
CA ALA B 371 33.22 27.31 -14.21
C ALA B 371 33.67 26.99 -15.64
N LEU B 372 33.94 25.72 -15.90
CA LEU B 372 34.43 25.31 -17.21
C LEU B 372 33.38 25.54 -18.29
N VAL B 373 32.19 24.98 -18.08
CA VAL B 373 31.13 25.02 -19.07
C VAL B 373 30.77 26.50 -19.39
N VAL B 374 30.50 27.25 -18.34
CA VAL B 374 30.12 28.63 -18.46
C VAL B 374 31.23 29.48 -19.06
N SER B 375 32.48 29.17 -18.77
CA SER B 375 33.60 29.93 -19.38
C SER B 375 33.61 29.80 -20.90
N ILE B 376 33.10 28.67 -21.41
CA ILE B 376 33.06 28.43 -22.84
C ILE B 376 31.79 29.02 -23.46
N THR B 377 30.62 28.79 -22.86
CA THR B 377 29.34 29.15 -23.45
C THR B 377 28.83 30.53 -23.02
N GLY B 378 29.42 31.11 -21.97
CA GLY B 378 28.92 32.36 -21.38
C GLY B 378 27.50 32.31 -20.80
N GLN B 379 26.96 31.12 -20.57
CA GLN B 379 25.56 30.97 -20.12
C GLN B 379 25.43 30.30 -18.73
N PRO B 380 25.22 31.10 -17.68
CA PRO B 380 25.12 30.56 -16.32
C PRO B 380 24.03 29.53 -16.12
N MET B 381 22.96 29.59 -16.87
CA MET B 381 21.89 28.57 -16.80
C MET B 381 22.24 27.24 -17.48
N SER B 382 23.29 26.59 -16.99
CA SER B 382 23.77 25.30 -17.53
C SER B 382 23.53 24.18 -16.54
N PHE B 383 23.18 23.02 -17.06
CA PHE B 383 22.82 21.87 -16.22
C PHE B 383 24.09 21.12 -15.80
N ILE B 384 24.61 21.48 -14.63
CA ILE B 384 25.83 20.91 -14.09
C ILE B 384 25.43 20.02 -12.92
N SER B 385 25.49 18.71 -13.14
CA SER B 385 25.19 17.76 -12.09
C SER B 385 26.45 17.12 -11.56
N GLY B 386 26.29 16.28 -10.55
CA GLY B 386 27.37 15.40 -10.00
C GLY B 386 27.37 15.55 -8.47
N GLY B 387 28.42 15.88 -7.71
CA GLY B 387 29.65 15.19 -7.68
C GLY B 387 29.55 13.91 -6.77
N GLU B 388 28.76 12.92 -7.18
CA GLU B 388 28.76 11.61 -6.61
C GLU B 388 30.13 11.02 -6.97
N ARG B 389 30.18 9.70 -7.12
CA ARG B 389 31.45 8.96 -7.21
C ARG B 389 31.61 8.06 -8.43
N ASN B 390 32.48 8.48 -9.36
CA ASN B 390 33.67 7.66 -9.72
C ASN B 390 34.20 6.92 -8.50
N PRO B 395 34.79 5.62 -18.68
CA PRO B 395 36.12 6.01 -19.14
C PRO B 395 36.97 6.55 -17.98
N PRO B 396 37.99 5.75 -17.50
CA PRO B 396 38.45 6.13 -16.16
C PRO B 396 39.02 7.55 -16.08
N GLY B 397 38.58 8.31 -15.10
CA GLY B 397 38.95 9.69 -15.00
C GLY B 397 38.01 10.60 -15.76
N GLY B 398 36.97 10.06 -16.39
CA GLY B 398 36.27 10.72 -17.51
C GLY B 398 34.77 10.98 -17.30
N ASN B 399 34.33 12.22 -17.50
CA ASN B 399 32.92 12.59 -17.27
C ASN B 399 32.15 12.92 -18.54
N PRO B 400 30.92 12.46 -18.62
CA PRO B 400 30.09 12.78 -19.78
C PRO B 400 29.60 14.24 -19.82
N VAL B 401 29.55 14.78 -21.02
CA VAL B 401 28.92 16.08 -21.26
C VAL B 401 28.23 16.09 -22.63
N ALA B 402 27.01 16.58 -22.66
CA ALA B 402 26.22 16.65 -23.87
C ALA B 402 25.87 18.10 -24.10
N ALA B 403 25.77 18.47 -25.38
CA ALA B 403 25.41 19.84 -25.77
C ALA B 403 24.30 19.80 -26.79
N VAL B 404 23.32 20.67 -26.60
CA VAL B 404 22.23 20.84 -27.55
C VAL B 404 22.37 22.21 -28.20
N VAL B 405 22.54 22.21 -29.53
CA VAL B 405 22.71 23.45 -30.29
C VAL B 405 21.67 23.58 -31.42
N ARG B 406 21.61 24.78 -31.98
CA ARG B 406 20.66 25.07 -33.04
C ARG B 406 21.07 24.41 -34.35
N ARG B 407 20.06 23.96 -35.07
CA ARG B 407 20.19 23.33 -36.37
C ARG B 407 19.19 24.05 -37.28
N LEU B 408 19.67 25.06 -38.01
CA LEU B 408 18.76 25.89 -38.82
C LEU B 408 18.59 25.41 -40.27
N PRO B 409 17.37 25.56 -40.85
CA PRO B 409 17.17 25.24 -42.27
C PRO B 409 18.04 26.08 -43.22
N ARG C 34 -16.54 33.18 27.59
CA ARG C 34 -15.21 33.56 27.25
C ARG C 34 -14.25 33.20 28.42
N TYR C 35 -14.05 31.89 28.60
CA TYR C 35 -12.83 31.43 29.28
C TYR C 35 -11.95 30.80 28.21
N PRO C 36 -10.64 31.12 28.19
CA PRO C 36 -9.76 30.59 27.11
C PRO C 36 -9.26 29.21 27.41
N LYS C 37 -9.29 28.36 26.40
CA LYS C 37 -8.72 27.05 26.54
C LYS C 37 -7.69 26.78 25.43
N ALA C 38 -6.41 26.87 25.81
CA ALA C 38 -5.30 26.60 24.90
C ALA C 38 -4.83 25.17 25.02
N SER C 39 -4.52 24.55 23.90
CA SER C 39 -3.81 23.24 23.91
C SER C 39 -2.59 23.24 22.95
N MET C 40 -1.71 22.27 23.15
CA MET C 40 -0.57 22.03 22.31
C MET C 40 -0.46 20.57 21.93
N HIS C 41 -0.32 20.32 20.63
CA HIS C 41 -0.15 18.97 20.10
C HIS C 41 1.15 18.91 19.30
N VAL C 42 2.09 18.10 19.77
CA VAL C 42 3.40 18.01 19.15
C VAL C 42 3.39 16.79 18.27
N VAL C 43 3.55 16.99 16.96
CA VAL C 43 3.51 15.90 15.97
C VAL C 43 4.77 15.89 15.11
N PRO C 44 5.29 14.69 14.82
CA PRO C 44 6.53 14.60 14.07
C PRO C 44 6.38 14.89 12.60
N MET C 45 7.50 15.30 12.00
CA MET C 45 7.63 15.46 10.54
C MET C 45 8.92 14.75 10.10
N LEU C 46 8.81 13.80 9.20
CA LEU C 46 9.98 13.11 8.63
C LEU C 46 10.71 13.90 7.54
N ALA C 47 10.12 14.99 7.12
CA ALA C 47 10.66 15.89 6.10
C ALA C 47 9.87 17.17 6.15
N PRO C 48 10.41 18.26 5.58
CA PRO C 48 9.67 19.54 5.62
C PRO C 48 8.25 19.48 5.05
N ASN C 49 8.03 18.60 4.08
CA ASN C 49 6.73 18.41 3.46
C ASN C 49 5.97 17.15 3.92
N ASP C 50 6.44 16.49 4.98
CA ASP C 50 5.69 15.39 5.59
C ASP C 50 4.63 15.95 6.56
N THR C 51 3.41 16.12 6.03
CA THR C 51 2.26 16.56 6.81
C THR C 51 1.30 15.42 7.22
N ALA C 52 1.77 14.19 7.18
CA ALA C 52 0.94 13.00 7.48
C ALA C 52 0.34 13.06 8.90
N ALA C 53 1.23 13.03 9.89
CA ALA C 53 0.78 13.08 11.28
C ALA C 53 -0.02 14.35 11.58
N PHE C 54 0.39 15.44 10.97
CA PHE C 54 -0.28 16.72 11.12
C PHE C 54 -1.73 16.65 10.65
N ARG C 55 -1.92 16.10 9.45
N ARG C 55 -1.92 16.10 9.45
CA ARG C 55 -3.27 15.93 8.89
CA ARG C 55 -3.28 15.93 8.88
C ARG C 55 -4.10 14.94 9.70
C ARG C 55 -4.10 14.93 9.70
N ALA C 56 -3.46 13.85 10.13
CA ALA C 56 -4.11 12.82 10.99
C ALA C 56 -4.63 13.39 12.29
N LEU C 57 -3.97 14.42 12.79
CA LEU C 57 -4.44 15.16 13.96
C LEU C 57 -5.89 15.64 13.81
N PHE C 58 -6.22 16.12 12.62
CA PHE C 58 -7.57 16.68 12.35
C PHE C 58 -8.54 15.62 11.83
N ALA C 59 -8.08 14.84 10.87
CA ALA C 59 -8.85 13.69 10.31
C ALA C 59 -9.38 12.75 11.40
N SER C 60 -8.60 12.57 12.45
CA SER C 60 -9.01 11.73 13.58
C SER C 60 -10.05 12.39 14.51
N GLY C 61 -10.40 13.66 14.28
CA GLY C 61 -11.30 14.42 15.18
C GLY C 61 -10.67 14.91 16.47
N ALA C 62 -9.40 14.57 16.69
CA ALA C 62 -8.68 14.91 17.94
C ALA C 62 -8.55 16.43 18.16
N VAL C 63 -8.40 17.16 17.06
CA VAL C 63 -8.17 18.61 17.10
C VAL C 63 -9.04 19.26 16.04
N ASP C 64 -9.61 20.41 16.38
CA ASP C 64 -10.43 21.18 15.44
C ASP C 64 -9.53 22.14 14.66
N PRO C 65 -9.39 21.94 13.33
CA PRO C 65 -8.48 22.80 12.56
C PRO C 65 -8.80 24.28 12.62
N ALA C 66 -10.08 24.60 12.80
CA ALA C 66 -10.54 25.99 12.88
C ALA C 66 -10.06 26.68 14.17
N SER C 67 -9.70 25.91 15.18
CA SER C 67 -9.22 26.46 16.45
C SER C 67 -7.70 26.61 16.50
N VAL C 68 -7.01 26.19 15.45
CA VAL C 68 -5.54 26.34 15.38
C VAL C 68 -5.20 27.81 15.27
N VAL C 69 -4.38 28.28 16.19
CA VAL C 69 -3.90 29.67 16.18
C VAL C 69 -2.38 29.81 15.94
N ALA C 70 -1.63 28.74 16.14
CA ALA C 70 -0.19 28.79 15.85
C ALA C 70 0.37 27.44 15.43
N LEU C 71 1.28 27.49 14.47
CA LEU C 71 2.13 26.35 14.12
C LEU C 71 3.59 26.76 14.40
N ILE C 72 4.26 26.01 15.26
CA ILE C 72 5.63 26.31 15.67
C ILE C 72 6.46 25.06 15.39
N ALA C 73 7.28 25.13 14.35
CA ALA C 73 7.95 23.94 13.80
C ALA C 73 9.48 24.01 13.75
N LYS C 74 10.09 22.84 13.79
CA LYS C 74 11.50 22.68 13.51
C LYS C 74 11.60 21.87 12.24
N SER C 75 12.36 22.38 11.27
CA SER C 75 12.64 21.66 10.04
C SER C 75 14.11 21.26 9.91
N GLU C 76 14.33 20.21 9.15
CA GLU C 76 15.68 19.81 8.75
C GLU C 76 16.23 20.78 7.75
N GLY C 77 17.51 21.06 7.84
CA GLY C 77 18.16 22.03 6.93
C GLY C 77 19.25 22.83 7.62
N SER C 78 19.64 23.92 7.00
CA SER C 78 20.84 24.63 7.40
C SER C 78 20.55 25.60 8.54
N GLY C 79 19.32 26.07 8.63
CA GLY C 79 18.99 27.14 9.54
C GLY C 79 19.45 28.51 9.09
N LEU C 80 20.11 28.61 7.93
CA LEU C 80 20.68 29.90 7.48
C LEU C 80 19.64 30.72 6.75
N HIS C 81 20.01 31.95 6.40
CA HIS C 81 19.07 32.92 5.81
C HIS C 81 18.47 32.40 4.48
N ASN C 82 19.22 31.57 3.75
CA ASN C 82 18.77 30.98 2.48
C ASN C 82 18.32 29.49 2.58
N ASP C 83 17.81 29.10 3.76
CA ASP C 83 17.28 27.78 3.97
C ASP C 83 15.90 27.61 3.30
N HIS C 84 15.87 27.03 2.12
CA HIS C 84 14.61 26.83 1.40
C HIS C 84 13.77 25.69 1.93
N ALA C 85 14.40 24.73 2.63
CA ALA C 85 13.68 23.67 3.31
C ALA C 85 12.72 24.23 4.34
N ARG C 86 13.19 25.23 5.07
N ARG C 86 13.19 25.23 5.07
CA ARG C 86 12.38 25.96 6.05
CA ARG C 86 12.38 25.96 6.05
C ARG C 86 11.10 26.49 5.39
C ARG C 86 11.09 26.50 5.40
N VAL C 87 11.29 27.21 4.30
CA VAL C 87 10.16 27.75 3.54
C VAL C 87 9.26 26.63 3.06
N PHE C 88 9.88 25.54 2.67
CA PHE C 88 9.16 24.34 2.17
C PHE C 88 8.20 23.84 3.26
N ALA C 89 8.69 23.83 4.50
CA ALA C 89 7.86 23.38 5.63
C ALA C 89 6.72 24.37 5.87
N ASP C 90 7.05 25.64 5.83
CA ASP C 90 6.04 26.70 6.00
C ASP C 90 4.87 26.54 4.98
N VAL C 91 5.23 26.44 3.73
CA VAL C 91 4.25 26.28 2.64
C VAL C 91 3.42 24.99 2.84
N SER C 92 4.12 23.91 3.16
CA SER C 92 3.47 22.60 3.28
C SER C 92 2.44 22.62 4.42
N LEU C 93 2.84 23.22 5.53
CA LEU C 93 2.00 23.24 6.73
C LEU C 93 0.75 24.06 6.47
N ARG C 94 0.94 25.24 5.93
CA ARG C 94 -0.19 26.10 5.51
C ARG C 94 -1.16 25.37 4.58
N THR C 95 -0.59 24.71 3.56
CA THR C 95 -1.42 24.02 2.55
C THR C 95 -2.15 22.87 3.15
N ALA C 96 -1.65 22.27 4.26
CA ALA C 96 -2.31 21.19 4.93
C ALA C 96 -3.39 21.68 5.89
N LEU C 97 -3.13 22.81 6.54
CA LEU C 97 -4.10 23.38 7.47
C LEU C 97 -5.32 24.01 6.77
N ALA C 98 -5.07 24.66 5.66
CA ALA C 98 -6.13 25.22 4.84
C ALA C 98 -7.01 24.11 4.23
N GLU C 99 -6.43 22.97 4.06
CA GLU C 99 -7.17 21.85 3.52
C GLU C 99 -8.18 21.17 4.43
N ALA C 100 -7.70 20.56 5.56
CA ALA C 100 -8.40 20.50 6.87
C ALA C 100 -9.32 21.70 7.43
N ARG C 101 -9.31 22.97 6.84
CA ARG C 101 -10.25 24.09 7.22
C ARG C 101 -11.30 24.39 6.14
N GLY C 102 -11.09 23.77 4.99
CA GLY C 102 -11.93 23.89 3.85
C GLY C 102 -11.85 25.23 3.16
N CYS C 103 -10.97 26.11 3.63
CA CYS C 103 -10.68 27.37 2.94
C CYS C 103 -9.63 27.17 1.85
N PRO C 104 -9.33 28.28 1.07
CA PRO C 104 -8.08 28.24 0.37
C PRO C 104 -6.99 28.86 1.23
N VAL C 105 -5.77 28.67 0.78
CA VAL C 105 -4.56 28.90 1.61
C VAL C 105 -4.32 30.38 1.96
N GLU C 106 -4.77 31.27 1.08
CA GLU C 106 -4.62 32.73 1.22
C GLU C 106 -5.31 33.24 2.48
N ASP C 107 -6.37 32.55 2.92
CA ASP C 107 -7.17 32.99 4.07
C ASP C 107 -6.41 32.92 5.38
N LEU C 108 -5.60 31.89 5.56
CA LEU C 108 -4.89 31.67 6.82
C LEU C 108 -4.18 32.90 7.25
N ALA C 109 -4.72 33.97 6.72
CA ALA C 109 -3.95 35.12 6.43
C ALA C 109 -3.35 35.72 7.67
N ASP C 110 -4.22 36.25 8.53
CA ASP C 110 -3.78 36.76 9.82
C ASP C 110 -4.31 35.93 10.92
N SER C 111 -4.80 34.75 10.58
CA SER C 111 -5.53 33.95 11.56
C SER C 111 -4.61 32.99 12.30
N VAL C 112 -3.53 32.58 11.62
CA VAL C 112 -2.56 31.63 12.18
C VAL C 112 -1.14 32.17 12.12
N THR C 113 -0.39 31.95 13.17
CA THR C 113 1.04 32.27 13.20
C THR C 113 1.79 30.99 12.84
N VAL C 114 2.49 31.04 11.71
CA VAL C 114 3.34 29.95 11.28
C VAL C 114 4.79 30.37 11.47
N ALA C 115 5.45 29.74 12.42
CA ALA C 115 6.84 30.00 12.74
C ALA C 115 7.67 28.72 12.61
N VAL C 116 8.46 28.65 11.53
CA VAL C 116 9.33 27.52 11.25
C VAL C 116 10.76 27.97 11.45
N SER C 117 11.46 27.32 12.36
CA SER C 117 12.88 27.57 12.63
C SER C 117 13.66 26.43 12.00
N GLY C 118 14.55 26.77 11.07
CA GLY C 118 15.32 25.77 10.33
C GLY C 118 16.51 25.26 11.14
N GLY C 119 16.94 24.06 10.80
CA GLY C 119 18.14 23.51 11.40
C GLY C 119 17.86 22.69 12.65
N SER C 120 17.97 21.38 12.49
CA SER C 120 17.59 20.42 13.53
C SER C 120 18.72 19.45 13.80
N PRO C 121 19.87 19.97 14.23
CA PRO C 121 21.02 19.08 14.46
C PRO C 121 20.86 18.16 15.68
N GLY C 122 21.52 17.01 15.59
CA GLY C 122 21.77 16.13 16.70
C GLY C 122 20.52 15.40 17.20
N VAL C 123 20.12 15.71 18.43
CA VAL C 123 19.03 15.05 19.06
C VAL C 123 17.68 15.69 18.80
N ILE C 124 17.65 16.77 18.03
CA ILE C 124 16.39 17.46 17.74
C ILE C 124 15.62 16.76 16.63
N SER C 125 14.40 16.33 16.94
CA SER C 125 13.57 15.65 15.96
C SER C 125 12.65 16.67 15.29
N PRO C 126 12.69 16.80 13.95
CA PRO C 126 11.79 17.75 13.29
C PRO C 126 10.33 17.45 13.58
N HIS C 127 9.55 18.51 13.71
CA HIS C 127 8.18 18.43 14.20
C HIS C 127 7.47 19.76 14.05
N VAL C 128 6.19 19.74 14.37
CA VAL C 128 5.39 20.94 14.48
C VAL C 128 4.56 20.82 15.75
N THR C 129 4.60 21.88 16.54
CA THR C 129 3.74 22.05 17.68
C THR C 129 2.52 22.82 17.19
N VAL C 130 1.35 22.19 17.30
CA VAL C 130 0.06 22.78 16.90
C VAL C 130 -0.61 23.40 18.14
N VAL C 131 -0.82 24.70 18.08
CA VAL C 131 -1.37 25.45 19.20
C VAL C 131 -2.83 25.82 18.85
N THR C 132 -3.76 25.31 19.66
CA THR C 132 -5.19 25.66 19.54
C THR C 132 -5.65 26.48 20.69
N GLN C 133 -6.62 27.34 20.43
CA GLN C 133 -7.27 28.09 21.49
C GLN C 133 -8.71 28.34 21.20
N GLU C 134 -9.50 27.86 22.14
CA GLU C 134 -10.91 28.01 22.22
C GLU C 134 -11.30 28.81 23.41
N TRP C 135 -12.31 29.67 23.22
CA TRP C 135 -12.92 30.35 24.33
C TRP C 135 -14.13 29.54 24.75
N VAL C 136 -14.41 29.54 26.03
CA VAL C 136 -15.53 28.77 26.50
C VAL C 136 -16.19 29.31 27.78
N ALA C 137 -17.16 28.49 28.19
CA ALA C 137 -18.25 28.85 29.08
C ALA C 137 -17.96 28.62 30.57
N ASP C 138 -17.85 27.36 30.96
CA ASP C 138 -17.46 27.01 32.31
C ASP C 138 -15.93 27.09 32.35
N LEU C 139 -15.47 27.96 33.25
CA LEU C 139 -14.30 27.60 34.00
C LEU C 139 -14.55 26.27 34.72
N PRO C 140 -13.87 25.16 34.28
CA PRO C 140 -13.73 24.11 35.31
C PRO C 140 -13.10 24.64 36.56
N ALA C 141 -13.32 23.86 37.61
CA ALA C 141 -12.30 23.58 38.60
C ALA C 141 -11.79 22.15 38.41
N GLY C 142 -11.03 21.75 39.42
CA GLY C 142 -9.91 20.83 39.27
C GLY C 142 -8.55 21.51 39.17
N LEU C 143 -8.63 22.81 38.86
CA LEU C 143 -7.65 23.44 38.00
C LEU C 143 -6.74 24.45 38.66
N PRO C 144 -5.51 24.02 39.09
CA PRO C 144 -4.91 24.78 40.19
C PRO C 144 -4.00 25.91 39.73
N GLY C 145 -4.14 27.04 40.41
CA GLY C 145 -3.47 28.28 40.02
C GLY C 145 -3.71 28.71 38.59
N VAL C 146 -2.74 29.45 38.06
CA VAL C 146 -2.89 30.06 36.75
C VAL C 146 -2.69 29.04 35.61
N GLY C 147 -3.17 29.40 34.44
CA GLY C 147 -3.12 28.51 33.28
C GLY C 147 -2.72 29.21 31.99
N LEU C 148 -2.29 28.41 31.03
CA LEU C 148 -1.78 28.91 29.75
C LEU C 148 -2.84 29.65 28.96
N VAL C 149 -2.44 30.78 28.42
CA VAL C 149 -3.24 31.53 27.49
C VAL C 149 -2.34 32.05 26.34
N VAL C 150 -2.91 32.12 25.16
CA VAL C 150 -2.23 32.57 23.92
C VAL C 150 -2.81 33.90 23.44
N GLY C 151 -1.93 34.83 23.13
CA GLY C 151 -2.31 36.07 22.49
C GLY C 151 -1.55 36.29 21.20
N ARG C 152 -2.19 36.95 20.25
CA ARG C 152 -1.59 37.28 18.96
C ARG C 152 -1.76 38.75 18.65
N GLY C 153 -0.82 39.27 17.87
CA GLY C 153 -0.77 40.69 17.53
C GLY C 153 -0.13 40.98 16.17
N HIS C 154 -0.44 42.14 15.62
CA HIS C 154 0.09 42.55 14.32
C HIS C 154 0.59 43.98 14.39
N THR C 155 1.75 44.22 13.78
CA THR C 155 2.33 45.58 13.72
C THR C 155 1.72 46.37 12.57
N GLU C 156 1.74 47.69 12.70
CA GLU C 156 1.61 48.58 11.54
C GLU C 156 2.72 48.21 10.57
N PRO C 157 2.53 48.45 9.26
CA PRO C 157 3.65 48.20 8.33
C PRO C 157 4.97 48.82 8.82
N ILE C 158 6.03 48.01 8.82
CA ILE C 158 7.36 48.46 9.20
C ILE C 158 8.10 48.79 7.92
N LEU C 159 8.36 50.09 7.74
CA LEU C 159 9.03 50.58 6.53
C LEU C 159 10.54 50.36 6.64
N PRO C 160 11.23 50.21 5.49
CA PRO C 160 12.68 49.93 5.53
C PRO C 160 13.48 50.97 6.34
N GLU C 161 13.15 52.23 6.15
CA GLU C 161 13.62 53.32 7.04
C GLU C 161 13.41 53.09 8.55
N ASP C 162 12.51 52.19 8.93
CA ASP C 162 12.24 51.87 10.35
C ASP C 162 13.12 50.76 10.91
N ILE C 163 13.57 49.86 10.03
CA ILE C 163 14.28 48.65 10.46
C ILE C 163 15.49 49.02 11.31
N GLY C 164 15.61 48.35 12.44
CA GLY C 164 16.68 48.59 13.40
C GLY C 164 16.62 49.91 14.16
N ARG C 165 15.53 50.65 13.96
CA ARG C 165 15.40 51.99 14.54
C ARG C 165 14.19 52.06 15.45
N THR C 166 14.03 53.19 16.15
CA THR C 166 13.02 53.36 17.19
C THR C 166 11.58 53.20 16.67
N ALA C 167 11.32 53.51 15.43
CA ALA C 167 10.03 53.27 14.83
C ALA C 167 9.60 51.79 14.91
N GLN C 168 10.54 50.91 14.59
CA GLN C 168 10.30 49.46 14.71
C GLN C 168 10.04 49.09 16.15
N VAL C 169 10.92 49.58 17.02
CA VAL C 169 10.79 49.35 18.48
C VAL C 169 9.35 49.64 18.90
N ASP C 170 8.81 50.75 18.35
CA ASP C 170 7.52 51.26 18.81
C ASP C 170 6.37 50.44 18.25
N LYS C 171 6.47 50.15 16.95
CA LYS C 171 5.42 49.37 16.30
C LYS C 171 5.31 47.97 16.89
N VAL C 172 6.47 47.38 17.21
CA VAL C 172 6.52 46.06 17.85
C VAL C 172 5.91 46.13 19.22
N ALA C 173 6.29 47.15 20.00
CA ALA C 173 5.71 47.35 21.34
C ALA C 173 4.16 47.41 21.32
N ASP C 174 3.63 48.13 20.34
CA ASP C 174 2.19 48.24 20.18
C ASP C 174 1.57 46.86 19.91
N ALA C 175 2.20 46.10 19.06
CA ALA C 175 1.74 44.76 18.69
C ALA C 175 1.80 43.81 19.87
N VAL C 176 2.78 43.97 20.74
CA VAL C 176 2.93 43.14 21.92
C VAL C 176 1.86 43.49 22.94
N ALA C 177 1.62 44.78 23.16
CA ALA C 177 0.53 45.25 24.00
C ALA C 177 -0.84 44.69 23.50
N ALA C 178 -1.03 44.77 22.20
CA ALA C 178 -2.21 44.22 21.54
C ALA C 178 -2.37 42.75 21.79
N ALA C 179 -1.27 41.99 21.74
CA ALA C 179 -1.26 40.58 22.02
C ALA C 179 -1.55 40.27 23.48
N MET C 180 -1.02 41.07 24.41
CA MET C 180 -1.33 40.94 25.82
C MET C 180 -2.85 41.09 26.06
N LEU C 181 -3.44 42.04 25.34
CA LEU C 181 -4.86 42.31 25.44
C LEU C 181 -5.65 41.17 24.86
N ASP C 182 -5.27 40.69 23.70
CA ASP C 182 -5.91 39.54 23.04
C ASP C 182 -5.94 38.33 23.94
N ALA C 183 -4.90 38.14 24.74
CA ALA C 183 -4.84 37.02 25.68
C ALA C 183 -5.58 37.26 27.00
N GLY C 184 -5.94 38.51 27.27
CA GLY C 184 -6.61 38.88 28.52
C GLY C 184 -5.64 38.92 29.68
N VAL C 185 -4.44 39.39 29.39
CA VAL C 185 -3.37 39.49 30.39
C VAL C 185 -2.95 40.94 30.53
N THR C 186 -2.74 41.33 31.77
CA THR C 186 -2.29 42.67 32.08
C THR C 186 -0.98 42.73 32.85
N ASP C 187 -0.69 41.67 33.59
CA ASP C 187 0.52 41.61 34.38
C ASP C 187 1.64 41.02 33.50
N PRO C 188 2.65 41.83 33.17
CA PRO C 188 3.75 41.31 32.34
C PRO C 188 4.61 40.22 32.98
N ASP C 189 4.58 40.10 34.30
CA ASP C 189 5.24 38.97 34.97
C ASP C 189 4.56 37.61 34.70
N ASP C 190 3.39 37.61 34.08
CA ASP C 190 2.72 36.39 33.65
C ASP C 190 2.95 36.05 32.18
N VAL C 191 3.65 36.91 31.46
CA VAL C 191 4.07 36.65 30.08
C VAL C 191 5.41 35.90 30.12
N HIS C 192 5.43 34.75 29.47
CA HIS C 192 6.61 33.86 29.54
C HIS C 192 7.32 33.55 28.21
N LEU C 193 6.69 33.91 27.10
CA LEU C 193 7.34 33.81 25.79
C LEU C 193 6.70 34.75 24.82
N VAL C 194 7.53 35.48 24.10
CA VAL C 194 7.06 36.42 23.07
C VAL C 194 7.87 36.21 21.79
N MET C 195 7.24 35.64 20.79
CA MET C 195 7.86 35.42 19.50
C MET C 195 7.49 36.54 18.56
N VAL C 196 8.48 37.20 18.00
CA VAL C 196 8.26 38.27 17.04
C VAL C 196 8.83 37.84 15.68
N LYS C 197 8.02 37.93 14.66
CA LYS C 197 8.44 37.81 13.27
C LYS C 197 8.46 39.19 12.60
N GLY C 198 9.64 39.70 12.25
CA GLY C 198 9.78 41.02 11.59
C GLY C 198 10.19 40.90 10.13
N PRO C 199 10.25 42.02 9.41
CA PRO C 199 10.93 41.99 8.10
C PRO C 199 12.43 42.27 8.21
N ALA C 200 13.14 41.89 7.15
CA ALA C 200 14.57 42.20 7.00
C ALA C 200 14.76 43.10 5.78
N LEU C 201 15.94 43.68 5.67
CA LEU C 201 16.26 44.56 4.53
C LEU C 201 16.62 43.79 3.26
N SER C 202 15.83 43.97 2.22
CA SER C 202 16.15 43.47 0.89
C SER C 202 16.85 44.59 0.10
N SER C 203 17.21 44.32 -1.15
CA SER C 203 17.54 45.39 -2.13
C SER C 203 16.30 46.20 -2.55
N ARG C 204 15.24 45.49 -2.91
CA ARG C 204 14.02 46.16 -3.36
C ARG C 204 13.51 47.12 -2.28
N ALA C 205 13.70 46.70 -1.03
CA ALA C 205 13.42 47.55 0.14
C ALA C 205 14.28 48.81 0.17
N VAL C 206 15.59 48.64 0.10
CA VAL C 206 16.54 49.78 0.11
C VAL C 206 16.24 50.71 -1.06
N ALA C 207 15.99 50.15 -2.24
CA ALA C 207 15.61 50.92 -3.42
C ALA C 207 14.38 51.80 -3.14
N ASP C 208 13.39 51.21 -2.51
CA ASP C 208 12.19 51.92 -2.06
C ASP C 208 12.51 53.11 -1.16
N ALA C 209 13.35 52.83 -0.14
CA ALA C 209 13.76 53.87 0.84
C ALA C 209 14.44 55.04 0.15
N LEU C 210 15.30 54.69 -0.80
CA LEU C 210 16.03 55.67 -1.61
C LEU C 210 15.12 56.48 -2.48
N SER C 211 14.24 55.84 -3.21
CA SER C 211 13.29 56.55 -4.09
C SER C 211 12.43 57.57 -3.36
N ARG C 212 12.32 57.50 -2.02
CA ARG C 212 11.61 58.50 -1.22
C ARG C 212 12.58 59.34 -0.36
N GLY C 213 13.89 59.20 -0.61
CA GLY C 213 14.92 60.03 0.03
C GLY C 213 15.25 59.65 1.47
N LYS C 214 14.82 58.46 1.89
CA LYS C 214 15.10 57.97 3.23
C LYS C 214 16.32 57.11 3.26
N THR C 215 16.89 57.04 4.47
CA THR C 215 18.15 56.33 4.78
C THR C 215 17.89 55.06 5.58
N VAL C 216 18.34 53.89 5.12
CA VAL C 216 18.35 52.66 5.98
C VAL C 216 19.57 52.49 6.91
N VAL C 217 19.34 51.74 8.00
CA VAL C 217 20.32 51.41 9.00
C VAL C 217 20.88 50.10 8.50
N MET C 229 19.08 42.28 9.26
CA MET C 229 18.50 41.12 9.97
C MET C 229 18.81 41.13 11.46
N CYS C 230 20.09 41.28 11.78
CA CYS C 230 20.55 41.48 13.15
C CYS C 230 19.90 42.72 13.78
N TRP C 231 19.74 43.76 12.97
CA TRP C 231 19.14 45.01 13.42
C TRP C 231 17.66 44.82 13.77
N SER C 232 16.92 44.27 12.81
CA SER C 232 15.49 44.01 12.95
C SER C 232 15.20 43.19 14.23
N ASN C 233 16.03 42.19 14.46
CA ASN C 233 15.92 41.33 15.62
C ASN C 233 16.13 42.10 16.92
N ASP C 234 17.14 42.95 16.96
CA ASP C 234 17.45 43.72 18.17
C ASP C 234 16.33 44.71 18.49
N ALA C 235 15.87 45.43 17.47
CA ALA C 235 14.81 46.41 17.63
C ALA C 235 13.53 45.74 18.10
N SER C 236 13.23 44.59 17.51
CA SER C 236 12.06 43.79 17.88
C SER C 236 12.15 43.39 19.35
N ALA C 237 13.32 42.91 19.75
CA ALA C 237 13.53 42.48 21.14
C ALA C 237 13.32 43.63 22.12
N LEU C 238 13.79 44.82 21.72
CA LEU C 238 13.65 46.03 22.52
C LEU C 238 12.16 46.44 22.63
N GLY C 239 11.42 46.29 21.54
CA GLY C 239 9.96 46.47 21.52
C GLY C 239 9.26 45.65 22.60
N VAL C 240 9.63 44.38 22.66
CA VAL C 240 9.07 43.44 23.67
C VAL C 240 9.41 43.95 25.07
N ALA C 241 10.65 44.34 25.24
CA ALA C 241 11.12 44.87 26.54
C ALA C 241 10.32 46.10 26.99
N VAL C 242 10.03 47.00 26.04
CA VAL C 242 9.28 48.21 26.32
C VAL C 242 7.85 47.84 26.74
N ALA C 243 7.19 47.04 25.91
CA ALA C 243 5.78 46.72 26.12
C ALA C 243 5.54 45.95 27.42
N LEU C 244 6.52 45.18 27.86
CA LEU C 244 6.47 44.45 29.15
C LEU C 244 7.05 45.23 30.35
N GLY C 245 7.33 46.52 30.16
CA GLY C 245 7.94 47.36 31.22
C GLY C 245 9.34 46.98 31.69
N GLU C 246 9.98 46.04 31.03
CA GLU C 246 11.33 45.64 31.37
C GLU C 246 12.33 46.79 31.13
N VAL C 247 12.03 47.64 30.15
CA VAL C 247 12.85 48.82 29.82
C VAL C 247 11.96 50.02 29.63
N LYS C 248 12.38 51.16 30.17
CA LYS C 248 11.60 52.41 30.13
C LYS C 248 11.77 53.19 28.81
N ARG C 249 10.64 53.47 28.16
CA ARG C 249 10.65 53.90 26.74
C ARG C 249 11.62 55.06 26.50
N ASP C 250 12.06 55.71 27.59
CA ASP C 250 13.04 56.75 27.58
C ASP C 250 14.42 56.33 28.09
N LEU C 251 14.87 55.18 27.59
CA LEU C 251 16.28 54.79 27.63
C LEU C 251 16.70 53.99 26.40
N ASP C 262 22.74 45.13 28.21
CA ASP C 262 22.21 45.71 29.45
C ASP C 262 20.69 45.97 29.49
N LEU C 263 19.97 45.96 28.36
CA LEU C 263 18.57 46.40 28.24
C LEU C 263 17.86 45.35 27.35
N PHE C 264 17.85 44.13 27.91
CA PHE C 264 17.26 42.92 27.31
C PHE C 264 15.81 42.73 27.71
N SER C 265 15.16 41.82 26.98
CA SER C 265 13.92 41.20 27.45
C SER C 265 14.33 39.77 27.75
N ALA C 266 13.95 39.29 28.90
CA ALA C 266 14.25 37.91 29.33
C ALA C 266 13.42 36.83 28.58
N VAL C 267 12.40 37.25 27.84
CA VAL C 267 11.40 36.34 27.25
C VAL C 267 11.15 36.53 25.75
N ALA C 268 11.92 37.43 25.12
CA ALA C 268 11.78 37.69 23.67
C ALA C 268 12.49 36.62 22.83
N ALA C 269 11.86 36.24 21.73
CA ALA C 269 12.38 35.27 20.76
C ALA C 269 12.07 35.86 19.40
N THR C 270 13.05 36.57 18.87
CA THR C 270 12.83 37.38 17.67
C THR C 270 13.49 36.77 16.44
N SER C 271 12.87 36.97 15.30
CA SER C 271 13.43 36.55 14.02
C SER C 271 12.94 37.48 12.93
N SER C 272 13.68 37.53 11.83
CA SER C 272 13.34 38.41 10.72
C SER C 272 13.73 37.81 9.36
N GLY C 273 13.04 38.26 8.32
CA GLY C 273 13.22 37.73 6.97
C GLY C 273 12.08 38.13 6.03
N GLY C 274 12.30 37.92 4.75
CA GLY C 274 11.32 38.28 3.72
C GLY C 274 11.13 39.78 3.54
N GLU C 275 10.18 40.11 2.69
CA GLU C 275 9.83 41.49 2.38
C GLU C 275 8.57 41.99 3.11
N LYS C 276 7.80 41.09 3.72
CA LYS C 276 6.51 41.42 4.36
C LYS C 276 6.66 42.49 5.43
N ARG C 277 6.12 43.68 5.15
CA ARG C 277 6.26 44.85 6.04
C ARG C 277 5.51 44.67 7.37
N GLY C 278 4.49 43.80 7.37
CA GLY C 278 3.72 43.50 8.59
C GLY C 278 4.44 42.54 9.53
N GLY C 279 4.85 43.05 10.68
CA GLY C 279 5.40 42.21 11.75
C GLY C 279 4.30 41.43 12.45
N GLU C 280 4.68 40.37 13.16
CA GLU C 280 3.72 39.50 13.87
C GLU C 280 4.21 39.12 15.26
N VAL C 281 3.33 39.16 16.24
CA VAL C 281 3.64 38.73 17.61
C VAL C 281 2.78 37.50 17.98
N LEU C 282 3.44 36.51 18.58
CA LEU C 282 2.79 35.37 19.21
C LEU C 282 3.25 35.36 20.66
N LEU C 283 2.29 35.45 21.56
CA LEU C 283 2.57 35.61 22.99
C LEU C 283 1.97 34.43 23.78
N LEU C 284 2.76 33.86 24.68
CA LEU C 284 2.33 32.80 25.57
C LEU C 284 2.49 33.23 27.00
N ALA C 285 1.38 33.22 27.71
CA ALA C 285 1.32 33.72 29.09
C ALA C 285 0.47 32.81 29.95
N ASN C 286 0.31 33.21 31.20
CA ASN C 286 -0.68 32.60 32.08
C ASN C 286 -1.73 33.62 32.56
N SER C 287 -2.89 33.09 32.95
CA SER C 287 -3.91 33.91 33.62
C SER C 287 -4.80 33.05 34.50
N ALA C 288 -5.36 33.69 35.54
CA ALA C 288 -6.26 33.02 36.50
C ALA C 288 -7.55 32.57 35.82
N GLN C 289 -7.90 33.26 34.73
CA GLN C 289 -9.11 32.96 33.96
C GLN C 289 -8.96 31.86 32.94
N SER C 290 -7.90 31.07 33.03
CA SER C 290 -7.56 30.11 31.97
C SER C 290 -8.17 28.74 32.24
N ALA C 291 -8.85 28.23 31.24
CA ALA C 291 -9.41 26.87 31.29
C ALA C 291 -8.47 25.83 30.74
N SER C 292 -7.26 26.24 30.39
CA SER C 292 -6.26 25.35 29.87
C SER C 292 -5.73 24.32 30.87
N GLU C 293 -5.44 23.13 30.38
CA GLU C 293 -4.77 22.09 31.14
C GLU C 293 -3.26 22.21 31.12
N LEU C 294 -2.76 23.35 30.73
CA LEU C 294 -1.32 23.61 30.64
C LEU C 294 -0.94 24.88 31.35
N ARG C 295 0.30 24.93 31.75
CA ARG C 295 0.87 26.15 32.31
C ARG C 295 2.28 26.36 31.74
N ILE C 296 2.62 27.62 31.52
CA ILE C 296 3.94 27.99 31.01
C ILE C 296 4.84 28.63 32.09
N GLY C 297 6.13 28.36 32.01
CA GLY C 297 7.15 29.06 32.79
C GLY C 297 8.37 29.39 31.93
N HIS C 298 9.32 30.12 32.50
CA HIS C 298 10.50 30.50 31.78
C HIS C 298 11.73 30.54 32.67
N GLY C 299 12.88 30.53 32.03
CA GLY C 299 14.18 30.60 32.71
C GLY C 299 15.21 31.24 31.81
N ILE C 300 16.38 31.47 32.35
CA ILE C 300 17.50 32.02 31.61
C ILE C 300 18.69 31.05 31.68
N THR C 301 19.22 30.69 30.52
CA THR C 301 20.40 29.85 30.43
C THR C 301 21.62 30.76 30.67
N ARG C 302 22.40 30.46 31.70
CA ARG C 302 23.45 31.37 32.19
C ARG C 302 24.67 31.39 31.32
N ASP C 303 25.12 30.20 30.92
CA ASP C 303 26.16 30.06 29.87
C ASP C 303 25.86 28.86 28.96
N MET C 304 26.75 28.60 28.01
CA MET C 304 26.53 27.58 26.99
C MET C 304 26.36 26.15 27.52
N ALA C 305 26.86 25.92 28.71
CA ALA C 305 26.86 24.58 29.32
C ALA C 305 25.81 24.43 30.44
N ASP C 306 25.01 25.45 30.64
CA ASP C 306 24.09 25.51 31.76
C ASP C 306 22.76 24.86 31.50
N THR C 307 22.36 23.97 32.41
CA THR C 307 21.01 23.39 32.42
C THR C 307 20.01 24.09 33.33
N GLU C 308 20.47 24.93 34.25
CA GLU C 308 19.60 25.52 35.28
C GLU C 308 18.47 26.37 34.72
N GLY C 309 18.70 27.08 33.64
CA GLY C 309 17.65 27.86 33.01
C GLY C 309 16.51 26.98 32.52
N ILE C 310 16.87 25.86 31.93
CA ILE C 310 15.87 24.91 31.43
C ILE C 310 15.05 24.38 32.62
N LYS C 311 15.77 24.00 33.66
CA LYS C 311 15.17 23.46 34.88
C LYS C 311 14.24 24.49 35.50
N THR C 312 14.68 25.73 35.56
CA THR C 312 13.86 26.80 36.12
C THR C 312 12.58 26.97 35.31
N ALA C 313 12.69 26.91 33.99
CA ALA C 313 11.51 26.99 33.12
C ALA C 313 10.48 25.88 33.49
N ILE C 314 11.00 24.68 33.64
CA ILE C 314 10.19 23.51 33.90
C ILE C 314 9.51 23.66 35.27
N ARG C 315 10.30 24.05 36.24
CA ARG C 315 9.89 24.12 37.64
C ARG C 315 8.85 25.19 37.84
N THR C 316 9.16 26.40 37.39
CA THR C 316 8.22 27.52 37.47
C THR C 316 6.97 27.31 36.66
N ALA C 317 7.01 26.40 35.68
CA ALA C 317 5.79 26.02 34.97
C ALA C 317 4.87 25.12 35.79
N GLY C 318 5.41 24.48 36.82
CA GLY C 318 4.60 23.68 37.76
C GLY C 318 5.10 22.30 38.15
N VAL C 319 6.29 21.91 37.70
CA VAL C 319 6.85 20.61 38.07
C VAL C 319 7.76 20.83 39.24
N ASP C 320 7.54 20.04 40.29
CA ASP C 320 8.29 20.17 41.52
C ASP C 320 9.35 19.05 41.56
N PHE C 321 10.62 19.45 41.47
CA PHE C 321 11.75 18.53 41.52
C PHE C 321 12.98 19.31 41.95
N ASP C 322 14.01 18.58 42.37
CA ASP C 322 15.27 19.20 42.79
C ASP C 322 16.20 19.24 41.58
N CYS C 323 16.79 18.10 41.26
CA CYS C 323 17.84 18.06 40.27
C CYS C 323 17.38 17.36 38.98
N CYS C 324 16.88 16.15 39.11
CA CYS C 324 16.43 15.38 37.94
C CYS C 324 14.94 15.24 37.93
N LEU C 325 14.40 15.00 36.75
CA LEU C 325 13.01 14.64 36.59
C LEU C 325 12.90 13.14 36.56
N SER C 326 11.80 12.63 37.11
CA SER C 326 11.40 11.23 36.94
C SER C 326 10.77 11.07 35.57
N PRO C 327 10.70 9.84 35.06
CA PRO C 327 10.00 9.58 33.80
C PRO C 327 8.60 10.23 33.69
N ALA C 328 7.87 10.15 34.79
CA ALA C 328 6.52 10.72 34.86
C ALA C 328 6.57 12.23 34.72
N GLN C 329 7.48 12.82 35.48
CA GLN C 329 7.69 14.28 35.45
C GLN C 329 8.11 14.75 34.08
N GLN C 330 9.02 14.01 33.46
CA GLN C 330 9.46 14.26 32.08
C GLN C 330 8.23 14.30 31.14
N ALA C 331 7.39 13.30 31.27
CA ALA C 331 6.20 13.22 30.46
C ALA C 331 5.21 14.36 30.70
N GLN C 332 5.31 15.03 31.86
CA GLN C 332 4.45 16.19 32.11
C GLN C 332 4.87 17.38 31.26
N VAL C 333 6.14 17.39 30.81
CA VAL C 333 6.66 18.49 29.94
C VAL C 333 6.19 18.28 28.50
N VAL C 334 5.37 19.19 28.03
CA VAL C 334 4.72 19.04 26.73
C VAL C 334 5.57 19.63 25.60
N GLN C 335 6.15 20.78 25.86
CA GLN C 335 7.06 21.41 24.91
C GLN C 335 8.03 22.37 25.58
N VAL C 336 9.22 22.48 25.01
CA VAL C 336 10.21 23.48 25.44
C VAL C 336 10.56 24.37 24.25
N PHE C 337 10.59 25.68 24.49
CA PHE C 337 10.92 26.69 23.45
C PHE C 337 12.18 27.40 23.93
N GLY C 338 13.32 26.98 23.39
CA GLY C 338 14.62 27.52 23.81
C GLY C 338 15.32 28.20 22.66
N LYS C 339 15.79 29.41 22.88
CA LYS C 339 16.52 30.14 21.85
C LYS C 339 18.02 30.16 22.16
N PHE C 340 18.81 29.46 21.37
CA PHE C 340 20.22 29.26 21.70
C PHE C 340 21.09 30.04 20.73
N VAL C 341 21.08 31.35 20.93
CA VAL C 341 21.96 32.29 20.28
C VAL C 341 23.41 32.04 20.73
N LEU C 342 24.36 32.39 19.90
CA LEU C 342 25.74 32.17 20.23
C LEU C 342 26.08 32.96 21.49
N PRO C 343 27.04 32.49 22.28
CA PRO C 343 27.40 33.21 23.48
C PRO C 343 28.00 34.57 23.24
N GLY C 344 28.04 35.37 24.31
CA GLY C 344 28.60 36.72 24.25
C GLY C 344 30.11 36.75 24.19
N SER C 345 30.74 35.72 24.73
CA SER C 345 32.18 35.60 24.69
C SER C 345 32.63 34.16 24.40
N ASP C 346 33.92 34.04 24.16
CA ASP C 346 34.54 32.73 23.91
C ASP C 346 35.22 32.16 25.17
N VAL C 347 34.83 32.67 26.34
CA VAL C 347 35.27 32.13 27.63
C VAL C 347 34.10 31.44 28.33
N LEU C 348 34.32 30.19 28.73
CA LEU C 348 33.31 29.38 29.35
C LEU C 348 33.94 28.67 30.54
N ARG C 349 33.36 28.86 31.70
CA ARG C 349 33.90 28.35 32.99
C ARG C 349 35.41 28.55 33.04
N GLY C 350 35.84 29.75 32.73
CA GLY C 350 37.26 30.08 32.75
C GLY C 350 38.14 29.55 31.62
N GLN C 351 37.56 28.92 30.61
CA GLN C 351 38.36 28.35 29.53
C GLN C 351 37.92 28.84 28.17
N HIS C 352 38.87 28.81 27.24
CA HIS C 352 38.61 29.17 25.85
C HIS C 352 37.76 28.12 25.14
N ILE C 353 36.75 28.57 24.43
CA ILE C 353 35.97 27.72 23.52
C ILE C 353 36.00 28.25 22.09
N THR C 354 35.68 27.38 21.17
CA THR C 354 35.71 27.64 19.73
C THR C 354 34.38 28.08 19.14
N ALA C 355 33.39 28.26 20.01
CA ALA C 355 32.00 28.44 19.57
C ALA C 355 31.75 29.67 18.74
N LEU C 356 32.55 30.70 18.92
CA LEU C 356 32.42 31.93 18.10
C LEU C 356 33.24 31.88 16.82
N ASP C 357 34.37 31.17 16.85
CA ASP C 357 35.23 31.06 15.67
C ASP C 357 34.68 30.09 14.59
N ASP C 358 33.86 29.15 15.00
CA ASP C 358 33.50 27.98 14.22
C ASP C 358 32.63 28.42 13.06
N HIS C 359 32.96 27.95 11.87
CA HIS C 359 32.22 28.26 10.67
C HIS C 359 30.82 27.69 10.75
N GLU C 360 30.67 26.64 11.54
CA GLU C 360 29.38 25.99 11.80
C GLU C 360 28.76 26.39 13.14
N ALA C 361 29.12 27.57 13.66
CA ALA C 361 28.62 28.06 14.93
C ALA C 361 27.08 27.98 15.13
N HIS C 362 26.34 28.46 14.14
CA HIS C 362 24.88 28.49 14.14
C HIS C 362 24.33 27.07 14.38
N HIS C 363 24.89 26.10 13.68
CA HIS C 363 24.44 24.71 13.76
C HIS C 363 24.83 24.14 15.13
N VAL C 364 26.07 24.39 15.53
CA VAL C 364 26.62 23.84 16.76
C VAL C 364 25.84 24.34 17.98
N ALA C 365 25.46 25.59 17.97
CA ALA C 365 24.77 26.19 19.12
C ALA C 365 23.44 25.48 19.39
N LYS C 366 22.73 25.23 18.33
CA LYS C 366 21.47 24.47 18.39
C LYS C 366 21.78 23.04 18.77
N ALA C 367 22.86 22.47 18.28
CA ALA C 367 23.17 21.08 18.64
C ALA C 367 23.35 20.96 20.17
N VAL C 368 24.10 21.92 20.73
CA VAL C 368 24.38 21.97 22.15
C VAL C 368 23.05 22.18 22.95
N GLY C 369 22.27 23.16 22.53
CA GLY C 369 21.02 23.47 23.20
C GLY C 369 20.09 22.26 23.22
N GLY C 370 20.00 21.62 22.09
CA GLY C 370 19.16 20.43 21.91
C GLY C 370 19.63 19.32 22.82
N ALA C 371 20.93 19.14 22.91
CA ALA C 371 21.51 18.12 23.79
C ALA C 371 21.09 18.39 25.25
N LEU C 372 21.16 19.65 25.66
CA LEU C 372 20.84 20.02 27.02
C LEU C 372 19.36 19.77 27.32
N VAL C 373 18.49 20.35 26.48
CA VAL C 373 17.06 20.27 26.69
C VAL C 373 16.60 18.79 26.73
N VAL C 374 16.94 18.08 25.67
CA VAL C 374 16.53 16.70 25.52
C VAL C 374 17.13 15.83 26.63
N SER C 375 18.32 16.13 27.11
CA SER C 375 18.88 15.36 28.21
C SER C 375 18.06 15.45 29.48
N ILE C 376 17.34 16.56 29.64
CA ILE C 376 16.52 16.79 30.81
C ILE C 376 15.13 16.21 30.62
N THR C 377 14.53 16.45 29.46
CA THR C 377 13.14 16.07 29.21
C THR C 377 12.96 14.71 28.51
N GLY C 378 14.03 14.17 27.94
CA GLY C 378 13.96 12.95 27.15
C GLY C 378 13.10 13.01 25.89
N GLN C 379 12.79 14.21 25.44
CA GLN C 379 11.90 14.38 24.27
C GLN C 379 12.61 15.10 23.10
N PRO C 380 13.07 14.33 22.13
CA PRO C 380 13.63 14.93 20.91
C PRO C 380 12.83 15.99 20.17
N MET C 381 11.49 15.92 20.19
CA MET C 381 10.65 16.95 19.49
C MET C 381 10.56 18.28 20.28
N SER C 382 11.70 18.91 20.50
CA SER C 382 11.81 20.17 21.28
C SER C 382 12.17 21.32 20.35
N PHE C 383 11.59 22.47 20.61
CA PHE C 383 11.78 23.63 19.75
C PHE C 383 13.05 24.33 20.18
N ILE C 384 14.13 24.01 19.49
CA ILE C 384 15.43 24.61 19.71
C ILE C 384 15.77 25.54 18.56
N SER C 385 15.70 26.84 18.82
CA SER C 385 16.03 27.83 17.78
C SER C 385 17.32 28.53 18.14
N GLY C 386 17.70 29.46 17.29
CA GLY C 386 18.82 30.34 17.56
C GLY C 386 19.92 30.21 16.54
N GLY C 387 21.16 30.22 17.01
CA GLY C 387 22.33 30.25 16.13
C GLY C 387 22.82 31.64 15.75
N GLU C 388 21.94 32.66 15.82
CA GLU C 388 22.41 34.04 15.52
C GLU C 388 23.50 34.49 16.47
N ARG C 389 24.03 35.69 16.22
CA ARG C 389 25.08 36.25 17.07
C ARG C 389 24.49 37.13 18.15
N ASN C 390 25.12 37.12 19.32
CA ASN C 390 24.60 37.85 20.51
C ASN C 390 24.54 39.41 20.49
N GLY C 397 25.66 36.88 28.49
CA GLY C 397 25.59 35.68 27.67
C GLY C 397 24.51 34.69 28.11
N GLY C 398 23.28 35.22 28.18
CA GLY C 398 22.11 34.53 28.75
C GLY C 398 21.00 34.29 27.72
N ASN C 399 20.51 33.05 27.64
CA ASN C 399 19.48 32.71 26.64
C ASN C 399 18.12 32.37 27.24
N PRO C 400 17.05 32.84 26.61
CA PRO C 400 15.75 32.49 27.10
C PRO C 400 15.32 31.06 26.80
N VAL C 401 14.59 30.48 27.75
CA VAL C 401 13.93 29.19 27.52
C VAL C 401 12.61 29.16 28.28
N ALA C 402 11.59 28.67 27.59
CA ALA C 402 10.25 28.57 28.16
C ALA C 402 9.85 27.12 28.13
N ALA C 403 9.06 26.72 29.11
CA ALA C 403 8.52 25.35 29.16
C ALA C 403 7.03 25.39 29.37
N VAL C 404 6.33 24.51 28.66
CA VAL C 404 4.91 24.31 28.80
C VAL C 404 4.70 22.94 29.38
N VAL C 405 4.09 22.90 30.56
CA VAL C 405 3.76 21.63 31.24
C VAL C 405 2.28 21.46 31.56
N ARG C 406 1.91 20.25 31.94
CA ARG C 406 0.52 19.93 32.29
C ARG C 406 0.15 20.62 33.62
N ARG C 407 -1.05 21.17 33.68
CA ARG C 407 -1.41 22.04 34.80
C ARG C 407 -1.95 21.32 36.06
N LEU C 408 -2.84 20.34 35.90
CA LEU C 408 -2.59 19.14 35.10
C LEU C 408 -3.69 18.80 34.12
N ARG D 34 75.15 45.23 -9.85
CA ARG D 34 73.69 45.50 -9.42
C ARG D 34 72.65 45.59 -10.57
N TYR D 35 72.59 44.50 -11.32
CA TYR D 35 71.39 44.13 -12.02
C TYR D 35 70.68 43.16 -11.09
N PRO D 36 69.33 43.24 -10.96
CA PRO D 36 68.62 42.20 -10.23
C PRO D 36 68.27 40.99 -11.08
N LYS D 37 68.44 39.79 -10.51
CA LYS D 37 68.08 38.55 -11.18
C LYS D 37 67.14 37.73 -10.26
N ALA D 38 65.86 37.79 -10.59
CA ALA D 38 64.81 37.10 -9.83
C ALA D 38 64.43 35.79 -10.49
N SER D 39 64.19 34.76 -9.68
CA SER D 39 63.68 33.48 -10.20
C SER D 39 62.51 33.00 -9.35
N MET D 40 61.75 32.09 -9.93
CA MET D 40 60.65 31.42 -9.24
C MET D 40 60.69 29.91 -9.45
N HIS D 41 60.58 29.18 -8.34
CA HIS D 41 60.58 27.72 -8.37
C HIS D 41 59.32 27.23 -7.68
N VAL D 42 58.47 26.56 -8.42
CA VAL D 42 57.20 26.13 -7.90
C VAL D 42 57.34 24.68 -7.54
N VAL D 43 57.19 24.35 -6.25
CA VAL D 43 57.35 22.98 -5.75
C VAL D 43 56.09 22.50 -5.00
N PRO D 44 55.71 21.25 -5.20
CA PRO D 44 54.51 20.77 -4.56
C PRO D 44 54.65 20.48 -3.07
N MET D 45 53.50 20.50 -2.39
CA MET D 45 53.39 20.10 -0.99
C MET D 45 52.20 19.18 -0.86
N LEU D 46 52.42 17.97 -0.34
CA LEU D 46 51.31 17.02 -0.14
C LEU D 46 50.49 17.31 1.11
N ALA D 47 51.00 18.21 1.92
CA ALA D 47 50.39 18.58 3.18
C ALA D 47 51.03 19.89 3.63
N PRO D 48 50.41 20.62 4.57
CA PRO D 48 51.01 21.85 5.06
C PRO D 48 52.45 21.72 5.61
N ASN D 49 52.78 20.56 6.16
CA ASN D 49 54.12 20.32 6.69
C ASN D 49 54.98 19.41 5.82
N ASP D 50 54.56 19.14 4.57
CA ASP D 50 55.41 18.42 3.61
C ASP D 50 56.38 19.39 2.95
N THR D 51 57.57 19.49 3.55
CA THR D 51 58.68 20.31 3.00
C THR D 51 59.76 19.48 2.23
N ALA D 52 59.40 18.29 1.78
CA ALA D 52 60.33 17.41 1.07
C ALA D 52 60.90 18.08 -0.20
N ALA D 53 60.00 18.33 -1.14
CA ALA D 53 60.41 18.92 -2.41
C ALA D 53 61.06 20.29 -2.21
N PHE D 54 60.58 21.02 -1.24
CA PHE D 54 61.12 22.33 -0.89
C PHE D 54 62.57 22.20 -0.44
N ARG D 55 62.85 21.26 0.46
CA ARG D 55 64.21 21.02 0.97
C ARG D 55 65.13 20.51 -0.13
N ALA D 56 64.61 19.61 -0.96
CA ALA D 56 65.32 19.06 -2.12
C ALA D 56 65.77 20.13 -3.07
N LEU D 57 64.98 21.19 -3.21
CA LEU D 57 65.36 22.35 -4.01
C LEU D 57 66.76 22.90 -3.64
N PHE D 58 67.06 22.93 -2.35
CA PHE D 58 68.33 23.48 -1.86
C PHE D 58 69.42 22.41 -1.76
N ALA D 59 69.06 21.28 -1.15
CA ALA D 59 69.95 20.10 -1.05
C ALA D 59 70.56 19.68 -2.40
N SER D 60 69.79 19.82 -3.47
CA SER D 60 70.26 19.53 -4.82
C SER D 60 71.23 20.59 -5.39
N GLY D 61 71.43 21.70 -4.70
CA GLY D 61 72.24 22.84 -5.24
C GLY D 61 71.53 23.71 -6.28
N ALA D 62 70.30 23.35 -6.66
CA ALA D 62 69.52 24.05 -7.71
C ALA D 62 69.20 25.51 -7.33
N VAL D 63 69.01 25.76 -6.04
CA VAL D 63 68.66 27.08 -5.55
C VAL D 63 69.51 27.38 -4.31
N ASP D 64 69.95 28.63 -4.19
CA ASP D 64 70.68 29.07 -3.00
C ASP D 64 69.68 29.57 -1.93
N PRO D 65 69.58 28.87 -0.80
CA PRO D 65 68.60 29.28 0.23
C PRO D 65 68.79 30.71 0.74
N ALA D 66 70.01 31.18 0.71
CA ALA D 66 70.32 32.56 1.19
C ALA D 66 69.76 33.63 0.25
N SER D 67 69.48 33.27 -0.99
CA SER D 67 68.91 34.21 -1.98
C SER D 67 67.38 34.23 -1.98
N VAL D 68 66.75 33.38 -1.18
CA VAL D 68 65.28 33.31 -1.11
C VAL D 68 64.77 34.58 -0.48
N VAL D 69 63.90 35.26 -1.19
CA VAL D 69 63.29 36.49 -0.70
C VAL D 69 61.75 36.40 -0.43
N ALA D 70 61.11 35.42 -1.03
CA ALA D 70 59.70 35.19 -0.74
C ALA D 70 59.30 33.73 -0.86
N LEU D 71 58.39 33.33 0.01
CA LEU D 71 57.66 32.08 -0.12
C LEU D 71 56.17 32.39 -0.25
N ILE D 72 55.57 31.94 -1.35
CA ILE D 72 54.17 32.22 -1.65
C ILE D 72 53.45 30.89 -1.88
N ALA D 73 52.64 30.48 -0.90
CA ALA D 73 52.12 29.12 -0.86
C ALA D 73 50.59 29.03 -0.80
N LYS D 74 50.09 27.90 -1.29
CA LYS D 74 48.73 27.49 -1.12
C LYS D 74 48.74 26.25 -0.25
N SER D 75 47.96 26.28 0.83
CA SER D 75 47.76 25.14 1.70
C SER D 75 46.34 24.59 1.66
N GLU D 76 46.25 23.30 1.96
CA GLU D 76 44.97 22.62 2.13
C GLU D 76 44.33 23.04 3.45
N GLY D 77 43.03 23.20 3.45
CA GLY D 77 42.33 23.74 4.61
C GLY D 77 41.13 24.64 4.23
N SER D 78 40.64 25.37 5.21
CA SER D 78 39.37 26.06 5.08
C SER D 78 39.54 27.40 4.40
N GLY D 79 40.70 28.00 4.53
CA GLY D 79 40.90 29.36 4.07
C GLY D 79 40.33 30.42 5.00
N LEU D 80 39.70 30.03 6.09
CA LEU D 80 39.02 30.98 6.98
C LEU D 80 39.99 31.55 7.99
N HIS D 81 39.52 32.50 8.78
CA HIS D 81 40.38 33.25 9.68
C HIS D 81 41.03 32.36 10.71
N ASN D 82 40.36 31.25 11.08
CA ASN D 82 40.90 30.28 12.08
C ASN D 82 41.52 29.00 11.44
N ASP D 83 42.03 29.14 10.21
CA ASP D 83 42.65 28.03 9.51
C ASP D 83 44.05 27.77 10.10
N HIS D 84 44.16 26.80 10.97
CA HIS D 84 45.46 26.46 11.60
C HIS D 84 46.39 25.70 10.68
N ALA D 85 45.84 25.06 9.65
CA ALA D 85 46.67 24.38 8.67
C ALA D 85 47.54 25.40 7.95
N ARG D 86 46.96 26.54 7.65
N ARG D 86 46.96 26.54 7.65
CA ARG D 86 47.66 27.65 7.01
CA ARG D 86 47.66 27.66 7.02
C ARG D 86 48.89 28.04 7.83
C ARG D 86 48.89 28.03 7.84
N VAL D 87 48.67 28.22 9.12
CA VAL D 87 49.75 28.56 10.06
C VAL D 87 50.79 27.44 10.12
N PHE D 88 50.32 26.22 10.06
CA PHE D 88 51.16 25.02 10.08
C PHE D 88 52.14 25.09 8.88
N ALA D 89 51.60 25.47 7.72
CA ALA D 89 52.43 25.57 6.51
C ALA D 89 53.44 26.68 6.66
N ASP D 90 53.00 27.80 7.18
CA ASP D 90 53.90 28.95 7.46
C ASP D 90 55.10 28.52 8.36
N VAL D 91 54.78 27.93 9.50
CA VAL D 91 55.78 27.45 10.46
C VAL D 91 56.74 26.41 9.84
N SER D 92 56.17 25.46 9.12
CA SER D 92 56.93 24.38 8.51
C SER D 92 57.91 24.95 7.48
N LEU D 93 57.43 25.85 6.66
CA LEU D 93 58.24 26.44 5.58
C LEU D 93 59.40 27.24 6.16
N ARG D 94 59.11 28.10 7.12
CA ARG D 94 60.13 28.85 7.82
C ARG D 94 61.20 27.93 8.44
N THR D 95 60.74 26.87 9.10
CA THR D 95 61.69 25.98 9.78
C THR D 95 62.59 25.30 8.75
N ALA D 96 62.02 24.91 7.63
CA ALA D 96 62.78 24.26 6.57
C ALA D 96 63.83 25.23 6.01
N LEU D 97 63.38 26.45 5.72
CA LEU D 97 64.25 27.41 5.05
C LEU D 97 65.42 27.78 5.95
N ALA D 98 65.11 28.05 7.20
CA ALA D 98 66.15 28.37 8.20
C ALA D 98 67.15 27.22 8.34
N GLU D 99 66.67 25.98 8.32
CA GLU D 99 67.54 24.81 8.39
C GLU D 99 68.49 24.78 7.22
N ALA D 100 67.96 25.05 6.04
CA ALA D 100 68.74 25.07 4.81
C ALA D 100 69.78 26.18 4.78
N ARG D 101 69.44 27.30 5.44
CA ARG D 101 70.34 28.44 5.60
C ARG D 101 71.37 28.24 6.70
N GLY D 102 71.11 27.28 7.58
CA GLY D 102 71.96 27.05 8.75
C GLY D 102 71.74 28.02 9.89
N CYS D 103 70.81 28.96 9.75
CA CYS D 103 70.44 29.90 10.82
C CYS D 103 69.27 29.39 11.67
N PRO D 104 69.08 29.99 12.85
CA PRO D 104 67.86 29.76 13.63
C PRO D 104 66.67 30.55 13.08
N VAL D 105 65.48 30.04 13.36
CA VAL D 105 64.29 30.43 12.59
C VAL D 105 63.92 31.89 12.79
N GLU D 106 64.32 32.43 13.94
CA GLU D 106 64.01 33.80 14.31
C GLU D 106 64.66 34.81 13.36
N ASP D 107 65.75 34.41 12.74
CA ASP D 107 66.53 35.31 11.89
C ASP D 107 65.79 35.68 10.61
N LEU D 108 64.99 34.76 10.11
CA LEU D 108 64.25 34.98 8.87
C LEU D 108 63.29 36.16 8.98
N ALA D 109 63.32 36.84 10.13
CA ALA D 109 62.22 37.65 10.59
C ALA D 109 61.76 38.64 9.53
N ASP D 110 62.71 39.40 9.01
CA ASP D 110 62.38 40.45 8.04
C ASP D 110 63.14 40.32 6.74
N SER D 111 63.72 39.15 6.51
CA SER D 111 64.52 38.90 5.32
C SER D 111 63.72 38.17 4.23
N VAL D 112 62.73 37.41 4.67
CA VAL D 112 61.87 36.65 3.75
C VAL D 112 60.38 36.93 3.98
N THR D 113 59.63 37.04 2.90
CA THR D 113 58.20 37.24 2.97
C THR D 113 57.58 35.87 2.83
N VAL D 114 56.89 35.43 3.88
CA VAL D 114 56.16 34.19 3.85
C VAL D 114 54.68 34.52 3.78
N ALA D 115 54.07 34.20 2.65
CA ALA D 115 52.65 34.42 2.44
C ALA D 115 51.99 33.11 2.09
N VAL D 116 51.21 32.59 3.03
CA VAL D 116 50.45 31.35 2.83
C VAL D 116 48.98 31.70 2.78
N SER D 117 48.35 31.36 1.67
CA SER D 117 46.91 31.51 1.51
C SER D 117 46.25 30.14 1.67
N GLY D 118 45.35 30.02 2.63
CA GLY D 118 44.68 28.75 2.90
C GLY D 118 43.57 28.45 1.92
N GLY D 119 43.27 27.18 1.77
CA GLY D 119 42.10 26.77 1.00
C GLY D 119 42.45 26.51 -0.45
N SER D 120 42.46 25.23 -0.81
CA SER D 120 42.91 24.79 -2.12
C SER D 120 41.90 23.86 -2.73
N PRO D 121 40.71 24.39 -3.03
CA PRO D 121 39.67 23.55 -3.57
C PRO D 121 39.91 23.14 -5.01
N GLY D 122 39.33 22.01 -5.37
CA GLY D 122 39.16 21.59 -6.75
C GLY D 122 40.47 21.23 -7.44
N VAL D 123 40.81 22.01 -8.45
CA VAL D 123 41.97 21.73 -9.29
C VAL D 123 43.23 22.39 -8.79
N ILE D 124 43.17 23.09 -7.67
CA ILE D 124 44.34 23.77 -7.12
C ILE D 124 45.20 22.75 -6.34
N SER D 125 46.44 22.59 -6.76
CA SER D 125 47.38 21.70 -6.08
C SER D 125 48.20 22.49 -5.07
N PRO D 126 48.20 22.06 -3.79
CA PRO D 126 48.98 22.84 -2.78
C PRO D 126 50.45 22.84 -3.14
N HIS D 127 51.11 23.93 -2.84
CA HIS D 127 52.46 24.17 -3.31
C HIS D 127 53.04 25.42 -2.65
N VAL D 128 54.32 25.65 -2.90
CA VAL D 128 55.00 26.87 -2.51
C VAL D 128 55.83 27.33 -3.70
N THR D 129 55.67 28.60 -4.05
CA THR D 129 56.46 29.27 -5.06
C THR D 129 57.60 29.95 -4.32
N VAL D 130 58.82 29.53 -4.64
CA VAL D 130 60.05 30.03 -3.99
C VAL D 130 60.62 31.13 -4.87
N VAL D 131 60.70 32.33 -4.32
CA VAL D 131 61.16 33.50 -5.07
C VAL D 131 62.55 33.88 -4.60
N THR D 132 63.51 33.81 -5.52
CA THR D 132 64.90 34.25 -5.24
C THR D 132 65.23 35.50 -5.98
N GLN D 133 66.12 36.27 -5.38
CA GLN D 133 66.69 37.40 -6.08
C GLN D 133 68.14 37.65 -5.64
N GLU D 134 69.01 37.70 -6.62
CA GLU D 134 70.39 38.15 -6.41
C GLU D 134 70.73 39.33 -7.34
N TRP D 135 71.77 40.07 -6.99
CA TRP D 135 72.27 41.14 -7.86
C TRP D 135 73.61 40.77 -8.47
N VAL D 136 73.75 41.03 -9.77
CA VAL D 136 74.91 40.57 -10.54
C VAL D 136 75.48 41.70 -11.38
N ALA D 137 76.80 41.67 -11.57
CA ALA D 137 77.58 42.92 -11.68
C ALA D 137 77.55 43.49 -13.08
N ASP D 138 76.66 42.92 -13.91
CA ASP D 138 77.06 42.44 -15.21
C ASP D 138 75.83 41.96 -16.00
N LEU D 139 75.38 42.82 -16.88
CA LEU D 139 74.03 42.73 -17.43
C LEU D 139 73.97 41.93 -18.72
N PRO D 140 73.22 40.78 -18.74
CA PRO D 140 73.65 39.82 -19.74
C PRO D 140 72.84 39.90 -21.02
N ALA D 141 73.50 39.65 -22.15
CA ALA D 141 73.10 40.29 -23.40
C ALA D 141 72.13 39.46 -24.20
N GLY D 142 71.03 40.10 -24.59
CA GLY D 142 70.06 39.49 -25.52
C GLY D 142 68.70 39.31 -24.88
N LEU D 143 68.55 39.76 -23.64
CA LEU D 143 67.25 39.73 -22.97
C LEU D 143 66.32 40.79 -23.52
N PRO D 144 65.18 40.37 -24.07
CA PRO D 144 64.27 41.30 -24.74
C PRO D 144 63.41 42.10 -23.76
N GLY D 145 63.23 43.38 -24.08
CA GLY D 145 62.40 44.28 -23.31
C GLY D 145 62.72 44.31 -21.83
N VAL D 146 61.67 44.45 -21.04
CA VAL D 146 61.77 44.53 -19.57
C VAL D 146 61.69 43.15 -18.90
N GLY D 147 62.15 43.09 -17.65
CA GLY D 147 62.23 41.82 -16.91
C GLY D 147 61.79 41.94 -15.47
N LEU D 148 61.49 40.78 -14.89
CA LEU D 148 60.94 40.71 -13.53
C LEU D 148 61.94 41.20 -12.50
N VAL D 149 61.42 42.00 -11.58
CA VAL D 149 62.18 42.44 -10.41
C VAL D 149 61.26 42.40 -9.17
N VAL D 150 61.87 42.10 -8.04
CA VAL D 150 61.16 41.95 -6.77
C VAL D 150 61.58 43.04 -5.80
N GLY D 151 60.60 43.66 -5.16
CA GLY D 151 60.86 44.61 -4.08
C GLY D 151 60.09 44.28 -2.83
N ARG D 152 60.68 44.61 -1.69
CA ARG D 152 60.06 44.32 -0.39
C ARG D 152 60.10 45.55 0.48
N GLY D 153 59.12 45.62 1.37
CA GLY D 153 58.94 46.76 2.24
C GLY D 153 58.29 46.41 3.57
N HIS D 154 58.51 47.27 4.57
CA HIS D 154 57.96 47.08 5.92
C HIS D 154 57.31 48.36 6.42
N THR D 155 56.15 48.22 7.02
CA THR D 155 55.44 49.37 7.57
C THR D 155 55.99 49.68 8.95
N GLU D 156 55.79 50.93 9.38
CA GLU D 156 55.89 51.25 10.84
C GLU D 156 54.81 50.46 11.57
N PRO D 157 54.99 50.22 12.88
CA PRO D 157 53.95 49.49 13.54
C PRO D 157 52.61 50.12 13.24
N ILE D 158 51.63 49.27 12.95
CA ILE D 158 50.22 49.68 12.76
C ILE D 158 49.41 49.40 14.05
N LEU D 159 49.03 50.48 14.71
CA LEU D 159 48.38 50.40 16.01
C LEU D 159 46.91 50.08 15.78
N PRO D 160 46.26 49.42 16.76
CA PRO D 160 44.83 49.07 16.59
C PRO D 160 43.90 50.26 16.25
N GLU D 161 44.10 51.39 16.94
CA GLU D 161 43.53 52.69 16.54
C GLU D 161 43.73 53.07 15.07
N ASP D 162 44.70 52.47 14.37
CA ASP D 162 44.98 52.79 12.94
C ASP D 162 44.20 51.93 11.98
N ILE D 163 43.86 50.72 12.41
CA ILE D 163 43.28 49.71 11.52
C ILE D 163 42.02 50.24 10.86
N GLY D 164 41.95 50.06 9.55
CA GLY D 164 40.85 50.56 8.75
C GLY D 164 40.77 52.06 8.59
N ARG D 165 41.78 52.78 9.09
CA ARG D 165 41.77 54.24 9.08
C ARG D 165 42.98 54.78 8.30
N THR D 166 42.98 56.08 8.12
CA THR D 166 43.96 56.73 7.24
C THR D 166 45.38 56.45 7.67
N ALA D 167 45.64 56.35 8.95
CA ALA D 167 46.99 56.06 9.43
C ALA D 167 47.57 54.78 8.78
N GLN D 168 46.72 53.76 8.70
CA GLN D 168 47.09 52.52 8.03
C GLN D 168 47.36 52.78 6.57
N VAL D 169 46.45 53.51 5.94
CA VAL D 169 46.57 53.87 4.52
C VAL D 169 47.97 54.46 4.24
N ASP D 170 48.40 55.33 5.16
CA ASP D 170 49.64 56.07 5.01
C ASP D 170 50.86 55.18 5.21
N LYS D 171 50.80 54.39 6.29
CA LYS D 171 51.93 53.51 6.65
C LYS D 171 52.18 52.48 5.56
N VAL D 172 51.08 51.95 5.02
CA VAL D 172 51.16 51.00 3.89
C VAL D 172 51.73 51.67 2.67
N ALA D 173 51.23 52.86 2.33
CA ALA D 173 51.76 53.64 1.20
C ALA D 173 53.29 53.84 1.27
N ASP D 174 53.75 54.18 2.47
CA ASP D 174 55.18 54.35 2.72
C ASP D 174 55.94 53.05 2.42
N ALA D 175 55.40 51.96 2.90
CA ALA D 175 56.00 50.64 2.72
C ALA D 175 56.02 50.24 1.25
N VAL D 176 55.01 50.60 0.50
CA VAL D 176 54.94 50.30 -0.92
C VAL D 176 55.96 51.12 -1.70
N ALA D 177 56.05 52.41 -1.39
CA ALA D 177 57.06 53.28 -1.98
C ALA D 177 58.47 52.72 -1.71
N ALA D 178 58.68 52.31 -0.48
CA ALA D 178 59.94 51.68 -0.04
C ALA D 178 60.24 50.44 -0.85
N ALA D 179 59.24 49.64 -1.14
CA ALA D 179 59.35 48.44 -1.94
C ALA D 179 59.68 48.75 -3.38
N MET D 180 59.04 49.78 -3.93
CA MET D 180 59.32 50.23 -5.29
C MET D 180 60.79 50.65 -5.45
N LEU D 181 61.30 51.30 -4.41
CA LEU D 181 62.68 51.72 -4.35
C LEU D 181 63.61 50.53 -4.24
N ASP D 182 63.30 49.61 -3.36
CA ASP D 182 64.07 48.38 -3.20
C ASP D 182 64.20 47.63 -4.51
N ALA D 183 63.16 47.63 -5.31
CA ALA D 183 63.21 46.96 -6.61
C ALA D 183 63.89 47.76 -7.71
N GLY D 184 64.12 49.04 -7.47
CA GLY D 184 64.70 49.93 -8.47
C GLY D 184 63.71 50.33 -9.56
N VAL D 185 62.46 50.51 -9.13
CA VAL D 185 61.38 50.87 -10.03
C VAL D 185 60.83 52.23 -9.61
N THR D 186 60.57 53.06 -10.60
CA THR D 186 59.94 54.36 -10.36
C THR D 186 58.63 54.57 -11.12
N ASP D 187 58.42 53.82 -12.21
CA ASP D 187 57.20 53.91 -12.99
C ASP D 187 56.16 52.91 -12.45
N PRO D 188 55.06 53.42 -11.86
CA PRO D 188 54.07 52.53 -11.29
C PRO D 188 53.34 51.68 -12.32
N ASP D 189 53.34 52.08 -13.57
CA ASP D 189 52.78 51.22 -14.64
C ASP D 189 53.58 49.94 -14.88
N ASP D 190 54.76 49.85 -14.27
CA ASP D 190 55.58 48.62 -14.36
C ASP D 190 55.44 47.74 -13.13
N VAL D 191 54.68 48.18 -12.15
CA VAL D 191 54.28 47.37 -10.99
C VAL D 191 53.05 46.54 -11.31
N HIS D 192 53.14 45.23 -11.18
CA HIS D 192 52.10 44.32 -11.69
C HIS D 192 51.43 43.47 -10.58
N LEU D 193 52.03 43.46 -9.40
CA LEU D 193 51.44 42.80 -8.26
C LEU D 193 52.00 43.37 -6.96
N VAL D 194 51.10 43.66 -6.04
CA VAL D 194 51.50 44.15 -4.71
C VAL D 194 50.73 43.37 -3.64
N MET D 195 51.44 42.52 -2.93
CA MET D 195 50.87 41.78 -1.81
C MET D 195 51.13 42.49 -0.51
N VAL D 196 50.08 42.78 0.24
CA VAL D 196 50.21 43.42 1.54
C VAL D 196 49.69 42.48 2.62
N LYS D 197 50.50 42.26 3.64
CA LYS D 197 50.09 41.53 4.79
C LYS D 197 50.01 42.48 6.00
N GLY D 198 48.78 42.69 6.50
CA GLY D 198 48.51 43.61 7.62
C GLY D 198 48.12 42.88 8.89
N PRO D 199 47.96 43.62 10.00
CA PRO D 199 47.32 43.03 11.16
C PRO D 199 45.79 43.21 11.19
N ALA D 200 45.20 42.43 12.10
CA ALA D 200 43.83 42.44 12.53
C ALA D 200 43.68 42.72 14.06
N LEU D 201 42.43 42.89 14.51
CA LEU D 201 42.01 43.22 15.91
C LEU D 201 41.79 42.03 16.90
N MET D 229 39.31 43.21 10.06
CA MET D 229 39.81 42.31 8.98
C MET D 229 39.47 42.82 7.57
N CYS D 230 38.19 42.95 7.30
CA CYS D 230 37.72 43.62 6.08
C CYS D 230 38.20 45.06 6.01
N TRP D 231 38.27 45.72 7.18
CA TRP D 231 38.76 47.09 7.25
C TRP D 231 40.24 47.21 6.91
N SER D 232 41.05 46.40 7.59
CA SER D 232 42.49 46.34 7.39
C SER D 232 42.82 46.14 5.89
N ASN D 233 42.10 45.23 5.26
CA ASN D 233 42.31 44.90 3.88
C ASN D 233 41.99 46.09 2.98
N ASP D 234 40.89 46.78 3.25
CA ASP D 234 40.49 47.92 2.44
C ASP D 234 41.50 49.07 2.55
N ALA D 235 41.91 49.37 3.79
CA ALA D 235 42.87 50.43 4.05
C ALA D 235 44.20 50.12 3.36
N SER D 236 44.64 48.88 3.49
CA SER D 236 45.87 48.40 2.84
C SER D 236 45.78 48.58 1.34
N ALA D 237 44.66 48.19 0.76
CA ALA D 237 44.48 48.31 -0.70
C ALA D 237 44.56 49.77 -1.14
N LEU D 238 43.98 50.65 -0.32
CA LEU D 238 44.01 52.08 -0.58
C LEU D 238 45.41 52.62 -0.53
N GLY D 239 46.19 52.14 0.44
CA GLY D 239 47.62 52.46 0.58
C GLY D 239 48.38 52.20 -0.70
N VAL D 240 48.14 51.03 -1.27
CA VAL D 240 48.77 50.64 -2.55
C VAL D 240 48.35 51.64 -3.64
N ALA D 241 47.07 51.93 -3.67
CA ALA D 241 46.51 52.85 -4.68
C ALA D 241 47.19 54.23 -4.60
N VAL D 242 47.39 54.71 -3.38
CA VAL D 242 48.02 56.00 -3.15
C VAL D 242 49.47 55.99 -3.62
N ALA D 243 50.24 54.99 -3.17
CA ALA D 243 51.65 54.90 -3.48
C ALA D 243 51.95 54.72 -4.97
N LEU D 244 51.06 54.08 -5.69
CA LEU D 244 51.15 53.93 -7.15
C LEU D 244 50.49 55.06 -7.97
N GLY D 245 50.07 56.14 -7.30
CA GLY D 245 49.36 57.26 -7.94
C GLY D 245 47.98 56.98 -8.53
N GLU D 246 47.45 55.79 -8.29
CA GLU D 246 46.15 55.40 -8.84
C GLU D 246 45.04 56.23 -8.22
N VAL D 247 45.30 56.69 -7.00
CA VAL D 247 44.37 57.55 -6.26
C VAL D 247 45.14 58.67 -5.58
N LYS D 248 44.61 59.87 -5.72
CA LYS D 248 45.20 61.04 -5.11
C LYS D 248 45.00 60.98 -3.58
N ARG D 249 46.05 61.29 -2.84
CA ARG D 249 45.98 61.28 -1.36
C ARG D 249 44.89 62.19 -0.76
N ASP D 250 44.67 63.33 -1.39
CA ASP D 250 43.60 64.25 -0.97
C ASP D 250 42.22 63.61 -0.84
N LEU D 251 41.96 62.59 -1.65
CA LEU D 251 40.64 61.98 -1.72
C LEU D 251 40.42 60.96 -0.61
N VAL D 252 41.37 60.81 0.31
CA VAL D 252 41.31 59.77 1.31
C VAL D 252 40.81 60.35 2.61
N ALA D 253 39.89 59.66 3.27
CA ALA D 253 39.37 60.05 4.57
C ALA D 253 38.74 58.83 5.26
N ASP D 254 38.66 58.86 6.59
CA ASP D 254 38.09 57.72 7.36
C ASP D 254 36.66 57.38 6.92
N ASP D 255 35.91 58.43 6.60
CA ASP D 255 34.61 58.31 5.96
C ASP D 255 34.77 57.91 4.50
N SER D 265 42.80 49.96 -6.30
CA SER D 265 44.00 49.53 -7.00
C SER D 265 43.76 48.27 -7.86
N ALA D 266 44.21 48.32 -9.10
CA ALA D 266 44.07 47.19 -10.03
C ALA D 266 45.02 45.98 -9.73
N VAL D 267 46.00 46.20 -8.87
CA VAL D 267 47.11 45.24 -8.66
C VAL D 267 47.37 44.87 -7.19
N ALA D 268 46.54 45.38 -6.29
CA ALA D 268 46.67 45.08 -4.85
C ALA D 268 46.08 43.70 -4.51
N ALA D 269 46.77 43.00 -3.63
CA ALA D 269 46.37 41.69 -3.12
C ALA D 269 46.64 41.73 -1.63
N THR D 270 45.60 42.09 -0.89
CA THR D 270 45.74 42.39 0.53
C THR D 270 45.19 41.27 1.41
N SER D 271 45.80 41.06 2.56
CA SER D 271 45.31 40.11 3.55
C SER D 271 45.72 40.59 4.93
N SER D 272 44.98 40.13 5.93
CA SER D 272 45.24 40.54 7.32
C SER D 272 44.90 39.43 8.32
N GLY D 273 45.53 39.52 9.49
CA GLY D 273 45.41 38.49 10.52
C GLY D 273 46.52 38.60 11.56
N GLY D 274 46.35 37.89 12.66
CA GLY D 274 47.32 37.88 13.75
C GLY D 274 47.38 39.20 14.52
N GLU D 275 48.32 39.26 15.44
CA GLU D 275 48.55 40.43 16.27
C GLU D 275 49.73 41.29 15.82
N LYS D 276 50.57 40.77 14.93
CA LYS D 276 51.81 41.45 14.49
C LYS D 276 51.53 42.85 13.92
N ARG D 277 51.96 43.87 14.66
CA ARG D 277 51.71 45.27 14.28
C ARG D 277 52.45 45.71 13.01
N GLY D 278 53.54 45.02 12.69
CA GLY D 278 54.33 45.29 11.48
C GLY D 278 53.70 44.71 10.21
N GLY D 279 53.22 45.59 9.34
CA GLY D 279 52.75 45.20 8.02
C GLY D 279 53.93 44.88 7.10
N GLU D 280 53.64 44.16 6.03
CA GLU D 280 54.68 43.75 5.07
C GLU D 280 54.21 43.86 3.63
N VAL D 281 55.08 44.38 2.77
CA VAL D 281 54.78 44.49 1.32
C VAL D 281 55.74 43.63 0.53
N LEU D 282 55.17 42.93 -0.43
CA LEU D 282 55.92 42.20 -1.44
C LEU D 282 55.44 42.68 -2.79
N LEU D 283 56.37 43.18 -3.58
CA LEU D 283 56.05 43.85 -4.84
C LEU D 283 56.77 43.15 -6.01
N LEU D 284 56.02 42.88 -7.06
CA LEU D 284 56.55 42.26 -8.26
C LEU D 284 56.29 43.19 -9.45
N ALA D 285 57.38 43.57 -10.09
CA ALA D 285 57.36 44.56 -11.17
C ALA D 285 58.29 44.14 -12.28
N ASN D 286 58.39 45.01 -13.28
CA ASN D 286 59.39 44.89 -14.31
C ASN D 286 60.32 46.10 -14.35
N SER D 287 61.50 45.89 -14.91
CA SER D 287 62.41 47.02 -15.21
C SER D 287 63.35 46.65 -16.34
N ALA D 288 63.81 47.67 -17.04
CA ALA D 288 64.77 47.52 -18.16
C ALA D 288 66.12 46.99 -17.66
N GLN D 289 66.43 47.28 -16.38
CA GLN D 289 67.68 46.86 -15.75
C GLN D 289 67.67 45.44 -15.20
N SER D 290 66.69 44.64 -15.58
CA SER D 290 66.50 43.33 -14.99
C SER D 290 67.28 42.26 -15.74
N ALA D 291 68.04 41.48 -15.00
CA ALA D 291 68.75 40.29 -15.52
C ALA D 291 67.92 39.00 -15.43
N SER D 292 66.68 39.11 -14.98
N SER D 292 66.68 39.11 -14.98
CA SER D 292 65.78 37.98 -14.87
CA SER D 292 65.79 37.97 -14.89
C SER D 292 65.35 37.37 -16.20
C SER D 292 65.37 37.37 -16.22
N GLU D 293 65.23 36.05 -16.20
CA GLU D 293 64.68 35.29 -17.33
C GLU D 293 63.16 35.12 -17.20
N LEU D 294 62.53 36.02 -16.46
CA LEU D 294 61.08 36.09 -16.34
C LEU D 294 60.54 37.50 -16.58
N ARG D 295 59.29 37.57 -16.95
CA ARG D 295 58.56 38.82 -16.99
C ARG D 295 57.14 38.68 -16.41
N ILE D 296 56.68 39.73 -15.74
CA ILE D 296 55.35 39.74 -15.17
C ILE D 296 54.36 40.65 -15.91
N GLY D 297 53.12 40.21 -16.01
CA GLY D 297 52.00 41.03 -16.50
C GLY D 297 50.77 40.89 -15.61
N HIS D 298 49.75 41.69 -15.88
CA HIS D 298 48.54 41.65 -15.08
C HIS D 298 47.31 41.88 -15.92
N GLY D 299 46.18 41.51 -15.36
CA GLY D 299 44.86 41.70 -15.99
C GLY D 299 43.80 41.82 -14.93
N ILE D 300 42.60 42.11 -15.38
CA ILE D 300 41.43 42.26 -14.52
C ILE D 300 40.38 41.28 -14.98
N THR D 301 39.92 40.46 -14.04
CA THR D 301 38.85 39.54 -14.28
C THR D 301 37.54 40.35 -14.21
N ARG D 302 36.78 40.36 -15.29
CA ARG D 302 35.63 41.27 -15.43
C ARG D 302 34.39 40.82 -14.63
N ASP D 303 34.07 39.55 -14.73
CA ASP D 303 33.10 38.90 -13.84
C ASP D 303 33.54 37.49 -13.42
N MET D 304 32.72 36.81 -12.63
CA MET D 304 33.06 35.49 -12.07
C MET D 304 33.29 34.35 -13.10
N ALA D 305 32.79 34.54 -14.30
CA ALA D 305 32.95 33.55 -15.38
C ALA D 305 33.99 33.96 -16.45
N ASP D 306 34.68 35.07 -16.23
CA ASP D 306 35.58 35.66 -17.24
C ASP D 306 37.00 35.12 -17.24
N THR D 307 37.45 34.65 -18.40
CA THR D 307 38.86 34.25 -18.59
C THR D 307 39.76 35.32 -19.18
N GLU D 308 39.19 36.39 -19.72
CA GLU D 308 39.97 37.44 -20.40
C GLU D 308 41.00 38.15 -19.53
N GLY D 309 40.73 38.36 -18.26
CA GLY D 309 41.71 38.94 -17.36
C GLY D 309 42.94 38.08 -17.21
N ILE D 310 42.71 36.78 -17.10
CA ILE D 310 43.81 35.80 -16.97
C ILE D 310 44.65 35.85 -18.25
N LYS D 311 43.95 35.79 -19.37
CA LYS D 311 44.59 35.84 -20.70
C LYS D 311 45.41 37.12 -20.87
N THR D 312 44.85 38.23 -20.46
CA THR D 312 45.54 39.53 -20.55
C THR D 312 46.80 39.50 -19.72
N ALA D 313 46.72 38.93 -18.52
CA ALA D 313 47.90 38.79 -17.65
C ALA D 313 49.02 38.01 -18.36
N ILE D 314 48.61 36.91 -18.99
CA ILE D 314 49.55 36.02 -19.67
C ILE D 314 50.18 36.75 -20.88
N ARG D 315 49.33 37.38 -21.65
CA ARG D 315 49.69 38.02 -22.90
C ARG D 315 50.63 39.23 -22.68
N THR D 316 50.22 40.13 -21.81
CA THR D 316 51.03 41.27 -21.45
C THR D 316 52.31 40.88 -20.77
N ALA D 317 52.40 39.67 -20.21
CA ALA D 317 53.66 39.18 -19.63
C ALA D 317 54.65 38.76 -20.70
N GLY D 318 54.16 38.48 -21.91
CA GLY D 318 55.02 38.21 -23.06
C GLY D 318 54.64 37.06 -23.96
N VAL D 319 53.52 36.40 -23.73
CA VAL D 319 53.09 35.28 -24.56
C VAL D 319 52.12 35.81 -25.59
N ASP D 320 52.40 35.48 -26.85
CA ASP D 320 51.61 35.99 -27.96
C ASP D 320 50.68 34.89 -28.44
N PHE D 321 49.39 35.10 -28.21
CA PHE D 321 48.35 34.16 -28.63
C PHE D 321 47.03 34.90 -28.77
N ASP D 322 46.09 34.28 -29.45
CA ASP D 322 44.76 34.87 -29.62
C ASP D 322 43.86 34.35 -28.50
N CYS D 323 43.39 33.12 -28.63
CA CYS D 323 42.37 32.60 -27.76
C CYS D 323 42.93 31.51 -26.82
N CYS D 324 43.53 30.48 -27.39
CA CYS D 324 44.08 29.40 -26.59
C CYS D 324 45.59 29.44 -26.60
N LEU D 325 46.17 28.82 -25.58
CA LEU D 325 47.60 28.57 -25.55
C LEU D 325 47.88 27.17 -26.09
N SER D 326 49.01 27.03 -26.77
CA SER D 326 49.55 25.72 -27.12
C SER D 326 50.23 25.12 -25.90
N PRO D 327 50.45 23.81 -25.90
CA PRO D 327 51.19 23.18 -24.82
C PRO D 327 52.49 23.88 -24.45
N ALA D 328 53.22 24.30 -25.48
CA ALA D 328 54.50 24.98 -25.29
C ALA D 328 54.28 26.31 -24.58
N GLN D 329 53.30 27.04 -25.07
CA GLN D 329 52.95 28.35 -24.51
C GLN D 329 52.53 28.22 -23.07
N GLN D 330 51.70 27.23 -22.81
CA GLN D 330 51.27 26.88 -21.44
C GLN D 330 52.48 26.65 -20.53
N ALA D 331 53.44 25.88 -21.01
CA ALA D 331 54.66 25.62 -20.27
C ALA D 331 55.53 26.88 -20.04
N GLN D 332 55.34 27.89 -20.86
CA GLN D 332 56.06 29.13 -20.73
C GLN D 332 55.51 29.93 -19.48
N VAL D 333 54.27 29.64 -19.06
CA VAL D 333 53.68 30.27 -17.84
C VAL D 333 54.18 29.59 -16.54
N VAL D 334 54.90 30.35 -15.73
CA VAL D 334 55.58 29.79 -14.57
C VAL D 334 54.69 29.80 -13.33
N GLN D 335 53.98 30.90 -13.14
CA GLN D 335 53.05 31.02 -12.05
C GLN D 335 51.98 32.07 -12.35
N VAL D 336 50.78 31.84 -11.81
CA VAL D 336 49.70 32.81 -11.87
C VAL D 336 49.28 33.16 -10.44
N PHE D 337 49.10 34.45 -10.17
CA PHE D 337 48.67 34.93 -8.84
C PHE D 337 47.36 35.64 -9.05
N GLY D 338 46.27 34.94 -8.76
CA GLY D 338 44.90 35.47 -8.96
C GLY D 338 44.15 35.58 -7.66
N LYS D 339 43.55 36.75 -7.42
CA LYS D 339 42.77 36.96 -6.21
C LYS D 339 41.30 36.94 -6.53
N PHE D 340 40.61 35.90 -6.07
CA PHE D 340 39.23 35.70 -6.45
C PHE D 340 38.31 35.96 -5.26
N VAL D 341 38.19 37.24 -4.97
CA VAL D 341 37.21 37.81 -4.02
C VAL D 341 35.80 37.57 -4.55
N LEU D 342 34.83 37.49 -3.64
CA LEU D 342 33.45 37.27 -4.06
C LEU D 342 33.00 38.43 -4.95
N PRO D 343 32.09 38.18 -5.88
CA PRO D 343 31.63 39.27 -6.73
C PRO D 343 30.90 40.39 -6.00
N GLY D 344 30.77 41.53 -6.67
CA GLY D 344 30.06 42.68 -6.13
C GLY D 344 28.56 42.50 -6.11
N SER D 345 28.04 41.69 -7.02
CA SER D 345 26.62 41.40 -7.06
C SER D 345 26.34 39.94 -7.36
N ASP D 346 25.07 39.59 -7.22
CA ASP D 346 24.60 38.25 -7.50
C ASP D 346 24.00 38.10 -8.90
N VAL D 347 24.33 39.03 -9.78
CA VAL D 347 23.89 38.96 -11.17
C VAL D 347 25.12 38.70 -12.03
N LEU D 348 25.01 37.69 -12.88
CA LEU D 348 26.11 37.27 -13.77
C LEU D 348 25.55 37.00 -15.18
N ARG D 349 26.08 37.70 -16.18
CA ARG D 349 25.55 37.67 -17.56
C ARG D 349 24.03 37.71 -17.55
N GLY D 350 23.47 38.66 -16.81
CA GLY D 350 22.02 38.83 -16.74
C GLY D 350 21.22 37.81 -15.93
N GLN D 351 21.90 36.90 -15.22
CA GLN D 351 21.20 35.88 -14.45
C GLN D 351 21.60 35.87 -12.99
N HIS D 352 20.67 35.41 -12.17
CA HIS D 352 20.93 35.25 -10.73
C HIS D 352 21.91 34.10 -10.46
N ILE D 353 22.88 34.37 -9.60
CA ILE D 353 23.74 33.34 -9.07
C ILE D 353 23.70 33.28 -7.54
N THR D 354 24.12 32.14 -6.99
CA THR D 354 24.05 31.85 -5.54
C THR D 354 25.31 32.19 -4.80
N ALA D 355 26.28 32.75 -5.52
CA ALA D 355 27.64 32.92 -5.00
C ALA D 355 27.77 33.75 -3.76
N LEU D 356 26.86 34.71 -3.58
CA LEU D 356 26.88 35.54 -2.35
C LEU D 356 26.09 34.91 -1.19
N ASP D 357 25.07 34.11 -1.51
CA ASP D 357 24.23 33.48 -0.51
C ASP D 357 24.85 32.23 0.12
N ASP D 358 25.77 31.60 -0.61
CA ASP D 358 26.30 30.30 -0.28
C ASP D 358 27.12 30.40 1.01
N HIS D 359 26.84 29.51 1.94
CA HIS D 359 27.60 29.40 3.19
C HIS D 359 29.09 29.08 2.92
N GLU D 360 29.34 28.42 1.79
CA GLU D 360 30.68 28.07 1.34
C GLU D 360 31.24 29.01 0.27
N ALA D 361 30.74 30.24 0.20
CA ALA D 361 31.15 31.22 -0.79
C ALA D 361 32.66 31.36 -0.95
N HIS D 362 33.37 31.52 0.14
CA HIS D 362 34.82 31.69 0.19
C HIS D 362 35.52 30.53 -0.56
N HIS D 363 35.08 29.32 -0.28
CA HIS D 363 35.67 28.14 -0.86
C HIS D 363 35.31 28.07 -2.36
N VAL D 364 34.03 28.29 -2.65
CA VAL D 364 33.52 28.19 -4.00
C VAL D 364 34.21 29.19 -4.93
N ALA D 365 34.46 30.39 -4.46
CA ALA D 365 35.06 31.43 -5.27
C ALA D 365 36.45 31.00 -5.78
N LYS D 366 37.21 30.47 -4.86
CA LYS D 366 38.55 29.93 -5.17
C LYS D 366 38.40 28.73 -6.07
N ALA D 367 37.37 27.91 -5.87
CA ALA D 367 37.21 26.74 -6.74
C ALA D 367 37.03 27.20 -8.19
N VAL D 368 36.18 28.22 -8.36
CA VAL D 368 35.84 28.73 -9.68
C VAL D 368 37.11 29.35 -10.31
N GLY D 369 37.78 30.19 -9.55
CA GLY D 369 38.98 30.85 -10.02
C GLY D 369 40.05 29.84 -10.44
N GLY D 370 40.22 28.83 -9.64
CA GLY D 370 41.19 27.76 -9.91
C GLY D 370 40.82 27.05 -11.19
N ALA D 371 39.54 26.77 -11.37
CA ALA D 371 39.06 26.09 -12.58
C ALA D 371 39.43 26.93 -13.81
N LEU D 372 39.23 28.23 -13.70
CA LEU D 372 39.48 29.12 -14.84
C LEU D 372 40.97 29.17 -15.18
N VAL D 373 41.76 29.50 -14.17
CA VAL D 373 43.21 29.64 -14.36
C VAL D 373 43.83 28.33 -14.93
N VAL D 374 43.59 27.25 -14.24
CA VAL D 374 44.12 25.97 -14.61
C VAL D 374 43.61 25.53 -15.97
N SER D 375 42.37 25.88 -16.33
CA SER D 375 41.85 25.48 -17.65
C SER D 375 42.63 26.13 -18.76
N ILE D 376 43.23 27.29 -18.48
CA ILE D 376 44.02 28.03 -19.46
C ILE D 376 45.47 27.57 -19.47
N THR D 377 46.07 27.43 -18.29
CA THR D 377 47.51 27.12 -18.17
C THR D 377 47.84 25.64 -18.03
N GLY D 378 46.85 24.81 -17.73
CA GLY D 378 47.07 23.37 -17.46
C GLY D 378 47.99 23.06 -16.27
N GLN D 379 48.21 24.04 -15.40
CA GLN D 379 49.04 23.85 -14.23
C GLN D 379 48.29 23.98 -12.86
N PRO D 380 47.96 22.85 -12.23
CA PRO D 380 47.29 22.88 -10.92
C PRO D 380 47.98 23.66 -9.81
N MET D 381 49.32 23.75 -9.82
CA MET D 381 50.04 24.52 -8.79
C MET D 381 49.99 26.03 -9.04
N SER D 382 48.78 26.58 -9.04
CA SER D 382 48.55 28.02 -9.26
C SER D 382 48.15 28.69 -7.96
N PHE D 383 48.60 29.91 -7.77
CA PHE D 383 48.27 30.66 -6.55
C PHE D 383 46.89 31.36 -6.72
N ILE D 384 45.85 30.68 -6.24
CA ILE D 384 44.51 31.20 -6.23
C ILE D 384 44.10 31.59 -4.81
N SER D 385 44.03 32.89 -4.55
CA SER D 385 43.60 33.39 -3.25
C SER D 385 42.23 34.05 -3.35
N GLY D 386 41.76 34.56 -2.23
CA GLY D 386 40.52 35.32 -2.20
C GLY D 386 39.50 34.71 -1.29
N GLY D 387 38.26 34.76 -1.74
CA GLY D 387 37.11 34.31 -0.96
C GLY D 387 36.53 35.41 -0.10
N GLU D 388 37.32 36.42 0.21
CA GLU D 388 36.77 37.59 0.96
C GLU D 388 35.55 38.19 0.30
N ARG D 389 34.89 39.10 1.00
CA ARG D 389 33.73 39.82 0.44
C ARG D 389 34.12 41.18 -0.14
N ASN D 390 33.32 41.58 -1.12
CA ASN D 390 33.41 42.87 -1.79
C ASN D 390 32.53 43.88 -1.06
N PRO D 396 29.87 44.46 -8.71
CA PRO D 396 29.51 43.92 -10.02
C PRO D 396 30.71 43.47 -10.82
N GLY D 397 31.87 43.32 -10.19
CA GLY D 397 33.02 42.61 -10.80
C GLY D 397 34.34 43.23 -10.47
N GLY D 398 35.46 42.52 -10.62
CA GLY D 398 36.69 43.21 -11.01
C GLY D 398 37.84 42.75 -10.13
N ASN D 399 38.50 41.73 -10.63
CA ASN D 399 39.38 40.92 -9.81
C ASN D 399 40.79 40.82 -10.34
N PRO D 400 41.81 41.03 -9.44
CA PRO D 400 43.16 41.14 -10.06
C PRO D 400 43.84 39.81 -10.30
N VAL D 401 44.57 39.70 -11.42
CA VAL D 401 45.32 38.51 -11.75
C VAL D 401 46.65 38.92 -12.37
N ALA D 402 47.73 38.33 -11.89
CA ALA D 402 49.07 38.55 -12.44
C ALA D 402 49.62 37.23 -12.96
N ALA D 403 50.40 37.30 -14.03
CA ALA D 403 51.08 36.12 -14.59
C ALA D 403 52.58 36.36 -14.75
N VAL D 404 53.37 35.36 -14.38
CA VAL D 404 54.84 35.40 -14.53
C VAL D 404 55.22 34.36 -15.57
N VAL D 405 55.80 34.84 -16.65
CA VAL D 405 56.18 34.01 -17.77
C VAL D 405 57.69 34.10 -18.10
N ARG D 406 58.18 33.14 -18.87
CA ARG D 406 59.59 33.13 -19.29
C ARG D 406 59.90 34.22 -20.31
N ARG D 407 61.11 34.72 -20.22
CA ARG D 407 61.59 35.76 -21.09
C ARG D 407 62.97 35.40 -21.61
N ARG E 34 2.10 -25.58 -46.92
CA ARG E 34 1.51 -24.38 -46.29
C ARG E 34 1.34 -24.57 -44.78
N TYR E 35 1.22 -23.42 -44.15
CA TYR E 35 1.40 -23.31 -42.73
C TYR E 35 0.09 -22.83 -42.08
N PRO E 36 -0.33 -23.46 -40.96
CA PRO E 36 -1.48 -22.95 -40.23
C PRO E 36 -1.20 -21.73 -39.35
N LYS E 37 -2.11 -20.78 -39.38
CA LYS E 37 -2.04 -19.61 -38.49
C LYS E 37 -3.37 -19.45 -37.73
N ALA E 38 -3.32 -19.86 -36.47
CA ALA E 38 -4.46 -19.79 -35.56
C ALA E 38 -4.40 -18.56 -34.68
N SER E 39 -5.54 -17.92 -34.47
CA SER E 39 -5.62 -16.80 -33.52
C SER E 39 -6.84 -16.98 -32.59
N MET E 40 -6.79 -16.26 -31.47
CA MET E 40 -7.87 -16.22 -30.51
C MET E 40 -8.18 -14.81 -30.11
N HIS E 41 -9.45 -14.46 -30.20
CA HIS E 41 -9.92 -13.14 -29.83
C HIS E 41 -10.99 -13.31 -28.78
N VAL E 42 -10.73 -12.80 -27.59
CA VAL E 42 -11.65 -12.94 -26.47
C VAL E 42 -12.44 -11.66 -26.35
N VAL E 43 -13.75 -11.75 -26.55
CA VAL E 43 -14.64 -10.55 -26.53
C VAL E 43 -15.78 -10.72 -25.54
N PRO E 44 -16.13 -9.66 -24.82
CA PRO E 44 -17.11 -9.78 -23.76
C PRO E 44 -18.52 -9.83 -24.30
N MET E 45 -19.38 -10.42 -23.47
CA MET E 45 -20.82 -10.46 -23.72
C MET E 45 -21.53 -10.02 -22.43
N LEU E 46 -22.36 -8.99 -22.51
CA LEU E 46 -23.13 -8.55 -21.33
C LEU E 46 -24.37 -9.36 -21.06
N ALA E 47 -24.69 -10.23 -22.00
CA ALA E 47 -25.86 -11.09 -21.94
C ALA E 47 -25.68 -12.17 -23.01
N PRO E 48 -26.46 -13.26 -22.91
CA PRO E 48 -26.33 -14.31 -23.93
C PRO E 48 -26.55 -13.86 -25.35
N ASN E 49 -27.35 -12.83 -25.54
CA ASN E 49 -27.60 -12.29 -26.89
C ASN E 49 -26.90 -10.96 -27.18
N ASP E 50 -25.97 -10.55 -26.35
CA ASP E 50 -25.15 -9.37 -26.64
C ASP E 50 -23.98 -9.75 -27.56
N THR E 51 -24.20 -9.58 -28.86
CA THR E 51 -23.19 -9.85 -29.90
C THR E 51 -22.50 -8.58 -30.43
N ALA E 52 -22.57 -7.50 -29.67
CA ALA E 52 -22.04 -6.18 -30.09
C ALA E 52 -20.53 -6.25 -30.35
N ALA E 53 -19.79 -6.55 -29.31
CA ALA E 53 -18.35 -6.65 -29.43
C ALA E 53 -17.93 -7.73 -30.45
N PHE E 54 -18.70 -8.82 -30.47
CA PHE E 54 -18.46 -9.93 -31.37
C PHE E 54 -18.56 -9.46 -32.85
N ARG E 55 -19.64 -8.76 -33.15
N ARG E 55 -19.65 -8.76 -33.14
CA ARG E 55 -19.85 -8.22 -34.51
CA ARG E 55 -19.86 -8.21 -34.50
C ARG E 55 -18.78 -7.18 -34.86
C ARG E 55 -18.79 -7.17 -34.85
N ALA E 56 -18.49 -6.32 -33.89
CA ALA E 56 -17.43 -5.26 -34.05
C ALA E 56 -16.10 -5.85 -34.44
N LEU E 57 -15.85 -7.07 -33.97
CA LEU E 57 -14.63 -7.80 -34.31
C LEU E 57 -14.45 -7.91 -35.83
N PHE E 58 -15.54 -8.17 -36.53
CA PHE E 58 -15.52 -8.38 -37.98
C PHE E 58 -15.72 -7.05 -38.74
N ALA E 59 -16.71 -6.26 -38.31
CA ALA E 59 -17.01 -4.91 -38.88
C ALA E 59 -15.77 -4.02 -38.92
N SER E 60 -14.91 -4.16 -37.93
CA SER E 60 -13.67 -3.39 -37.85
C SER E 60 -12.56 -3.90 -38.79
N GLY E 61 -12.79 -5.01 -39.49
CA GLY E 61 -11.75 -5.64 -40.33
C GLY E 61 -10.67 -6.41 -39.56
N ALA E 62 -10.75 -6.40 -38.23
CA ALA E 62 -9.72 -7.04 -37.35
C ALA E 62 -9.64 -8.56 -37.55
N VAL E 63 -10.78 -9.18 -37.84
CA VAL E 63 -10.89 -10.61 -37.98
C VAL E 63 -11.75 -10.93 -39.21
N ASP E 64 -11.35 -11.95 -39.96
CA ASP E 64 -12.11 -12.39 -41.12
C ASP E 64 -13.13 -13.44 -40.69
N PRO E 65 -14.42 -13.11 -40.77
CA PRO E 65 -15.44 -14.08 -40.31
C PRO E 65 -15.38 -15.44 -40.99
N ALA E 66 -14.92 -15.47 -42.23
CA ALA E 66 -14.81 -16.71 -42.99
C ALA E 66 -13.72 -17.64 -42.45
N SER E 67 -12.80 -17.08 -41.68
CA SER E 67 -11.71 -17.88 -41.09
C SER E 67 -12.03 -18.40 -39.70
N VAL E 68 -13.20 -18.03 -39.17
CA VAL E 68 -13.60 -18.49 -37.84
C VAL E 68 -13.87 -19.99 -37.89
N VAL E 69 -13.20 -20.74 -37.02
CA VAL E 69 -13.40 -22.18 -36.93
C VAL E 69 -13.98 -22.65 -35.59
N ALA E 70 -13.92 -21.81 -34.56
CA ALA E 70 -14.56 -22.15 -33.30
C ALA E 70 -15.00 -20.94 -32.50
N LEU E 71 -16.13 -21.09 -31.84
CA LEU E 71 -16.64 -20.14 -30.83
C LEU E 71 -16.80 -20.87 -29.52
N ILE E 72 -16.10 -20.39 -28.53
CA ILE E 72 -16.02 -21.08 -27.24
C ILE E 72 -16.39 -20.06 -26.15
N ALA E 73 -17.60 -20.20 -25.59
CA ALA E 73 -18.22 -19.13 -24.82
C ALA E 73 -18.67 -19.54 -23.44
N LYS E 74 -18.73 -18.55 -22.56
CA LYS E 74 -19.33 -18.68 -21.25
C LYS E 74 -20.52 -17.78 -21.22
N SER E 75 -21.67 -18.32 -20.83
CA SER E 75 -22.89 -17.55 -20.67
C SER E 75 -23.33 -17.49 -19.19
N GLU E 76 -24.08 -16.43 -18.88
CA GLU E 76 -24.77 -16.30 -17.63
C GLU E 76 -25.97 -17.23 -17.57
N GLY E 77 -26.21 -17.80 -16.40
CA GLY E 77 -27.28 -18.81 -16.24
C GLY E 77 -26.92 -19.91 -15.27
N SER E 78 -27.68 -20.97 -15.31
CA SER E 78 -27.60 -22.01 -14.30
C SER E 78 -26.49 -22.99 -14.55
N GLY E 79 -26.14 -23.18 -15.83
CA GLY E 79 -25.25 -24.27 -16.21
C GLY E 79 -25.85 -25.65 -16.19
N LEU E 80 -27.13 -25.77 -15.83
CA LEU E 80 -27.79 -27.08 -15.76
C LEU E 80 -28.30 -27.52 -17.12
N HIS E 81 -28.80 -28.75 -17.18
CA HIS E 81 -29.20 -29.39 -18.41
C HIS E 81 -30.29 -28.59 -19.14
N ASN E 82 -31.13 -27.89 -18.39
CA ASN E 82 -32.23 -27.09 -18.95
C ASN E 82 -31.94 -25.55 -19.00
N ASP E 83 -30.67 -25.21 -19.11
CA ASP E 83 -30.26 -23.80 -19.20
C ASP E 83 -30.56 -23.27 -20.61
N HIS E 84 -31.66 -22.56 -20.75
CA HIS E 84 -32.05 -21.98 -22.03
C HIS E 84 -31.25 -20.74 -22.42
N ALA E 85 -30.66 -20.06 -21.43
CA ALA E 85 -29.76 -18.96 -21.69
C ALA E 85 -28.57 -19.41 -22.52
N ARG E 86 -28.06 -20.57 -22.18
N ARG E 86 -28.06 -20.58 -22.19
CA ARG E 86 -26.94 -21.21 -22.90
CA ARG E 86 -26.94 -21.21 -22.91
C ARG E 86 -27.28 -21.36 -24.37
C ARG E 86 -27.29 -21.35 -24.38
N VAL E 87 -28.45 -21.91 -24.62
CA VAL E 87 -28.97 -22.10 -26.01
C VAL E 87 -29.16 -20.75 -26.69
N PHE E 88 -29.59 -19.78 -25.93
CA PHE E 88 -29.80 -18.41 -26.41
C PHE E 88 -28.46 -17.85 -26.94
N ALA E 89 -27.40 -18.08 -26.18
CA ALA E 89 -26.08 -17.60 -26.59
C ALA E 89 -25.62 -18.32 -27.83
N ASP E 90 -25.83 -19.61 -27.88
CA ASP E 90 -25.49 -20.43 -29.07
C ASP E 90 -26.17 -19.84 -30.34
N VAL E 91 -27.48 -19.67 -30.24
CA VAL E 91 -28.31 -19.20 -31.36
C VAL E 91 -27.88 -17.80 -31.78
N SER E 92 -27.65 -16.95 -30.81
CA SER E 92 -27.27 -15.55 -31.04
C SER E 92 -25.93 -15.46 -31.72
N LEU E 93 -24.97 -16.23 -31.25
CA LEU E 93 -23.62 -16.26 -31.82
C LEU E 93 -23.62 -16.77 -33.26
N ARG E 94 -24.28 -17.88 -33.51
CA ARG E 94 -24.43 -18.40 -34.86
C ARG E 94 -25.07 -17.35 -35.81
N THR E 95 -26.13 -16.72 -35.34
CA THR E 95 -26.82 -15.75 -36.19
C THR E 95 -25.91 -14.58 -36.53
N ALA E 96 -25.15 -14.13 -35.54
CA ALA E 96 -24.23 -13.01 -35.76
C ALA E 96 -23.16 -13.42 -36.78
N LEU E 97 -22.59 -14.59 -36.57
CA LEU E 97 -21.45 -15.02 -37.40
C LEU E 97 -21.87 -15.20 -38.85
N ALA E 98 -23.01 -15.87 -39.02
CA ALA E 98 -23.58 -16.05 -40.37
C ALA E 98 -23.87 -14.74 -41.04
N GLU E 99 -24.38 -13.75 -40.30
CA GLU E 99 -24.63 -12.42 -40.83
C GLU E 99 -23.35 -11.77 -41.31
N ALA E 100 -22.31 -11.89 -40.51
CA ALA E 100 -20.99 -11.35 -40.85
C ALA E 100 -20.36 -12.02 -42.08
N ARG E 101 -20.66 -13.30 -42.25
CA ARG E 101 -20.24 -14.07 -43.40
C ARG E 101 -21.07 -13.81 -44.65
N GLY E 102 -22.26 -13.26 -44.46
CA GLY E 102 -23.20 -13.08 -45.54
C GLY E 102 -23.97 -14.32 -45.95
N CYS E 103 -23.75 -15.43 -45.27
CA CYS E 103 -24.51 -16.68 -45.51
C CYS E 103 -25.71 -16.82 -44.57
N PRO E 104 -26.63 -17.72 -44.91
CA PRO E 104 -27.68 -18.11 -43.98
C PRO E 104 -27.18 -19.08 -42.90
N VAL E 105 -27.87 -19.08 -41.78
CA VAL E 105 -27.31 -19.63 -40.54
C VAL E 105 -27.07 -21.15 -40.62
N GLU E 106 -27.83 -21.80 -41.49
CA GLU E 106 -27.78 -23.25 -41.65
C GLU E 106 -26.44 -23.71 -42.21
N ASP E 107 -25.77 -22.83 -42.93
CA ASP E 107 -24.50 -23.17 -43.60
C ASP E 107 -23.37 -23.41 -42.62
N LEU E 108 -23.41 -22.71 -41.49
CA LEU E 108 -22.38 -22.85 -40.46
C LEU E 108 -22.32 -24.27 -39.90
N ALA E 109 -23.12 -25.17 -40.48
CA ALA E 109 -23.49 -26.41 -39.82
C ALA E 109 -22.27 -27.16 -39.33
N ASP E 110 -21.35 -27.45 -40.23
CA ASP E 110 -20.18 -28.28 -39.90
C ASP E 110 -18.88 -27.56 -40.12
N SER E 111 -18.94 -26.25 -40.28
CA SER E 111 -17.74 -25.45 -40.58
C SER E 111 -17.18 -24.79 -39.31
N VAL E 112 -18.06 -24.55 -38.34
CA VAL E 112 -17.69 -23.94 -37.07
C VAL E 112 -18.10 -24.78 -35.90
N THR E 113 -17.24 -24.86 -34.90
CA THR E 113 -17.57 -25.50 -33.62
C THR E 113 -18.04 -24.41 -32.67
N VAL E 114 -19.32 -24.50 -32.26
CA VAL E 114 -19.88 -23.59 -31.28
C VAL E 114 -20.05 -24.37 -29.99
N ALA E 115 -19.26 -24.02 -29.01
CA ALA E 115 -19.32 -24.60 -27.67
C ALA E 115 -19.59 -23.55 -26.62
N VAL E 116 -20.81 -23.55 -26.07
CA VAL E 116 -21.23 -22.62 -25.04
C VAL E 116 -21.44 -23.39 -23.77
N SER E 117 -20.70 -23.00 -22.74
CA SER E 117 -20.81 -23.60 -21.40
C SER E 117 -21.53 -22.61 -20.51
N GLY E 118 -22.66 -23.05 -19.95
CA GLY E 118 -23.50 -22.17 -19.13
C GLY E 118 -23.00 -22.05 -17.72
N GLY E 119 -23.35 -20.97 -17.07
CA GLY E 119 -23.03 -20.77 -15.68
C GLY E 119 -21.70 -20.04 -15.49
N SER E 120 -21.80 -18.78 -15.07
CA SER E 120 -20.65 -17.93 -14.94
C SER E 120 -20.63 -17.29 -13.58
N PRO E 121 -20.49 -18.09 -12.53
CA PRO E 121 -20.48 -17.53 -11.20
C PRO E 121 -19.24 -16.73 -10.85
N GLY E 122 -19.42 -15.81 -9.92
CA GLY E 122 -18.33 -15.14 -9.22
C GLY E 122 -17.52 -14.23 -10.07
N VAL E 123 -16.25 -14.55 -10.22
CA VAL E 123 -15.29 -13.69 -10.99
C VAL E 123 -15.25 -14.01 -12.50
N ILE E 124 -16.04 -14.95 -12.98
CA ILE E 124 -16.07 -15.29 -14.40
C ILE E 124 -16.93 -14.29 -15.17
N SER E 125 -16.33 -13.62 -16.15
CA SER E 125 -17.06 -12.66 -17.00
C SER E 125 -17.53 -13.33 -18.26
N PRO E 126 -18.83 -13.31 -18.54
CA PRO E 126 -19.31 -13.97 -19.78
C PRO E 126 -18.65 -13.36 -21.03
N HIS E 127 -18.37 -14.22 -22.00
CA HIS E 127 -17.59 -13.87 -23.16
C HIS E 127 -17.68 -14.97 -24.21
N VAL E 128 -17.06 -14.70 -25.35
CA VAL E 128 -16.84 -15.69 -26.38
C VAL E 128 -15.41 -15.54 -26.88
N THR E 129 -14.72 -16.66 -26.93
CA THR E 129 -13.40 -16.75 -27.50
C THR E 129 -13.60 -17.14 -28.95
N VAL E 130 -13.19 -16.27 -29.86
CA VAL E 130 -13.28 -16.50 -31.31
C VAL E 130 -11.97 -17.10 -31.80
N VAL E 131 -12.04 -18.31 -32.34
CA VAL E 131 -10.85 -19.02 -32.83
C VAL E 131 -10.87 -19.00 -34.36
N THR E 132 -9.84 -18.39 -34.94
CA THR E 132 -9.64 -18.41 -36.39
C THR E 132 -8.47 -19.27 -36.77
N GLN E 133 -8.53 -19.80 -37.98
CA GLN E 133 -7.37 -20.43 -38.56
C GLN E 133 -7.34 -20.30 -40.07
N GLU E 134 -6.23 -19.74 -40.53
CA GLU E 134 -5.84 -19.53 -41.92
C GLU E 134 -4.67 -20.38 -42.24
N TRP E 135 -4.61 -20.92 -43.45
CA TRP E 135 -3.42 -21.59 -43.93
C TRP E 135 -2.68 -20.67 -44.89
N VAL E 136 -1.40 -20.52 -44.60
CA VAL E 136 -0.60 -19.41 -45.08
C VAL E 136 0.67 -19.97 -45.76
N ALA E 137 1.21 -19.15 -46.65
CA ALA E 137 1.95 -19.66 -47.81
C ALA E 137 3.38 -19.77 -47.47
N ASP E 138 3.83 -18.76 -46.74
CA ASP E 138 5.18 -18.70 -46.21
C ASP E 138 5.21 -18.62 -44.69
N LEU E 139 6.03 -19.46 -44.06
CA LEU E 139 6.29 -19.34 -42.59
C LEU E 139 6.83 -17.96 -42.33
N PRO E 140 6.16 -17.15 -41.46
CA PRO E 140 6.98 -16.11 -40.85
C PRO E 140 8.22 -16.68 -40.15
N ALA E 141 9.29 -15.91 -40.19
CA ALA E 141 10.54 -16.25 -39.52
C ALA E 141 10.55 -15.62 -38.13
N GLY E 142 11.40 -16.17 -37.26
CA GLY E 142 11.61 -15.65 -35.92
C GLY E 142 10.78 -16.31 -34.84
N LEU E 143 9.90 -17.23 -35.24
CA LEU E 143 8.95 -17.86 -34.31
C LEU E 143 9.60 -18.98 -33.53
N PRO E 144 9.74 -18.83 -32.20
CA PRO E 144 10.47 -19.82 -31.40
C PRO E 144 9.68 -21.09 -31.12
N GLY E 145 10.36 -22.23 -31.20
CA GLY E 145 9.79 -23.53 -30.91
C GLY E 145 8.52 -23.84 -31.68
N VAL E 146 7.60 -24.52 -31.00
CA VAL E 146 6.30 -24.93 -31.56
C VAL E 146 5.21 -23.89 -31.36
N GLY E 147 4.16 -24.01 -32.15
CA GLY E 147 3.07 -23.03 -32.14
C GLY E 147 1.69 -23.69 -32.19
N LEU E 148 0.69 -22.91 -31.81
CA LEU E 148 -0.69 -23.36 -31.77
C LEU E 148 -1.24 -23.75 -33.14
N VAL E 149 -1.93 -24.86 -33.18
CA VAL E 149 -2.66 -25.30 -34.33
C VAL E 149 -4.01 -25.91 -33.88
N VAL E 150 -5.01 -25.74 -34.73
CA VAL E 150 -6.37 -26.19 -34.45
C VAL E 150 -6.76 -27.28 -35.41
N GLY E 151 -7.33 -28.34 -34.88
CA GLY E 151 -7.94 -29.38 -35.71
C GLY E 151 -9.39 -29.64 -35.34
N ARG E 152 -10.18 -30.02 -36.33
CA ARG E 152 -11.58 -30.36 -36.13
C ARG E 152 -11.91 -31.71 -36.74
N GLY E 153 -12.89 -32.37 -36.16
CA GLY E 153 -13.30 -33.72 -36.56
C GLY E 153 -14.77 -34.03 -36.30
N HIS E 154 -15.29 -35.01 -37.03
CA HIS E 154 -16.70 -35.36 -36.97
C HIS E 154 -16.81 -36.86 -36.86
N THR E 155 -17.69 -37.31 -35.98
CA THR E 155 -17.95 -38.76 -35.82
C THR E 155 -18.96 -39.25 -36.85
N GLU E 156 -18.88 -40.54 -37.14
CA GLU E 156 -19.98 -41.25 -37.78
C GLU E 156 -21.19 -41.08 -36.86
N PRO E 157 -22.42 -41.15 -37.40
CA PRO E 157 -23.58 -41.05 -36.50
C PRO E 157 -23.47 -42.02 -35.31
N ILE E 158 -23.71 -41.49 -34.12
CA ILE E 158 -23.68 -42.28 -32.89
C ILE E 158 -25.13 -42.67 -32.58
N LEU E 159 -25.42 -43.95 -32.73
CA LEU E 159 -26.76 -44.48 -32.50
C LEU E 159 -27.02 -44.66 -30.99
N PRO E 160 -28.31 -44.59 -30.56
CA PRO E 160 -28.62 -44.66 -29.12
C PRO E 160 -28.08 -45.93 -28.46
N GLU E 161 -28.22 -47.06 -29.15
CA GLU E 161 -27.52 -48.31 -28.81
C GLU E 161 -26.00 -48.19 -28.64
N ASP E 162 -25.36 -47.13 -29.14
CA ASP E 162 -23.90 -46.91 -28.97
C ASP E 162 -23.54 -46.12 -27.72
N ILE E 163 -24.46 -45.27 -27.24
CA ILE E 163 -24.16 -44.32 -26.18
C ILE E 163 -23.65 -45.07 -24.96
N GLY E 164 -22.55 -44.55 -24.42
CA GLY E 164 -21.90 -45.15 -23.24
C GLY E 164 -21.23 -46.47 -23.48
N ARG E 165 -21.19 -46.91 -24.73
CA ARG E 165 -20.64 -48.23 -25.08
C ARG E 165 -19.48 -48.09 -26.05
N THR E 166 -18.81 -49.20 -26.32
CA THR E 166 -17.55 -49.22 -27.07
C THR E 166 -17.69 -48.66 -28.47
N ALA E 167 -18.85 -48.75 -29.08
CA ALA E 167 -19.09 -48.15 -30.38
C ALA E 167 -18.84 -46.62 -30.37
N GLN E 168 -19.35 -45.98 -29.32
CA GLN E 168 -19.13 -44.53 -29.12
C GLN E 168 -17.67 -44.23 -28.93
N VAL E 169 -17.03 -45.04 -28.09
CA VAL E 169 -15.58 -44.96 -27.82
C VAL E 169 -14.78 -44.97 -29.15
N ASP E 170 -15.19 -45.86 -30.04
CA ASP E 170 -14.49 -46.05 -31.30
C ASP E 170 -14.73 -44.88 -32.27
N LYS E 171 -16.01 -44.49 -32.40
CA LYS E 171 -16.36 -43.44 -33.34
C LYS E 171 -15.70 -42.10 -32.94
N VAL E 172 -15.66 -41.85 -31.64
CA VAL E 172 -15.00 -40.65 -31.09
C VAL E 172 -13.52 -40.73 -31.37
N ALA E 173 -12.90 -41.87 -31.10
CA ALA E 173 -11.48 -42.07 -31.39
C ALA E 173 -11.12 -41.75 -32.86
N ASP E 174 -11.97 -42.24 -33.76
CA ASP E 174 -11.78 -41.97 -35.18
C ASP E 174 -11.84 -40.46 -35.46
N ALA E 175 -12.80 -39.81 -34.85
CA ALA E 175 -12.98 -38.36 -35.02
C ALA E 175 -11.75 -37.59 -34.48
N VAL E 176 -11.19 -38.06 -33.38
CA VAL E 176 -10.06 -37.42 -32.77
C VAL E 176 -8.85 -37.57 -33.67
N ALA E 177 -8.63 -38.78 -34.18
CA ALA E 177 -7.54 -39.06 -35.12
C ALA E 177 -7.69 -38.15 -36.36
N ALA E 178 -8.90 -38.04 -36.85
CA ALA E 178 -9.23 -37.15 -37.98
C ALA E 178 -8.90 -35.73 -37.67
N ALA E 179 -9.17 -35.29 -36.45
CA ALA E 179 -8.83 -33.94 -36.00
C ALA E 179 -7.34 -33.74 -35.90
N MET E 180 -6.61 -34.71 -35.41
CA MET E 180 -5.16 -34.66 -35.34
C MET E 180 -4.56 -34.47 -36.73
N LEU E 181 -5.16 -35.16 -37.69
CA LEU E 181 -4.73 -35.09 -39.08
C LEU E 181 -5.05 -33.74 -39.64
N ASP E 182 -6.24 -33.25 -39.42
CA ASP E 182 -6.68 -31.92 -39.87
C ASP E 182 -5.74 -30.84 -39.37
N ALA E 183 -5.21 -31.00 -38.17
CA ALA E 183 -4.27 -30.04 -37.63
C ALA E 183 -2.83 -30.24 -38.09
N GLY E 184 -2.54 -31.38 -38.70
CA GLY E 184 -1.18 -31.71 -39.14
C GLY E 184 -0.29 -32.12 -37.98
N VAL E 185 -0.87 -32.83 -37.03
CA VAL E 185 -0.17 -33.29 -35.84
C VAL E 185 -0.21 -34.81 -35.79
N THR E 186 0.92 -35.39 -35.44
CA THR E 186 1.02 -36.83 -35.30
C THR E 186 1.49 -37.26 -33.93
N ASP E 187 2.17 -36.37 -33.22
CA ASP E 187 2.64 -36.67 -31.86
C ASP E 187 1.55 -36.27 -30.84
N PRO E 188 0.93 -37.26 -30.18
CA PRO E 188 -0.09 -36.93 -29.19
C PRO E 188 0.38 -36.15 -27.97
N ASP E 189 1.66 -36.16 -27.69
CA ASP E 189 2.21 -35.31 -26.61
C ASP E 189 2.15 -33.82 -26.94
N ASP E 190 1.84 -33.49 -28.19
CA ASP E 190 1.64 -32.09 -28.59
C ASP E 190 0.16 -31.65 -28.60
N VAL E 191 -0.73 -32.59 -28.32
CA VAL E 191 -2.15 -32.30 -28.17
C VAL E 191 -2.43 -31.90 -26.73
N HIS E 192 -3.02 -30.73 -26.54
CA HIS E 192 -3.19 -30.14 -25.20
C HIS E 192 -4.63 -29.90 -24.74
N LEU E 193 -5.56 -29.97 -25.66
CA LEU E 193 -6.96 -29.88 -25.34
C LEU E 193 -7.79 -30.55 -26.41
N VAL E 194 -8.74 -31.37 -25.97
CA VAL E 194 -9.67 -32.03 -26.87
C VAL E 194 -11.09 -31.86 -26.31
N MET E 195 -11.88 -31.05 -26.99
CA MET E 195 -13.30 -30.86 -26.64
C MET E 195 -14.17 -31.77 -27.50
N VAL E 196 -14.98 -32.59 -26.86
CA VAL E 196 -15.89 -33.48 -27.58
C VAL E 196 -17.32 -33.12 -27.24
N LYS E 197 -18.14 -32.92 -28.26
CA LYS E 197 -19.58 -32.71 -28.11
C LYS E 197 -20.31 -33.95 -28.65
N GLY E 198 -20.94 -34.70 -27.77
CA GLY E 198 -21.66 -35.95 -28.12
C GLY E 198 -23.17 -35.80 -28.03
N PRO E 199 -23.94 -36.82 -28.43
CA PRO E 199 -25.36 -36.83 -28.09
C PRO E 199 -25.64 -37.48 -26.73
N ALA E 200 -26.81 -37.18 -26.20
CA ALA E 200 -27.32 -37.80 -24.97
C ALA E 200 -28.59 -38.59 -25.31
N LEU E 201 -29.00 -39.44 -24.38
CA LEU E 201 -30.22 -40.24 -24.58
C LEU E 201 -31.50 -39.43 -24.31
N SER E 202 -32.30 -39.23 -25.36
CA SER E 202 -33.59 -38.52 -25.27
C SER E 202 -34.71 -39.56 -25.08
N SER E 203 -35.95 -39.12 -24.88
CA SER E 203 -37.13 -40.00 -24.80
C SER E 203 -37.59 -40.56 -26.17
N ARG E 204 -37.15 -39.95 -27.29
CA ARG E 204 -37.35 -40.40 -28.69
C ARG E 204 -36.24 -41.31 -29.24
N ALA E 205 -35.03 -41.07 -28.73
CA ALA E 205 -33.88 -41.95 -28.99
C ALA E 205 -34.11 -43.40 -28.53
N VAL E 206 -34.49 -43.56 -27.26
CA VAL E 206 -34.75 -44.90 -26.72
C VAL E 206 -35.88 -45.60 -27.48
N ALA E 207 -36.93 -44.85 -27.81
CA ALA E 207 -38.04 -45.34 -28.63
C ALA E 207 -37.54 -45.88 -29.97
N ASP E 208 -36.64 -45.15 -30.61
CA ASP E 208 -35.95 -45.56 -31.83
C ASP E 208 -35.20 -46.89 -31.67
N ALA E 209 -34.42 -46.96 -30.59
CA ALA E 209 -33.63 -48.17 -30.28
C ALA E 209 -34.54 -49.38 -30.13
N LEU E 210 -35.63 -49.21 -29.38
CA LEU E 210 -36.60 -50.26 -29.14
C LEU E 210 -37.25 -50.70 -30.44
N SER E 211 -37.69 -49.74 -31.22
CA SER E 211 -38.35 -49.96 -32.50
C SER E 211 -37.48 -50.77 -33.50
N ARG E 212 -36.16 -50.87 -33.28
CA ARG E 212 -35.25 -51.74 -34.05
C ARG E 212 -34.70 -52.93 -33.21
N GLY E 213 -35.26 -53.14 -32.02
CA GLY E 213 -34.92 -54.28 -31.14
C GLY E 213 -33.64 -54.13 -30.33
N LYS E 214 -33.03 -52.98 -30.38
CA LYS E 214 -31.77 -52.78 -29.69
C LYS E 214 -32.08 -52.36 -28.28
N THR E 215 -31.07 -52.53 -27.46
CA THR E 215 -31.11 -52.07 -26.09
C THR E 215 -30.31 -50.78 -25.98
N VAL E 216 -30.46 -50.16 -24.83
CA VAL E 216 -29.80 -48.89 -24.47
C VAL E 216 -29.31 -49.02 -22.99
N VAL E 217 -28.64 -47.99 -22.44
CA VAL E 217 -28.33 -47.86 -21.00
C VAL E 217 -28.58 -46.41 -20.53
N MET E 229 -26.32 -39.14 -20.21
CA MET E 229 -25.39 -37.98 -20.33
C MET E 229 -24.02 -38.26 -19.67
N CYS E 230 -24.01 -38.82 -18.46
CA CYS E 230 -22.77 -39.28 -17.78
C CYS E 230 -22.08 -40.39 -18.54
N TRP E 231 -22.88 -41.25 -19.18
CA TRP E 231 -22.33 -42.32 -20.03
C TRP E 231 -21.63 -41.83 -21.27
N SER E 232 -22.35 -41.02 -22.06
CA SER E 232 -21.85 -40.40 -23.28
C SER E 232 -20.52 -39.68 -23.02
N ASN E 233 -20.46 -38.92 -21.94
CA ASN E 233 -19.27 -38.19 -21.55
C ASN E 233 -18.10 -39.12 -21.26
N ASP E 234 -18.35 -40.19 -20.53
CA ASP E 234 -17.27 -41.13 -20.15
C ASP E 234 -16.73 -41.84 -21.39
N ALA E 235 -17.64 -42.31 -22.24
CA ALA E 235 -17.27 -43.01 -23.46
C ALA E 235 -16.46 -42.08 -24.37
N SER E 236 -16.91 -40.85 -24.47
CA SER E 236 -16.23 -39.83 -25.29
C SER E 236 -14.83 -39.61 -24.76
N ALA E 237 -14.71 -39.47 -23.44
CA ALA E 237 -13.38 -39.25 -22.82
C ALA E 237 -12.44 -40.42 -23.11
N LEU E 238 -12.99 -41.63 -23.08
CA LEU E 238 -12.24 -42.84 -23.36
C LEU E 238 -11.77 -42.89 -24.81
N GLY E 239 -12.64 -42.46 -25.70
CA GLY E 239 -12.30 -42.28 -27.13
C GLY E 239 -11.05 -41.42 -27.31
N VAL E 240 -11.02 -40.30 -26.62
CA VAL E 240 -9.88 -39.38 -26.67
C VAL E 240 -8.62 -40.12 -26.18
N ALA E 241 -8.78 -40.81 -25.08
CA ALA E 241 -7.66 -41.56 -24.48
C ALA E 241 -7.07 -42.60 -25.44
N VAL E 242 -7.95 -43.32 -26.13
CA VAL E 242 -7.56 -44.30 -27.11
C VAL E 242 -6.80 -43.66 -28.28
N ALA E 243 -7.42 -42.62 -28.90
CA ALA E 243 -6.84 -41.99 -30.07
C ALA E 243 -5.49 -41.33 -29.79
N LEU E 244 -5.28 -40.85 -28.58
CA LEU E 244 -3.99 -40.27 -28.15
C LEU E 244 -2.99 -41.31 -27.55
N GLY E 245 -3.31 -42.59 -27.64
CA GLY E 245 -2.46 -43.66 -27.07
C GLY E 245 -2.32 -43.68 -25.55
N GLU E 246 -3.10 -42.85 -24.86
CA GLU E 246 -3.08 -42.80 -23.39
C GLU E 246 -3.63 -44.10 -22.78
N VAL E 247 -4.52 -44.76 -23.51
CA VAL E 247 -5.06 -46.05 -23.12
C VAL E 247 -5.06 -46.99 -24.32
N LYS E 248 -4.61 -48.22 -24.10
CA LYS E 248 -4.59 -49.24 -25.16
C LYS E 248 -6.02 -49.71 -25.45
N ARG E 249 -6.35 -49.84 -26.73
CA ARG E 249 -7.71 -50.21 -27.16
C ARG E 249 -8.15 -51.56 -26.55
N ASP E 250 -7.19 -52.46 -26.37
CA ASP E 250 -7.49 -53.80 -25.82
C ASP E 250 -8.17 -53.75 -24.45
N LEU E 251 -8.01 -52.66 -23.73
CA LEU E 251 -8.44 -52.59 -22.33
C LEU E 251 -9.82 -52.02 -22.14
N VAL E 252 -10.77 -52.22 -23.06
CA VAL E 252 -11.95 -51.39 -23.14
C VAL E 252 -13.21 -52.23 -23.48
N ASP E 262 -8.44 -45.15 -13.68
CA ASP E 262 -7.27 -45.60 -14.44
C ASP E 262 -7.33 -45.05 -15.86
N LEU E 263 -8.30 -45.57 -16.60
CA LEU E 263 -8.48 -45.17 -17.98
C LEU E 263 -9.30 -43.91 -18.01
N PHE E 264 -8.63 -42.76 -18.09
CA PHE E 264 -9.16 -41.52 -18.63
C PHE E 264 -8.01 -40.88 -19.41
N SER E 265 -8.28 -39.66 -19.82
CA SER E 265 -7.41 -38.79 -20.59
C SER E 265 -7.12 -37.50 -19.83
N ALA E 266 -5.88 -37.07 -19.85
CA ALA E 266 -5.48 -35.87 -19.12
C ALA E 266 -5.99 -34.55 -19.77
N VAL E 267 -6.47 -34.63 -20.99
CA VAL E 267 -6.72 -33.44 -21.84
C VAL E 267 -8.12 -33.38 -22.45
N ALA E 268 -8.95 -34.35 -22.11
CA ALA E 268 -10.32 -34.44 -22.65
C ALA E 268 -11.25 -33.50 -21.88
N ALA E 269 -12.15 -32.87 -22.62
CA ALA E 269 -13.17 -31.95 -22.09
C ALA E 269 -14.45 -32.32 -22.84
N THR E 270 -15.23 -33.18 -22.23
CA THR E 270 -16.36 -33.80 -22.91
C THR E 270 -17.67 -33.24 -22.41
N SER E 271 -18.64 -33.18 -23.30
CA SER E 271 -20.02 -32.78 -22.95
C SER E 271 -20.99 -33.47 -23.92
N SER E 272 -22.23 -33.58 -23.49
CA SER E 272 -23.27 -34.23 -24.30
C SER E 272 -24.65 -33.59 -24.08
N GLY E 273 -25.52 -33.78 -25.06
CA GLY E 273 -26.85 -33.17 -25.08
C GLY E 273 -27.49 -33.18 -26.46
N GLY E 274 -28.79 -32.90 -26.49
CA GLY E 274 -29.56 -32.89 -27.74
C GLY E 274 -29.75 -34.27 -28.34
N GLU E 275 -30.34 -34.26 -29.53
CA GLU E 275 -30.62 -35.49 -30.29
C GLU E 275 -29.62 -35.73 -31.43
N LYS E 276 -28.80 -34.73 -31.78
CA LYS E 276 -27.85 -34.79 -32.94
C LYS E 276 -26.87 -35.98 -32.85
N ARG E 277 -27.07 -36.96 -33.74
CA ARG E 277 -26.31 -38.22 -33.71
C ARG E 277 -24.84 -38.01 -34.07
N GLY E 278 -24.55 -36.93 -34.78
CA GLY E 278 -23.18 -36.55 -35.14
C GLY E 278 -22.40 -35.89 -34.00
N GLY E 279 -21.40 -36.60 -33.48
CA GLY E 279 -20.47 -36.04 -32.50
C GLY E 279 -19.48 -35.09 -33.18
N GLU E 280 -18.85 -34.23 -32.38
CA GLU E 280 -17.91 -33.24 -32.90
C GLU E 280 -16.66 -33.14 -32.02
N VAL E 281 -15.48 -33.09 -32.65
CA VAL E 281 -14.21 -32.88 -31.92
C VAL E 281 -13.59 -31.53 -32.32
N LEU E 282 -13.15 -30.80 -31.30
CA LEU E 282 -12.33 -29.61 -31.46
C LEU E 282 -11.03 -29.86 -30.71
N LEU E 283 -9.92 -29.81 -31.44
CA LEU E 283 -8.60 -30.18 -30.90
C LEU E 283 -7.60 -29.00 -30.99
N LEU E 284 -6.91 -28.75 -29.90
CA LEU E 284 -5.91 -27.68 -29.83
C LEU E 284 -4.59 -28.28 -29.46
N ALA E 285 -3.62 -28.08 -30.34
CA ALA E 285 -2.30 -28.68 -30.23
C ALA E 285 -1.23 -27.69 -30.61
N ASN E 286 0.00 -28.16 -30.59
CA ASN E 286 1.12 -27.44 -31.16
C ASN E 286 1.80 -28.22 -32.31
N SER E 287 2.48 -27.47 -33.16
CA SER E 287 3.35 -28.08 -34.19
C SER E 287 4.46 -27.14 -34.59
N ALA E 288 5.56 -27.73 -35.05
CA ALA E 288 6.73 -26.97 -35.53
C ALA E 288 6.39 -26.16 -36.80
N GLN E 289 5.41 -26.64 -37.55
CA GLN E 289 4.96 -26.01 -38.79
C GLN E 289 3.97 -24.87 -38.59
N SER E 290 3.83 -24.38 -37.36
CA SER E 290 2.78 -23.41 -37.03
C SER E 290 3.26 -21.96 -37.22
N ALA E 291 2.47 -21.20 -37.95
CA ALA E 291 2.68 -19.74 -38.10
C ALA E 291 1.98 -18.90 -37.06
N SER E 292 1.35 -19.56 -36.11
N SER E 292 1.35 -19.56 -36.11
CA SER E 292 0.64 -18.89 -35.05
CA SER E 292 0.65 -18.87 -35.04
C SER E 292 1.54 -18.13 -34.08
C SER E 292 1.56 -18.11 -34.09
N GLU E 293 1.06 -16.98 -33.63
CA GLU E 293 1.70 -16.19 -32.57
C GLU E 293 1.21 -16.61 -31.17
N LEU E 294 0.74 -17.84 -31.06
CA LEU E 294 0.33 -18.44 -29.80
C LEU E 294 0.89 -19.84 -29.60
N ARG E 295 0.99 -20.23 -28.34
CA ARG E 295 1.31 -21.61 -27.99
C ARG E 295 0.38 -22.09 -26.87
N ILE E 296 0.00 -23.36 -26.93
CA ILE E 296 -0.83 -23.97 -25.89
C ILE E 296 -0.05 -24.94 -24.98
N GLY E 297 -0.44 -24.99 -23.73
CA GLY E 297 0.07 -25.98 -22.75
C GLY E 297 -1.07 -26.49 -21.88
N HIS E 298 -0.78 -27.48 -21.06
CA HIS E 298 -1.80 -28.06 -20.19
C HIS E 298 -1.22 -28.50 -18.86
N GLY E 299 -2.13 -28.69 -17.91
CA GLY E 299 -1.79 -29.14 -16.57
C GLY E 299 -2.95 -29.89 -15.96
N ILE E 300 -2.71 -30.46 -14.79
CA ILE E 300 -3.74 -31.19 -14.04
C ILE E 300 -3.92 -30.58 -12.66
N THR E 301 -5.15 -30.24 -12.33
CA THR E 301 -5.49 -29.66 -11.03
C THR E 301 -5.61 -30.84 -10.08
N ARG E 302 -4.80 -30.84 -9.04
CA ARG E 302 -4.61 -32.02 -8.19
C ARG E 302 -5.76 -32.23 -7.22
N ASP E 303 -6.19 -31.16 -6.57
CA ASP E 303 -7.44 -31.14 -5.80
C ASP E 303 -8.20 -29.81 -5.98
N MET E 304 -9.33 -29.68 -5.30
CA MET E 304 -10.21 -28.51 -5.46
C MET E 304 -9.59 -27.14 -5.07
N ALA E 305 -8.54 -27.16 -4.27
CA ALA E 305 -7.85 -25.94 -3.84
C ALA E 305 -6.53 -25.70 -4.53
N ASP E 306 -6.19 -26.52 -5.53
CA ASP E 306 -4.86 -26.51 -6.15
C ASP E 306 -4.72 -25.51 -7.30
N THR E 307 -3.71 -24.66 -7.24
CA THR E 307 -3.34 -23.77 -8.35
C THR E 307 -2.22 -24.30 -9.26
N GLU E 308 -1.50 -25.31 -8.83
CA GLU E 308 -0.35 -25.81 -9.59
C GLU E 308 -0.67 -26.32 -11.00
N GLY E 309 -1.81 -26.94 -11.20
CA GLY E 309 -2.20 -27.38 -12.54
C GLY E 309 -2.36 -26.20 -13.50
N ILE E 310 -2.96 -25.14 -13.00
CA ILE E 310 -3.15 -23.91 -13.79
C ILE E 310 -1.77 -23.34 -14.15
N LYS E 311 -0.92 -23.26 -13.14
CA LYS E 311 0.44 -22.74 -13.30
C LYS E 311 1.24 -23.57 -14.32
N THR E 312 1.15 -24.87 -14.22
CA THR E 312 1.81 -25.77 -15.15
C THR E 312 1.33 -25.53 -16.56
N ALA E 313 0.01 -25.35 -16.72
CA ALA E 313 -0.55 -25.06 -18.04
C ALA E 313 0.09 -23.79 -18.65
N ILE E 314 0.18 -22.77 -17.80
CA ILE E 314 0.70 -21.47 -18.21
C ILE E 314 2.18 -21.62 -18.60
N ARG E 315 2.91 -22.29 -17.74
CA ARG E 315 4.36 -22.41 -17.83
C ARG E 315 4.75 -23.22 -19.05
N THR E 316 4.18 -24.40 -19.19
CA THR E 316 4.43 -25.26 -20.33
C THR E 316 3.98 -24.63 -21.63
N ALA E 317 3.08 -23.65 -21.59
CA ALA E 317 2.66 -22.92 -22.78
C ALA E 317 3.71 -21.92 -23.21
N GLY E 318 4.61 -21.55 -22.32
CA GLY E 318 5.78 -20.72 -22.66
C GLY E 318 6.13 -19.57 -21.75
N VAL E 319 5.43 -19.43 -20.64
CA VAL E 319 5.70 -18.35 -19.69
C VAL E 319 6.61 -18.90 -18.61
N ASP E 320 7.72 -18.20 -18.39
CA ASP E 320 8.73 -18.65 -17.44
C ASP E 320 8.57 -17.84 -16.16
N PHE E 321 8.15 -18.52 -15.10
CA PHE E 321 7.98 -17.92 -13.79
C PHE E 321 8.05 -19.01 -12.72
N ASP E 322 8.23 -18.60 -11.48
CA ASP E 322 8.29 -19.55 -10.37
C ASP E 322 6.90 -19.66 -9.77
N CYS E 323 6.50 -18.67 -8.99
CA CYS E 323 5.26 -18.74 -8.23
C CYS E 323 4.17 -17.82 -8.74
N CYS E 324 4.48 -16.54 -8.81
CA CYS E 324 3.53 -15.57 -9.32
C CYS E 324 3.89 -15.08 -10.71
N LEU E 325 2.88 -14.61 -11.42
CA LEU E 325 3.09 -13.91 -12.67
C LEU E 325 3.18 -12.40 -12.39
N SER E 326 4.01 -11.73 -13.16
CA SER E 326 4.00 -10.26 -13.21
C SER E 326 2.83 -9.80 -14.08
N PRO E 327 2.41 -8.54 -13.92
CA PRO E 327 1.38 -7.98 -14.81
C PRO E 327 1.59 -8.27 -16.29
N ALA E 328 2.83 -8.15 -16.73
CA ALA E 328 3.18 -8.37 -18.13
C ALA E 328 2.95 -9.83 -18.49
N GLN E 329 3.44 -10.70 -17.64
CA GLN E 329 3.28 -12.16 -17.84
C GLN E 329 1.84 -12.54 -17.88
N GLN E 330 1.06 -11.98 -16.95
CA GLN E 330 -0.40 -12.18 -16.91
C GLN E 330 -1.02 -11.81 -18.26
N ALA E 331 -0.64 -10.65 -18.76
CA ALA E 331 -1.14 -10.19 -20.04
C ALA E 331 -0.72 -11.10 -21.20
N GLN E 332 0.34 -11.89 -21.03
CA GLN E 332 0.70 -12.85 -22.07
C GLN E 332 -0.26 -14.03 -22.17
N VAL E 333 -0.99 -14.30 -21.11
CA VAL E 333 -2.02 -15.36 -21.11
C VAL E 333 -3.30 -14.87 -21.81
N VAL E 334 -3.63 -15.51 -22.91
CA VAL E 334 -4.72 -15.07 -23.76
C VAL E 334 -6.05 -15.70 -23.33
N GLN E 335 -6.00 -16.99 -23.04
CA GLN E 335 -7.16 -17.72 -22.59
C GLN E 335 -6.77 -18.93 -21.77
N VAL E 336 -7.60 -19.27 -20.80
CA VAL E 336 -7.49 -20.53 -20.05
C VAL E 336 -8.79 -21.31 -20.22
N PHE E 337 -8.65 -22.59 -20.49
CA PHE E 337 -9.78 -23.55 -20.66
C PHE E 337 -9.65 -24.58 -19.55
N GLY E 338 -10.39 -24.39 -18.48
CA GLY E 338 -10.34 -25.28 -17.30
C GLY E 338 -11.67 -25.97 -17.09
N LYS E 339 -11.65 -27.28 -16.93
CA LYS E 339 -12.85 -28.04 -16.65
C LYS E 339 -12.88 -28.41 -15.17
N PHE E 340 -13.80 -27.81 -14.42
CA PHE E 340 -13.86 -28.04 -12.98
C PHE E 340 -15.07 -28.87 -12.59
N VAL E 341 -14.95 -30.15 -12.89
CA VAL E 341 -15.84 -31.20 -12.46
C VAL E 341 -15.75 -31.34 -10.91
N LEU E 342 -16.82 -31.80 -10.28
CA LEU E 342 -16.82 -31.97 -8.84
C LEU E 342 -15.71 -32.95 -8.46
N PRO E 343 -15.14 -32.81 -7.27
CA PRO E 343 -14.13 -33.74 -6.83
C PRO E 343 -14.59 -35.18 -6.69
N GLY E 344 -13.61 -36.07 -6.63
CA GLY E 344 -13.87 -37.50 -6.46
C GLY E 344 -14.33 -37.85 -5.04
N SER E 345 -13.90 -37.06 -4.07
CA SER E 345 -14.28 -37.29 -2.68
C SER E 345 -14.58 -35.99 -1.98
N ASP E 346 -15.10 -36.13 -0.76
CA ASP E 346 -15.40 -35.00 0.09
C ASP E 346 -14.30 -34.74 1.13
N VAL E 347 -13.10 -35.25 0.87
CA VAL E 347 -11.94 -34.99 1.73
C VAL E 347 -10.99 -34.12 0.95
N LEU E 348 -10.56 -33.03 1.58
CA LEU E 348 -9.62 -32.07 0.98
C LEU E 348 -8.57 -31.67 2.01
N ARG E 349 -7.29 -31.87 1.68
CA ARG E 349 -6.16 -31.68 2.61
C ARG E 349 -6.44 -32.25 3.99
N GLY E 350 -6.94 -33.47 4.01
CA GLY E 350 -7.31 -34.13 5.26
C GLY E 350 -8.59 -33.69 5.98
N GLN E 351 -9.39 -32.83 5.37
CA GLN E 351 -10.61 -32.32 6.02
C GLN E 351 -11.84 -32.54 5.20
N HIS E 352 -12.97 -32.64 5.91
CA HIS E 352 -14.26 -32.76 5.26
C HIS E 352 -14.70 -31.43 4.58
N ILE E 353 -15.20 -31.55 3.35
CA ILE E 353 -15.82 -30.44 2.63
C ILE E 353 -17.24 -30.79 2.19
N THR E 354 -18.00 -29.75 1.89
CA THR E 354 -19.42 -29.86 1.57
C THR E 354 -19.70 -29.91 0.09
N ALA E 355 -18.64 -29.92 -0.70
CA ALA E 355 -18.74 -29.72 -2.14
C ALA E 355 -19.57 -30.77 -2.87
N LEU E 356 -19.63 -31.98 -2.35
CA LEU E 356 -20.45 -33.03 -2.97
C LEU E 356 -21.92 -33.01 -2.45
N ASP E 357 -22.10 -32.57 -1.22
CA ASP E 357 -23.43 -32.54 -0.60
C ASP E 357 -24.30 -31.36 -1.05
N ASP E 358 -23.64 -30.30 -1.45
CA ASP E 358 -24.24 -29.02 -1.73
C ASP E 358 -25.19 -29.10 -2.93
N HIS E 359 -26.38 -28.58 -2.74
CA HIS E 359 -27.41 -28.56 -3.80
C HIS E 359 -26.94 -27.71 -4.97
N GLU E 360 -26.06 -26.75 -4.68
CA GLU E 360 -25.48 -25.88 -5.67
C GLU E 360 -24.07 -26.29 -6.10
N ALA E 361 -23.74 -27.57 -5.99
CA ALA E 361 -22.39 -28.07 -6.27
C ALA E 361 -21.83 -27.65 -7.62
N HIS E 362 -22.63 -27.80 -8.64
CA HIS E 362 -22.30 -27.48 -10.03
C HIS E 362 -21.85 -26.03 -10.15
N HIS E 363 -22.61 -25.13 -9.51
CA HIS E 363 -22.33 -23.71 -9.55
C HIS E 363 -21.06 -23.40 -8.74
N VAL E 364 -21.00 -23.97 -7.55
CA VAL E 364 -19.91 -23.74 -6.62
C VAL E 364 -18.57 -24.18 -7.21
N ALA E 365 -18.55 -25.29 -7.89
CA ALA E 365 -17.32 -25.83 -8.45
C ALA E 365 -16.69 -24.86 -9.45
N LYS E 366 -17.53 -24.34 -10.30
CA LYS E 366 -17.12 -23.31 -11.29
C LYS E 366 -16.73 -22.06 -10.55
N ALA E 367 -17.41 -21.71 -9.47
CA ALA E 367 -17.06 -20.50 -8.72
C ALA E 367 -15.63 -20.60 -8.18
N VAL E 368 -15.31 -21.79 -7.65
CA VAL E 368 -14.00 -22.04 -7.07
C VAL E 368 -12.94 -21.99 -8.19
N GLY E 369 -13.21 -22.72 -9.27
CA GLY E 369 -12.30 -22.81 -10.38
C GLY E 369 -12.01 -21.42 -10.97
N GLY E 370 -13.03 -20.65 -11.14
CA GLY E 370 -12.91 -19.28 -11.64
C GLY E 370 -12.07 -18.44 -10.71
N ALA E 371 -12.30 -18.57 -9.43
CA ALA E 371 -11.52 -17.83 -8.42
C ALA E 371 -10.05 -18.16 -8.55
N LEU E 372 -9.74 -19.46 -8.72
CA LEU E 372 -8.36 -19.88 -8.83
C LEU E 372 -7.68 -19.36 -10.09
N VAL E 373 -8.30 -19.64 -11.23
CA VAL E 373 -7.76 -19.21 -12.53
C VAL E 373 -7.55 -17.68 -12.54
N VAL E 374 -8.60 -16.96 -12.25
CA VAL E 374 -8.58 -15.49 -12.33
C VAL E 374 -7.59 -14.91 -11.32
N SER E 375 -7.43 -15.55 -10.16
CA SER E 375 -6.48 -15.05 -9.17
C SER E 375 -5.05 -15.09 -9.70
N ILE E 376 -4.80 -16.02 -10.63
CA ILE E 376 -3.46 -16.17 -11.21
C ILE E 376 -3.29 -15.25 -12.43
N THR E 377 -4.27 -15.22 -13.32
CA THR E 377 -4.16 -14.47 -14.58
C THR E 377 -4.71 -13.06 -14.56
N GLY E 378 -5.50 -12.73 -13.54
CA GLY E 378 -6.17 -11.42 -13.45
C GLY E 378 -7.18 -11.13 -14.57
N GLN E 379 -7.60 -12.15 -15.29
CA GLN E 379 -8.53 -12.00 -16.44
C GLN E 379 -9.88 -12.72 -16.22
N PRO E 380 -10.91 -11.94 -15.86
CA PRO E 380 -12.25 -12.52 -15.65
C PRO E 380 -12.83 -13.29 -16.85
N MET E 381 -12.48 -12.93 -18.07
CA MET E 381 -13.01 -13.65 -19.29
C MET E 381 -12.28 -15.00 -19.54
N SER E 382 -12.38 -15.91 -18.58
CA SER E 382 -11.74 -17.22 -18.63
C SER E 382 -12.79 -18.29 -18.79
N PHE E 383 -12.46 -19.30 -19.60
CA PHE E 383 -13.37 -20.38 -19.88
C PHE E 383 -13.30 -21.41 -18.75
N ILE E 384 -14.22 -21.29 -17.81
CA ILE E 384 -14.38 -22.19 -16.70
C ILE E 384 -15.63 -23.04 -16.88
N SER E 385 -15.45 -24.31 -17.22
CA SER E 385 -16.57 -25.21 -17.39
C SER E 385 -16.59 -26.24 -16.27
N GLY E 386 -17.54 -27.13 -16.34
CA GLY E 386 -17.59 -28.28 -15.47
C GLY E 386 -18.84 -28.28 -14.64
N GLY E 387 -18.68 -28.62 -13.37
CA GLY E 387 -19.81 -28.84 -12.46
C GLY E 387 -20.38 -30.25 -12.46
N GLU E 388 -20.16 -30.99 -13.54
CA GLU E 388 -20.58 -32.38 -13.60
C GLU E 388 -19.99 -33.22 -12.48
N ARG E 389 -20.40 -34.48 -12.37
CA ARG E 389 -19.96 -35.36 -11.29
C ARG E 389 -18.82 -36.31 -11.72
N ASN E 390 -17.94 -36.60 -10.78
CA ASN E 390 -16.84 -37.53 -10.88
C ASN E 390 -17.29 -38.92 -10.48
N GLY E 397 -9.08 -37.48 -8.41
CA GLY E 397 -9.76 -36.19 -8.27
C GLY E 397 -9.01 -35.02 -8.95
N GLY E 398 -8.68 -35.23 -10.21
CA GLY E 398 -7.80 -34.36 -11.02
C GLY E 398 -8.49 -33.75 -12.23
N ASN E 399 -8.39 -32.43 -12.41
CA ASN E 399 -9.10 -31.73 -13.50
C ASN E 399 -8.18 -31.14 -14.54
N PRO E 400 -8.58 -31.25 -15.81
CA PRO E 400 -7.73 -30.70 -16.85
C PRO E 400 -7.82 -29.20 -16.97
N VAL E 401 -6.70 -28.57 -17.27
CA VAL E 401 -6.68 -27.16 -17.58
C VAL E 401 -5.63 -26.91 -18.67
N ALA E 402 -6.03 -26.12 -19.66
CA ALA E 402 -5.16 -25.75 -20.75
C ALA E 402 -5.00 -24.24 -20.76
N ALA E 403 -3.82 -23.77 -21.16
CA ALA E 403 -3.56 -22.34 -21.29
C ALA E 403 -3.01 -22.02 -22.67
N VAL E 404 -3.50 -20.93 -23.25
CA VAL E 404 -3.02 -20.44 -24.52
C VAL E 404 -2.33 -19.10 -24.25
N VAL E 405 -1.04 -19.05 -24.56
CA VAL E 405 -0.25 -17.82 -24.36
C VAL E 405 0.40 -17.33 -25.65
N ARG E 406 0.93 -16.12 -25.58
CA ARG E 406 1.62 -15.52 -26.73
C ARG E 406 2.98 -16.18 -26.97
N ARG E 407 3.28 -16.30 -28.25
CA ARG E 407 4.54 -16.80 -28.73
C ARG E 407 5.04 -15.76 -29.75
N LEU E 408 5.90 -14.85 -29.31
CA LEU E 408 6.34 -13.74 -30.20
C LEU E 408 7.65 -14.03 -30.94
N ALA F 33 1.06 -5.55 37.26
CA ALA F 33 0.99 -5.87 35.79
C ALA F 33 0.74 -7.36 35.54
N ARG F 34 -0.47 -7.70 35.07
CA ARG F 34 -0.79 -9.04 34.55
C ARG F 34 -0.55 -9.05 33.05
N TYR F 35 -0.14 -10.20 32.50
CA TYR F 35 0.10 -10.39 31.07
C TYR F 35 -0.89 -11.38 30.46
N PRO F 36 -1.48 -11.02 29.32
CA PRO F 36 -2.50 -11.87 28.68
C PRO F 36 -1.88 -12.93 27.78
N LYS F 37 -2.44 -14.13 27.81
CA LYS F 37 -1.95 -15.23 27.05
C LYS F 37 -3.11 -15.91 26.31
N ALA F 38 -3.25 -15.52 25.04
CA ALA F 38 -4.31 -16.03 24.20
C ALA F 38 -3.80 -17.23 23.40
N SER F 39 -4.65 -18.22 23.21
CA SER F 39 -4.42 -19.28 22.23
C SER F 39 -5.65 -19.52 21.30
N MET F 40 -5.41 -20.21 20.19
CA MET F 40 -6.46 -20.64 19.25
C MET F 40 -6.30 -22.11 18.86
N HIS F 41 -7.37 -22.86 18.90
CA HIS F 41 -7.38 -24.26 18.52
C HIS F 41 -8.47 -24.47 17.50
N VAL F 42 -8.08 -24.90 16.31
CA VAL F 42 -9.04 -25.07 15.21
C VAL F 42 -9.37 -26.56 15.08
N VAL F 43 -10.64 -26.90 15.29
CA VAL F 43 -11.08 -28.28 15.29
C VAL F 43 -12.22 -28.47 14.32
N PRO F 44 -12.25 -29.62 13.63
CA PRO F 44 -13.28 -29.84 12.63
C PRO F 44 -14.61 -30.22 13.20
N MET F 45 -15.64 -29.96 12.40
CA MET F 45 -17.02 -30.39 12.65
C MET F 45 -17.61 -31.02 11.39
N LEU F 46 -18.05 -32.26 11.47
CA LEU F 46 -18.66 -32.94 10.30
C LEU F 46 -20.10 -32.53 10.07
N ALA F 47 -20.66 -31.83 11.03
CA ALA F 47 -22.05 -31.42 11.03
C ALA F 47 -22.22 -30.35 12.10
N PRO F 48 -23.29 -29.56 12.03
CA PRO F 48 -23.47 -28.51 13.03
C PRO F 48 -23.49 -29.01 14.48
N ASN F 49 -23.95 -30.22 14.68
CA ASN F 49 -23.99 -30.84 16.01
C ASN F 49 -22.88 -31.87 16.28
N ASP F 50 -21.85 -31.92 15.42
CA ASP F 50 -20.68 -32.76 15.68
C ASP F 50 -19.70 -32.00 16.57
N THR F 51 -19.82 -32.24 17.87
CA THR F 51 -18.89 -31.69 18.87
C THR F 51 -17.79 -32.68 19.38
N ALA F 52 -17.56 -33.75 18.62
CA ALA F 52 -16.61 -34.82 19.02
C ALA F 52 -15.20 -34.26 19.24
N ALA F 53 -14.62 -33.73 18.17
CA ALA F 53 -13.28 -33.17 18.26
C ALA F 53 -13.20 -32.02 19.27
N PHE F 54 -14.26 -31.24 19.32
CA PHE F 54 -14.37 -30.11 20.26
C PHE F 54 -14.26 -30.60 21.71
N ARG F 55 -15.03 -31.62 22.03
CA ARG F 55 -15.05 -32.21 23.37
C ARG F 55 -13.68 -32.84 23.69
N ALA F 56 -13.14 -33.55 22.72
CA ALA F 56 -11.81 -34.18 22.84
C ALA F 56 -10.75 -33.19 23.18
N LEU F 57 -10.89 -31.96 22.71
CA LEU F 57 -9.96 -30.87 23.03
C LEU F 57 -9.77 -30.70 24.55
N PHE F 58 -10.87 -30.83 25.26
CA PHE F 58 -10.87 -30.62 26.72
C PHE F 58 -10.60 -31.94 27.47
N ALA F 59 -11.31 -32.99 27.06
CA ALA F 59 -11.12 -34.36 27.61
C ALA F 59 -9.65 -34.80 27.58
N SER F 60 -8.91 -34.38 26.57
CA SER F 60 -7.47 -34.62 26.44
C SER F 60 -6.59 -33.85 27.43
N GLY F 61 -7.17 -32.89 28.13
CA GLY F 61 -6.38 -31.95 28.96
C GLY F 61 -5.60 -30.88 28.16
N ALA F 62 -5.70 -30.93 26.83
CA ALA F 62 -4.99 -29.97 25.94
C ALA F 62 -5.40 -28.50 26.15
N VAL F 63 -6.68 -28.29 26.48
CA VAL F 63 -7.23 -26.96 26.63
C VAL F 63 -8.08 -26.95 27.90
N ASP F 64 -8.01 -25.87 28.65
CA ASP F 64 -8.86 -25.70 29.82
C ASP F 64 -10.20 -25.04 29.40
N PRO F 65 -11.32 -25.78 29.49
CA PRO F 65 -12.62 -25.20 29.10
C PRO F 65 -13.00 -23.90 29.81
N ALA F 66 -12.54 -23.72 31.04
CA ALA F 66 -12.82 -22.49 31.80
C ALA F 66 -12.12 -21.27 31.24
N SER F 67 -11.10 -21.47 30.43
CA SER F 67 -10.39 -20.32 29.84
C SER F 67 -10.87 -19.94 28.45
N VAL F 68 -11.81 -20.70 27.93
CA VAL F 68 -12.40 -20.40 26.61
C VAL F 68 -13.16 -19.08 26.68
N VAL F 69 -12.77 -18.13 25.85
CA VAL F 69 -13.45 -16.84 25.76
C VAL F 69 -14.21 -16.60 24.43
N ALA F 70 -13.89 -17.36 23.39
CA ALA F 70 -14.64 -17.27 22.16
C ALA F 70 -14.69 -18.59 21.39
N LEU F 71 -15.83 -18.84 20.79
CA LEU F 71 -15.99 -19.88 19.78
C LEU F 71 -16.39 -19.21 18.46
N ILE F 72 -15.57 -19.41 17.43
CA ILE F 72 -15.76 -18.79 16.10
C ILE F 72 -15.84 -19.91 15.06
N ALA F 73 -17.04 -20.18 14.59
CA ALA F 73 -17.30 -21.38 13.78
C ALA F 73 -17.88 -21.11 12.38
N LYS F 74 -17.65 -22.06 11.49
CA LYS F 74 -18.31 -22.16 10.19
C LYS F 74 -19.14 -23.40 10.17
N SER F 75 -20.42 -23.24 9.83
CA SER F 75 -21.36 -24.36 9.70
C SER F 75 -21.82 -24.55 8.26
N GLU F 76 -22.20 -25.77 7.96
CA GLU F 76 -22.83 -26.13 6.72
C GLU F 76 -24.25 -25.59 6.72
N GLY F 77 -24.69 -25.08 5.58
CA GLY F 77 -26.02 -24.51 5.45
C GLY F 77 -26.05 -23.36 4.46
N SER F 78 -27.13 -22.61 4.52
CA SER F 78 -27.42 -21.60 3.49
C SER F 78 -26.67 -20.31 3.73
N GLY F 79 -26.34 -20.03 4.99
CA GLY F 79 -25.81 -18.72 5.35
C GLY F 79 -26.80 -17.59 5.35
N LEU F 80 -28.07 -17.86 5.05
CA LEU F 80 -29.09 -16.82 5.00
C LEU F 80 -29.61 -16.51 6.39
N HIS F 81 -30.47 -15.51 6.47
CA HIS F 81 -31.03 -15.03 7.74
C HIS F 81 -31.84 -16.10 8.47
N ASN F 82 -32.45 -17.03 7.74
CA ASN F 82 -33.21 -18.13 8.33
C ASN F 82 -32.49 -19.51 8.34
N ASP F 83 -31.16 -19.47 8.38
CA ASP F 83 -30.35 -20.69 8.47
C ASP F 83 -30.44 -21.32 9.90
N HIS F 84 -31.28 -22.32 10.06
CA HIS F 84 -31.40 -22.99 11.36
C HIS F 84 -30.23 -23.93 11.72
N ALA F 85 -29.50 -24.38 10.71
CA ALA F 85 -28.29 -25.16 10.94
C ALA F 85 -27.27 -24.36 11.72
N ARG F 86 -27.14 -23.09 11.39
CA ARG F 86 -26.27 -22.14 12.08
C ARG F 86 -26.61 -22.13 13.58
N VAL F 87 -27.88 -21.99 13.85
CA VAL F 87 -28.39 -21.97 15.24
C VAL F 87 -28.10 -23.30 15.92
N PHE F 88 -28.29 -24.37 15.19
CA PHE F 88 -28.02 -25.73 15.66
C PHE F 88 -26.56 -25.85 16.14
N ALA F 89 -25.64 -25.30 15.35
CA ALA F 89 -24.23 -25.32 15.71
C ALA F 89 -23.99 -24.49 16.96
N ASP F 90 -24.57 -23.33 17.01
CA ASP F 90 -24.49 -22.45 18.19
C ASP F 90 -24.93 -23.20 19.50
N VAL F 91 -26.11 -23.77 19.44
CA VAL F 91 -26.69 -24.52 20.56
C VAL F 91 -25.79 -25.71 20.96
N SER F 92 -25.34 -26.44 19.94
CA SER F 92 -24.54 -27.66 20.15
C SER F 92 -23.20 -27.31 20.81
N LEU F 93 -22.59 -26.25 20.35
CA LEU F 93 -21.30 -25.80 20.88
C LEU F 93 -21.41 -25.34 22.33
N ARG F 94 -22.40 -24.50 22.62
CA ARG F 94 -22.67 -24.05 23.98
C ARG F 94 -22.92 -25.23 24.93
N THR F 95 -23.73 -26.17 24.48
CA THR F 95 -24.04 -27.33 25.33
C THR F 95 -22.78 -28.14 25.63
N ALA F 96 -21.95 -28.33 24.63
CA ALA F 96 -20.70 -29.07 24.79
C ALA F 96 -19.78 -28.34 25.77
N LEU F 97 -19.62 -27.05 25.56
CA LEU F 97 -18.66 -26.27 26.35
C LEU F 97 -19.08 -26.24 27.82
N ALA F 98 -20.37 -26.00 28.03
CA ALA F 98 -20.91 -26.00 29.39
C ALA F 98 -20.73 -27.35 30.06
N GLU F 99 -20.91 -28.43 29.32
CA GLU F 99 -20.71 -29.78 29.85
C GLU F 99 -19.28 -29.97 30.32
N ALA F 100 -18.36 -29.51 29.49
CA ALA F 100 -16.92 -29.59 29.77
C ALA F 100 -16.49 -28.76 30.99
N ARG F 101 -17.20 -27.63 31.17
CA ARG F 101 -17.03 -26.76 32.32
C ARG F 101 -17.69 -27.30 33.58
N GLY F 102 -18.62 -28.23 33.42
CA GLY F 102 -19.44 -28.71 34.54
C GLY F 102 -20.56 -27.77 34.98
N CYS F 103 -20.72 -26.63 34.31
CA CYS F 103 -21.82 -25.70 34.58
C CYS F 103 -23.04 -25.95 33.68
N PRO F 104 -24.20 -25.39 34.07
CA PRO F 104 -25.35 -25.39 33.17
C PRO F 104 -25.24 -24.30 32.10
N VAL F 105 -25.92 -24.53 30.98
CA VAL F 105 -25.63 -23.85 29.73
C VAL F 105 -25.90 -22.35 29.82
N GLU F 106 -26.79 -21.99 30.72
CA GLU F 106 -27.21 -20.59 30.89
C GLU F 106 -26.07 -19.73 31.37
N ASP F 107 -25.12 -20.34 32.07
CA ASP F 107 -24.02 -19.60 32.72
C ASP F 107 -23.07 -18.99 31.71
N LEU F 108 -22.90 -19.67 30.59
CA LEU F 108 -22.02 -19.20 29.53
C LEU F 108 -22.46 -17.83 28.99
N ALA F 109 -23.50 -17.26 29.59
CA ALA F 109 -24.29 -16.22 28.95
C ALA F 109 -23.41 -15.10 28.42
N ASP F 110 -22.60 -14.52 29.30
CA ASP F 110 -21.78 -13.35 28.92
C ASP F 110 -20.32 -13.58 29.15
N SER F 111 -19.93 -14.84 29.30
CA SER F 111 -18.52 -15.19 29.53
C SER F 111 -17.81 -15.64 28.24
N VAL F 112 -18.58 -16.17 27.31
CA VAL F 112 -18.07 -16.61 26.03
C VAL F 112 -18.78 -15.94 24.84
N THR F 113 -18.03 -15.59 23.83
CA THR F 113 -18.59 -15.10 22.57
C THR F 113 -18.70 -16.31 21.64
N VAL F 114 -19.92 -16.67 21.28
CA VAL F 114 -20.17 -17.72 20.30
C VAL F 114 -20.63 -17.06 18.99
N ALA F 115 -19.78 -17.12 17.99
CA ALA F 115 -20.07 -16.56 16.68
C ALA F 115 -20.01 -17.66 15.64
N VAL F 116 -21.17 -18.07 15.16
CA VAL F 116 -21.28 -19.06 14.08
C VAL F 116 -21.73 -18.34 12.79
N SER F 117 -20.92 -18.44 11.76
CA SER F 117 -21.26 -17.93 10.41
C SER F 117 -21.67 -19.09 9.51
N GLY F 118 -22.89 -19.03 8.98
CA GLY F 118 -23.44 -20.15 8.21
C GLY F 118 -22.96 -20.11 6.78
N GLY F 119 -22.99 -21.26 6.14
CA GLY F 119 -22.64 -21.35 4.75
C GLY F 119 -21.18 -21.61 4.51
N SER F 120 -20.88 -22.83 4.09
CA SER F 120 -19.50 -23.30 3.92
C SER F 120 -19.28 -23.92 2.55
N PRO F 121 -19.39 -23.11 1.50
CA PRO F 121 -19.31 -23.65 0.16
C PRO F 121 -17.89 -24.02 -0.23
N GLY F 122 -17.80 -24.96 -1.14
CA GLY F 122 -16.56 -25.23 -1.88
C GLY F 122 -15.45 -25.87 -1.03
N VAL F 123 -14.36 -25.14 -0.87
CA VAL F 123 -13.18 -25.64 -0.16
C VAL F 123 -13.21 -25.36 1.33
N ILE F 124 -14.27 -24.72 1.84
CA ILE F 124 -14.37 -24.37 3.25
C ILE F 124 -14.83 -25.58 4.05
N SER F 125 -14.03 -26.01 4.99
CA SER F 125 -14.37 -27.15 5.86
C SER F 125 -15.01 -26.62 7.12
N PRO F 126 -16.22 -27.05 7.42
CA PRO F 126 -16.82 -26.61 8.69
C PRO F 126 -15.99 -26.96 9.94
N HIS F 127 -15.98 -26.05 10.90
CA HIS F 127 -15.05 -26.12 12.03
C HIS F 127 -15.41 -25.08 13.07
N VAL F 128 -14.70 -25.14 14.18
CA VAL F 128 -14.80 -24.12 15.22
C VAL F 128 -13.40 -23.81 15.70
N THR F 129 -13.10 -22.52 15.76
CA THR F 129 -11.87 -22.02 16.30
C THR F 129 -12.16 -21.68 17.74
N VAL F 130 -11.46 -22.36 18.65
CA VAL F 130 -11.59 -22.18 20.11
C VAL F 130 -10.55 -21.18 20.58
N VAL F 131 -11.00 -20.07 21.12
CA VAL F 131 -10.10 -19.01 21.58
C VAL F 131 -10.06 -19.02 23.11
N THR F 132 -8.86 -19.23 23.67
CA THR F 132 -8.65 -19.13 25.12
C THR F 132 -7.80 -17.92 25.48
N GLN F 133 -8.04 -17.40 26.67
CA GLN F 133 -7.18 -16.36 27.23
C GLN F 133 -7.10 -16.39 28.76
N GLU F 134 -5.87 -16.45 29.26
CA GLU F 134 -5.56 -16.37 30.68
C GLU F 134 -4.60 -15.27 30.92
N TRP F 135 -4.61 -14.75 32.12
CA TRP F 135 -3.64 -13.74 32.50
C TRP F 135 -2.60 -14.31 33.47
N VAL F 136 -1.35 -13.90 33.28
CA VAL F 136 -0.21 -14.47 34.03
C VAL F 136 0.62 -13.36 34.64
N ALA F 137 1.23 -13.64 35.78
CA ALA F 137 1.94 -12.61 36.59
C ALA F 137 3.26 -12.19 35.94
N ASP F 138 3.88 -13.12 35.21
CA ASP F 138 5.18 -12.94 34.61
C ASP F 138 5.14 -13.10 33.06
N LEU F 139 5.65 -12.10 32.37
CA LEU F 139 5.95 -12.23 30.95
C LEU F 139 7.01 -13.29 30.70
N PRO F 140 6.66 -14.34 29.90
CA PRO F 140 7.82 -15.04 29.30
C PRO F 140 8.75 -14.09 28.55
N ALA F 141 10.02 -14.39 28.63
CA ALA F 141 11.06 -13.72 27.85
C ALA F 141 11.29 -14.43 26.49
N GLY F 142 11.85 -13.69 25.55
CA GLY F 142 12.21 -14.22 24.23
C GLY F 142 11.17 -13.99 23.15
N LEU F 143 10.03 -13.44 23.54
CA LEU F 143 8.91 -13.23 22.60
C LEU F 143 9.15 -11.97 21.78
N PRO F 144 9.32 -12.13 20.46
CA PRO F 144 9.65 -10.97 19.64
C PRO F 144 8.46 -10.05 19.40
N GLY F 145 8.74 -8.75 19.41
CA GLY F 145 7.74 -7.72 19.08
C GLY F 145 6.46 -7.85 19.87
N VAL F 146 5.36 -7.54 19.21
CA VAL F 146 4.02 -7.58 19.82
C VAL F 146 3.34 -8.95 19.68
N GLY F 147 2.32 -9.17 20.49
CA GLY F 147 1.60 -10.44 20.51
C GLY F 147 0.09 -10.30 20.63
N LEU F 148 -0.61 -11.41 20.31
CA LEU F 148 -2.05 -11.44 20.27
C LEU F 148 -2.65 -11.23 21.64
N VAL F 149 -3.67 -10.38 21.66
CA VAL F 149 -4.51 -10.21 22.85
C VAL F 149 -5.98 -10.09 22.43
N VAL F 150 -6.85 -10.60 23.28
CA VAL F 150 -8.29 -10.64 23.03
C VAL F 150 -9.01 -9.73 24.00
N GLY F 151 -9.90 -8.91 23.49
CA GLY F 151 -10.80 -8.11 24.32
C GLY F 151 -12.25 -8.39 23.98
N ARG F 152 -13.09 -8.32 24.99
CA ARG F 152 -14.53 -8.51 24.84
C ARG F 152 -15.30 -7.31 25.47
N GLY F 153 -16.46 -7.04 24.91
CA GLY F 153 -17.26 -5.89 25.31
C GLY F 153 -18.74 -6.11 25.09
N HIS F 154 -19.54 -5.37 25.84
CA HIS F 154 -21.00 -5.50 25.81
C HIS F 154 -21.63 -4.13 25.69
N THR F 155 -22.63 -4.02 24.82
CA THR F 155 -23.38 -2.78 24.64
C THR F 155 -24.46 -2.66 25.72
N GLU F 156 -24.84 -1.43 26.01
CA GLU F 156 -26.12 -1.16 26.65
C GLU F 156 -27.21 -1.77 25.76
N PRO F 157 -28.36 -2.14 26.35
CA PRO F 157 -29.44 -2.64 25.48
C PRO F 157 -29.69 -1.71 24.28
N ILE F 158 -29.75 -2.30 23.08
CA ILE F 158 -30.04 -1.58 21.86
C ILE F 158 -31.53 -1.73 21.59
N LEU F 159 -32.26 -0.63 21.73
CA LEU F 159 -33.71 -0.62 21.54
C LEU F 159 -34.05 -0.58 20.05
N PRO F 160 -35.22 -1.14 19.66
CA PRO F 160 -35.58 -1.19 18.25
C PRO F 160 -35.54 0.18 17.56
N GLU F 161 -36.06 1.18 18.25
CA GLU F 161 -35.88 2.60 17.85
C GLU F 161 -34.41 3.03 17.61
N ASP F 162 -33.42 2.27 18.09
CA ASP F 162 -31.99 2.58 17.88
C ASP F 162 -31.40 1.96 16.64
N ILE F 163 -31.96 0.82 16.23
CA ILE F 163 -31.38 0.03 15.15
C ILE F 163 -31.20 0.89 13.90
N GLY F 164 -30.02 0.79 13.33
CA GLY F 164 -29.65 1.54 12.14
C GLY F 164 -29.50 3.04 12.33
N ARG F 165 -29.60 3.48 13.58
CA ARG F 165 -29.59 4.91 13.91
C ARG F 165 -28.40 5.21 14.86
N THR F 166 -28.14 6.49 15.09
CA THR F 166 -26.93 6.96 15.77
C THR F 166 -26.81 6.41 17.19
N ALA F 167 -27.92 6.11 17.84
CA ALA F 167 -27.90 5.48 19.15
C ALA F 167 -27.12 4.15 19.14
N GLN F 168 -27.40 3.34 18.11
CA GLN F 168 -26.68 2.07 17.91
C GLN F 168 -25.21 2.30 17.69
N VAL F 169 -24.91 3.27 16.81
CA VAL F 169 -23.54 3.68 16.49
C VAL F 169 -22.76 4.00 17.80
N ASP F 170 -23.44 4.68 18.71
CA ASP F 170 -22.82 5.15 19.94
C ASP F 170 -22.61 3.99 20.94
N LYS F 171 -23.67 3.19 21.11
CA LYS F 171 -23.58 2.08 22.06
C LYS F 171 -22.52 1.07 21.66
N VAL F 172 -22.43 0.82 20.35
CA VAL F 172 -21.41 -0.08 19.81
C VAL F 172 -20.04 0.51 20.06
N ALA F 173 -19.87 1.80 19.74
CA ALA F 173 -18.60 2.49 19.97
C ALA F 173 -18.11 2.36 21.43
N ASP F 174 -19.05 2.55 22.36
CA ASP F 174 -18.76 2.37 23.77
C ASP F 174 -18.28 0.95 24.07
N ALA F 175 -18.94 -0.01 23.48
CA ALA F 175 -18.61 -1.43 23.69
C ALA F 175 -17.22 -1.77 23.12
N VAL F 176 -16.88 -1.14 22.01
CA VAL F 176 -15.60 -1.38 21.35
C VAL F 176 -14.48 -0.77 22.17
N ALA F 177 -14.68 0.45 22.65
CA ALA F 177 -13.74 1.10 23.59
C ALA F 177 -13.54 0.21 24.85
N ALA F 178 -14.63 -0.29 25.37
CA ALA F 178 -14.61 -1.19 26.50
C ALA F 178 -13.79 -2.43 26.21
N ALA F 179 -13.91 -2.95 25.00
CA ALA F 179 -13.16 -4.14 24.58
C ALA F 179 -11.68 -3.86 24.44
N MET F 180 -11.35 -2.68 23.92
CA MET F 180 -9.97 -2.23 23.82
C MET F 180 -9.34 -2.17 25.21
N LEU F 181 -10.13 -1.68 26.18
CA LEU F 181 -9.68 -1.57 27.56
C LEU F 181 -9.51 -2.93 28.17
N ASP F 182 -10.45 -3.82 27.94
CA ASP F 182 -10.40 -5.21 28.41
C ASP F 182 -9.17 -5.92 27.90
N ALA F 183 -8.74 -5.60 26.69
CA ALA F 183 -7.56 -6.22 26.11
C ALA F 183 -6.27 -5.54 26.49
N GLY F 184 -6.37 -4.37 27.11
CA GLY F 184 -5.19 -3.59 27.52
C GLY F 184 -4.50 -2.92 26.35
N VAL F 185 -5.32 -2.47 25.41
CA VAL F 185 -4.81 -1.78 24.21
C VAL F 185 -5.38 -0.37 24.15
N THR F 186 -4.52 0.56 23.77
CA THR F 186 -4.94 1.95 23.58
C THR F 186 -4.66 2.48 22.17
N ASP F 187 -3.72 1.87 21.45
CA ASP F 187 -3.43 2.26 20.08
C ASP F 187 -4.37 1.48 19.09
N PRO F 188 -5.30 2.19 18.40
CA PRO F 188 -6.18 1.51 17.46
C PRO F 188 -5.51 0.92 16.24
N ASP F 189 -4.32 1.37 15.90
CA ASP F 189 -3.54 0.70 14.84
C ASP F 189 -3.06 -0.74 15.20
N ASP F 190 -3.21 -1.13 16.46
CA ASP F 190 -2.89 -2.49 16.91
C ASP F 190 -4.13 -3.37 16.98
N VAL F 191 -5.29 -2.80 16.71
CA VAL F 191 -6.56 -3.56 16.60
C VAL F 191 -6.76 -4.07 15.17
N HIS F 192 -6.91 -5.37 15.00
CA HIS F 192 -6.83 -6.00 13.67
C HIS F 192 -8.11 -6.73 13.24
N LEU F 193 -9.01 -6.94 14.19
CA LEU F 193 -10.28 -7.54 13.91
C LEU F 193 -11.28 -7.24 14.99
N VAL F 194 -12.46 -6.80 14.59
CA VAL F 194 -13.53 -6.43 15.52
C VAL F 194 -14.82 -7.04 15.02
N MET F 195 -15.29 -8.05 15.72
CA MET F 195 -16.50 -8.72 15.41
C MET F 195 -17.59 -8.14 16.29
N VAL F 196 -18.66 -7.66 15.67
CA VAL F 196 -19.81 -7.14 16.39
C VAL F 196 -21.01 -8.00 16.09
N LYS F 197 -21.68 -8.43 17.13
CA LYS F 197 -22.94 -9.14 17.01
C LYS F 197 -24.10 -8.27 17.51
N GLY F 198 -24.92 -7.79 16.58
CA GLY F 198 -26.00 -6.86 16.94
C GLY F 198 -27.32 -7.59 17.06
N PRO F 199 -28.43 -6.85 17.37
CA PRO F 199 -29.74 -7.40 17.12
C PRO F 199 -30.31 -6.89 15.80
N ALA F 200 -31.32 -7.60 15.32
CA ALA F 200 -32.07 -7.21 14.12
C ALA F 200 -33.52 -6.93 14.48
N LEU F 201 -34.23 -6.31 13.55
CA LEU F 201 -35.66 -5.96 13.77
C LEU F 201 -36.56 -7.17 13.57
N SER F 202 -37.14 -7.63 14.68
CA SER F 202 -37.78 -8.92 14.75
C SER F 202 -39.30 -8.84 14.84
N SER F 203 -39.95 -9.94 14.52
CA SER F 203 -41.39 -9.94 14.37
C SER F 203 -42.07 -9.45 15.68
N ARG F 204 -42.15 -10.35 16.64
CA ARG F 204 -42.71 -10.03 17.96
C ARG F 204 -41.93 -8.92 18.64
N ALA F 205 -40.73 -8.62 18.12
CA ALA F 205 -39.97 -7.47 18.54
C ALA F 205 -40.76 -6.17 18.38
N VAL F 206 -41.22 -5.92 17.16
CA VAL F 206 -42.00 -4.72 16.88
C VAL F 206 -43.21 -4.66 17.82
N ALA F 207 -43.85 -5.81 18.03
CA ALA F 207 -45.15 -5.84 18.72
C ALA F 207 -45.07 -5.19 20.12
N ASP F 208 -43.92 -5.34 20.77
CA ASP F 208 -43.61 -4.65 22.04
C ASP F 208 -43.48 -3.14 21.88
N ALA F 209 -42.56 -2.73 21.01
CA ALA F 209 -42.35 -1.30 20.69
C ALA F 209 -43.71 -0.59 20.49
N LEU F 210 -44.67 -1.37 19.98
CA LEU F 210 -46.06 -0.91 19.84
C LEU F 210 -46.94 -1.14 21.02
N SER F 211 -46.57 -2.11 21.86
CA SER F 211 -47.09 -2.20 23.22
C SER F 211 -46.82 -0.91 24.00
N ARG F 212 -45.92 -0.09 23.47
CA ARG F 212 -45.31 0.98 24.27
C ARG F 212 -45.08 2.24 23.44
N GLY F 213 -45.11 2.07 22.11
CA GLY F 213 -45.06 3.18 21.21
C GLY F 213 -43.63 3.67 21.07
N LYS F 214 -42.72 2.88 20.51
CA LYS F 214 -42.80 2.37 19.12
C LYS F 214 -42.26 3.32 18.00
N THR F 215 -41.16 2.93 17.34
CA THR F 215 -40.69 3.52 16.02
C THR F 215 -39.18 3.46 15.71
N VAL F 216 -38.91 3.51 14.39
CA VAL F 216 -38.23 2.46 13.64
C VAL F 216 -37.81 2.98 12.30
N SER F 228 -33.74 -4.63 7.64
CA SER F 228 -33.46 -4.42 9.07
C SER F 228 -31.99 -4.78 9.42
N MET F 229 -31.64 -6.01 9.04
CA MET F 229 -30.31 -6.53 9.34
C MET F 229 -29.22 -5.68 8.72
N CYS F 230 -29.47 -5.23 7.50
CA CYS F 230 -28.56 -4.38 6.75
C CYS F 230 -28.24 -3.11 7.52
N TRP F 231 -29.28 -2.53 8.16
CA TRP F 231 -29.15 -1.31 8.92
C TRP F 231 -28.29 -1.52 10.16
N SER F 232 -28.66 -2.53 10.95
CA SER F 232 -27.94 -2.88 12.18
C SER F 232 -26.43 -3.11 11.91
N ASN F 233 -26.15 -3.83 10.83
CA ASN F 233 -24.78 -4.07 10.42
C ASN F 233 -24.01 -2.79 10.07
N ASP F 234 -24.65 -1.88 9.33
CA ASP F 234 -23.99 -0.64 8.92
C ASP F 234 -23.70 0.25 10.13
N ALA F 235 -24.69 0.39 11.01
CA ALA F 235 -24.55 1.18 12.22
C ALA F 235 -23.44 0.62 13.11
N SER F 236 -23.44 -0.70 13.26
CA SER F 236 -22.41 -1.40 14.05
C SER F 236 -21.02 -1.11 13.47
N ALA F 237 -20.91 -1.23 12.16
CA ALA F 237 -19.61 -0.99 11.51
C ALA F 237 -19.10 0.44 11.76
N LEU F 238 -20.05 1.37 11.73
CA LEU F 238 -19.77 2.78 11.97
C LEU F 238 -19.31 3.02 13.40
N GLY F 239 -19.96 2.35 14.33
CA GLY F 239 -19.55 2.31 15.75
C GLY F 239 -18.08 1.93 15.91
N VAL F 240 -17.67 0.88 15.23
CA VAL F 240 -16.28 0.42 15.25
C VAL F 240 -15.38 1.53 14.72
N ALA F 241 -15.79 2.12 13.61
CA ALA F 241 -15.00 3.18 12.97
C ALA F 241 -14.78 4.36 13.91
N VAL F 242 -15.84 4.72 14.65
CA VAL F 242 -15.80 5.85 15.58
C VAL F 242 -14.84 5.55 16.74
N ALA F 243 -15.04 4.39 17.36
CA ALA F 243 -14.25 4.00 18.52
C ALA F 243 -12.76 3.86 18.20
N LEU F 244 -12.43 3.48 16.99
CA LEU F 244 -11.01 3.35 16.53
C LEU F 244 -10.46 4.62 15.88
N GLY F 245 -11.20 5.72 15.98
CA GLY F 245 -10.79 7.00 15.38
C GLY F 245 -10.70 7.04 13.87
N GLU F 246 -11.17 6.00 13.20
CA GLU F 246 -11.15 5.93 11.72
C GLU F 246 -12.12 6.94 11.09
N VAL F 247 -13.17 7.27 11.84
CA VAL F 247 -14.09 8.33 11.43
C VAL F 247 -14.47 9.21 12.62
N LYS F 248 -14.58 10.50 12.34
CA LYS F 248 -14.93 11.51 13.36
C LYS F 248 -16.40 11.43 13.76
N ARG F 249 -16.68 11.46 15.06
CA ARG F 249 -18.06 11.34 15.56
C ARG F 249 -18.97 12.41 14.96
N ASP F 250 -18.41 13.60 14.75
CA ASP F 250 -19.19 14.74 14.19
C ASP F 250 -19.86 14.42 12.87
N LEU F 251 -19.26 13.52 12.09
CA LEU F 251 -19.72 13.26 10.72
C LEU F 251 -20.90 12.30 10.71
N VAL F 252 -21.35 11.84 11.87
CA VAL F 252 -22.31 10.74 11.95
C VAL F 252 -23.75 11.26 12.04
N ALA F 253 -24.23 11.75 10.91
CA ALA F 253 -25.70 11.98 10.72
C ALA F 253 -26.39 10.63 10.49
N ASP F 254 -27.67 10.52 10.82
CA ASP F 254 -28.41 9.23 10.66
C ASP F 254 -28.46 8.80 9.19
N ASP F 255 -28.68 9.74 8.29
CA ASP F 255 -28.84 9.40 6.87
C ASP F 255 -27.58 8.77 6.27
N ARG F 256 -26.42 9.33 6.60
CA ARG F 256 -25.14 8.65 6.28
C ARG F 256 -25.08 7.28 6.96
N SER F 265 -14.86 1.26 8.30
CA SER F 265 -13.80 0.62 9.09
C SER F 265 -13.10 -0.49 8.31
N ALA F 266 -11.78 -0.47 8.30
CA ALA F 266 -10.96 -1.48 7.61
C ALA F 266 -10.94 -2.87 8.30
N VAL F 267 -11.43 -2.96 9.53
CA VAL F 267 -11.28 -4.15 10.38
C VAL F 267 -12.59 -4.66 11.02
N ALA F 268 -13.72 -4.02 10.70
CA ALA F 268 -15.03 -4.40 11.27
C ALA F 268 -15.59 -5.62 10.56
N ALA F 269 -16.21 -6.49 11.34
CA ALA F 269 -16.87 -7.70 10.85
C ALA F 269 -18.16 -7.81 11.61
N THR F 270 -19.21 -7.28 11.01
CA THR F 270 -20.47 -7.09 11.71
C THR F 270 -21.53 -8.10 11.25
N SER F 271 -22.40 -8.48 12.17
CA SER F 271 -23.54 -9.34 11.88
C SER F 271 -24.66 -9.03 12.89
N SER F 272 -25.88 -9.39 12.50
CA SER F 272 -27.05 -9.13 13.33
C SER F 272 -28.13 -10.23 13.12
N GLY F 273 -28.99 -10.47 14.14
CA GLY F 273 -29.93 -11.59 14.16
C GLY F 273 -31.14 -11.58 15.11
N GLY F 279 -26.11 -6.28 22.30
CA GLY F 279 -24.90 -6.29 21.44
C GLY F 279 -23.61 -6.78 22.11
N GLU F 280 -22.72 -7.36 21.31
CA GLU F 280 -21.49 -7.97 21.79
C GLU F 280 -20.34 -7.67 20.85
N VAL F 281 -19.20 -7.30 21.44
CA VAL F 281 -17.97 -7.09 20.71
C VAL F 281 -16.93 -8.15 21.09
N LEU F 282 -16.25 -8.69 20.06
CA LEU F 282 -15.07 -9.51 20.20
C LEU F 282 -13.96 -8.86 19.42
N LEU F 283 -12.89 -8.51 20.10
CA LEU F 283 -11.82 -7.72 19.53
C LEU F 283 -10.49 -8.50 19.61
N LEU F 284 -9.76 -8.53 18.49
CA LEU F 284 -8.46 -9.19 18.40
C LEU F 284 -7.43 -8.17 18.00
N ALA F 285 -6.43 -8.01 18.86
CA ALA F 285 -5.40 -7.01 18.68
C ALA F 285 -4.04 -7.58 19.07
N ASN F 286 -3.05 -6.71 19.02
CA ASN F 286 -1.75 -7.00 19.54
C ASN F 286 -1.37 -6.01 20.66
N SER F 287 -0.44 -6.45 21.49
CA SER F 287 0.20 -5.54 22.45
C SER F 287 1.58 -6.03 22.82
N ALA F 288 2.43 -5.10 23.24
CA ALA F 288 3.80 -5.40 23.72
C ALA F 288 3.79 -6.21 25.01
N GLN F 289 2.73 -6.06 25.79
CA GLN F 289 2.51 -6.82 27.05
C GLN F 289 1.94 -8.24 26.88
N SER F 290 1.95 -8.77 25.67
CA SER F 290 1.28 -10.07 25.40
C SER F 290 2.22 -11.25 25.59
N ALA F 291 1.75 -12.21 26.36
CA ALA F 291 2.49 -13.48 26.55
C ALA F 291 2.12 -14.54 25.54
N SER F 292 1.29 -14.17 24.56
CA SER F 292 0.84 -15.11 23.54
C SER F 292 1.91 -15.53 22.57
N GLU F 293 1.80 -16.77 22.15
CA GLU F 293 2.65 -17.33 21.10
C GLU F 293 1.99 -17.17 19.70
N LEU F 294 1.12 -16.18 19.59
CA LEU F 294 0.50 -15.78 18.32
C LEU F 294 0.57 -14.28 18.09
N ARG F 295 0.52 -13.90 16.83
CA ARG F 295 0.36 -12.49 16.44
C ARG F 295 -0.67 -12.37 15.30
N ILE F 296 -1.43 -11.29 15.34
CA ILE F 296 -2.48 -11.02 14.34
C ILE F 296 -2.12 -9.88 13.42
N GLY F 297 -2.49 -10.02 12.17
CA GLY F 297 -2.34 -8.94 11.16
C GLY F 297 -3.60 -8.84 10.31
N HIS F 298 -3.67 -7.83 9.47
CA HIS F 298 -4.83 -7.62 8.65
C HIS F 298 -4.44 -7.06 7.32
N GLY F 299 -5.36 -7.17 6.39
CA GLY F 299 -5.20 -6.64 5.03
C GLY F 299 -6.56 -6.32 4.45
N ILE F 300 -6.53 -5.74 3.28
CA ILE F 300 -7.75 -5.41 2.56
C ILE F 300 -7.73 -6.08 1.19
N THR F 301 -8.76 -6.84 0.89
CA THR F 301 -8.91 -7.46 -0.40
C THR F 301 -9.41 -6.40 -1.33
N ARG F 302 -8.69 -6.19 -2.41
CA ARG F 302 -8.87 -5.01 -3.21
C ARG F 302 -9.98 -5.10 -4.28
N ASP F 303 -10.13 -6.25 -4.90
CA ASP F 303 -11.35 -6.63 -5.55
C ASP F 303 -11.67 -8.13 -5.34
N MET F 304 -12.70 -8.63 -6.00
CA MET F 304 -13.15 -10.03 -5.84
C MET F 304 -12.13 -11.13 -6.23
N ALA F 305 -11.16 -10.79 -7.06
CA ALA F 305 -10.15 -11.73 -7.55
C ALA F 305 -8.76 -11.55 -6.90
N ASP F 306 -8.66 -10.64 -5.94
CA ASP F 306 -7.40 -10.24 -5.32
C ASP F 306 -6.96 -11.14 -4.17
N THR F 307 -5.74 -11.62 -4.25
CA THR F 307 -5.09 -12.34 -3.13
C THR F 307 -4.17 -11.48 -2.25
N GLU F 308 -3.82 -10.29 -2.71
CA GLU F 308 -2.87 -9.42 -1.95
C GLU F 308 -3.32 -9.04 -0.53
N GLY F 309 -4.60 -8.85 -0.30
CA GLY F 309 -5.08 -8.52 1.02
C GLY F 309 -4.84 -9.67 2.00
N ILE F 310 -5.08 -10.89 1.53
CA ILE F 310 -4.86 -12.09 2.34
C ILE F 310 -3.36 -12.18 2.68
N LYS F 311 -2.55 -12.00 1.65
CA LYS F 311 -1.09 -12.07 1.78
C LYS F 311 -0.58 -11.01 2.76
N THR F 312 -1.10 -9.81 2.67
CA THR F 312 -0.74 -8.74 3.57
C THR F 312 -1.08 -9.10 5.00
N ALA F 313 -2.26 -9.69 5.20
CA ALA F 313 -2.69 -10.13 6.52
C ALA F 313 -1.66 -11.12 7.13
N ILE F 314 -1.27 -12.06 6.31
CA ILE F 314 -0.35 -13.10 6.69
C ILE F 314 1.04 -12.52 7.02
N ARG F 315 1.51 -11.69 6.12
CA ARG F 315 2.84 -11.09 6.20
C ARG F 315 2.96 -10.16 7.41
N THR F 316 2.04 -9.21 7.53
CA THR F 316 2.03 -8.29 8.64
C THR F 316 1.81 -8.98 9.95
N ALA F 317 1.27 -10.20 9.94
CA ALA F 317 1.13 -11.00 11.17
C ALA F 317 2.47 -11.59 11.63
N GLY F 318 3.43 -11.68 10.72
CA GLY F 318 4.79 -12.12 11.05
C GLY F 318 5.43 -13.17 10.16
N VAL F 319 4.80 -13.56 9.07
CA VAL F 319 5.41 -14.47 8.11
C VAL F 319 6.09 -13.70 6.99
N ASP F 320 7.34 -14.04 6.72
CA ASP F 320 8.17 -13.35 5.77
C ASP F 320 8.21 -14.16 4.48
N PHE F 321 7.53 -13.67 3.45
CA PHE F 321 7.54 -14.30 2.13
C PHE F 321 7.20 -13.28 1.06
N ASP F 322 7.53 -13.60 -0.19
CA ASP F 322 7.31 -12.68 -1.31
C ASP F 322 5.93 -13.01 -1.88
N CYS F 323 5.85 -14.09 -2.64
CA CYS F 323 4.63 -14.40 -3.37
C CYS F 323 3.91 -15.61 -2.84
N CYS F 324 4.60 -16.73 -2.75
CA CYS F 324 4.01 -17.96 -2.23
C CYS F 324 4.56 -18.32 -0.86
N LEU F 325 3.78 -19.07 -0.11
CA LEU F 325 4.21 -19.62 1.14
C LEU F 325 4.74 -21.04 0.89
N SER F 326 5.75 -21.41 1.64
CA SER F 326 6.20 -22.80 1.70
C SER F 326 5.24 -23.58 2.58
N PRO F 327 5.24 -24.91 2.48
CA PRO F 327 4.49 -25.78 3.40
C PRO F 327 4.66 -25.43 4.87
N ALA F 328 5.89 -25.14 5.27
CA ALA F 328 6.19 -24.78 6.65
C ALA F 328 5.51 -23.45 7.00
N GLN F 329 5.67 -22.49 6.11
CA GLN F 329 5.09 -21.16 6.32
C GLN F 329 3.57 -21.25 6.42
N GLN F 330 3.00 -22.04 5.53
CA GLN F 330 1.55 -22.31 5.52
C GLN F 330 1.13 -22.81 6.90
N ALA F 331 1.87 -23.76 7.42
CA ALA F 331 1.57 -24.33 8.73
C ALA F 331 1.73 -23.32 9.88
N GLN F 332 2.45 -22.23 9.66
CA GLN F 332 2.53 -21.20 10.65
C GLN F 332 1.23 -20.40 10.78
N VAL F 333 0.41 -20.43 9.73
CA VAL F 333 -0.88 -19.74 9.72
C VAL F 333 -1.89 -20.58 10.47
N VAL F 334 -2.37 -20.05 11.57
CA VAL F 334 -3.25 -20.77 12.46
C VAL F 334 -4.72 -20.61 12.10
N GLN F 335 -5.11 -19.39 11.80
CA GLN F 335 -6.47 -19.12 11.30
C GLN F 335 -6.55 -17.85 10.48
N VAL F 336 -7.46 -17.83 9.53
CA VAL F 336 -7.74 -16.62 8.74
C VAL F 336 -9.21 -16.27 8.93
N PHE F 337 -9.47 -15.01 9.19
CA PHE F 337 -10.85 -14.50 9.35
C PHE F 337 -11.08 -13.49 8.22
N GLY F 338 -11.74 -13.93 7.16
CA GLY F 338 -12.01 -13.07 5.99
C GLY F 338 -13.50 -12.85 5.81
N LYS F 339 -13.90 -11.60 5.64
CA LYS F 339 -15.30 -11.29 5.39
C LYS F 339 -15.50 -10.95 3.92
N PHE F 340 -16.17 -11.81 3.20
CA PHE F 340 -16.32 -11.64 1.77
C PHE F 340 -17.74 -11.24 1.43
N VAL F 341 -18.02 -10.00 1.73
CA VAL F 341 -19.24 -9.38 1.29
C VAL F 341 -19.19 -9.15 -0.24
N LEU F 342 -20.35 -8.99 -0.83
CA LEU F 342 -20.43 -8.79 -2.27
C LEU F 342 -19.72 -7.53 -2.66
N PRO F 343 -19.16 -7.49 -3.87
CA PRO F 343 -18.45 -6.28 -4.31
C PRO F 343 -19.35 -5.06 -4.45
N GLY F 344 -18.71 -3.91 -4.57
CA GLY F 344 -19.41 -2.63 -4.68
C GLY F 344 -19.99 -2.42 -6.07
N SER F 345 -19.36 -3.05 -7.04
CA SER F 345 -19.84 -2.97 -8.42
C SER F 345 -19.75 -4.31 -9.14
N ASP F 346 -20.33 -4.34 -10.33
CA ASP F 346 -20.28 -5.50 -11.19
C ASP F 346 -19.22 -5.39 -12.27
N VAL F 347 -18.24 -4.52 -12.06
CA VAL F 347 -17.06 -4.42 -12.95
C VAL F 347 -15.83 -4.94 -12.22
N LEU F 348 -15.13 -5.85 -12.87
CA LEU F 348 -13.95 -6.48 -12.30
C LEU F 348 -12.85 -6.52 -13.37
N ARG F 349 -11.72 -5.92 -13.07
CA ARG F 349 -10.61 -5.78 -14.02
C ARG F 349 -11.14 -5.41 -15.38
N GLY F 350 -11.99 -4.39 -15.40
CA GLY F 350 -12.54 -3.88 -16.65
C GLY F 350 -13.62 -4.71 -17.32
N GLN F 351 -14.09 -5.74 -16.68
CA GLN F 351 -15.12 -6.60 -17.29
C GLN F 351 -16.32 -6.78 -16.42
N HIS F 352 -17.43 -7.07 -17.08
CA HIS F 352 -18.70 -7.35 -16.40
C HIS F 352 -18.70 -8.71 -15.71
N ILE F 353 -19.13 -8.74 -14.45
CA ILE F 353 -19.35 -9.97 -13.75
C ILE F 353 -20.79 -10.08 -13.26
N THR F 354 -21.19 -11.31 -12.92
CA THR F 354 -22.58 -11.63 -12.56
C THR F 354 -22.82 -11.64 -11.09
N ALA F 355 -21.79 -11.29 -10.33
CA ALA F 355 -21.76 -11.52 -8.87
C ALA F 355 -22.82 -10.78 -8.11
N LEU F 356 -23.29 -9.68 -8.64
CA LEU F 356 -24.41 -8.93 -7.99
C LEU F 356 -25.75 -9.37 -8.46
N ASP F 357 -25.85 -9.84 -9.69
CA ASP F 357 -27.16 -10.32 -10.25
C ASP F 357 -27.59 -11.72 -9.79
N ASP F 358 -26.61 -12.52 -9.38
CA ASP F 358 -26.80 -13.93 -9.11
C ASP F 358 -27.71 -14.10 -7.91
N HIS F 359 -28.71 -14.96 -8.06
CA HIS F 359 -29.59 -15.32 -7.01
C HIS F 359 -28.82 -16.02 -5.84
N GLU F 360 -27.70 -16.66 -6.17
CA GLU F 360 -26.83 -17.31 -5.20
C GLU F 360 -25.61 -16.47 -4.81
N ALA F 361 -25.71 -15.15 -4.94
CA ALA F 361 -24.58 -14.24 -4.70
C ALA F 361 -23.87 -14.46 -3.36
N HIS F 362 -24.67 -14.53 -2.31
N HIS F 362 -24.67 -14.54 -2.32
CA HIS F 362 -24.20 -14.77 -0.94
CA HIS F 362 -24.17 -14.79 -0.96
C HIS F 362 -23.31 -16.04 -0.84
C HIS F 362 -23.28 -16.04 -0.86
N HIS F 363 -23.76 -17.13 -1.45
CA HIS F 363 -23.04 -18.39 -1.40
C HIS F 363 -21.77 -18.28 -2.28
N VAL F 364 -21.92 -17.68 -3.46
CA VAL F 364 -20.83 -17.60 -4.41
C VAL F 364 -19.69 -16.77 -3.84
N ALA F 365 -20.00 -15.72 -3.14
CA ALA F 365 -18.96 -14.82 -2.65
C ALA F 365 -18.05 -15.49 -1.63
N LYS F 366 -18.66 -16.26 -0.77
CA LYS F 366 -17.92 -17.10 0.19
C LYS F 366 -17.15 -18.18 -0.55
N ALA F 367 -17.72 -18.68 -1.63
CA ALA F 367 -17.04 -19.74 -2.39
C ALA F 367 -15.73 -19.22 -3.00
N VAL F 368 -15.80 -18.02 -3.53
CA VAL F 368 -14.64 -17.40 -4.15
C VAL F 368 -13.61 -17.08 -3.06
N GLY F 369 -14.07 -16.46 -1.98
CA GLY F 369 -13.20 -16.07 -0.89
C GLY F 369 -12.47 -17.29 -0.30
N GLY F 370 -13.20 -18.34 -0.10
CA GLY F 370 -12.67 -19.59 0.41
C GLY F 370 -11.62 -20.16 -0.51
N ALA F 371 -11.91 -20.11 -1.79
CA ALA F 371 -10.96 -20.56 -2.83
C ALA F 371 -9.65 -19.78 -2.69
N LEU F 372 -9.75 -18.48 -2.52
CA LEU F 372 -8.59 -17.62 -2.48
C LEU F 372 -7.75 -17.92 -1.25
N VAL F 373 -8.40 -17.88 -0.09
CA VAL F 373 -7.73 -18.05 1.19
C VAL F 373 -7.05 -19.43 1.21
N VAL F 374 -7.83 -20.44 0.94
CA VAL F 374 -7.35 -21.82 1.01
C VAL F 374 -6.27 -22.07 -0.01
N SER F 375 -6.33 -21.44 -1.16
CA SER F 375 -5.27 -21.58 -2.17
C SER F 375 -3.93 -21.09 -1.66
N ILE F 376 -3.94 -20.11 -0.76
CA ILE F 376 -2.73 -19.56 -0.22
C ILE F 376 -2.24 -20.38 1.01
N THR F 377 -3.15 -20.71 1.94
CA THR F 377 -2.77 -21.33 3.17
C THR F 377 -2.81 -22.86 3.16
N GLY F 378 -3.47 -23.43 2.16
CA GLY F 378 -3.73 -24.88 2.12
C GLY F 378 -4.57 -25.46 3.26
N GLN F 379 -5.31 -24.62 3.98
CA GLN F 379 -6.11 -25.06 5.13
C GLN F 379 -7.61 -24.82 4.96
N PRO F 380 -8.36 -25.87 4.59
CA PRO F 380 -9.80 -25.74 4.42
C PRO F 380 -10.55 -25.21 5.62
N MET F 381 -10.07 -25.43 6.83
CA MET F 381 -10.73 -24.89 8.04
C MET F 381 -10.48 -23.40 8.27
N SER F 382 -10.93 -22.58 7.32
CA SER F 382 -10.74 -21.12 7.37
C SER F 382 -12.06 -20.41 7.55
N PHE F 383 -12.04 -19.33 8.32
CA PHE F 383 -13.28 -18.63 8.66
C PHE F 383 -13.59 -17.64 7.57
N ILE F 384 -14.43 -18.08 6.64
CA ILE F 384 -14.87 -17.26 5.48
C ILE F 384 -16.32 -16.88 5.71
N SER F 385 -16.52 -15.63 6.08
CA SER F 385 -17.88 -15.12 6.27
C SER F 385 -18.26 -14.16 5.15
N GLY F 386 -19.47 -13.63 5.25
CA GLY F 386 -19.90 -12.55 4.36
C GLY F 386 -21.14 -12.87 3.60
N GLY F 387 -21.13 -12.46 2.34
CA GLY F 387 -22.26 -12.65 1.47
C GLY F 387 -23.36 -11.59 1.63
N GLU F 388 -23.23 -10.74 2.64
CA GLU F 388 -24.02 -9.52 2.77
C GLU F 388 -23.49 -8.45 1.82
N ARG F 389 -23.69 -7.18 2.23
CA ARG F 389 -22.66 -6.15 2.10
C ARG F 389 -23.02 -4.86 2.79
N ASN F 390 -22.62 -4.72 4.07
CA ASN F 390 -21.87 -3.53 4.49
C ASN F 390 -21.60 -3.53 5.99
N PRO F 395 -14.25 0.59 2.97
CA PRO F 395 -13.51 0.81 1.71
C PRO F 395 -14.38 0.56 0.44
N PRO F 396 -13.90 1.02 -0.79
CA PRO F 396 -14.91 1.07 -1.88
C PRO F 396 -15.54 -0.28 -2.26
N GLY F 397 -14.70 -1.19 -2.76
CA GLY F 397 -15.10 -2.60 -3.06
C GLY F 397 -14.13 -3.56 -2.37
N GLY F 398 -13.76 -3.16 -1.17
CA GLY F 398 -12.63 -3.72 -0.44
C GLY F 398 -13.09 -4.51 0.79
N ASN F 399 -12.59 -5.73 0.97
CA ASN F 399 -13.00 -6.59 2.09
C ASN F 399 -11.91 -6.81 3.14
N PRO F 400 -12.28 -6.78 4.41
CA PRO F 400 -11.30 -7.07 5.43
C PRO F 400 -10.91 -8.54 5.52
N VAL F 401 -9.65 -8.76 5.80
CA VAL F 401 -9.17 -10.11 6.16
C VAL F 401 -8.09 -9.98 7.23
N ALA F 402 -8.22 -10.81 8.24
CA ALA F 402 -7.23 -10.89 9.32
C ALA F 402 -6.60 -12.28 9.35
N ALA F 403 -5.34 -12.34 9.72
CA ALA F 403 -4.62 -13.61 9.87
C ALA F 403 -3.96 -13.70 11.23
N VAL F 404 -4.07 -14.87 11.85
CA VAL F 404 -3.39 -15.15 13.13
C VAL F 404 -2.32 -16.21 12.86
N VAL F 405 -1.08 -15.83 13.11
CA VAL F 405 0.07 -16.72 12.90
C VAL F 405 0.90 -16.92 14.18
N ARG F 406 1.79 -17.90 14.13
CA ARG F 406 2.65 -18.20 15.28
C ARG F 406 3.72 -17.14 15.47
N ARG F 407 3.99 -16.89 16.73
CA ARG F 407 5.01 -15.95 17.17
C ARG F 407 5.87 -16.71 18.22
N LEU F 408 6.97 -17.29 17.76
CA LEU F 408 7.77 -18.14 18.66
C LEU F 408 8.90 -17.41 19.39
N PRO F 409 9.20 -17.83 20.64
CA PRO F 409 10.35 -17.25 21.36
C PRO F 409 11.69 -17.51 20.66
N ALA F 410 12.62 -16.57 20.80
CA ALA F 410 14.03 -16.74 20.40
C ALA F 410 14.68 -17.92 21.14
N TYR G 35 -58.13 -48.35 27.31
CA TYR G 35 -58.41 -49.22 26.13
C TYR G 35 -57.37 -48.92 25.02
N PRO G 36 -57.79 -49.01 23.71
CA PRO G 36 -57.05 -48.20 22.80
C PRO G 36 -57.78 -46.91 22.45
N LYS G 37 -57.27 -45.80 22.93
CA LYS G 37 -57.77 -44.47 22.56
C LYS G 37 -56.61 -43.64 21.99
N ALA G 38 -56.60 -43.49 20.68
CA ALA G 38 -55.60 -42.65 19.99
C ALA G 38 -56.09 -41.22 19.88
N SER G 39 -55.19 -40.27 20.10
CA SER G 39 -55.47 -38.85 19.83
C SER G 39 -54.35 -38.18 19.04
N MET G 40 -54.68 -37.06 18.42
CA MET G 40 -53.69 -36.23 17.69
C MET G 40 -53.82 -34.77 18.10
N HIS G 41 -52.69 -34.17 18.43
CA HIS G 41 -52.62 -32.76 18.80
C HIS G 41 -51.64 -32.06 17.88
N VAL G 42 -52.13 -31.11 17.09
CA VAL G 42 -51.32 -30.41 16.11
C VAL G 42 -50.97 -29.06 16.60
N VAL G 43 -49.71 -28.76 16.47
CA VAL G 43 -49.16 -27.74 17.32
C VAL G 43 -48.02 -27.03 16.62
N PRO G 44 -47.99 -25.70 16.66
CA PRO G 44 -47.09 -24.99 15.80
C PRO G 44 -45.67 -24.91 16.33
N MET G 45 -44.74 -24.75 15.40
CA MET G 45 -43.33 -24.48 15.69
C MET G 45 -42.91 -23.28 14.84
N LEU G 46 -42.41 -22.24 15.47
CA LEU G 46 -41.85 -21.08 14.77
C LEU G 46 -40.43 -21.27 14.22
N ALA G 47 -39.81 -22.37 14.62
CA ALA G 47 -38.45 -22.74 14.22
C ALA G 47 -38.24 -24.20 14.57
N PRO G 48 -37.22 -24.85 14.00
CA PRO G 48 -36.98 -26.27 14.32
C PRO G 48 -36.77 -26.57 15.81
N ASN G 49 -36.23 -25.61 16.55
CA ASN G 49 -36.04 -25.74 17.98
C ASN G 49 -37.06 -24.97 18.85
N ASP G 50 -38.15 -24.50 18.27
CA ASP G 50 -39.26 -23.90 19.04
C ASP G 50 -40.18 -25.01 19.55
N THR G 51 -39.91 -25.45 20.78
CA THR G 51 -40.74 -26.45 21.48
C THR G 51 -41.70 -25.85 22.52
N ALA G 52 -41.97 -24.55 22.42
CA ALA G 52 -42.83 -23.84 23.41
C ALA G 52 -44.24 -24.45 23.50
N ALA G 53 -44.96 -24.37 22.39
CA ALA G 53 -46.31 -24.93 22.32
C ALA G 53 -46.32 -26.42 22.63
N PHE G 54 -45.30 -27.11 22.17
CA PHE G 54 -45.16 -28.55 22.40
C PHE G 54 -45.06 -28.89 23.90
N ARG G 55 -44.21 -28.15 24.60
CA ARG G 55 -44.02 -28.30 26.04
C ARG G 55 -45.30 -27.92 26.79
N ALA G 56 -45.89 -26.81 26.39
CA ALA G 56 -47.16 -26.33 26.97
C ALA G 56 -48.26 -27.38 26.89
N LEU G 57 -48.23 -28.20 25.84
CA LEU G 57 -49.19 -29.28 25.69
C LEU G 57 -49.22 -30.21 26.93
N PHE G 58 -48.05 -30.46 27.49
CA PHE G 58 -47.90 -31.35 28.65
C PHE G 58 -48.00 -30.62 29.97
N ALA G 59 -47.28 -29.51 30.07
CA ALA G 59 -47.32 -28.60 31.24
C ALA G 59 -48.77 -28.22 31.64
N SER G 60 -49.63 -28.07 30.63
CA SER G 60 -51.08 -27.78 30.83
C SER G 60 -51.89 -28.96 31.39
N GLY G 61 -51.30 -30.15 31.42
CA GLY G 61 -52.05 -31.38 31.75
C GLY G 61 -52.95 -31.90 30.61
N ALA G 62 -52.99 -31.18 29.50
CA ALA G 62 -53.88 -31.53 28.35
C ALA G 62 -53.54 -32.89 27.74
N VAL G 63 -52.27 -33.23 27.75
CA VAL G 63 -51.77 -34.47 27.14
C VAL G 63 -50.79 -35.12 28.11
N ASP G 64 -50.87 -36.44 28.22
CA ASP G 64 -49.93 -37.19 29.06
C ASP G 64 -48.68 -37.55 28.22
N PRO G 65 -47.51 -36.97 28.58
CA PRO G 65 -46.30 -37.26 27.77
C PRO G 65 -45.95 -38.74 27.67
N ALA G 66 -46.28 -39.51 28.70
CA ALA G 66 -45.99 -40.94 28.72
C ALA G 66 -46.78 -41.72 27.68
N SER G 67 -47.88 -41.14 27.24
CA SER G 67 -48.73 -41.85 26.28
C SER G 67 -48.42 -41.45 24.82
N VAL G 68 -47.44 -40.56 24.63
CA VAL G 68 -47.02 -40.14 23.27
C VAL G 68 -46.34 -41.30 22.59
N VAL G 69 -46.86 -41.69 21.43
CA VAL G 69 -46.27 -42.77 20.64
C VAL G 69 -45.67 -42.32 19.28
N ALA G 70 -46.05 -41.14 18.82
CA ALA G 70 -45.44 -40.61 17.61
C ALA G 70 -45.38 -39.09 17.59
N LEU G 71 -44.29 -38.57 17.04
CA LEU G 71 -44.17 -37.16 16.68
C LEU G 71 -43.96 -37.09 15.17
N ILE G 72 -44.86 -36.40 14.49
CA ILE G 72 -44.83 -36.28 13.02
C ILE G 72 -44.80 -34.80 12.66
N ALA G 73 -43.64 -34.32 12.25
CA ALA G 73 -43.39 -32.87 12.14
C ALA G 73 -42.94 -32.39 10.75
N LYS G 74 -43.23 -31.12 10.48
CA LYS G 74 -42.72 -30.42 9.32
C LYS G 74 -41.83 -29.33 9.83
N SER G 75 -40.60 -29.29 9.31
CA SER G 75 -39.65 -28.23 9.63
C SER G 75 -39.32 -27.35 8.44
N GLU G 76 -38.90 -26.13 8.76
CA GLU G 76 -38.41 -25.20 7.78
C GLU G 76 -37.01 -25.63 7.36
N GLY G 77 -36.70 -25.47 6.08
CA GLY G 77 -35.43 -25.90 5.53
C GLY G 77 -35.56 -26.43 4.12
N SER G 78 -34.53 -27.12 3.69
CA SER G 78 -34.40 -27.48 2.28
C SER G 78 -35.20 -28.72 1.94
N GLY G 79 -35.39 -29.59 2.91
CA GLY G 79 -35.92 -30.90 2.62
C GLY G 79 -34.97 -31.90 1.98
N LEU G 80 -33.72 -31.50 1.74
CA LEU G 80 -32.75 -32.36 1.05
C LEU G 80 -32.05 -33.26 2.04
N HIS G 81 -31.24 -34.16 1.52
CA HIS G 81 -30.61 -35.21 2.33
C HIS G 81 -29.72 -34.64 3.43
N ASN G 82 -29.13 -33.47 3.18
CA ASN G 82 -28.25 -32.79 4.15
C ASN G 82 -28.92 -31.64 4.92
N ASP G 83 -30.25 -31.71 5.07
CA ASP G 83 -31.01 -30.69 5.82
C ASP G 83 -30.78 -30.82 7.33
N HIS G 84 -29.89 -30.04 7.87
CA HIS G 84 -29.59 -30.09 9.29
C HIS G 84 -30.65 -29.49 10.18
N ALA G 85 -31.46 -28.60 9.62
CA ALA G 85 -32.61 -28.05 10.34
C ALA G 85 -33.59 -29.14 10.72
N ARG G 86 -33.79 -30.07 9.82
CA ARG G 86 -34.62 -31.27 10.04
C ARG G 86 -34.12 -32.02 11.30
N VAL G 87 -32.84 -32.28 11.31
CA VAL G 87 -32.20 -33.00 12.42
C VAL G 87 -32.35 -32.19 13.70
N PHE G 88 -32.19 -30.88 13.58
CA PHE G 88 -32.34 -29.94 14.70
C PHE G 88 -33.73 -30.09 15.33
N ALA G 89 -34.75 -30.20 14.48
CA ALA G 89 -36.11 -30.39 14.95
C ALA G 89 -36.26 -31.73 15.65
N ASP G 90 -35.73 -32.75 15.06
CA ASP G 90 -35.74 -34.12 15.64
C ASP G 90 -35.12 -34.15 17.06
N VAL G 91 -33.94 -33.60 17.17
CA VAL G 91 -33.21 -33.49 18.44
C VAL G 91 -33.99 -32.65 19.48
N SER G 92 -34.49 -31.51 19.04
CA SER G 92 -35.21 -30.58 19.93
C SER G 92 -36.46 -31.26 20.48
N LEU G 93 -37.19 -31.92 19.61
CA LEU G 93 -38.46 -32.54 19.96
C LEU G 93 -38.23 -33.68 20.96
N ARG G 94 -37.33 -34.59 20.61
CA ARG G 94 -36.91 -35.61 21.55
C ARG G 94 -36.57 -34.98 22.90
N THR G 95 -35.66 -34.02 22.92
CA THR G 95 -35.20 -33.49 24.20
C THR G 95 -36.35 -32.91 25.01
N ALA G 96 -37.31 -32.29 24.32
CA ALA G 96 -38.47 -31.73 25.00
C ALA G 96 -39.29 -32.84 25.57
N LEU G 97 -39.60 -33.86 24.79
CA LEU G 97 -40.50 -34.92 25.24
C LEU G 97 -40.02 -35.53 26.56
N ALA G 98 -38.77 -35.88 26.55
CA ALA G 98 -38.15 -36.60 27.71
C ALA G 98 -37.95 -35.75 28.96
N GLU G 99 -37.80 -34.45 28.70
CA GLU G 99 -37.73 -33.46 29.79
C GLU G 99 -39.03 -33.45 30.56
N ALA G 100 -39.99 -34.17 30.02
CA ALA G 100 -41.38 -33.86 30.29
C ALA G 100 -42.00 -35.19 30.51
N ARG G 101 -41.37 -36.22 29.93
CA ARG G 101 -41.44 -37.51 30.61
C ARG G 101 -40.53 -37.52 31.88
N GLY G 102 -39.43 -36.79 31.82
CA GLY G 102 -38.44 -36.71 32.90
C GLY G 102 -37.40 -37.82 32.85
N CYS G 103 -37.57 -38.76 31.95
CA CYS G 103 -36.52 -39.74 31.64
C CYS G 103 -35.42 -39.03 30.87
N PRO G 104 -34.26 -39.69 30.71
CA PRO G 104 -33.22 -39.19 29.80
C PRO G 104 -33.48 -39.57 28.36
N VAL G 105 -32.87 -38.83 27.44
CA VAL G 105 -33.34 -38.79 26.03
C VAL G 105 -33.12 -40.08 25.30
N GLU G 106 -32.18 -40.86 25.79
CA GLU G 106 -31.82 -42.15 25.19
C GLU G 106 -32.94 -43.19 25.33
N ASP G 107 -33.76 -43.04 26.35
CA ASP G 107 -34.85 -43.95 26.60
C ASP G 107 -35.83 -44.01 25.45
N LEU G 108 -36.16 -42.87 24.89
CA LEU G 108 -37.29 -42.78 23.92
C LEU G 108 -37.22 -43.77 22.79
N ALA G 109 -36.14 -44.56 22.77
CA ALA G 109 -35.76 -45.41 21.65
C ALA G 109 -36.82 -46.49 21.47
N ASP G 110 -37.64 -46.28 20.45
CA ASP G 110 -38.55 -47.24 19.98
C ASP G 110 -39.69 -47.34 20.93
N SER G 111 -39.76 -46.40 21.86
CA SER G 111 -41.03 -46.14 22.51
C SER G 111 -41.78 -45.15 21.64
N VAL G 112 -41.02 -44.31 20.92
CA VAL G 112 -41.59 -43.26 20.07
C VAL G 112 -41.18 -43.53 18.64
N THR G 113 -41.99 -42.97 17.77
CA THR G 113 -41.58 -42.69 16.39
C THR G 113 -41.51 -41.17 16.15
N VAL G 114 -40.31 -40.69 15.88
CA VAL G 114 -40.09 -39.28 15.54
C VAL G 114 -39.80 -39.22 14.06
N ALA G 115 -40.74 -38.67 13.33
CA ALA G 115 -40.62 -38.50 11.88
C ALA G 115 -40.73 -37.01 11.54
N VAL G 116 -39.61 -36.41 11.19
CA VAL G 116 -39.54 -35.00 10.77
C VAL G 116 -39.24 -34.97 9.28
N SER G 117 -40.15 -34.39 8.52
CA SER G 117 -40.00 -34.17 7.07
C SER G 117 -39.60 -32.72 6.86
N GLY G 118 -38.44 -32.49 6.28
CA GLY G 118 -37.94 -31.11 6.08
C GLY G 118 -38.60 -30.44 4.89
N GLY G 119 -38.60 -29.13 4.91
CA GLY G 119 -39.03 -28.37 3.77
C GLY G 119 -40.50 -28.02 3.83
N SER G 120 -40.78 -26.76 4.12
CA SER G 120 -42.15 -26.30 4.36
C SER G 120 -42.44 -25.08 3.49
N PRO G 121 -42.42 -25.26 2.17
CA PRO G 121 -42.67 -24.13 1.29
C PRO G 121 -44.12 -23.64 1.28
N GLY G 122 -44.27 -22.35 0.98
CA GLY G 122 -45.55 -21.74 0.63
C GLY G 122 -46.52 -21.64 1.79
N VAL G 123 -47.63 -22.37 1.68
CA VAL G 123 -48.71 -22.31 2.66
C VAL G 123 -48.56 -23.31 3.80
N ILE G 124 -47.48 -24.09 3.80
CA ILE G 124 -47.25 -25.08 4.86
C ILE G 124 -46.65 -24.42 6.10
N SER G 125 -47.36 -24.55 7.22
CA SER G 125 -46.88 -23.96 8.49
C SER G 125 -46.13 -25.03 9.26
N PRO G 126 -44.86 -24.80 9.57
CA PRO G 126 -44.15 -25.80 10.39
C PRO G 126 -44.88 -26.12 11.72
N HIS G 127 -44.82 -27.38 12.11
CA HIS G 127 -45.56 -27.90 13.21
C HIS G 127 -45.11 -29.31 13.59
N VAL G 128 -45.67 -29.80 14.67
CA VAL G 128 -45.56 -31.23 15.06
C VAL G 128 -46.94 -31.73 15.44
N THR G 129 -47.30 -32.86 14.87
CA THR G 129 -48.51 -33.58 15.22
C THR G 129 -48.09 -34.60 16.29
N VAL G 130 -48.65 -34.47 17.49
CA VAL G 130 -48.38 -35.35 18.64
C VAL G 130 -49.44 -36.44 18.68
N VAL G 131 -49.00 -37.68 18.54
CA VAL G 131 -49.89 -38.83 18.50
C VAL G 131 -49.76 -39.57 19.83
N THR G 132 -50.88 -39.63 20.56
CA THR G 132 -50.97 -40.42 21.80
C THR G 132 -51.86 -41.63 21.64
N GLN G 133 -51.54 -42.66 22.41
CA GLN G 133 -52.41 -43.81 22.50
C GLN G 133 -52.33 -44.52 23.85
N PRO G 144 -69.00 -45.63 17.74
CA PRO G 144 -69.61 -44.60 16.92
C PRO G 144 -69.52 -44.78 15.43
N GLY G 145 -68.98 -45.92 15.00
CA GLY G 145 -68.15 -46.05 13.83
C GLY G 145 -66.80 -46.69 14.16
N VAL G 146 -66.23 -47.35 13.17
CA VAL G 146 -64.81 -47.76 13.33
C VAL G 146 -63.99 -46.52 13.69
N GLY G 147 -62.91 -46.71 14.41
CA GLY G 147 -62.11 -45.56 14.87
C GLY G 147 -60.71 -45.58 14.29
N LEU G 148 -59.86 -44.68 14.75
CA LEU G 148 -58.44 -44.74 14.48
C LEU G 148 -57.67 -45.55 15.50
N VAL G 149 -56.74 -46.35 15.01
CA VAL G 149 -55.81 -47.08 15.88
C VAL G 149 -54.38 -46.97 15.35
N VAL G 150 -53.42 -46.85 16.27
CA VAL G 150 -52.02 -46.76 15.91
C VAL G 150 -51.33 -48.09 16.19
N GLY G 151 -50.51 -48.53 15.25
CA GLY G 151 -49.56 -49.62 15.49
C GLY G 151 -48.13 -49.20 15.14
N ARG G 152 -47.18 -49.76 15.86
CA ARG G 152 -45.74 -49.49 15.62
C ARG G 152 -45.00 -50.83 15.50
N GLY G 153 -43.92 -50.84 14.73
CA GLY G 153 -43.08 -52.06 14.49
C GLY G 153 -41.55 -51.76 14.55
N HIS G 154 -40.75 -52.81 14.42
CA HIS G 154 -39.32 -52.60 14.21
C HIS G 154 -38.76 -53.74 13.36
N THR G 155 -37.89 -53.40 12.42
CA THR G 155 -37.28 -54.41 11.50
C THR G 155 -36.10 -55.06 12.19
N GLU G 156 -35.79 -56.28 11.76
CA GLU G 156 -34.47 -56.86 12.03
C GLU G 156 -33.45 -55.90 11.44
N PRO G 157 -32.22 -55.88 11.97
CA PRO G 157 -31.23 -55.01 11.34
C PRO G 157 -31.17 -55.21 9.82
N ILE G 158 -31.19 -54.10 9.08
CA ILE G 158 -31.06 -54.11 7.63
C ILE G 158 -29.58 -53.85 7.30
N LEU G 159 -28.92 -54.88 6.78
CA LEU G 159 -27.54 -54.78 6.36
C LEU G 159 -27.44 -54.20 4.95
N PRO G 160 -26.28 -53.66 4.62
CA PRO G 160 -26.12 -52.78 3.44
C PRO G 160 -26.28 -53.54 2.13
N GLU G 161 -25.50 -54.59 2.00
CA GLU G 161 -25.98 -55.86 1.50
C GLU G 161 -27.50 -55.97 1.14
N ASP G 162 -28.35 -55.44 1.99
CA ASP G 162 -29.81 -55.69 1.88
C ASP G 162 -30.58 -54.55 1.21
N ILE G 163 -30.03 -53.36 1.35
CA ILE G 163 -30.65 -52.15 0.88
C ILE G 163 -31.01 -52.28 -0.59
N GLY G 164 -32.24 -51.91 -0.87
CA GLY G 164 -32.79 -52.00 -2.23
C GLY G 164 -33.05 -53.40 -2.77
N ARG G 165 -32.88 -54.39 -1.93
CA ARG G 165 -33.00 -55.80 -2.35
C ARG G 165 -34.08 -56.49 -1.56
N THR G 166 -34.36 -57.73 -1.94
CA THR G 166 -35.46 -58.49 -1.40
C THR G 166 -35.38 -58.71 0.10
N ALA G 167 -34.19 -58.75 0.66
CA ALA G 167 -34.02 -58.89 2.10
C ALA G 167 -34.69 -57.74 2.86
N GLN G 168 -34.50 -56.54 2.33
CA GLN G 168 -35.14 -55.33 2.89
C GLN G 168 -36.65 -55.38 2.76
N VAL G 169 -37.10 -55.78 1.57
CA VAL G 169 -38.51 -55.99 1.28
C VAL G 169 -39.13 -56.89 2.37
N ASP G 170 -38.39 -57.95 2.72
CA ASP G 170 -38.91 -58.97 3.62
C ASP G 170 -38.93 -58.47 5.06
N LYS G 171 -37.82 -57.87 5.47
CA LYS G 171 -37.68 -57.39 6.85
C LYS G 171 -38.62 -56.27 7.15
N VAL G 172 -39.03 -55.53 6.11
CA VAL G 172 -40.04 -54.45 6.28
C VAL G 172 -41.46 -55.02 6.38
N ALA G 173 -41.73 -55.97 5.48
CA ALA G 173 -42.97 -56.74 5.58
C ALA G 173 -43.22 -57.27 6.98
N ASP G 174 -42.26 -57.98 7.52
CA ASP G 174 -42.37 -58.50 8.90
C ASP G 174 -42.71 -57.41 9.88
N ALA G 175 -42.17 -56.22 9.61
CA ALA G 175 -42.31 -55.10 10.54
C ALA G 175 -43.71 -54.48 10.50
N VAL G 176 -44.31 -54.51 9.29
CA VAL G 176 -45.68 -53.98 9.15
C VAL G 176 -46.77 -54.90 9.73
N ALA G 177 -46.67 -56.17 9.27
CA ALA G 177 -47.41 -57.26 9.89
C ALA G 177 -47.36 -57.17 11.44
N ALA G 178 -46.16 -56.96 11.92
CA ALA G 178 -45.89 -56.82 13.34
C ALA G 178 -46.70 -55.67 13.94
N ALA G 179 -47.25 -54.86 13.06
CA ALA G 179 -47.68 -53.50 13.40
C ALA G 179 -49.13 -53.28 13.09
N MET G 180 -49.60 -54.07 12.14
CA MET G 180 -50.98 -54.44 12.11
C MET G 180 -51.44 -55.14 13.41
N LEU G 181 -50.45 -55.67 14.13
CA LEU G 181 -50.71 -56.50 15.30
C LEU G 181 -50.66 -55.82 16.65
N ASP G 182 -49.67 -54.95 16.77
CA ASP G 182 -49.65 -53.95 17.82
C ASP G 182 -50.95 -53.13 17.87
N ALA G 183 -51.65 -53.11 16.76
CA ALA G 183 -52.87 -52.30 16.59
C ALA G 183 -54.15 -53.20 16.39
N GLY G 184 -54.04 -54.49 16.64
CA GLY G 184 -55.24 -55.35 16.68
C GLY G 184 -56.03 -55.29 15.40
N VAL G 185 -55.31 -55.09 14.31
CA VAL G 185 -55.92 -55.01 12.98
C VAL G 185 -55.45 -56.22 12.15
N THR G 186 -56.41 -56.83 11.45
CA THR G 186 -56.12 -57.98 10.58
C THR G 186 -56.55 -57.76 9.16
N ASP G 187 -57.48 -56.83 8.96
CA ASP G 187 -57.94 -56.52 7.61
C ASP G 187 -57.08 -55.37 7.01
N PRO G 188 -56.28 -55.66 5.97
CA PRO G 188 -55.46 -54.62 5.38
C PRO G 188 -56.23 -53.48 4.68
N ASP G 189 -57.48 -53.70 4.31
CA ASP G 189 -58.33 -52.60 3.82
C ASP G 189 -58.69 -51.55 4.88
N ASP G 190 -58.38 -51.82 6.15
CA ASP G 190 -58.54 -50.84 7.22
C ASP G 190 -57.26 -50.09 7.59
N VAL G 191 -56.19 -50.45 6.93
CA VAL G 191 -54.94 -49.75 7.18
C VAL G 191 -54.79 -48.68 6.14
N HIS G 192 -54.53 -47.48 6.60
CA HIS G 192 -54.66 -46.32 5.70
C HIS G 192 -53.33 -45.64 5.39
N LEU G 193 -52.47 -45.63 6.38
CA LEU G 193 -51.18 -44.97 6.25
C LEU G 193 -50.11 -45.82 6.90
N VAL G 194 -49.01 -46.01 6.17
CA VAL G 194 -47.85 -46.77 6.69
C VAL G 194 -46.59 -45.97 6.41
N MET G 195 -46.02 -45.42 7.46
CA MET G 195 -44.75 -44.68 7.37
C MET G 195 -43.61 -45.61 7.71
N VAL G 196 -42.65 -45.74 6.79
CA VAL G 196 -41.45 -46.56 7.00
C VAL G 196 -40.23 -45.65 7.00
N LYS G 197 -39.42 -45.76 8.04
CA LYS G 197 -38.12 -45.11 8.12
C LYS G 197 -37.00 -46.17 8.00
N GLY G 198 -36.28 -46.15 6.89
CA GLY G 198 -35.21 -47.13 6.63
C GLY G 198 -33.84 -46.52 6.74
N PRO G 199 -32.78 -47.34 6.61
CA PRO G 199 -31.44 -46.75 6.44
C PRO G 199 -31.11 -46.49 4.97
N ALA G 200 -30.12 -45.64 4.76
CA ALA G 200 -29.54 -45.37 3.44
C ALA G 200 -28.06 -45.81 3.41
N LEU G 201 -27.50 -45.93 2.21
CA LEU G 201 -26.09 -46.36 2.05
C LEU G 201 -25.09 -45.25 2.32
N SER G 202 -24.23 -45.47 3.31
CA SER G 202 -23.04 -44.65 3.58
C SER G 202 -21.74 -45.33 3.14
N SER G 203 -20.67 -44.55 3.09
CA SER G 203 -19.34 -45.10 2.75
C SER G 203 -18.94 -46.17 3.75
N ARG G 204 -19.06 -45.84 5.04
CA ARG G 204 -18.75 -46.79 6.09
C ARG G 204 -19.56 -48.08 5.93
N ALA G 205 -20.81 -47.92 5.47
CA ALA G 205 -21.69 -49.05 5.16
C ALA G 205 -21.13 -49.92 4.04
N VAL G 206 -20.83 -49.29 2.90
CA VAL G 206 -20.28 -50.00 1.76
C VAL G 206 -18.97 -50.71 2.10
N ALA G 207 -18.13 -50.02 2.84
CA ALA G 207 -16.87 -50.57 3.35
C ALA G 207 -17.12 -51.83 4.17
N ASP G 208 -18.09 -51.75 5.05
CA ASP G 208 -18.53 -52.93 5.81
C ASP G 208 -18.89 -54.07 4.89
N ALA G 209 -19.77 -53.80 3.95
CA ALA G 209 -20.26 -54.84 3.00
C ALA G 209 -19.09 -55.53 2.30
N LEU G 210 -18.14 -54.71 1.87
CA LEU G 210 -16.95 -55.23 1.18
C LEU G 210 -16.11 -56.07 2.12
N SER G 211 -15.94 -55.62 3.33
CA SER G 211 -15.29 -56.41 4.39
C SER G 211 -15.85 -57.84 4.42
N ARG G 212 -17.15 -57.96 4.32
CA ARG G 212 -17.83 -59.24 4.49
C ARG G 212 -17.99 -59.94 3.15
N GLY G 213 -17.39 -59.39 2.09
CA GLY G 213 -17.38 -60.03 0.77
C GLY G 213 -18.70 -59.90 0.04
N LYS G 214 -19.55 -58.99 0.50
CA LYS G 214 -20.87 -58.77 -0.10
C LYS G 214 -20.85 -57.57 -1.05
N THR G 215 -21.83 -57.54 -1.94
CA THR G 215 -22.01 -56.43 -2.84
C THR G 215 -23.16 -55.57 -2.33
N VAL G 216 -23.27 -54.40 -2.93
CA VAL G 216 -24.27 -53.39 -2.64
C VAL G 216 -24.94 -53.04 -3.94
N VAL G 217 -26.18 -52.56 -3.86
CA VAL G 217 -26.89 -52.09 -5.02
C VAL G 217 -26.21 -50.80 -5.56
N SER G 228 -29.01 -44.58 -3.81
CA SER G 228 -28.99 -45.27 -2.49
C SER G 228 -30.36 -45.15 -1.79
N MET G 229 -30.67 -43.90 -1.44
CA MET G 229 -31.92 -43.59 -0.74
C MET G 229 -33.12 -44.04 -1.57
N CYS G 230 -33.06 -43.76 -2.87
CA CYS G 230 -34.12 -44.11 -3.79
C CYS G 230 -34.35 -45.57 -3.93
N TRP G 231 -33.36 -46.40 -3.62
CA TRP G 231 -33.52 -47.85 -3.52
C TRP G 231 -34.19 -48.29 -2.23
N SER G 232 -33.66 -47.79 -1.09
CA SER G 232 -34.18 -48.13 0.22
C SER G 232 -35.70 -47.82 0.29
N ASN G 233 -36.06 -46.68 -0.28
CA ASN G 233 -37.44 -46.24 -0.31
C ASN G 233 -38.32 -47.18 -1.13
N ASP G 234 -37.86 -47.58 -2.30
CA ASP G 234 -38.62 -48.48 -3.16
C ASP G 234 -38.83 -49.85 -2.50
N ALA G 235 -37.75 -50.40 -1.95
CA ALA G 235 -37.81 -51.70 -1.30
C ALA G 235 -38.77 -51.68 -0.12
N SER G 236 -38.66 -50.61 0.67
CA SER G 236 -39.54 -50.40 1.83
C SER G 236 -40.99 -50.34 1.39
N ALA G 237 -41.26 -49.60 0.32
CA ALA G 237 -42.63 -49.48 -0.19
C ALA G 237 -43.18 -50.84 -0.61
N LEU G 238 -42.33 -51.64 -1.23
CA LEU G 238 -42.68 -52.98 -1.68
C LEU G 238 -42.99 -53.89 -0.50
N GLY G 239 -42.22 -53.74 0.57
CA GLY G 239 -42.44 -54.43 1.85
C GLY G 239 -43.85 -54.19 2.35
N VAL G 240 -44.25 -52.94 2.33
CA VAL G 240 -45.62 -52.55 2.75
C VAL G 240 -46.64 -53.24 1.85
N ALA G 241 -46.39 -53.19 0.57
CA ALA G 241 -47.30 -53.80 -0.41
C ALA G 241 -47.49 -55.32 -0.16
N VAL G 242 -46.39 -55.99 0.16
CA VAL G 242 -46.41 -57.41 0.42
C VAL G 242 -47.24 -57.70 1.68
N ALA G 243 -46.89 -57.00 2.79
CA ALA G 243 -47.52 -57.28 4.07
C ALA G 243 -49.02 -56.99 4.06
N LEU G 244 -49.46 -56.06 3.25
CA LEU G 244 -50.89 -55.72 3.09
C LEU G 244 -51.60 -56.51 1.97
N GLY G 245 -50.93 -57.52 1.44
CA GLY G 245 -51.49 -58.33 0.35
C GLY G 245 -51.73 -57.62 -0.98
N GLU G 246 -51.26 -56.38 -1.10
CA GLU G 246 -51.41 -55.60 -2.35
C GLU G 246 -50.58 -56.16 -3.50
N VAL G 247 -49.49 -56.82 -3.14
CA VAL G 247 -48.64 -57.53 -4.09
C VAL G 247 -48.26 -58.91 -3.55
N LYS G 248 -48.36 -59.91 -4.42
CA LYS G 248 -48.00 -61.27 -4.07
C LYS G 248 -46.47 -61.35 -3.89
N ARG G 249 -46.03 -61.97 -2.79
CA ARG G 249 -44.59 -62.14 -2.55
C ARG G 249 -43.90 -62.79 -3.75
N ASP G 250 -44.58 -63.74 -4.36
CA ASP G 250 -44.04 -64.48 -5.49
C ASP G 250 -43.48 -63.55 -6.56
N LEU G 251 -44.03 -62.35 -6.64
CA LEU G 251 -43.74 -61.45 -7.77
C LEU G 251 -42.54 -60.55 -7.49
N VAL G 252 -41.89 -60.78 -6.36
CA VAL G 252 -40.80 -59.90 -5.93
C VAL G 252 -39.45 -60.53 -6.28
N ALA G 253 -38.56 -59.72 -6.83
CA ALA G 253 -37.19 -60.12 -7.11
C ALA G 253 -36.33 -58.85 -7.27
N ASP G 254 -35.03 -58.94 -6.98
CA ASP G 254 -34.13 -57.75 -7.09
C ASP G 254 -34.15 -57.16 -8.50
N ASP G 255 -34.35 -58.03 -9.49
CA ASP G 255 -34.47 -57.63 -10.89
C ASP G 255 -35.77 -56.90 -11.24
N ARG G 256 -36.78 -57.00 -10.39
CA ARG G 256 -38.12 -56.44 -10.66
C ARG G 256 -38.37 -55.14 -9.87
N ILE G 257 -37.69 -54.99 -8.73
CA ILE G 257 -37.76 -53.78 -7.90
C ILE G 257 -37.30 -52.62 -8.81
N ARG G 258 -37.90 -51.44 -8.73
CA ARG G 258 -37.56 -50.34 -9.67
C ARG G 258 -37.63 -50.75 -11.15
N ASP G 262 -45.34 -50.45 -10.85
CA ASP G 262 -46.23 -51.39 -11.57
C ASP G 262 -46.74 -52.50 -10.69
N LEU G 263 -45.90 -52.84 -9.72
CA LEU G 263 -46.38 -53.12 -8.39
C LEU G 263 -46.19 -51.85 -7.55
N PHE G 264 -46.90 -51.78 -6.43
CA PHE G 264 -46.84 -50.60 -5.55
C PHE G 264 -47.79 -50.77 -4.36
N SER G 265 -47.73 -49.81 -3.44
CA SER G 265 -48.69 -49.71 -2.33
C SER G 265 -49.36 -48.34 -2.31
N ALA G 266 -50.68 -48.35 -2.17
CA ALA G 266 -51.49 -47.12 -2.24
C ALA G 266 -51.34 -46.25 -0.99
N VAL G 267 -50.68 -46.78 0.03
CA VAL G 267 -50.74 -46.25 1.38
C VAL G 267 -49.38 -46.07 2.04
N ALA G 268 -48.33 -46.42 1.31
CA ALA G 268 -46.96 -46.37 1.86
C ALA G 268 -46.38 -44.95 1.78
N ALA G 269 -45.65 -44.59 2.81
CA ALA G 269 -44.96 -43.31 2.89
C ALA G 269 -43.57 -43.61 3.43
N THR G 270 -42.63 -43.78 2.53
CA THR G 270 -41.31 -44.29 2.89
C THR G 270 -40.25 -43.20 2.87
N SER G 271 -39.27 -43.31 3.75
CA SER G 271 -38.12 -42.41 3.75
C SER G 271 -36.91 -43.17 4.29
N SER G 272 -35.72 -42.67 3.95
CA SER G 272 -34.49 -43.31 4.38
C SER G 272 -33.37 -42.30 4.63
N GLY G 273 -32.42 -42.71 5.46
CA GLY G 273 -31.32 -41.84 5.88
C GLY G 273 -30.58 -42.38 7.09
N GLY G 274 -29.42 -41.79 7.37
CA GLY G 274 -28.59 -42.21 8.49
C GLY G 274 -27.96 -43.58 8.31
N GLU G 275 -27.28 -44.01 9.37
CA GLU G 275 -26.61 -45.32 9.40
C GLU G 275 -27.39 -46.39 10.19
N LYS G 276 -28.41 -45.99 10.94
CA LYS G 276 -29.18 -46.90 11.82
C LYS G 276 -29.78 -48.08 11.03
N ARG G 277 -29.25 -49.27 11.30
CA ARG G 277 -29.64 -50.50 10.57
C ARG G 277 -31.08 -50.94 10.89
N GLY G 278 -31.59 -50.50 12.04
CA GLY G 278 -32.99 -50.78 12.45
C GLY G 278 -34.03 -49.89 11.78
N GLY G 279 -34.82 -50.49 10.89
CA GLY G 279 -35.94 -49.80 10.27
C GLY G 279 -37.08 -49.64 11.26
N GLU G 280 -38.00 -48.71 10.98
CA GLU G 280 -39.14 -48.43 11.85
C GLU G 280 -40.44 -48.24 11.06
N VAL G 281 -41.52 -48.85 11.53
CA VAL G 281 -42.85 -48.71 10.93
C VAL G 281 -43.78 -47.99 11.91
N LEU G 282 -44.51 -47.01 11.39
CA LEU G 282 -45.64 -46.33 12.08
C LEU G 282 -46.88 -46.51 11.22
N LEU G 283 -47.89 -47.16 11.78
CA LEU G 283 -49.07 -47.58 11.01
C LEU G 283 -50.33 -46.95 11.62
N LEU G 284 -51.15 -46.37 10.75
CA LEU G 284 -52.43 -45.77 11.15
C LEU G 284 -53.55 -46.48 10.41
N ALA G 285 -54.46 -47.04 11.18
CA ALA G 285 -55.57 -47.84 10.63
C ALA G 285 -56.88 -47.52 11.40
N ALA G 288 -62.98 -51.58 14.66
CA ALA G 288 -64.26 -51.60 15.38
C ALA G 288 -64.05 -51.51 16.89
N GLN G 289 -62.90 -51.98 17.36
CA GLN G 289 -62.57 -52.01 18.78
C GLN G 289 -61.96 -50.70 19.27
N SER G 290 -62.11 -49.64 18.49
CA SER G 290 -61.41 -48.38 18.71
C SER G 290 -62.20 -47.40 19.60
N ALA G 291 -61.57 -46.96 20.68
CA ALA G 291 -62.12 -45.94 21.58
C ALA G 291 -61.75 -44.53 21.19
N SER G 292 -61.49 -44.34 19.90
CA SER G 292 -61.03 -43.08 19.34
C SER G 292 -62.15 -42.14 18.92
N GLU G 293 -61.98 -40.86 19.22
CA GLU G 293 -62.81 -39.87 18.54
C GLU G 293 -62.62 -39.93 16.99
N LEU G 294 -61.39 -40.20 16.61
CA LEU G 294 -60.92 -39.95 15.27
C LEU G 294 -61.08 -41.17 14.37
N ARG G 295 -61.19 -40.91 13.09
CA ARG G 295 -61.19 -41.96 12.08
C ARG G 295 -60.29 -41.52 10.89
N ILE G 296 -59.58 -42.47 10.32
CA ILE G 296 -58.66 -42.18 9.21
C ILE G 296 -59.17 -42.74 7.90
N GLY G 297 -58.89 -42.00 6.82
CA GLY G 297 -59.18 -42.46 5.45
C GLY G 297 -58.02 -42.12 4.52
N HIS G 298 -58.08 -42.59 3.28
CA HIS G 298 -57.02 -42.37 2.33
C HIS G 298 -57.56 -42.21 0.92
N GLY G 299 -56.71 -41.64 0.08
CA GLY G 299 -57.04 -41.42 -1.33
C GLY G 299 -55.77 -41.44 -2.15
N ILE G 300 -55.94 -41.36 -3.46
CA ILE G 300 -54.83 -41.28 -4.39
C ILE G 300 -54.94 -40.01 -5.24
N THR G 301 -53.88 -39.22 -5.25
CA THR G 301 -53.81 -38.02 -6.07
C THR G 301 -53.46 -38.50 -7.48
N ARG G 302 -54.32 -38.20 -8.42
CA ARG G 302 -54.29 -38.79 -9.75
C ARG G 302 -53.20 -38.17 -10.62
N ASP G 303 -53.09 -36.86 -10.59
CA ASP G 303 -51.94 -36.12 -11.16
C ASP G 303 -51.55 -34.92 -10.27
N MET G 304 -50.54 -34.17 -10.69
CA MET G 304 -50.00 -33.04 -9.90
C MET G 304 -51.01 -31.92 -9.59
N ALA G 305 -52.06 -31.81 -10.40
CA ALA G 305 -53.07 -30.76 -10.23
C ALA G 305 -54.37 -31.25 -9.61
N ASP G 306 -54.40 -32.52 -9.19
CA ASP G 306 -55.63 -33.17 -8.73
C ASP G 306 -55.95 -32.98 -7.27
N THR G 307 -57.15 -32.51 -6.97
CA THR G 307 -57.66 -32.44 -5.58
C THR G 307 -58.53 -33.62 -5.16
N GLU G 308 -58.98 -34.43 -6.09
CA GLU G 308 -59.88 -35.57 -5.78
C GLU G 308 -59.32 -36.61 -4.78
N GLY G 309 -58.04 -36.89 -4.81
CA GLY G 309 -57.44 -37.81 -3.87
C GLY G 309 -57.54 -37.31 -2.43
N ILE G 310 -57.29 -36.01 -2.28
CA ILE G 310 -57.38 -35.36 -0.96
C ILE G 310 -58.83 -35.46 -0.46
N LYS G 311 -59.75 -35.12 -1.35
CA LYS G 311 -61.18 -35.17 -1.06
C LYS G 311 -61.63 -36.56 -0.66
N THR G 312 -61.18 -37.55 -1.42
CA THR G 312 -61.51 -38.96 -1.13
C THR G 312 -61.00 -39.36 0.25
N ALA G 313 -59.78 -38.95 0.57
CA ALA G 313 -59.24 -39.18 1.92
C ALA G 313 -60.19 -38.63 3.01
N ILE G 314 -60.57 -37.39 2.81
CA ILE G 314 -61.38 -36.66 3.80
C ILE G 314 -62.73 -37.35 3.96
N ARG G 315 -63.32 -37.75 2.86
CA ARG G 315 -64.71 -38.25 2.88
C ARG G 315 -64.86 -39.70 3.30
N THR G 316 -63.92 -40.52 2.86
CA THR G 316 -63.77 -41.88 3.39
C THR G 316 -63.38 -41.90 4.83
N ALA G 317 -62.87 -40.78 5.36
CA ALA G 317 -62.58 -40.69 6.80
C ALA G 317 -63.81 -40.39 7.65
N GLY G 318 -64.82 -39.83 7.02
CA GLY G 318 -66.13 -39.69 7.63
C GLY G 318 -66.84 -38.37 7.44
N VAL G 319 -66.27 -37.51 6.60
CA VAL G 319 -66.92 -36.24 6.28
C VAL G 319 -67.72 -36.40 5.00
N ASP G 320 -68.99 -36.01 5.07
CA ASP G 320 -69.92 -36.17 3.95
C ASP G 320 -70.11 -34.84 3.25
N PHE G 321 -69.59 -34.75 2.03
CA PHE G 321 -69.68 -33.55 1.22
C PHE G 321 -69.51 -33.91 -0.24
N ASP G 322 -69.92 -33.02 -1.13
CA ASP G 322 -69.82 -33.24 -2.57
C ASP G 322 -68.50 -32.64 -3.05
N CYS G 323 -68.46 -31.33 -3.20
CA CYS G 323 -67.33 -30.67 -3.82
C CYS G 323 -66.50 -29.87 -2.80
N CYS G 324 -67.14 -28.95 -2.09
CA CYS G 324 -66.43 -28.13 -1.09
C CYS G 324 -66.81 -28.53 0.33
N LEU G 325 -65.93 -28.22 1.25
CA LEU G 325 -66.21 -28.34 2.66
C LEU G 325 -66.72 -27.00 3.19
N SER G 326 -67.63 -27.06 4.14
CA SER G 326 -68.02 -25.88 4.91
C SER G 326 -66.97 -25.62 5.98
N PRO G 327 -66.95 -24.42 6.54
CA PRO G 327 -66.02 -24.11 7.64
C PRO G 327 -66.02 -25.15 8.76
N ALA G 328 -67.22 -25.61 9.10
CA ALA G 328 -67.40 -26.60 10.16
C ALA G 328 -66.76 -27.93 9.76
N GLN G 329 -67.05 -28.35 8.54
CA GLN G 329 -66.48 -29.58 7.99
C GLN G 329 -64.97 -29.51 7.94
N GLN G 330 -64.46 -28.38 7.49
CA GLN G 330 -63.00 -28.11 7.46
C GLN G 330 -62.42 -28.32 8.86
N ALA G 331 -63.06 -27.74 9.85
CA ALA G 331 -62.62 -27.88 11.22
C ALA G 331 -62.67 -29.31 11.74
N GLN G 332 -63.46 -30.17 11.10
CA GLN G 332 -63.47 -31.59 11.48
C GLN G 332 -62.22 -32.32 11.05
N VAL G 333 -61.53 -31.79 10.04
CA VAL G 333 -60.25 -32.37 9.57
C VAL G 333 -59.12 -31.99 10.52
N VAL G 334 -58.55 -33.00 11.18
CA VAL G 334 -57.56 -32.78 12.23
C VAL G 334 -56.13 -32.73 11.66
N GLN G 335 -55.84 -33.63 10.74
CA GLN G 335 -54.57 -33.65 10.06
C GLN G 335 -54.64 -34.34 8.71
N VAL G 336 -53.83 -33.87 7.78
CA VAL G 336 -53.69 -34.54 6.46
C VAL G 336 -52.21 -34.94 6.29
N PHE G 337 -51.98 -36.18 5.85
CA PHE G 337 -50.62 -36.71 5.61
C PHE G 337 -50.54 -37.04 4.14
N GLY G 338 -49.94 -36.13 3.38
CA GLY G 338 -49.86 -36.27 1.91
C GLY G 338 -48.40 -36.36 1.46
N LYS G 339 -48.09 -37.36 0.65
CA LYS G 339 -46.74 -37.50 0.12
C LYS G 339 -46.67 -37.08 -1.34
N PHE G 340 -46.03 -35.96 -1.60
CA PHE G 340 -46.05 -35.40 -2.93
C PHE G 340 -44.73 -35.54 -3.63
N VAL G 341 -44.47 -36.78 -4.01
CA VAL G 341 -43.35 -37.20 -4.84
C VAL G 341 -43.52 -36.56 -6.23
N LEU G 342 -42.43 -36.36 -6.93
CA LEU G 342 -42.48 -35.79 -8.25
C LEU G 342 -43.29 -36.71 -9.14
N PRO G 343 -43.97 -36.15 -10.15
CA PRO G 343 -44.74 -36.99 -11.05
C PRO G 343 -43.92 -37.99 -11.83
N GLY G 344 -44.62 -38.95 -12.41
CA GLY G 344 -43.99 -39.97 -13.25
C GLY G 344 -43.57 -39.45 -14.60
N SER G 345 -44.25 -38.42 -15.08
CA SER G 345 -43.93 -37.82 -16.38
C SER G 345 -44.05 -36.31 -16.33
N ASP G 346 -43.58 -35.68 -17.38
CA ASP G 346 -43.65 -34.26 -17.54
C ASP G 346 -44.84 -33.82 -18.40
N VAL G 347 -45.81 -34.70 -18.56
CA VAL G 347 -47.06 -34.37 -19.26
C VAL G 347 -48.20 -34.28 -18.22
N LEU G 348 -48.92 -33.17 -18.24
CA LEU G 348 -50.03 -32.90 -17.31
C LEU G 348 -51.21 -32.37 -18.10
N ARG G 349 -52.34 -33.05 -18.00
CA ARG G 349 -53.56 -32.72 -18.79
C ARG G 349 -53.20 -32.41 -20.23
N GLY G 350 -52.39 -33.30 -20.82
CA GLY G 350 -51.97 -33.13 -22.22
C GLY G 350 -50.92 -32.09 -22.53
N GLN G 351 -50.32 -31.47 -21.52
CA GLN G 351 -49.34 -30.41 -21.76
C GLN G 351 -48.05 -30.64 -21.03
N HIS G 352 -47.01 -30.05 -21.58
CA HIS G 352 -45.67 -30.10 -20.99
C HIS G 352 -45.58 -29.25 -19.72
N ILE G 353 -45.01 -29.84 -18.69
CA ILE G 353 -44.64 -29.12 -17.49
C ILE G 353 -43.15 -29.25 -17.16
N THR G 354 -42.65 -28.34 -16.33
CA THR G 354 -41.24 -28.20 -16.00
C THR G 354 -40.86 -28.91 -14.72
N ALA G 355 -41.84 -29.60 -14.15
CA ALA G 355 -41.71 -30.14 -12.77
C ALA G 355 -40.57 -31.14 -12.58
N LEU G 356 -40.21 -31.86 -13.64
CA LEU G 356 -39.09 -32.81 -13.57
C LEU G 356 -37.75 -32.15 -13.89
N ASP G 357 -37.76 -31.13 -14.73
CA ASP G 357 -36.52 -30.45 -15.12
C ASP G 357 -35.98 -29.47 -14.04
N ASP G 358 -36.86 -29.00 -13.18
CA ASP G 358 -36.61 -27.89 -12.30
C ASP G 358 -35.58 -28.33 -11.25
N HIS G 359 -34.58 -27.49 -11.07
CA HIS G 359 -33.55 -27.70 -10.06
C HIS G 359 -34.14 -27.69 -8.66
N GLU G 360 -35.24 -26.98 -8.51
CA GLU G 360 -36.00 -26.91 -7.25
C GLU G 360 -37.24 -27.86 -7.18
N ALA G 361 -37.24 -28.94 -7.97
CA ALA G 361 -38.37 -29.84 -8.10
C ALA G 361 -38.92 -30.32 -6.77
N HIS G 362 -38.02 -30.76 -5.90
N HIS G 362 -38.02 -30.75 -5.91
CA HIS G 362 -38.34 -31.25 -4.56
CA HIS G 362 -38.39 -31.23 -4.59
C HIS G 362 -39.17 -30.22 -3.78
C HIS G 362 -39.17 -30.22 -3.78
N HIS G 363 -38.72 -28.98 -3.80
CA HIS G 363 -39.38 -27.89 -3.04
C HIS G 363 -40.72 -27.56 -3.72
N VAL G 364 -40.72 -27.49 -5.03
CA VAL G 364 -41.89 -27.10 -5.79
C VAL G 364 -43.02 -28.11 -5.59
N ALA G 365 -42.68 -29.38 -5.55
CA ALA G 365 -43.68 -30.44 -5.45
C ALA G 365 -44.48 -30.30 -4.15
N LYS G 366 -43.75 -30.06 -3.09
CA LYS G 366 -44.34 -29.82 -1.78
C LYS G 366 -45.12 -28.52 -1.82
N ALA G 367 -44.62 -27.51 -2.52
CA ALA G 367 -45.34 -26.23 -2.57
C ALA G 367 -46.73 -26.41 -3.20
N VAL G 368 -46.76 -27.20 -4.28
CA VAL G 368 -47.98 -27.48 -4.99
C VAL G 368 -48.92 -28.30 -4.08
N GLY G 369 -48.40 -29.37 -3.49
CA GLY G 369 -49.18 -30.25 -2.64
C GLY G 369 -49.80 -29.51 -1.46
N GLY G 370 -49.02 -28.67 -0.85
CA GLY G 370 -49.44 -27.82 0.26
C GLY G 370 -50.55 -26.89 -0.19
N ALA G 371 -50.40 -26.30 -1.36
CA ALA G 371 -51.41 -25.40 -1.91
C ALA G 371 -52.75 -26.14 -2.07
N LEU G 372 -52.69 -27.37 -2.57
CA LEU G 372 -53.89 -28.14 -2.81
C LEU G 372 -54.58 -28.53 -1.50
N VAL G 373 -53.82 -29.12 -0.60
CA VAL G 373 -54.35 -29.58 0.67
C VAL G 373 -54.98 -28.41 1.44
N VAL G 374 -54.17 -27.38 1.65
CA VAL G 374 -54.58 -26.23 2.45
C VAL G 374 -55.76 -25.51 1.79
N SER G 375 -55.84 -25.49 0.46
CA SER G 375 -56.97 -24.87 -0.20
C SER G 375 -58.28 -25.56 0.13
N ILE G 376 -58.22 -26.86 0.40
CA ILE G 376 -59.41 -27.63 0.73
C ILE G 376 -59.73 -27.56 2.23
N THR G 377 -58.74 -27.69 3.09
CA THR G 377 -58.97 -27.75 4.54
C THR G 377 -58.83 -26.43 5.28
N GLY G 378 -58.23 -25.43 4.63
CA GLY G 378 -57.92 -24.15 5.28
C GLY G 378 -56.97 -24.20 6.46
N GLN G 379 -56.22 -25.28 6.58
CA GLN G 379 -55.27 -25.46 7.70
C GLN G 379 -53.80 -25.57 7.23
N PRO G 380 -53.06 -24.47 7.32
CA PRO G 380 -51.64 -24.50 7.04
C PRO G 380 -50.79 -25.59 7.74
N MET G 381 -51.12 -25.98 8.97
CA MET G 381 -50.32 -27.01 9.68
C MET G 381 -50.64 -28.43 9.16
N SER G 382 -50.38 -28.64 7.86
CA SER G 382 -50.62 -29.93 7.22
C SER G 382 -49.29 -30.63 6.91
N PHE G 383 -49.27 -31.95 7.06
CA PHE G 383 -48.06 -32.74 6.84
C PHE G 383 -47.92 -33.06 5.36
N ILE G 384 -47.15 -32.22 4.68
CA ILE G 384 -46.87 -32.36 3.27
C ILE G 384 -45.42 -32.79 3.09
N SER G 385 -45.25 -34.03 2.67
CA SER G 385 -43.90 -34.54 2.46
C SER G 385 -43.69 -34.88 1.01
N GLY G 386 -42.52 -35.41 0.73
CA GLY G 386 -42.22 -35.85 -0.59
C GLY G 386 -41.08 -35.07 -1.11
N GLY G 387 -41.09 -34.95 -2.43
CA GLY G 387 -39.87 -34.79 -3.22
C GLY G 387 -39.52 -36.13 -3.90
N GLU G 388 -38.43 -36.83 -3.55
CA GLU G 388 -38.20 -38.21 -3.98
C GLU G 388 -38.60 -38.41 -5.42
N ARG G 389 -38.76 -39.66 -5.83
CA ARG G 389 -39.37 -39.96 -7.13
C ARG G 389 -39.88 -41.41 -7.20
N ASN G 390 -40.44 -41.89 -6.10
CA ASN G 390 -40.79 -43.31 -5.96
C ASN G 390 -41.53 -43.84 -7.16
N GLY G 398 -49.37 -41.20 -9.44
CA GLY G 398 -50.30 -41.22 -8.31
C GLY G 398 -49.66 -41.11 -6.93
N ASN G 399 -50.12 -40.16 -6.11
CA ASN G 399 -49.58 -39.98 -4.77
C ASN G 399 -50.54 -40.29 -3.63
N PRO G 400 -50.04 -40.91 -2.57
CA PRO G 400 -50.92 -41.19 -1.46
C PRO G 400 -51.22 -39.98 -0.61
N VAL G 401 -52.43 -39.94 -0.09
CA VAL G 401 -52.81 -38.95 0.91
C VAL G 401 -53.79 -39.60 1.90
N ALA G 402 -53.55 -39.35 3.17
CA ALA G 402 -54.41 -39.83 4.22
C ALA G 402 -54.96 -38.64 5.00
N ALA G 403 -56.17 -38.79 5.51
CA ALA G 403 -56.80 -37.76 6.34
C ALA G 403 -57.30 -38.36 7.64
N VAL G 404 -57.09 -37.63 8.71
CA VAL G 404 -57.62 -37.97 10.02
C VAL G 404 -58.68 -36.93 10.39
N VAL G 405 -59.91 -37.40 10.59
CA VAL G 405 -61.03 -36.53 10.98
C VAL G 405 -61.70 -36.97 12.29
N ARG G 406 -62.54 -36.11 12.83
CA ARG G 406 -63.29 -36.42 14.07
C ARG G 406 -64.39 -37.47 13.85
N ARG H 34 -67.52 1.33 -35.85
CA ARG H 34 -66.98 -0.09 -35.92
C ARG H 34 -67.18 -0.84 -34.61
N TYR H 35 -67.24 -2.14 -34.70
CA TYR H 35 -67.33 -3.04 -33.55
C TYR H 35 -66.04 -3.87 -33.40
N PRO H 36 -65.48 -3.92 -32.18
CA PRO H 36 -64.28 -4.72 -31.93
C PRO H 36 -64.55 -6.20 -31.73
N LYS H 37 -63.71 -7.02 -32.35
CA LYS H 37 -63.80 -8.48 -32.20
C LYS H 37 -62.43 -9.03 -31.77
N ALA H 38 -62.32 -9.31 -30.48
CA ALA H 38 -61.10 -9.84 -29.87
C ALA H 38 -61.18 -11.36 -29.74
N SER H 39 -60.07 -12.03 -30.00
CA SER H 39 -59.96 -13.48 -29.72
C SER H 39 -58.64 -13.79 -28.98
N MET H 40 -58.62 -14.95 -28.35
CA MET H 40 -57.45 -15.47 -27.63
C MET H 40 -57.17 -16.90 -28.02
N HIS H 41 -55.94 -17.18 -28.39
CA HIS H 41 -55.51 -18.53 -28.77
C HIS H 41 -54.32 -18.92 -27.92
N VAL H 42 -54.50 -19.95 -27.11
CA VAL H 42 -53.49 -20.36 -26.15
C VAL H 42 -52.76 -21.55 -26.75
N VAL H 43 -51.46 -21.37 -27.03
CA VAL H 43 -50.65 -22.39 -27.67
C VAL H 43 -49.44 -22.74 -26.80
N PRO H 44 -49.10 -24.01 -26.71
CA PRO H 44 -47.95 -24.42 -25.91
C PRO H 44 -46.59 -24.10 -26.51
N MET H 45 -45.61 -23.97 -25.62
CA MET H 45 -44.21 -23.84 -25.96
C MET H 45 -43.43 -24.86 -25.14
N LEU H 46 -42.66 -25.72 -25.79
CA LEU H 46 -41.78 -26.69 -25.07
C LEU H 46 -40.47 -26.09 -24.57
N ALA H 47 -40.18 -24.89 -25.02
CA ALA H 47 -38.98 -24.16 -24.65
C ALA H 47 -39.19 -22.69 -25.02
N PRO H 48 -38.36 -21.78 -24.48
CA PRO H 48 -38.53 -20.38 -24.81
C PRO H 48 -38.48 -20.07 -26.31
N ASN H 49 -37.77 -20.87 -27.06
CA ASN H 49 -37.64 -20.68 -28.52
C ASN H 49 -38.43 -21.70 -29.35
N ASP H 50 -39.33 -22.44 -28.71
CA ASP H 50 -40.25 -23.35 -29.46
C ASP H 50 -41.46 -22.55 -29.93
N THR H 51 -41.35 -22.04 -31.15
CA THR H 51 -42.44 -21.34 -31.84
C THR H 51 -43.24 -22.21 -32.85
N ALA H 52 -43.16 -23.53 -32.71
CA ALA H 52 -43.82 -24.47 -33.67
C ALA H 52 -45.34 -24.31 -33.71
N ALA H 53 -45.98 -24.57 -32.55
CA ALA H 53 -47.42 -24.41 -32.43
C ALA H 53 -47.88 -22.96 -32.73
N PHE H 54 -47.09 -22.01 -32.32
CA PHE H 54 -47.33 -20.61 -32.58
C PHE H 54 -47.40 -20.30 -34.10
N ARG H 55 -46.37 -20.75 -34.83
N ARG H 55 -46.38 -20.76 -34.85
CA ARG H 55 -46.30 -20.55 -36.29
CA ARG H 55 -46.32 -20.52 -36.29
C ARG H 55 -47.44 -21.30 -37.00
C ARG H 55 -47.39 -21.34 -37.06
N ALA H 56 -47.71 -22.52 -36.53
CA ALA H 56 -48.82 -23.35 -37.05
C ALA H 56 -50.17 -22.67 -36.93
N LEU H 57 -50.33 -21.86 -35.90
CA LEU H 57 -51.53 -21.04 -35.74
C LEU H 57 -51.85 -20.18 -36.97
N PHE H 58 -50.82 -19.63 -37.57
CA PHE H 58 -50.97 -18.74 -38.73
C PHE H 58 -50.91 -19.52 -40.05
N ALA H 59 -49.92 -20.39 -40.16
CA ALA H 59 -49.76 -21.29 -41.35
C ALA H 59 -51.04 -22.07 -41.68
N SER H 60 -51.80 -22.44 -40.65
CA SER H 60 -53.11 -23.10 -40.79
C SER H 60 -54.23 -22.19 -41.33
N GLY H 61 -53.98 -20.89 -41.41
CA GLY H 61 -55.05 -19.91 -41.70
C GLY H 61 -56.02 -19.63 -40.54
N ALA H 62 -55.82 -20.32 -39.40
CA ALA H 62 -56.73 -20.19 -38.22
C ALA H 62 -56.75 -18.77 -37.63
N VAL H 63 -55.61 -18.10 -37.69
CA VAL H 63 -55.46 -16.77 -37.13
C VAL H 63 -54.72 -15.89 -38.14
N ASP H 64 -55.14 -14.64 -38.26
CA ASP H 64 -54.46 -13.69 -39.14
C ASP H 64 -53.33 -12.99 -38.34
N PRO H 65 -52.07 -13.24 -38.70
CA PRO H 65 -50.96 -12.61 -37.97
C PRO H 65 -51.01 -11.08 -37.91
N ALA H 66 -51.59 -10.47 -38.93
CA ALA H 66 -51.72 -8.99 -38.98
C ALA H 66 -52.73 -8.44 -37.96
N SER H 67 -53.62 -9.30 -37.47
CA SER H 67 -54.58 -8.89 -36.42
C SER H 67 -54.08 -9.12 -34.98
N VAL H 68 -52.89 -9.70 -34.82
CA VAL H 68 -52.34 -9.95 -33.48
C VAL H 68 -52.01 -8.60 -32.84
N VAL H 69 -52.56 -8.37 -31.66
CA VAL H 69 -52.24 -7.15 -30.87
C VAL H 69 -51.50 -7.41 -29.55
N ALA H 70 -51.50 -8.65 -29.08
CA ALA H 70 -50.74 -8.98 -27.90
C ALA H 70 -50.27 -10.41 -27.87
N LEU H 71 -49.07 -10.59 -27.34
CA LEU H 71 -48.57 -11.92 -26.97
C LEU H 71 -48.31 -11.89 -25.48
N ILE H 72 -48.96 -12.80 -24.76
CA ILE H 72 -48.83 -12.90 -23.31
C ILE H 72 -48.38 -14.32 -22.97
N ALA H 73 -47.11 -14.45 -22.56
CA ALA H 73 -46.46 -15.78 -22.44
C ALA H 73 -45.88 -16.09 -21.06
N LYS H 74 -45.81 -17.38 -20.78
CA LYS H 74 -45.04 -17.91 -19.63
C LYS H 74 -43.91 -18.73 -20.14
N SER H 75 -42.71 -18.42 -19.66
CA SER H 75 -41.49 -19.15 -20.04
C SER H 75 -40.90 -19.90 -18.88
N GLU H 76 -40.19 -20.97 -19.21
CA GLU H 76 -39.38 -21.71 -18.23
C GLU H 76 -38.14 -20.91 -17.86
N GLY H 77 -37.77 -20.96 -16.61
CA GLY H 77 -36.67 -20.16 -16.09
C GLY H 77 -36.88 -19.69 -14.68
N SER H 78 -36.05 -18.77 -14.26
CA SER H 78 -36.00 -18.37 -12.84
C SER H 78 -37.12 -17.39 -12.49
N GLY H 79 -37.58 -16.61 -13.46
CA GLY H 79 -38.45 -15.46 -13.18
C GLY H 79 -37.80 -14.24 -12.57
N LEU H 80 -36.50 -14.29 -12.33
CA LEU H 80 -35.80 -13.18 -11.67
C LEU H 80 -35.46 -12.11 -12.69
N HIS H 81 -34.94 -11.00 -12.19
CA HIS H 81 -34.65 -9.82 -13.00
C HIS H 81 -33.65 -10.11 -14.11
N ASN H 82 -32.73 -11.06 -13.90
CA ASN H 82 -31.74 -11.48 -14.91
C ASN H 82 -32.07 -12.78 -15.66
N ASP H 83 -33.34 -13.12 -15.76
CA ASP H 83 -33.77 -14.33 -16.51
C ASP H 83 -33.63 -14.14 -18.02
N HIS H 84 -32.56 -14.65 -18.59
CA HIS H 84 -32.33 -14.51 -20.04
C HIS H 84 -33.20 -15.43 -20.90
N ALA H 85 -33.72 -16.50 -20.30
CA ALA H 85 -34.68 -17.34 -20.99
C ALA H 85 -35.93 -16.56 -21.36
N ARG H 86 -36.36 -15.71 -20.47
CA ARG H 86 -37.51 -14.83 -20.65
C ARG H 86 -37.31 -13.99 -21.93
N VAL H 87 -36.14 -13.39 -21.98
CA VAL H 87 -35.76 -12.54 -23.13
C VAL H 87 -35.73 -13.39 -24.39
N PHE H 88 -35.23 -14.60 -24.28
CA PHE H 88 -35.14 -15.56 -25.36
C PHE H 88 -36.53 -15.82 -25.94
N ALA H 89 -37.51 -16.00 -25.06
CA ALA H 89 -38.89 -16.23 -25.49
C ALA H 89 -39.44 -14.97 -26.19
N ASP H 90 -39.17 -13.82 -25.62
CA ASP H 90 -39.57 -12.55 -26.22
C ASP H 90 -39.04 -12.43 -27.67
N VAL H 91 -37.75 -12.61 -27.82
CA VAL H 91 -37.06 -12.47 -29.11
C VAL H 91 -37.61 -13.50 -30.12
N SER H 92 -37.80 -14.73 -29.65
CA SER H 92 -38.24 -15.81 -30.50
C SER H 92 -39.66 -15.54 -31.01
N LEU H 93 -40.52 -15.10 -30.10
CA LEU H 93 -41.92 -14.83 -30.42
C LEU H 93 -42.05 -13.67 -31.44
N ARG H 94 -41.35 -12.59 -31.19
CA ARG H 94 -41.29 -11.49 -32.13
C ARG H 94 -40.81 -11.91 -33.52
N THR H 95 -39.73 -12.70 -33.54
CA THR H 95 -39.18 -13.12 -34.83
C THR H 95 -40.18 -13.97 -35.60
N ALA H 96 -40.88 -14.85 -34.88
CA ALA H 96 -41.84 -15.74 -35.51
C ALA H 96 -43.01 -14.91 -36.07
N LEU H 97 -43.51 -13.99 -35.26
CA LEU H 97 -44.67 -13.21 -35.64
C LEU H 97 -44.36 -12.35 -36.86
N ALA H 98 -43.22 -11.68 -36.79
CA ALA H 98 -42.77 -10.84 -37.91
C ALA H 98 -42.64 -11.67 -39.20
N GLU H 99 -42.14 -12.87 -39.10
N GLU H 99 -42.16 -12.90 -39.14
CA GLU H 99 -42.02 -13.76 -40.25
CA GLU H 99 -42.04 -13.77 -40.31
C GLU H 99 -43.36 -14.11 -40.84
C GLU H 99 -43.41 -14.08 -40.88
N ALA H 100 -44.30 -14.40 -39.97
CA ALA H 100 -45.66 -14.72 -40.37
C ALA H 100 -46.39 -13.55 -41.02
N ARG H 101 -46.00 -12.34 -40.59
CA ARG H 101 -46.49 -11.10 -41.18
C ARG H 101 -45.80 -10.73 -42.48
N GLY H 102 -44.63 -11.32 -42.71
CA GLY H 102 -43.80 -10.93 -43.84
C GLY H 102 -43.04 -9.63 -43.67
N CYS H 103 -43.14 -8.98 -42.52
CA CYS H 103 -42.36 -7.78 -42.19
C CYS H 103 -41.07 -8.10 -41.44
N PRO H 104 -40.15 -7.12 -41.38
CA PRO H 104 -38.96 -7.24 -40.52
C PRO H 104 -39.30 -6.91 -39.07
N VAL H 105 -38.51 -7.46 -38.18
CA VAL H 105 -38.91 -7.60 -36.77
C VAL H 105 -39.07 -6.25 -36.10
N GLU H 106 -38.35 -5.27 -36.61
CA GLU H 106 -38.33 -3.92 -36.03
C GLU H 106 -39.70 -3.26 -36.13
N ASP H 107 -40.49 -3.67 -37.12
CA ASP H 107 -41.79 -3.05 -37.38
C ASP H 107 -42.80 -3.33 -36.27
N LEU H 108 -42.69 -4.49 -35.66
CA LEU H 108 -43.61 -4.89 -34.58
C LEU H 108 -43.51 -3.93 -33.38
N ALA H 109 -42.72 -2.87 -33.53
CA ALA H 109 -42.23 -2.11 -32.39
C ALA H 109 -43.35 -1.71 -31.45
N ASP H 110 -44.35 -1.01 -31.98
CA ASP H 110 -45.41 -0.41 -31.18
C ASP H 110 -46.78 -0.91 -31.59
N SER H 111 -46.81 -1.98 -32.38
CA SER H 111 -48.07 -2.53 -32.89
C SER H 111 -48.54 -3.75 -32.07
N VAL H 112 -47.60 -4.42 -31.43
CA VAL H 112 -47.88 -5.58 -30.59
C VAL H 112 -47.29 -5.43 -29.20
N THR H 113 -48.04 -5.86 -28.21
CA THR H 113 -47.56 -5.91 -26.85
C THR H 113 -47.07 -7.32 -26.65
N VAL H 114 -45.77 -7.44 -26.39
CA VAL H 114 -45.17 -8.74 -26.02
C VAL H 114 -44.85 -8.70 -24.53
N ALA H 115 -45.58 -9.48 -23.76
CA ALA H 115 -45.36 -9.61 -22.35
C ALA H 115 -45.03 -11.08 -22.02
N VAL H 116 -43.78 -11.33 -21.67
CA VAL H 116 -43.32 -12.63 -21.21
C VAL H 116 -42.99 -12.54 -19.73
N SER H 117 -43.66 -13.36 -18.94
CA SER H 117 -43.38 -13.51 -17.53
C SER H 117 -42.59 -14.81 -17.30
N GLY H 118 -41.40 -14.69 -16.73
CA GLY H 118 -40.56 -15.84 -16.53
C GLY H 118 -40.98 -16.68 -15.35
N GLY H 119 -40.59 -17.94 -15.36
CA GLY H 119 -40.76 -18.80 -14.20
C GLY H 119 -42.08 -19.54 -14.21
N SER H 120 -42.01 -20.83 -14.48
CA SER H 120 -43.17 -21.67 -14.69
C SER H 120 -43.09 -22.90 -13.83
N PRO H 121 -43.10 -22.70 -12.51
CA PRO H 121 -42.99 -23.84 -11.62
C PRO H 121 -44.23 -24.73 -11.57
N GLY H 122 -44.00 -25.99 -11.24
CA GLY H 122 -45.03 -26.94 -10.85
C GLY H 122 -45.96 -27.31 -12.00
N VAL H 123 -47.23 -26.92 -11.87
CA VAL H 123 -48.27 -27.30 -12.81
C VAL H 123 -48.44 -26.33 -13.96
N ILE H 124 -47.62 -25.29 -14.01
CA ILE H 124 -47.74 -24.28 -15.06
C ILE H 124 -47.03 -24.77 -16.29
N SER H 125 -47.75 -24.84 -17.40
CA SER H 125 -47.20 -25.26 -18.66
C SER H 125 -46.82 -24.03 -19.46
N PRO H 126 -45.55 -23.91 -19.84
CA PRO H 126 -45.18 -22.74 -20.67
C PRO H 126 -45.95 -22.65 -21.99
N HIS H 127 -46.24 -21.42 -22.39
CA HIS H 127 -47.18 -21.15 -23.46
C HIS H 127 -47.20 -19.67 -23.81
N VAL H 128 -47.93 -19.35 -24.87
CA VAL H 128 -48.17 -17.98 -25.27
C VAL H 128 -49.64 -17.85 -25.65
N THR H 129 -50.29 -16.84 -25.08
CA THR H 129 -51.66 -16.50 -25.37
C THR H 129 -51.60 -15.45 -26.42
N VAL H 130 -52.16 -15.77 -27.57
CA VAL H 130 -52.16 -14.85 -28.75
C VAL H 130 -53.48 -14.10 -28.77
N VAL H 131 -53.38 -12.79 -28.69
CA VAL H 131 -54.57 -11.91 -28.62
C VAL H 131 -54.69 -11.19 -29.93
N THR H 132 -55.81 -11.43 -30.61
CA THR H 132 -56.15 -10.71 -31.88
C THR H 132 -57.32 -9.80 -31.66
N GLN H 133 -57.32 -8.72 -32.43
CA GLN H 133 -58.48 -7.85 -32.48
C GLN H 133 -58.63 -7.21 -33.85
N GLU H 134 -59.79 -7.42 -34.44
CA GLU H 134 -60.16 -6.65 -35.63
C GLU H 134 -61.48 -5.92 -35.39
N TRP H 135 -61.65 -4.85 -36.13
CA TRP H 135 -62.88 -4.08 -36.03
C TRP H 135 -63.78 -4.38 -37.26
N VAL H 136 -65.07 -4.51 -37.01
CA VAL H 136 -66.05 -4.92 -38.04
C VAL H 136 -67.19 -3.89 -38.13
N ALA H 137 -67.79 -3.77 -39.30
CA ALA H 137 -68.86 -2.76 -39.58
C ALA H 137 -70.19 -3.09 -38.91
N ASP H 138 -70.46 -4.38 -38.76
CA ASP H 138 -71.70 -4.91 -38.27
C ASP H 138 -71.51 -5.75 -37.03
N LEU H 139 -72.34 -5.48 -36.03
CA LEU H 139 -72.42 -6.29 -34.87
C LEU H 139 -73.21 -7.59 -35.06
N PRO H 140 -72.56 -8.76 -34.87
CA PRO H 140 -73.37 -9.98 -34.84
C PRO H 140 -74.46 -9.90 -33.78
N ALA H 141 -75.59 -10.49 -34.10
CA ALA H 141 -76.73 -10.52 -33.20
C ALA H 141 -76.66 -11.80 -32.39
N GLY H 142 -77.36 -11.78 -31.25
CA GLY H 142 -77.47 -12.93 -30.36
C GLY H 142 -76.47 -12.95 -29.22
N LEU H 143 -75.55 -11.98 -29.19
CA LEU H 143 -74.47 -11.95 -28.20
C LEU H 143 -74.98 -11.36 -26.90
N PRO H 144 -75.02 -12.19 -25.84
CA PRO H 144 -75.59 -11.71 -24.58
C PRO H 144 -74.68 -10.74 -23.81
N GLY H 145 -75.30 -9.73 -23.23
CA GLY H 145 -74.62 -8.75 -22.39
C GLY H 145 -73.41 -8.11 -23.03
N VAL H 146 -72.40 -7.86 -22.21
CA VAL H 146 -71.12 -7.25 -22.64
C VAL H 146 -70.06 -8.28 -23.10
N GLY H 147 -69.08 -7.80 -23.84
CA GLY H 147 -68.06 -8.65 -24.44
C GLY H 147 -66.67 -8.07 -24.35
N LEU H 148 -65.68 -8.94 -24.55
CA LEU H 148 -64.26 -8.58 -24.40
C LEU H 148 -63.81 -7.59 -25.45
N VAL H 149 -63.08 -6.60 -24.99
CA VAL H 149 -62.43 -5.63 -25.85
C VAL H 149 -61.02 -5.31 -25.31
N VAL H 150 -60.10 -5.04 -26.23
CA VAL H 150 -58.70 -4.84 -25.94
C VAL H 150 -58.32 -3.42 -26.29
N GLY H 151 -57.61 -2.76 -25.38
CA GLY H 151 -57.06 -1.43 -25.63
C GLY H 151 -55.58 -1.40 -25.32
N ARG H 152 -54.86 -0.57 -26.06
CA ARG H 152 -53.42 -0.41 -25.90
C ARG H 152 -53.06 1.05 -25.82
N GLY H 153 -52.00 1.33 -25.09
CA GLY H 153 -51.56 2.70 -24.82
C GLY H 153 -50.06 2.82 -24.64
N HIS H 154 -49.56 4.02 -24.84
CA HIS H 154 -48.13 4.30 -24.72
C HIS H 154 -47.92 5.55 -23.87
N THR H 155 -46.95 5.50 -22.98
CA THR H 155 -46.57 6.66 -22.15
C THR H 155 -45.63 7.60 -22.89
N GLU H 156 -45.66 8.88 -22.49
CA GLU H 156 -44.57 9.80 -22.81
C GLU H 156 -43.30 9.18 -22.25
N PRO H 157 -42.12 9.49 -22.82
CA PRO H 157 -40.89 8.93 -22.23
C PRO H 157 -40.83 9.18 -20.70
N ILE H 158 -40.53 8.12 -19.96
CA ILE H 158 -40.38 8.17 -18.51
C ILE H 158 -38.90 8.34 -18.23
N LEU H 159 -38.54 9.52 -17.77
CA LEU H 159 -37.16 9.85 -17.45
C LEU H 159 -36.74 9.24 -16.09
N PRO H 160 -35.43 8.93 -15.93
CA PRO H 160 -35.03 8.30 -14.66
C PRO H 160 -35.50 9.12 -13.43
N GLU H 161 -35.31 10.42 -13.50
CA GLU H 161 -35.84 11.33 -12.50
C GLU H 161 -37.29 11.07 -12.15
N ASP H 162 -37.99 10.39 -13.03
CA ASP H 162 -39.43 10.18 -12.86
C ASP H 162 -39.74 8.88 -12.14
N ILE H 163 -38.87 7.90 -12.29
CA ILE H 163 -39.12 6.56 -11.81
C ILE H 163 -39.53 6.63 -10.31
N GLY H 164 -40.60 5.93 -9.96
CA GLY H 164 -41.07 5.85 -8.58
C GLY H 164 -41.68 7.11 -8.03
N ARG H 165 -41.82 8.10 -8.89
CA ARG H 165 -42.31 9.42 -8.48
C ARG H 165 -43.58 9.80 -9.24
N THR H 166 -44.19 10.91 -8.86
CA THR H 166 -45.50 11.32 -9.36
C THR H 166 -45.53 11.55 -10.86
N ALA H 167 -44.43 11.93 -11.47
CA ALA H 167 -44.33 12.05 -12.92
C ALA H 167 -44.69 10.72 -13.64
N GLN H 168 -44.12 9.63 -13.12
CA GLN H 168 -44.42 8.29 -13.64
C GLN H 168 -45.88 7.95 -13.47
N VAL H 169 -46.38 8.21 -12.26
CA VAL H 169 -47.79 8.02 -11.91
C VAL H 169 -48.71 8.69 -12.97
N ASP H 170 -48.31 9.92 -13.35
CA ASP H 170 -49.12 10.73 -14.24
C ASP H 170 -49.05 10.20 -15.70
N LYS H 171 -47.83 9.91 -16.13
CA LYS H 171 -47.62 9.47 -17.50
C LYS H 171 -48.31 8.13 -17.74
N VAL H 172 -48.25 7.25 -16.74
CA VAL H 172 -48.93 5.95 -16.81
C VAL H 172 -50.42 6.18 -16.86
N ALA H 173 -50.94 7.03 -15.98
CA ALA H 173 -52.37 7.36 -15.97
C ALA H 173 -52.88 7.82 -17.36
N ASP H 174 -52.09 8.69 -17.99
CA ASP H 174 -52.42 9.16 -19.32
C ASP H 174 -52.50 8.00 -20.32
N ALA H 175 -51.53 7.11 -20.25
CA ALA H 175 -51.46 5.97 -21.14
C ALA H 175 -52.65 5.05 -20.90
N VAL H 176 -53.08 4.89 -19.66
CA VAL H 176 -54.20 4.02 -19.33
C VAL H 176 -55.49 4.63 -19.87
N ALA H 177 -55.68 5.93 -19.67
CA ALA H 177 -56.81 6.64 -20.24
C ALA H 177 -56.85 6.47 -21.78
N ALA H 178 -55.69 6.60 -22.39
CA ALA H 178 -55.52 6.41 -23.83
C ALA H 178 -55.93 5.02 -24.25
N ALA H 179 -55.57 4.02 -23.46
CA ALA H 179 -55.92 2.64 -23.71
C ALA H 179 -57.40 2.42 -23.57
N MET H 180 -58.01 3.04 -22.57
CA MET H 180 -59.47 2.96 -22.37
C MET H 180 -60.20 3.50 -23.62
N LEU H 181 -59.66 4.58 -24.16
CA LEU H 181 -60.22 5.22 -25.33
C LEU H 181 -60.02 4.36 -26.52
N ASP H 182 -58.85 3.78 -26.71
CA ASP H 182 -58.55 2.85 -27.80
C ASP H 182 -59.50 1.67 -27.79
N ALA H 183 -59.90 1.20 -26.62
CA ALA H 183 -60.85 0.10 -26.52
C ALA H 183 -62.29 0.53 -26.64
N GLY H 184 -62.57 1.83 -26.59
CA GLY H 184 -63.95 2.36 -26.66
C GLY H 184 -64.72 2.16 -25.36
N VAL H 185 -63.99 2.27 -24.25
CA VAL H 185 -64.55 2.04 -22.91
C VAL H 185 -64.41 3.33 -22.12
N THR H 186 -65.49 3.66 -21.41
CA THR H 186 -65.50 4.86 -20.56
C THR H 186 -65.81 4.53 -19.11
N ASP H 187 -66.49 3.42 -18.85
CA ASP H 187 -66.80 3.00 -17.50
C ASP H 187 -65.63 2.14 -16.93
N PRO H 188 -64.91 2.66 -15.92
CA PRO H 188 -63.78 1.89 -15.36
C PRO H 188 -64.17 0.60 -14.64
N ASP H 189 -65.41 0.47 -14.22
CA ASP H 189 -65.90 -0.82 -13.69
C ASP H 189 -65.95 -1.95 -14.72
N ASP H 190 -65.77 -1.62 -16.00
CA ASP H 190 -65.74 -2.61 -17.08
C ASP H 190 -64.30 -2.97 -17.52
N VAL H 191 -63.33 -2.32 -16.92
CA VAL H 191 -61.92 -2.66 -17.07
C VAL H 191 -61.56 -3.71 -16.02
N HIS H 192 -61.05 -4.83 -16.51
CA HIS H 192 -60.81 -6.01 -15.64
C HIS H 192 -59.34 -6.48 -15.53
N LEU H 193 -58.48 -5.95 -16.39
CA LEU H 193 -57.06 -6.21 -16.32
C LEU H 193 -56.28 -5.10 -17.00
N VAL H 194 -55.25 -4.60 -16.31
CA VAL H 194 -54.36 -3.58 -16.87
C VAL H 194 -52.92 -3.98 -16.65
N MET H 195 -52.24 -4.35 -17.72
CA MET H 195 -50.82 -4.72 -17.69
C MET H 195 -49.98 -3.52 -18.07
N VAL H 196 -49.06 -3.14 -17.19
CA VAL H 196 -48.16 -2.01 -17.47
C VAL H 196 -46.74 -2.51 -17.50
N LYS H 197 -46.02 -2.17 -18.58
CA LYS H 197 -44.61 -2.43 -18.71
C LYS H 197 -43.86 -1.11 -18.64
N GLY H 198 -43.09 -0.92 -17.56
CA GLY H 198 -42.33 0.34 -17.33
C GLY H 198 -40.84 0.14 -17.52
N PRO H 199 -40.04 1.22 -17.45
CA PRO H 199 -38.60 1.06 -17.29
C PRO H 199 -38.13 0.98 -15.82
N THR H 215 -31.37 14.14 -9.40
CA THR H 215 -31.65 12.97 -8.49
C THR H 215 -32.64 11.87 -8.99
N VAL H 216 -32.51 10.67 -8.42
CA VAL H 216 -33.40 9.52 -8.63
C VAL H 216 -33.98 8.93 -7.33
N SER H 228 -34.95 -0.10 -7.72
CA SER H 228 -35.50 0.70 -8.84
C SER H 228 -36.81 0.02 -9.23
N MET H 229 -36.69 -1.25 -9.56
CA MET H 229 -37.79 -1.96 -10.17
C MET H 229 -39.01 -1.88 -9.24
N CYS H 230 -38.74 -1.93 -7.95
CA CYS H 230 -39.81 -1.99 -6.96
C CYS H 230 -40.60 -0.71 -7.02
N TRP H 231 -39.92 0.38 -7.27
CA TRP H 231 -40.56 1.68 -7.31
C TRP H 231 -41.38 1.80 -8.53
N SER H 232 -40.73 1.63 -9.68
CA SER H 232 -41.40 1.76 -10.99
C SER H 232 -42.76 1.04 -10.94
N ASN H 233 -42.77 -0.14 -10.35
CA ASN H 233 -43.96 -0.96 -10.29
C ASN H 233 -45.03 -0.30 -9.45
N ASP H 234 -44.65 0.26 -8.32
CA ASP H 234 -45.64 0.87 -7.42
C ASP H 234 -46.26 2.10 -8.07
N ALA H 235 -45.40 2.94 -8.66
CA ALA H 235 -45.85 4.16 -9.34
C ALA H 235 -46.78 3.83 -10.49
N SER H 236 -46.41 2.82 -11.26
CA SER H 236 -47.23 2.33 -12.38
C SER H 236 -48.59 1.88 -11.86
N ALA H 237 -48.59 1.11 -10.79
CA ALA H 237 -49.86 0.61 -10.23
C ALA H 237 -50.77 1.77 -9.79
N LEU H 238 -50.13 2.79 -9.23
CA LEU H 238 -50.84 3.98 -8.78
C LEU H 238 -51.44 4.73 -9.95
N GLY H 239 -50.69 4.81 -11.03
CA GLY H 239 -51.14 5.39 -12.31
C GLY H 239 -52.44 4.75 -12.76
N VAL H 240 -52.49 3.43 -12.72
CA VAL H 240 -53.70 2.67 -13.08
C VAL H 240 -54.86 3.06 -12.16
N ALA H 241 -54.56 3.11 -10.88
CA ALA H 241 -55.57 3.46 -9.87
C ALA H 241 -56.17 4.85 -10.13
N VAL H 242 -55.32 5.81 -10.48
CA VAL H 242 -55.74 7.16 -10.76
C VAL H 242 -56.65 7.20 -11.99
N ALA H 243 -56.16 6.62 -13.10
CA ALA H 243 -56.88 6.67 -14.37
C ALA H 243 -58.24 5.99 -14.29
N LEU H 244 -58.37 4.97 -13.45
CA LEU H 244 -59.64 4.25 -13.24
C LEU H 244 -60.51 4.82 -12.12
N GLY H 245 -60.13 6.00 -11.61
CA GLY H 245 -60.86 6.63 -10.48
C GLY H 245 -60.86 5.88 -9.15
N GLU H 246 -60.07 4.81 -9.04
CA GLU H 246 -59.95 4.04 -7.78
C GLU H 246 -59.27 4.85 -6.67
N VAL H 247 -58.42 5.79 -7.07
CA VAL H 247 -57.75 6.70 -6.15
C VAL H 247 -57.81 8.13 -6.73
N LYS H 248 -58.17 9.07 -5.86
CA LYS H 248 -58.23 10.48 -6.23
C LYS H 248 -56.83 11.05 -6.43
N ARG H 249 -56.68 11.88 -7.46
CA ARG H 249 -55.48 12.66 -7.62
C ARG H 249 -55.48 13.82 -6.64
N SER H 265 -54.74 -0.35 -6.84
CA SER H 265 -55.65 -0.83 -7.88
C SER H 265 -55.95 -2.35 -7.78
N ALA H 266 -57.23 -2.70 -7.86
CA ALA H 266 -57.66 -4.10 -7.81
C ALA H 266 -57.33 -4.93 -9.10
N VAL H 267 -56.95 -4.25 -10.18
CA VAL H 267 -56.81 -4.86 -11.51
C VAL H 267 -55.47 -4.62 -12.21
N ALA H 268 -54.55 -3.93 -11.53
CA ALA H 268 -53.23 -3.61 -12.11
C ALA H 268 -52.30 -4.83 -12.03
N ALA H 269 -51.51 -5.01 -13.09
CA ALA H 269 -50.49 -6.06 -13.19
C ALA H 269 -49.26 -5.41 -13.80
N THR H 270 -48.37 -4.96 -12.92
CA THR H 270 -47.26 -4.09 -13.32
C THR H 270 -45.93 -4.83 -13.32
N SER H 271 -45.07 -4.46 -14.24
CA SER H 271 -43.71 -5.00 -14.29
C SER H 271 -42.77 -3.96 -14.90
N SER H 272 -41.49 -4.12 -14.61
CA SER H 272 -40.47 -3.16 -15.02
C SER H 272 -39.17 -3.81 -15.37
N GLY H 273 -38.40 -3.16 -16.24
CA GLY H 273 -37.09 -3.65 -16.68
C GLY H 273 -36.59 -2.95 -17.90
N GLY H 274 -35.32 -3.17 -18.21
CA GLY H 274 -34.67 -2.56 -19.37
C GLY H 274 -34.47 -1.05 -19.24
N GLU H 275 -33.97 -0.47 -20.32
CA GLU H 275 -33.70 0.97 -20.39
C GLU H 275 -34.78 1.75 -21.16
N LYS H 276 -35.67 1.06 -21.86
CA LYS H 276 -36.69 1.69 -22.73
C LYS H 276 -37.56 2.68 -21.95
N ARG H 277 -37.40 3.97 -22.26
CA ARG H 277 -38.11 5.04 -21.54
C ARG H 277 -39.61 5.02 -21.78
N GLY H 278 -40.03 4.47 -22.90
CA GLY H 278 -41.45 4.35 -23.25
C GLY H 278 -42.16 3.23 -22.51
N GLY H 279 -43.05 3.58 -21.61
CA GLY H 279 -43.94 2.62 -20.94
C GLY H 279 -45.05 2.16 -21.86
N GLU H 280 -45.66 1.03 -21.53
CA GLU H 280 -46.68 0.44 -22.36
C GLU H 280 -47.84 -0.08 -21.52
N VAL H 281 -49.06 0.17 -21.97
CA VAL H 281 -50.26 -0.38 -21.34
C VAL H 281 -50.98 -1.35 -22.28
N LEU H 282 -51.42 -2.46 -21.72
CA LEU H 282 -52.33 -3.40 -22.36
C LEU H 282 -53.52 -3.56 -21.45
N LEU H 283 -54.69 -3.25 -21.97
CA LEU H 283 -55.91 -3.20 -21.16
C LEU H 283 -56.96 -4.16 -21.71
N LEU H 284 -57.58 -4.92 -20.82
CA LEU H 284 -58.63 -5.84 -21.18
C LEU H 284 -59.88 -5.48 -20.41
N ALA H 285 -60.95 -5.21 -21.16
CA ALA H 285 -62.21 -4.75 -20.59
C ALA H 285 -63.39 -5.42 -21.31
N ASN H 286 -64.56 -5.00 -20.94
CA ASN H 286 -65.79 -5.32 -21.69
C ASN H 286 -66.49 -4.05 -22.22
N SER H 287 -67.31 -4.24 -23.25
CA SER H 287 -68.24 -3.20 -23.70
C SER H 287 -69.44 -3.82 -24.41
N ALA H 288 -70.55 -3.10 -24.36
CA ALA H 288 -71.80 -3.52 -25.02
C ALA H 288 -71.61 -3.60 -26.54
N GLN H 289 -70.67 -2.83 -27.05
CA GLN H 289 -70.41 -2.74 -28.51
C GLN H 289 -69.49 -3.85 -29.04
N SER H 290 -69.25 -4.88 -28.23
CA SER H 290 -68.22 -5.85 -28.52
C SER H 290 -68.80 -7.00 -29.33
N ALA H 291 -68.13 -7.31 -30.44
CA ALA H 291 -68.46 -8.48 -31.27
C ALA H 291 -67.74 -9.75 -30.86
N SER H 292 -66.98 -9.68 -29.79
CA SER H 292 -66.24 -10.83 -29.29
C SER H 292 -67.10 -11.94 -28.74
N GLU H 293 -66.64 -13.15 -28.95
CA GLU H 293 -67.22 -14.35 -28.35
C GLU H 293 -66.59 -14.70 -26.98
N LEU H 294 -65.99 -13.69 -26.35
CA LEU H 294 -65.41 -13.84 -25.02
C LEU H 294 -65.87 -12.71 -24.09
N ARG H 295 -65.83 -13.00 -22.79
CA ARG H 295 -66.03 -11.98 -21.78
C ARG H 295 -64.97 -12.14 -20.67
N ILE H 296 -64.52 -11.02 -20.15
CA ILE H 296 -63.56 -11.00 -19.02
C ILE H 296 -64.20 -10.63 -17.67
N GLY H 297 -63.73 -11.25 -16.61
CA GLY H 297 -64.06 -10.86 -15.23
C GLY H 297 -62.82 -10.83 -14.35
N HIS H 298 -62.98 -10.38 -13.12
CA HIS H 298 -61.85 -10.30 -12.20
C HIS H 298 -62.28 -10.60 -10.78
N GLY H 299 -61.28 -10.91 -9.96
CA GLY H 299 -61.48 -11.21 -8.54
C GLY H 299 -60.23 -10.85 -7.77
N ILE H 300 -60.34 -10.97 -6.45
CA ILE H 300 -59.22 -10.71 -5.55
C ILE H 300 -58.96 -11.94 -4.68
N THR H 301 -57.72 -12.41 -4.70
CA THR H 301 -57.28 -13.53 -3.89
C THR H 301 -57.03 -12.97 -2.49
N ARG H 302 -57.73 -13.49 -1.51
CA ARG H 302 -57.79 -12.89 -0.16
C ARG H 302 -56.55 -13.18 0.66
N ASP H 303 -56.12 -14.42 0.64
CA ASP H 303 -54.78 -14.80 1.17
C ASP H 303 -54.11 -15.86 0.28
N MET H 304 -52.94 -16.32 0.69
CA MET H 304 -52.12 -17.26 -0.14
C MET H 304 -52.78 -18.62 -0.41
N ALA H 305 -53.74 -19.00 0.40
CA ALA H 305 -54.42 -20.29 0.25
C ALA H 305 -55.84 -20.18 -0.35
N ASP H 306 -56.24 -18.98 -0.73
CA ASP H 306 -57.61 -18.69 -1.17
C ASP H 306 -57.88 -18.97 -2.63
N THR H 307 -58.93 -19.75 -2.89
CA THR H 307 -59.45 -19.95 -4.26
C THR H 307 -60.60 -19.02 -4.68
N GLU H 308 -61.21 -18.32 -3.72
CA GLU H 308 -62.43 -17.55 -4.00
C GLU H 308 -62.21 -16.42 -5.02
N GLY H 309 -61.08 -15.79 -5.02
CA GLY H 309 -60.79 -14.75 -5.98
C GLY H 309 -60.80 -15.27 -7.40
N ILE H 310 -60.20 -16.45 -7.56
CA ILE H 310 -60.15 -17.10 -8.89
C ILE H 310 -61.59 -17.41 -9.33
N LYS H 311 -62.34 -17.99 -8.40
CA LYS H 311 -63.73 -18.37 -8.65
C LYS H 311 -64.57 -17.15 -9.03
N THR H 312 -64.37 -16.06 -8.32
CA THR H 312 -65.09 -14.81 -8.60
C THR H 312 -64.76 -14.32 -9.99
N ALA H 313 -63.48 -14.39 -10.36
CA ALA H 313 -63.07 -13.99 -11.72
C ALA H 313 -63.85 -14.79 -12.79
N ILE H 314 -63.90 -16.10 -12.56
CA ILE H 314 -64.52 -17.01 -13.50
C ILE H 314 -66.02 -16.71 -13.59
N ARG H 315 -66.63 -16.55 -12.44
CA ARG H 315 -68.07 -16.39 -12.30
C ARG H 315 -68.52 -15.08 -12.91
N THR H 316 -67.89 -13.99 -12.50
CA THR H 316 -68.21 -12.68 -13.03
C THR H 316 -67.90 -12.55 -14.49
N ALA H 317 -67.07 -13.44 -15.03
CA ALA H 317 -66.82 -13.47 -16.49
C ALA H 317 -67.97 -14.10 -17.25
N GLY H 318 -68.79 -14.88 -16.57
CA GLY H 318 -70.02 -15.43 -17.15
C GLY H 318 -70.34 -16.88 -16.89
N VAL H 319 -69.55 -17.55 -16.07
CA VAL H 319 -69.79 -18.96 -15.76
C VAL H 319 -70.57 -19.04 -14.48
N ASP H 320 -71.69 -19.76 -14.51
CA ASP H 320 -72.57 -19.85 -13.38
C ASP H 320 -72.35 -21.18 -12.67
N PHE H 321 -71.79 -21.11 -11.47
CA PHE H 321 -71.53 -22.30 -10.65
C PHE H 321 -71.45 -21.88 -9.18
N ASP H 322 -71.56 -22.85 -8.30
CA ASP H 322 -71.46 -22.60 -6.85
C ASP H 322 -70.01 -22.80 -6.42
N CYS H 323 -69.58 -24.05 -6.29
CA CYS H 323 -68.27 -24.35 -5.73
C CYS H 323 -67.29 -24.88 -6.76
N CYS H 324 -67.66 -25.95 -7.44
CA CYS H 324 -66.79 -26.55 -8.45
C CYS H 324 -67.31 -26.27 -9.83
N LEU H 325 -66.40 -26.34 -10.80
CA LEU H 325 -66.76 -26.32 -12.20
C LEU H 325 -66.87 -27.76 -12.71
N SER H 326 -67.80 -27.97 -13.62
CA SER H 326 -67.88 -29.22 -14.37
C SER H 326 -66.81 -29.19 -15.46
N PRO H 327 -66.43 -30.34 -15.99
CA PRO H 327 -65.58 -30.40 -17.16
C PRO H 327 -65.92 -29.41 -18.28
N ALA H 328 -67.21 -29.30 -18.58
CA ALA H 328 -67.69 -28.40 -19.64
C ALA H 328 -67.41 -26.94 -19.26
N GLN H 329 -67.74 -26.63 -18.02
CA GLN H 329 -67.53 -25.28 -17.49
C GLN H 329 -66.08 -24.91 -17.47
N GLN H 330 -65.25 -25.84 -17.02
CA GLN H 330 -63.77 -25.71 -17.08
C GLN H 330 -63.33 -25.36 -18.50
N ALA H 331 -63.85 -26.10 -19.47
CA ALA H 331 -63.49 -25.85 -20.86
C ALA H 331 -63.97 -24.50 -21.40
N GLN H 332 -64.97 -23.90 -20.73
CA GLN H 332 -65.38 -22.55 -21.12
C GLN H 332 -64.35 -21.48 -20.73
N VAL H 333 -63.51 -21.79 -19.73
CA VAL H 333 -62.43 -20.88 -19.31
C VAL H 333 -61.27 -20.95 -20.30
N VAL H 334 -61.03 -19.85 -20.99
CA VAL H 334 -60.05 -19.78 -22.06
C VAL H 334 -58.63 -19.42 -21.53
N GLN H 335 -58.57 -18.46 -20.62
CA GLN H 335 -57.33 -18.10 -19.97
C GLN H 335 -57.55 -17.45 -18.63
N VAL H 336 -56.61 -17.65 -17.72
CA VAL H 336 -56.60 -16.95 -16.44
C VAL H 336 -55.28 -16.16 -16.30
N PHE H 337 -55.38 -14.91 -15.86
CA PHE H 337 -54.23 -14.04 -15.67
C PHE H 337 -54.23 -13.69 -14.19
N GLY H 338 -53.38 -14.39 -13.43
CA GLY H 338 -53.26 -14.19 -11.97
C GLY H 338 -51.89 -13.72 -11.57
N LYS H 339 -51.83 -12.66 -10.78
CA LYS H 339 -50.55 -12.12 -10.32
C LYS H 339 -50.36 -12.50 -8.86
N PHE H 340 -49.42 -13.39 -8.60
CA PHE H 340 -49.23 -13.93 -7.24
C PHE H 340 -47.96 -13.41 -6.62
N VAL H 341 -48.04 -12.14 -6.25
CA VAL H 341 -47.04 -11.43 -5.46
C VAL H 341 -46.99 -12.08 -4.07
N LEU H 342 -45.87 -11.97 -3.40
CA LEU H 342 -45.73 -12.51 -2.05
C LEU H 342 -46.72 -11.85 -1.13
N PRO H 343 -47.16 -12.56 -0.07
CA PRO H 343 -48.13 -11.99 0.85
C PRO H 343 -47.60 -10.82 1.64
N GLY H 344 -48.54 -10.08 2.21
CA GLY H 344 -48.21 -8.90 3.04
C GLY H 344 -47.63 -9.27 4.38
N SER H 345 -47.98 -10.45 4.87
CA SER H 345 -47.45 -10.93 6.15
C SER H 345 -47.13 -12.43 6.09
N ASP H 346 -46.47 -12.88 7.15
CA ASP H 346 -46.14 -14.29 7.32
C ASP H 346 -47.12 -15.02 8.23
N VAL H 347 -48.31 -14.46 8.40
CA VAL H 347 -49.41 -15.14 9.11
C VAL H 347 -50.50 -15.54 8.12
N LEU H 348 -50.89 -16.81 8.15
CA LEU H 348 -51.89 -17.36 7.26
C LEU H 348 -52.86 -18.23 8.05
N ARG H 349 -54.16 -17.89 7.99
CA ARG H 349 -55.21 -18.52 8.82
C ARG H 349 -54.71 -18.73 10.25
N GLY H 350 -54.17 -17.68 10.82
CA GLY H 350 -53.67 -17.73 12.20
C GLY H 350 -52.36 -18.46 12.47
N GLN H 351 -51.66 -18.89 11.44
CA GLN H 351 -50.39 -19.64 11.63
C GLN H 351 -49.24 -19.02 10.87
N HIS H 352 -48.05 -19.28 11.40
CA HIS H 352 -46.78 -18.82 10.78
C HIS H 352 -46.48 -19.60 9.51
N ILE H 353 -46.15 -18.88 8.45
CA ILE H 353 -45.64 -19.50 7.22
C ILE H 353 -44.26 -18.97 6.91
N THR H 354 -43.57 -19.72 6.07
CA THR H 354 -42.19 -19.43 5.65
C THR H 354 -42.06 -18.62 4.37
N ALA H 355 -43.20 -18.23 3.78
CA ALA H 355 -43.28 -17.71 2.42
C ALA H 355 -42.49 -16.42 2.21
N LEU H 356 -42.30 -15.65 3.27
CA LEU H 356 -41.48 -14.43 3.16
C LEU H 356 -40.02 -14.67 3.44
N ASP H 357 -39.72 -15.66 4.27
CA ASP H 357 -38.31 -15.98 4.64
C ASP H 357 -37.54 -16.79 3.61
N ASP H 358 -38.30 -17.53 2.80
CA ASP H 358 -37.76 -18.49 1.85
C ASP H 358 -36.92 -17.77 0.78
N HIS H 359 -35.73 -18.27 0.57
CA HIS H 359 -34.85 -17.78 -0.48
C HIS H 359 -35.49 -17.96 -1.89
N GLU H 360 -36.36 -18.95 -2.01
CA GLU H 360 -37.08 -19.25 -3.25
C GLU H 360 -38.52 -18.72 -3.26
N ALA H 361 -38.79 -17.68 -2.46
CA ALA H 361 -40.15 -17.09 -2.33
C ALA H 361 -40.85 -16.78 -3.66
N HIS H 362 -40.14 -16.13 -4.55
CA HIS H 362 -40.62 -15.75 -5.87
C HIS H 362 -41.15 -17.01 -6.63
N HIS H 363 -40.37 -18.06 -6.60
CA HIS H 363 -40.70 -19.26 -7.32
C HIS H 363 -41.90 -19.94 -6.65
N VAL H 364 -41.82 -20.05 -5.33
CA VAL H 364 -42.83 -20.73 -4.55
C VAL H 364 -44.20 -20.07 -4.69
N ALA H 365 -44.24 -18.75 -4.72
CA ALA H 365 -45.50 -18.04 -4.81
C ALA H 365 -46.25 -18.38 -6.10
N LYS H 366 -45.51 -18.41 -7.18
CA LYS H 366 -46.04 -18.81 -8.50
C LYS H 366 -46.42 -20.28 -8.46
N ALA H 367 -45.66 -21.11 -7.76
CA ALA H 367 -45.99 -22.53 -7.68
C ALA H 367 -47.36 -22.72 -7.00
N VAL H 368 -47.56 -21.99 -5.92
CA VAL H 368 -48.80 -22.04 -5.15
C VAL H 368 -49.97 -21.51 -6.02
N GLY H 369 -49.79 -20.35 -6.62
CA GLY H 369 -50.80 -19.76 -7.44
C GLY H 369 -51.22 -20.66 -8.60
N GLY H 370 -50.24 -21.24 -9.25
CA GLY H 370 -50.45 -22.18 -10.35
C GLY H 370 -51.24 -23.37 -9.86
N ALA H 371 -50.91 -23.88 -8.69
CA ALA H 371 -51.61 -25.02 -8.13
C ALA H 371 -53.09 -24.69 -7.92
N LEU H 372 -53.35 -23.49 -7.40
CA LEU H 372 -54.71 -23.05 -7.15
C LEU H 372 -55.52 -22.91 -8.44
N VAL H 373 -54.97 -22.13 -9.36
CA VAL H 373 -55.66 -21.82 -10.63
C VAL H 373 -55.97 -23.12 -11.39
N VAL H 374 -54.92 -23.89 -11.60
CA VAL H 374 -55.02 -25.13 -12.36
C VAL H 374 -55.93 -26.13 -11.66
N SER H 375 -55.95 -26.16 -10.34
CA SER H 375 -56.85 -27.07 -9.64
C SER H 375 -58.31 -26.77 -9.93
N ILE H 376 -58.63 -25.51 -10.24
CA ILE H 376 -59.98 -25.10 -10.54
C ILE H 376 -60.33 -25.28 -12.01
N THR H 377 -59.44 -24.85 -12.88
CA THR H 377 -59.70 -24.87 -14.32
C THR H 377 -59.22 -26.13 -15.07
N GLY H 378 -58.37 -26.93 -14.43
CA GLY H 378 -57.74 -28.09 -15.10
C GLY H 378 -56.86 -27.79 -16.31
N GLN H 379 -56.46 -26.53 -16.46
CA GLN H 379 -55.65 -26.10 -17.61
C GLN H 379 -54.25 -25.58 -17.24
N PRO H 380 -53.22 -26.42 -17.41
CA PRO H 380 -51.85 -26.00 -17.07
C PRO H 380 -51.35 -24.75 -17.76
N MET H 381 -51.82 -24.48 -18.97
CA MET H 381 -51.38 -23.28 -19.70
C MET H 381 -52.08 -22.00 -19.19
N SER H 382 -51.86 -21.69 -17.90
CA SER H 382 -52.41 -20.50 -17.25
C SER H 382 -51.34 -19.47 -16.97
N PHE H 383 -51.69 -18.22 -17.14
CA PHE H 383 -50.73 -17.12 -16.99
C PHE H 383 -50.63 -16.75 -15.51
N ILE H 384 -49.63 -17.34 -14.86
CA ILE H 384 -49.35 -17.10 -13.43
C ILE H 384 -48.08 -16.29 -13.30
N SER H 385 -48.22 -15.02 -12.98
CA SER H 385 -47.08 -14.14 -12.79
C SER H 385 -46.92 -13.81 -11.31
N GLY H 386 -45.93 -12.99 -11.03
CA GLY H 386 -45.73 -12.45 -9.69
C GLY H 386 -44.41 -12.82 -9.10
N GLY H 387 -44.42 -13.13 -7.81
CA GLY H 387 -43.22 -13.40 -7.03
C GLY H 387 -42.58 -12.18 -6.41
N GLU H 388 -42.87 -10.98 -6.95
CA GLU H 388 -42.38 -9.75 -6.31
C GLU H 388 -42.90 -9.61 -4.90
N ARG H 389 -42.49 -8.59 -4.18
CA ARG H 389 -43.07 -8.31 -2.87
C ARG H 389 -44.04 -7.12 -2.89
N ASN H 390 -44.93 -7.08 -1.93
CA ASN H 390 -45.99 -6.04 -1.94
C ASN H 390 -47.05 -6.32 -0.86
N GLY H 398 -53.88 -9.16 -0.65
CA GLY H 398 -54.79 -9.42 -1.77
C GLY H 398 -54.24 -9.34 -3.20
N ASN H 399 -54.42 -10.39 -4.00
CA ASN H 399 -53.84 -10.45 -5.35
C ASN H 399 -54.88 -10.43 -6.45
N PRO H 400 -54.61 -9.70 -7.52
CA PRO H 400 -55.54 -9.70 -8.64
C PRO H 400 -55.52 -10.96 -9.48
N VAL H 401 -56.67 -11.34 -9.94
CA VAL H 401 -56.81 -12.42 -10.91
C VAL H 401 -57.97 -12.10 -11.87
N ALA H 402 -57.72 -12.28 -13.15
CA ALA H 402 -58.71 -12.05 -14.19
C ALA H 402 -58.93 -13.36 -14.93
N ALA H 403 -60.15 -13.55 -15.40
CA ALA H 403 -60.51 -14.74 -16.20
C ALA H 403 -61.23 -14.32 -17.49
N VAL H 404 -60.87 -14.97 -18.59
CA VAL H 404 -61.50 -14.76 -19.87
C VAL H 404 -62.22 -16.05 -20.23
N VAL H 405 -63.52 -15.96 -20.39
CA VAL H 405 -64.37 -17.10 -20.72
C VAL H 405 -65.17 -16.86 -21.99
N ARG H 406 -65.76 -17.95 -22.47
CA ARG H 406 -66.59 -17.88 -23.67
C ARG H 406 -67.93 -17.20 -23.41
N ARG H 407 -68.35 -16.45 -24.40
CA ARG H 407 -69.62 -15.75 -24.43
C ARG H 407 -70.29 -16.13 -25.76
N LEU H 408 -71.16 -17.13 -25.73
CA LEU H 408 -71.75 -17.63 -27.00
C LEU H 408 -73.10 -16.98 -27.37
N PRO H 409 -73.35 -16.81 -28.71
CA PRO H 409 -74.66 -16.28 -29.15
C PRO H 409 -75.85 -17.20 -28.79
#